data_5AJD
#
_entry.id   5AJD
#
_cell.length_a   173.658
_cell.length_b   173.658
_cell.length_c   262.612
_cell.angle_alpha   90.00
_cell.angle_beta   90.00
_cell.angle_gamma   120.00
#
_symmetry.space_group_name_H-M   'P 32 2 1'
#
loop_
_entity.id
_entity.type
_entity.pdbx_description
1 polymer CDC39P
2 polymer 'GENERAL NEGATIVE REGULATOR OF TRANSCRIPTION SUBUNIT 4'
#
loop_
_entity_poly.entity_id
_entity_poly.type
_entity_poly.pdbx_seq_one_letter_code
_entity_poly.pdbx_strand_id
1 'polypeptide(L)'
;RSMEDENVKKFIKEFEDTKIMPVRKGTKTTRTEKFYLVFTEWVKLLQRVENNDVITTVFIKQLVEKGVISDTDNLLTFVK
SSLELSVSSFKESDPTDEVFIAIDALGSLIIKLLILQDFKDDTRRDYINAIFSVIVLVFAKDHSQEGTTFNERPYFRLFS
NILYEWATIRTHNFVRISDSSTRQELIEFDSVFYNTFSGYLHALQPFAFPGFSFAWVTLLSHRMLLPIMLRLPNKIGWEK
LMLLIIDLFKFLDQYTSKHAVSDAVSVVYKGTLRIILGISNDMPSFLIENHYELMNNLPPTYFQLKNVILSAIPKNMTVP
NPYDVDLNMEDIPACKELPEVFFDPVIDLHSLKKPVDNYLRIPSNSLLRTILSAIYKDTYDIKKGVGYDFLSVDSKLIRA
IVLHVGIEAGIEYKRTSSNAVFNTKSSYYTLLFNLIQNGSIEMKYQIILSIVEQLRYPNIHTYWFSFVLMNMFKSDEWND
QKLEVQEIILRNFLKRIIVNKPHTWGVSVFFTQLINNNDINLLDLPFVQSVPEIKLILQQLVKYSKKYTTSEQDDQ
;
A,C,E,G,I,K
2 'polypeptide(L)' GPDSMDPYDALGNAVDFLDARLHSLSNYQKRPISIKSNIIDEETYKKYPSLFSWDKIEASKKSDN B,D,F,H,J,L
#
# COMPACT_ATOMS: atom_id res chain seq x y z
N ARG A 31 -22.35 -12.87 46.46
CA ARG A 31 -21.73 -14.08 45.95
C ARG A 31 -22.17 -14.36 44.51
N THR A 32 -23.48 -14.45 44.30
CA THR A 32 -24.05 -14.70 42.99
C THR A 32 -23.73 -13.56 42.03
N GLU A 33 -23.61 -12.35 42.58
CA GLU A 33 -23.25 -11.18 41.80
C GLU A 33 -21.87 -11.36 41.16
N LYS A 34 -21.01 -12.10 41.85
CA LYS A 34 -19.68 -12.39 41.35
C LYS A 34 -19.76 -13.23 40.08
N PHE A 35 -20.55 -14.29 40.13
CA PHE A 35 -20.76 -15.16 38.96
C PHE A 35 -21.35 -14.37 37.80
N TYR A 36 -22.19 -13.40 38.12
CA TYR A 36 -22.81 -12.55 37.11
C TYR A 36 -21.75 -11.74 36.37
N LEU A 37 -20.80 -11.20 37.14
CA LEU A 37 -19.74 -10.38 36.58
C LEU A 37 -18.85 -11.17 35.62
N VAL A 38 -18.71 -12.46 35.89
CA VAL A 38 -17.92 -13.34 35.04
C VAL A 38 -18.60 -13.52 33.68
N PHE A 39 -19.87 -13.90 33.72
CA PHE A 39 -20.65 -14.08 32.50
C PHE A 39 -20.77 -12.75 31.76
N THR A 40 -20.71 -11.65 32.51
CA THR A 40 -20.70 -10.31 31.93
C THR A 40 -19.41 -10.10 31.15
N GLU A 41 -18.35 -10.81 31.56
CA GLU A 41 -17.07 -10.75 30.87
C GLU A 41 -17.10 -11.61 29.61
N TRP A 42 -17.87 -12.70 29.65
CA TRP A 42 -17.99 -13.59 28.51
C TRP A 42 -18.85 -12.99 27.41
N VAL A 43 -19.97 -12.39 27.80
CA VAL A 43 -20.90 -11.79 26.84
C VAL A 43 -20.23 -10.65 26.09
N LYS A 44 -19.42 -9.86 26.80
CA LYS A 44 -18.77 -8.71 26.19
C LYS A 44 -17.63 -9.13 25.28
N LEU A 45 -16.97 -10.24 25.62
CA LEU A 45 -15.86 -10.73 24.83
C LEU A 45 -16.35 -11.26 23.49
N LEU A 46 -17.22 -12.27 23.52
CA LEU A 46 -17.68 -12.92 22.30
C LEU A 46 -18.38 -11.92 21.40
N GLN A 47 -19.20 -11.05 21.97
CA GLN A 47 -19.76 -9.94 21.22
C GLN A 47 -18.62 -9.07 20.71
N ARG A 48 -18.65 -8.77 19.41
CA ARG A 48 -17.60 -7.99 18.75
C ARG A 48 -16.34 -8.81 18.50
N VAL A 49 -16.45 -10.13 18.62
CA VAL A 49 -15.35 -11.04 18.30
C VAL A 49 -15.90 -12.30 17.65
N GLU A 50 -15.15 -12.84 16.67
CA GLU A 50 -15.55 -14.08 16.04
C GLU A 50 -15.31 -15.25 17.01
N ASN A 51 -16.35 -16.04 17.23
CA ASN A 51 -16.30 -17.13 18.19
C ASN A 51 -15.21 -18.14 17.89
N ASN A 52 -14.91 -18.32 16.61
CA ASN A 52 -13.94 -19.32 16.18
C ASN A 52 -12.54 -19.07 16.72
N ASP A 53 -12.23 -17.81 17.01
CA ASP A 53 -10.92 -17.45 17.55
C ASP A 53 -10.62 -18.21 18.83
N VAL A 54 -9.40 -18.72 18.94
CA VAL A 54 -9.01 -19.62 20.02
C VAL A 54 -8.98 -18.92 21.39
N ILE A 55 -9.08 -17.61 21.40
CA ILE A 55 -9.06 -16.86 22.66
C ILE A 55 -10.21 -17.29 23.56
N THR A 56 -11.33 -17.65 22.95
CA THR A 56 -12.50 -18.11 23.70
C THR A 56 -12.18 -19.42 24.41
N THR A 57 -11.36 -20.24 23.77
CA THR A 57 -10.94 -21.51 24.37
C THR A 57 -9.93 -21.27 25.49
N VAL A 58 -9.24 -20.15 25.43
CA VAL A 58 -8.31 -19.75 26.48
C VAL A 58 -9.09 -19.15 27.65
N PHE A 59 -10.18 -18.47 27.33
CA PHE A 59 -11.02 -17.84 28.33
C PHE A 59 -11.58 -18.87 29.30
N ILE A 60 -12.11 -19.96 28.75
CA ILE A 60 -12.62 -21.06 29.57
C ILE A 60 -11.46 -21.73 30.31
N LYS A 61 -10.27 -21.66 29.72
CA LYS A 61 -9.06 -22.16 30.37
C LYS A 61 -8.65 -21.23 31.50
N GLN A 62 -9.12 -19.99 31.43
CA GLN A 62 -8.85 -19.01 32.49
C GLN A 62 -9.84 -19.18 33.63
N LEU A 63 -11.02 -19.72 33.32
CA LEU A 63 -12.06 -19.95 34.32
C LEU A 63 -11.60 -20.96 35.36
N VAL A 64 -11.02 -22.07 34.91
CA VAL A 64 -10.53 -23.11 35.82
C VAL A 64 -9.36 -22.61 36.64
N GLU A 65 -8.71 -21.55 36.18
CA GLU A 65 -7.62 -20.93 36.92
C GLU A 65 -8.13 -20.42 38.28
N LYS A 66 -9.30 -19.79 38.23
CA LYS A 66 -9.96 -19.34 39.46
C LYS A 66 -10.78 -20.48 40.05
N GLY A 67 -11.44 -20.21 41.18
CA GLY A 67 -12.23 -21.22 41.86
C GLY A 67 -13.68 -21.23 41.41
N VAL A 68 -13.96 -20.55 40.29
CA VAL A 68 -15.33 -20.46 39.79
C VAL A 68 -15.81 -21.79 39.21
N ILE A 69 -15.04 -22.37 38.29
CA ILE A 69 -15.37 -23.65 37.67
C ILE A 69 -14.62 -24.80 38.36
N SER A 70 -13.84 -24.45 39.39
CA SER A 70 -13.01 -25.43 40.10
C SER A 70 -13.78 -26.69 40.49
N ASP A 71 -15.03 -26.50 40.91
CA ASP A 71 -15.89 -27.61 41.28
C ASP A 71 -17.13 -27.64 40.39
N THR A 72 -17.71 -28.82 40.22
CA THR A 72 -18.90 -28.99 39.39
C THR A 72 -20.11 -28.32 40.03
N ASP A 73 -20.15 -28.30 41.35
CA ASP A 73 -21.24 -27.68 42.08
C ASP A 73 -21.32 -26.19 41.77
N ASN A 74 -20.17 -25.59 41.47
CA ASN A 74 -20.11 -24.19 41.08
C ASN A 74 -20.33 -24.01 39.59
N LEU A 75 -19.95 -25.02 38.82
CA LEU A 75 -20.14 -25.01 37.37
C LEU A 75 -21.62 -25.01 37.01
N LEU A 76 -22.35 -25.96 37.58
CA LEU A 76 -23.79 -26.05 37.35
C LEU A 76 -24.50 -24.83 37.93
N THR A 77 -23.86 -24.20 38.91
CA THR A 77 -24.38 -22.97 39.49
C THR A 77 -24.09 -21.78 38.58
N PHE A 78 -22.99 -21.89 37.82
CA PHE A 78 -22.62 -20.84 36.87
C PHE A 78 -23.58 -20.81 35.69
N VAL A 79 -23.88 -21.99 35.15
CA VAL A 79 -24.82 -22.10 34.04
C VAL A 79 -26.23 -21.74 34.51
N LYS A 80 -26.52 -22.03 35.78
CA LYS A 80 -27.80 -21.70 36.38
C LYS A 80 -28.06 -20.19 36.32
N SER A 81 -27.20 -19.43 36.98
CA SER A 81 -27.35 -17.98 37.07
C SER A 81 -27.19 -17.30 35.71
N SER A 82 -26.34 -17.88 34.85
CA SER A 82 -26.11 -17.33 33.53
C SER A 82 -27.37 -17.36 32.67
N LEU A 83 -28.23 -18.33 32.93
CA LEU A 83 -29.48 -18.47 32.18
C LEU A 83 -30.55 -17.52 32.72
N GLU A 84 -30.62 -17.40 34.04
CA GLU A 84 -31.60 -16.52 34.67
C GLU A 84 -31.31 -15.05 34.35
N LEU A 85 -30.07 -14.75 34.01
CA LEU A 85 -29.68 -13.40 33.62
C LEU A 85 -30.13 -13.09 32.20
N SER A 86 -30.01 -14.08 31.32
CA SER A 86 -30.39 -13.91 29.92
C SER A 86 -31.90 -13.67 29.79
N VAL A 87 -32.68 -14.40 30.56
CA VAL A 87 -34.13 -14.22 30.57
C VAL A 87 -34.48 -12.85 31.12
N SER A 88 -33.73 -12.43 32.14
CA SER A 88 -33.91 -11.09 32.71
C SER A 88 -33.46 -10.04 31.71
N SER A 89 -32.40 -10.35 30.98
CA SER A 89 -31.90 -9.47 29.93
C SER A 89 -32.91 -9.38 28.79
N PHE A 90 -33.60 -10.49 28.54
CA PHE A 90 -34.65 -10.53 27.53
C PHE A 90 -35.81 -9.64 27.96
N LYS A 91 -36.06 -9.59 29.26
CA LYS A 91 -37.07 -8.69 29.81
C LYS A 91 -36.61 -7.25 29.65
N GLU A 92 -37.57 -6.33 29.65
CA GLU A 92 -37.28 -4.90 29.48
C GLU A 92 -36.85 -4.55 28.05
N SER A 93 -36.73 -5.57 27.20
CA SER A 93 -36.32 -5.36 25.82
C SER A 93 -37.53 -5.14 24.93
N ASP A 94 -37.61 -3.94 24.35
CA ASP A 94 -38.74 -3.57 23.50
C ASP A 94 -38.84 -4.41 22.23
N PRO A 95 -37.75 -4.45 21.43
CA PRO A 95 -37.85 -5.16 20.14
C PRO A 95 -38.03 -6.66 20.31
N GLU A 98 -35.72 -8.41 20.21
CA GLU A 98 -34.88 -9.53 19.80
C GLU A 98 -33.49 -9.40 20.41
N VAL A 99 -33.41 -9.48 21.73
CA VAL A 99 -32.13 -9.49 22.41
C VAL A 99 -31.83 -10.93 22.75
N PHE A 100 -30.91 -11.51 21.98
CA PHE A 100 -30.47 -12.89 22.14
C PHE A 100 -28.95 -12.93 22.21
N ILE A 101 -28.33 -11.76 22.05
CA ILE A 101 -26.88 -11.66 22.06
C ILE A 101 -26.30 -12.16 23.37
N ALA A 102 -27.12 -12.15 24.42
CA ALA A 102 -26.70 -12.61 25.74
C ALA A 102 -26.88 -14.12 25.89
N ILE A 103 -28.00 -14.64 25.36
CA ILE A 103 -28.33 -16.05 25.52
C ILE A 103 -27.65 -16.90 24.45
N ASP A 104 -27.42 -16.32 23.28
CA ASP A 104 -26.74 -17.03 22.20
C ASP A 104 -25.28 -17.28 22.57
N ALA A 105 -24.71 -16.35 23.33
CA ALA A 105 -23.33 -16.47 23.80
C ALA A 105 -23.23 -17.65 24.77
N LEU A 106 -24.29 -17.84 25.56
CA LEU A 106 -24.34 -18.96 26.49
C LEU A 106 -24.41 -20.28 25.75
N GLY A 107 -25.29 -20.34 24.75
CA GLY A 107 -25.49 -21.55 23.96
C GLY A 107 -24.19 -22.06 23.37
N SER A 108 -23.30 -21.14 23.00
CA SER A 108 -22.01 -21.50 22.46
C SER A 108 -21.07 -21.96 23.58
N LEU A 109 -21.25 -21.38 24.76
CA LEU A 109 -20.43 -21.74 25.91
C LEU A 109 -20.69 -23.17 26.35
N ILE A 110 -21.94 -23.59 26.27
CA ILE A 110 -22.32 -24.96 26.62
C ILE A 110 -21.57 -25.95 25.74
N ILE A 111 -21.57 -25.68 24.43
CA ILE A 111 -20.89 -26.54 23.47
C ILE A 111 -19.38 -26.46 23.61
N LYS A 112 -18.88 -25.25 23.86
CA LYS A 112 -17.44 -25.03 23.94
C LYS A 112 -16.84 -25.77 25.13
N LEU A 113 -17.66 -25.99 26.16
CA LEU A 113 -17.22 -26.73 27.34
C LEU A 113 -17.45 -28.23 27.19
N LEU A 114 -18.28 -28.61 26.23
CA LEU A 114 -18.55 -30.02 25.96
C LEU A 114 -17.40 -30.64 25.17
N ILE A 115 -16.72 -29.83 24.38
CA ILE A 115 -15.64 -30.29 23.51
C ILE A 115 -14.27 -30.00 24.10
N LEU A 116 -14.09 -28.78 24.60
CA LEU A 116 -12.78 -28.33 25.07
C LEU A 116 -12.40 -28.92 26.42
N GLN A 117 -13.36 -29.60 27.07
CA GLN A 117 -13.12 -30.19 28.39
C GLN A 117 -12.72 -31.65 28.25
N ASP A 118 -11.78 -32.08 29.09
CA ASP A 118 -11.35 -33.47 29.10
C ASP A 118 -12.28 -34.29 29.98
N PHE A 119 -12.94 -35.28 29.39
CA PHE A 119 -13.94 -36.07 30.09
C PHE A 119 -13.46 -37.50 30.32
N LYS A 120 -13.91 -38.08 31.43
CA LYS A 120 -13.65 -39.47 31.74
C LYS A 120 -14.57 -40.36 30.90
N ASP A 121 -14.56 -41.65 31.20
CA ASP A 121 -15.34 -42.62 30.42
C ASP A 121 -16.84 -42.31 30.40
N ASP A 122 -17.46 -42.29 31.57
CA ASP A 122 -18.90 -42.08 31.67
C ASP A 122 -19.28 -40.64 32.01
N THR A 123 -18.27 -39.79 32.20
CA THR A 123 -18.51 -38.43 32.68
C THR A 123 -19.10 -37.51 31.62
N ARG A 124 -18.77 -37.77 30.36
CA ARG A 124 -19.27 -36.94 29.26
C ARG A 124 -20.79 -37.01 29.18
N ARG A 125 -21.33 -38.19 29.46
CA ARG A 125 -22.78 -38.39 29.43
C ARG A 125 -23.46 -37.64 30.57
N ASP A 126 -22.86 -37.70 31.76
CA ASP A 126 -23.41 -37.04 32.93
C ASP A 126 -23.36 -35.52 32.77
N TYR A 127 -22.39 -35.04 32.00
CA TYR A 127 -22.20 -33.61 31.80
C TYR A 127 -23.36 -33.00 31.02
N ILE A 128 -23.61 -33.51 29.82
CA ILE A 128 -24.66 -32.98 28.96
C ILE A 128 -26.02 -33.12 29.62
N ASN A 129 -26.21 -34.23 30.33
CA ASN A 129 -27.46 -34.48 31.04
C ASN A 129 -27.66 -33.50 32.19
N ALA A 130 -26.56 -33.11 32.83
CA ALA A 130 -26.61 -32.20 33.96
C ALA A 130 -27.07 -30.82 33.51
N ILE A 131 -26.47 -30.30 32.45
CA ILE A 131 -26.80 -28.97 31.95
C ILE A 131 -28.25 -28.92 31.47
N PHE A 132 -28.66 -29.91 30.69
CA PHE A 132 -30.04 -30.00 30.23
C PHE A 132 -31.01 -29.98 31.40
N SER A 133 -30.64 -30.65 32.49
CA SER A 133 -31.46 -30.69 33.69
C SER A 133 -31.61 -29.29 34.27
N VAL A 134 -30.53 -28.51 34.22
CA VAL A 134 -30.54 -27.15 34.74
C VAL A 134 -31.46 -26.26 33.90
N ILE A 135 -31.31 -26.34 32.58
CA ILE A 135 -32.09 -25.51 31.66
C ILE A 135 -33.59 -25.71 31.88
N VAL A 136 -34.03 -26.96 31.85
CA VAL A 136 -35.44 -27.27 32.07
C VAL A 136 -35.85 -26.95 33.50
N LEU A 137 -34.88 -26.97 34.41
CA LEU A 137 -35.12 -26.65 35.81
C LEU A 137 -35.52 -25.18 35.97
N VAL A 138 -34.77 -24.31 35.30
CA VAL A 138 -35.06 -22.88 35.33
C VAL A 138 -36.40 -22.60 34.64
N PHE A 139 -36.64 -23.32 33.55
CA PHE A 139 -37.87 -23.17 32.78
C PHE A 139 -39.09 -23.39 33.67
N ALA A 140 -39.05 -24.44 34.48
CA ALA A 140 -40.12 -24.73 35.42
C ALA A 140 -40.19 -23.64 36.49
N LYS A 141 -39.02 -23.20 36.94
CA LYS A 141 -38.94 -22.13 37.92
C LYS A 141 -39.50 -20.84 37.35
N ASP A 142 -39.38 -20.69 36.04
CA ASP A 142 -39.90 -19.52 35.34
C ASP A 142 -41.38 -19.67 35.08
N HIS A 143 -41.80 -20.87 34.70
CA HIS A 143 -43.21 -21.15 34.42
C HIS A 143 -44.04 -20.86 35.67
N SER A 144 -43.47 -21.13 36.84
CA SER A 144 -44.08 -20.70 38.09
C SER A 144 -43.94 -19.19 38.20
N GLN A 145 -45.06 -18.51 38.43
CA GLN A 145 -45.09 -17.06 38.44
C GLN A 145 -44.13 -16.49 39.47
N GLU A 146 -43.23 -15.62 39.02
CA GLU A 146 -42.23 -15.02 39.89
C GLU A 146 -41.37 -14.02 39.11
N THR A 149 -44.37 -13.07 34.31
CA THR A 149 -43.85 -12.52 33.06
C THR A 149 -43.00 -13.55 32.34
N PHE A 150 -43.43 -14.81 32.39
CA PHE A 150 -42.71 -15.89 31.73
C PHE A 150 -42.88 -15.85 30.22
N ASN A 151 -41.77 -16.05 29.50
CA ASN A 151 -41.78 -16.11 28.05
C ASN A 151 -41.09 -17.37 27.55
N GLU A 152 -41.58 -17.91 26.44
CA GLU A 152 -41.15 -19.20 25.94
C GLU A 152 -40.19 -19.10 24.75
N ARG A 153 -39.94 -17.88 24.28
CA ARG A 153 -39.05 -17.65 23.15
C ARG A 153 -37.56 -17.79 23.50
N PRO A 154 -37.13 -17.30 24.67
CA PRO A 154 -35.68 -17.37 24.91
C PRO A 154 -35.17 -18.79 25.13
N TYR A 155 -35.93 -19.60 25.86
CA TYR A 155 -35.56 -20.98 26.09
C TYR A 155 -35.51 -21.75 24.78
N PHE A 156 -36.49 -21.49 23.92
CA PHE A 156 -36.52 -22.09 22.59
C PHE A 156 -35.28 -21.70 21.79
N ARG A 157 -34.85 -20.45 21.95
CA ARG A 157 -33.67 -19.96 21.25
C ARG A 157 -32.42 -20.67 21.73
N LEU A 158 -32.35 -20.91 23.04
CA LEU A 158 -31.19 -21.58 23.63
C LEU A 158 -31.06 -23.00 23.10
N PHE A 159 -32.15 -23.77 23.19
CA PHE A 159 -32.15 -25.13 22.68
C PHE A 159 -31.83 -25.16 21.19
N SER A 160 -32.31 -24.16 20.46
CA SER A 160 -32.09 -24.08 19.03
C SER A 160 -30.62 -23.84 18.72
N ASN A 161 -29.98 -22.99 19.51
CA ASN A 161 -28.55 -22.69 19.33
C ASN A 161 -27.69 -23.92 19.61
N ILE A 162 -28.04 -24.66 20.64
CA ILE A 162 -27.30 -25.88 21.00
C ILE A 162 -27.35 -26.88 19.85
N LEU A 163 -28.52 -26.98 19.21
CA LEU A 163 -28.68 -27.87 18.07
C LEU A 163 -27.87 -27.40 16.88
N TYR A 164 -28.01 -26.11 16.54
CA TYR A 164 -27.28 -25.53 15.42
C TYR A 164 -25.78 -25.65 15.62
N GLU A 165 -25.32 -25.34 16.84
CA GLU A 165 -23.91 -25.43 17.17
C GLU A 165 -23.39 -26.85 16.98
N TRP A 166 -24.02 -27.80 17.67
CA TRP A 166 -23.60 -29.19 17.61
C TRP A 166 -23.74 -29.76 16.19
N ALA A 167 -24.74 -29.29 15.46
CA ALA A 167 -24.96 -29.72 14.09
C ALA A 167 -23.79 -29.31 13.21
N THR A 168 -23.10 -28.25 13.61
CA THR A 168 -21.93 -27.76 12.88
C THR A 168 -20.69 -28.58 13.23
N ILE A 169 -20.61 -29.01 14.48
CA ILE A 169 -19.46 -29.78 14.97
C ILE A 169 -19.47 -31.19 14.39
N ARG A 170 -20.64 -31.81 14.33
CA ARG A 170 -20.75 -33.20 13.89
C ARG A 170 -20.68 -33.34 12.37
N THR A 171 -20.36 -32.25 11.68
CA THR A 171 -20.29 -32.26 10.22
C THR A 171 -19.22 -33.22 9.72
N HIS A 172 -19.65 -34.23 8.96
CA HIS A 172 -18.75 -35.22 8.38
C HIS A 172 -17.89 -35.92 9.45
N ASN A 173 -18.54 -36.75 10.25
CA ASN A 173 -17.85 -37.60 11.22
C ASN A 173 -16.94 -36.82 12.17
N PHE A 174 -17.37 -35.61 12.53
CA PHE A 174 -16.59 -34.75 13.42
C PHE A 174 -15.19 -34.55 12.89
N VAL A 175 -15.06 -34.09 11.65
CA VAL A 175 -13.77 -33.87 11.04
C VAL A 175 -13.16 -32.55 11.50
N ARG A 176 -14.02 -31.58 11.82
CA ARG A 176 -13.58 -30.23 12.17
C ARG A 176 -12.65 -30.22 13.39
N ILE A 177 -12.84 -31.20 14.28
CA ILE A 177 -12.03 -31.28 15.48
C ILE A 177 -10.62 -31.79 15.12
N SER A 178 -9.74 -31.86 16.11
CA SER A 178 -8.32 -32.12 15.87
C SER A 178 -8.02 -33.47 15.22
N ASP A 179 -8.98 -34.39 15.27
CA ASP A 179 -8.75 -35.77 14.82
C ASP A 179 -7.69 -36.41 15.70
N SER A 180 -7.61 -35.95 16.95
CA SER A 180 -6.71 -36.49 17.95
C SER A 180 -7.20 -37.85 18.46
N SER A 181 -8.34 -38.29 17.94
CA SER A 181 -9.09 -39.44 18.44
C SER A 181 -9.64 -39.16 19.83
N THR A 182 -9.79 -37.88 20.13
CA THR A 182 -10.81 -37.41 21.05
C THR A 182 -12.08 -37.36 20.21
N ARG A 183 -11.87 -37.13 18.91
CA ARG A 183 -12.89 -37.26 17.89
C ARG A 183 -13.66 -38.57 18.04
N GLN A 184 -12.91 -39.66 18.24
CA GLN A 184 -13.50 -40.99 18.35
C GLN A 184 -14.48 -41.06 19.52
N GLU A 185 -14.21 -40.29 20.57
CA GLU A 185 -15.08 -40.25 21.74
C GLU A 185 -16.38 -39.53 21.41
N LEU A 186 -16.32 -38.57 20.48
CA LEU A 186 -17.49 -37.79 20.11
C LEU A 186 -18.39 -38.53 19.13
N ILE A 187 -17.80 -39.41 18.32
CA ILE A 187 -18.57 -40.21 17.38
C ILE A 187 -19.55 -41.10 18.12
N GLU A 188 -19.07 -41.71 19.20
CA GLU A 188 -19.92 -42.57 20.03
C GLU A 188 -20.89 -41.75 20.86
N PHE A 189 -20.60 -40.45 21.00
CA PHE A 189 -21.42 -39.55 21.80
C PHE A 189 -22.52 -38.91 20.94
N ASP A 190 -22.37 -39.00 19.62
CA ASP A 190 -23.32 -38.39 18.70
C ASP A 190 -24.73 -38.95 18.87
N SER A 191 -24.84 -40.27 18.88
CA SER A 191 -26.13 -40.93 19.01
C SER A 191 -26.71 -40.77 20.42
N VAL A 192 -25.83 -40.61 21.41
CA VAL A 192 -26.24 -40.49 22.80
C VAL A 192 -26.67 -39.07 23.13
N PHE A 193 -26.27 -38.12 22.30
CA PHE A 193 -26.56 -36.71 22.54
C PHE A 193 -28.03 -36.38 22.24
N TYR A 194 -28.53 -36.85 21.11
CA TYR A 194 -29.90 -36.56 20.69
C TYR A 194 -30.93 -37.34 21.50
N ASN A 195 -30.67 -38.63 21.70
CA ASN A 195 -31.58 -39.47 22.44
C ASN A 195 -31.78 -38.99 23.88
N THR A 196 -30.71 -38.48 24.48
CA THR A 196 -30.80 -37.90 25.82
C THR A 196 -31.48 -36.53 25.75
N PHE A 197 -31.17 -35.78 24.70
CA PHE A 197 -31.78 -34.47 24.49
C PHE A 197 -33.29 -34.61 24.26
N SER A 198 -33.67 -35.66 23.55
CA SER A 198 -35.07 -35.96 23.32
C SER A 198 -35.77 -36.28 24.64
N GLY A 199 -35.02 -36.88 25.56
CA GLY A 199 -35.52 -37.20 26.87
C GLY A 199 -35.87 -35.96 27.68
N TYR A 200 -35.00 -34.95 27.59
CA TYR A 200 -35.22 -33.70 28.30
C TYR A 200 -36.26 -32.84 27.58
N LEU A 201 -36.47 -33.11 26.30
CA LEU A 201 -37.50 -32.45 25.54
C LEU A 201 -38.86 -32.99 25.95
N HIS A 202 -38.91 -34.28 26.23
CA HIS A 202 -40.13 -34.94 26.66
C HIS A 202 -40.63 -34.38 28.00
N ALA A 203 -39.71 -33.84 28.79
CA ALA A 203 -40.06 -33.28 30.09
C ALA A 203 -40.94 -32.05 29.94
N LEU A 204 -40.84 -31.38 28.80
CA LEU A 204 -41.61 -30.18 28.52
C LEU A 204 -42.68 -30.44 27.47
N GLN A 205 -43.23 -31.66 27.47
CA GLN A 205 -44.26 -32.03 26.52
C GLN A 205 -45.47 -31.11 26.65
N PRO A 206 -46.30 -31.03 25.59
CA PRO A 206 -47.49 -30.17 25.62
C PRO A 206 -48.39 -30.42 26.81
N PHE A 207 -48.47 -31.68 27.25
CA PHE A 207 -49.27 -32.04 28.41
C PHE A 207 -48.78 -31.32 29.67
N ALA A 208 -47.46 -31.12 29.75
CA ALA A 208 -46.87 -30.45 30.89
C ALA A 208 -47.14 -28.95 30.85
N PHE A 209 -46.71 -28.31 29.76
CA PHE A 209 -46.87 -26.87 29.59
C PHE A 209 -47.75 -26.55 28.39
N PRO A 210 -49.01 -26.14 28.64
CA PRO A 210 -49.90 -25.78 27.54
C PRO A 210 -49.37 -24.63 26.69
N GLY A 211 -48.75 -23.64 27.34
CA GLY A 211 -48.25 -22.47 26.65
C GLY A 211 -47.08 -22.77 25.74
N PHE A 212 -46.21 -23.68 26.19
CA PHE A 212 -45.02 -24.04 25.43
C PHE A 212 -45.34 -25.07 24.34
N SER A 213 -46.61 -25.44 24.23
CA SER A 213 -47.04 -26.47 23.29
C SER A 213 -46.58 -26.20 21.86
N PHE A 214 -46.97 -25.05 21.32
CA PHE A 214 -46.60 -24.70 19.95
C PHE A 214 -45.08 -24.57 19.83
N ALA A 215 -44.45 -24.01 20.86
CA ALA A 215 -42.99 -23.84 20.86
C ALA A 215 -42.30 -25.19 20.96
N TRP A 216 -43.01 -26.19 21.45
CA TRP A 216 -42.47 -27.53 21.61
C TRP A 216 -42.46 -28.28 20.27
N VAL A 217 -43.52 -28.08 19.49
CA VAL A 217 -43.64 -28.73 18.19
C VAL A 217 -42.61 -28.19 17.22
N THR A 218 -42.39 -26.88 17.25
CA THR A 218 -41.45 -26.24 16.34
C THR A 218 -40.03 -26.74 16.56
N LEU A 219 -39.73 -27.10 17.81
CA LEU A 219 -38.42 -27.64 18.16
C LEU A 219 -38.31 -29.10 17.71
N LEU A 220 -39.42 -29.82 17.79
CA LEU A 220 -39.44 -31.21 17.33
C LEU A 220 -39.18 -31.25 15.83
N SER A 221 -39.85 -30.36 15.11
CA SER A 221 -39.70 -30.28 13.66
C SER A 221 -38.56 -29.34 13.27
N HIS A 222 -37.57 -29.21 14.14
CA HIS A 222 -36.41 -28.38 13.87
C HIS A 222 -35.59 -28.99 12.73
N ARG A 223 -35.07 -28.14 11.85
CA ARG A 223 -34.36 -28.60 10.66
C ARG A 223 -33.06 -29.34 11.02
N MET A 224 -32.62 -29.20 12.28
CA MET A 224 -31.40 -29.82 12.74
C MET A 224 -31.64 -31.01 13.67
N LEU A 225 -32.91 -31.26 14.01
CA LEU A 225 -33.26 -32.32 14.94
C LEU A 225 -33.93 -33.50 14.23
N LEU A 226 -35.09 -33.26 13.64
CA LEU A 226 -35.91 -34.32 13.07
C LEU A 226 -35.24 -35.04 11.89
N PRO A 227 -34.70 -34.28 10.92
CA PRO A 227 -34.20 -34.94 9.70
C PRO A 227 -33.04 -35.91 9.96
N ILE A 228 -32.10 -35.54 10.81
CA ILE A 228 -30.90 -36.34 11.02
C ILE A 228 -31.14 -37.53 11.96
N MET A 229 -32.01 -37.34 12.95
CA MET A 229 -32.33 -38.42 13.88
C MET A 229 -33.03 -39.56 13.14
N LEU A 230 -33.80 -39.21 12.12
CA LEU A 230 -34.45 -40.19 11.27
C LEU A 230 -33.42 -40.90 10.39
N ARG A 231 -32.32 -40.22 10.12
CA ARG A 231 -31.27 -40.74 9.26
C ARG A 231 -30.08 -41.26 10.04
N LEU A 232 -30.22 -41.33 11.37
CA LEU A 232 -29.16 -41.87 12.22
C LEU A 232 -28.89 -43.32 11.85
N PRO A 233 -27.67 -43.81 12.14
CA PRO A 233 -27.27 -45.16 11.72
C PRO A 233 -28.13 -46.27 12.33
N ASN A 234 -28.75 -47.05 11.46
CA ASN A 234 -29.52 -48.23 11.86
C ASN A 234 -30.62 -47.95 12.89
N LYS A 235 -31.27 -46.80 12.74
CA LYS A 235 -32.51 -46.51 13.47
C LYS A 235 -32.33 -46.46 14.98
N ILE A 236 -31.16 -46.01 15.44
CA ILE A 236 -30.90 -45.94 16.87
C ILE A 236 -31.71 -44.82 17.51
N GLY A 237 -31.93 -43.74 16.76
CA GLY A 237 -32.63 -42.58 17.26
C GLY A 237 -34.14 -42.73 17.18
N TRP A 238 -34.61 -43.68 16.38
CA TRP A 238 -36.05 -43.92 16.20
C TRP A 238 -36.74 -44.24 17.51
N GLU A 239 -35.98 -44.81 18.45
CA GLU A 239 -36.52 -45.18 19.75
C GLU A 239 -37.07 -43.96 20.48
N LYS A 240 -36.30 -42.88 20.50
CA LYS A 240 -36.69 -41.67 21.21
C LYS A 240 -37.59 -40.76 20.38
N LEU A 241 -37.53 -40.89 19.06
CA LEU A 241 -38.41 -40.12 18.19
C LEU A 241 -39.85 -40.54 18.41
N MET A 242 -40.07 -41.83 18.62
CA MET A 242 -41.38 -42.36 18.94
C MET A 242 -41.89 -41.78 20.25
N LEU A 243 -41.00 -41.74 21.25
CA LEU A 243 -41.36 -41.26 22.58
C LEU A 243 -41.95 -39.85 22.53
N LEU A 244 -41.49 -39.06 21.57
CA LEU A 244 -41.97 -37.68 21.43
C LEU A 244 -43.30 -37.62 20.71
N ILE A 245 -43.47 -38.42 19.68
CA ILE A 245 -44.70 -38.44 18.90
C ILE A 245 -45.87 -38.98 19.73
N ILE A 246 -45.60 -39.99 20.55
CA ILE A 246 -46.62 -40.54 21.44
C ILE A 246 -47.09 -39.47 22.41
N ASP A 247 -46.14 -38.73 22.97
CA ASP A 247 -46.46 -37.61 23.85
C ASP A 247 -47.36 -36.61 23.12
N LEU A 248 -47.20 -36.53 21.81
CA LEU A 248 -47.99 -35.63 20.99
C LEU A 248 -49.39 -36.20 20.76
N PHE A 249 -49.46 -37.51 20.55
CA PHE A 249 -50.75 -38.18 20.31
C PHE A 249 -51.59 -38.20 21.58
N LYS A 250 -50.98 -38.57 22.70
CA LYS A 250 -51.70 -38.66 23.97
C LYS A 250 -52.34 -37.32 24.34
N PHE A 251 -51.70 -36.24 23.91
CA PHE A 251 -52.23 -34.90 24.16
C PHE A 251 -53.47 -34.64 23.30
N LEU A 252 -53.48 -35.22 22.11
CA LEU A 252 -54.59 -35.03 21.18
C LEU A 252 -55.83 -35.81 21.61
N ASP A 253 -55.63 -36.84 22.43
CA ASP A 253 -56.74 -37.65 22.92
C ASP A 253 -57.57 -36.86 23.93
N ASP A 263 -59.29 -23.83 22.11
CA ASP A 263 -58.41 -24.79 22.76
C ASP A 263 -56.99 -24.70 22.22
N ALA A 264 -56.02 -25.08 23.03
CA ALA A 264 -54.61 -25.05 22.64
C ALA A 264 -54.20 -26.38 22.00
N VAL A 265 -55.18 -27.12 21.50
CA VAL A 265 -54.94 -28.40 20.85
C VAL A 265 -54.79 -28.21 19.34
N SER A 266 -55.46 -27.21 18.81
CA SER A 266 -55.45 -26.93 17.37
C SER A 266 -54.02 -26.70 16.88
N VAL A 267 -53.23 -26.01 17.68
CA VAL A 267 -51.85 -25.68 17.32
C VAL A 267 -50.99 -26.94 17.29
N VAL A 268 -51.36 -27.91 18.11
CA VAL A 268 -50.63 -29.16 18.20
C VAL A 268 -50.94 -30.06 17.02
N TYR A 269 -52.23 -30.25 16.75
CA TYR A 269 -52.68 -31.09 15.65
C TYR A 269 -52.19 -30.54 14.31
N LYS A 270 -52.28 -29.22 14.15
CA LYS A 270 -51.84 -28.57 12.93
C LYS A 270 -50.33 -28.77 12.73
N GLY A 271 -49.61 -28.84 13.84
CA GLY A 271 -48.18 -29.06 13.81
C GLY A 271 -47.83 -30.53 13.67
N THR A 272 -48.70 -31.39 14.20
CA THR A 272 -48.49 -32.83 14.14
C THR A 272 -48.56 -33.33 12.70
N LEU A 273 -49.48 -32.76 11.93
CA LEU A 273 -49.73 -33.22 10.56
C LEU A 273 -48.56 -32.95 9.63
N ARG A 274 -47.98 -31.76 9.73
CA ARG A 274 -46.90 -31.35 8.83
C ARG A 274 -45.61 -32.10 9.14
N ILE A 275 -45.55 -32.76 10.29
CA ILE A 275 -44.40 -33.57 10.66
C ILE A 275 -44.46 -34.92 9.96
N ILE A 276 -45.55 -35.65 10.20
CA ILE A 276 -45.74 -36.96 9.59
C ILE A 276 -45.63 -36.90 8.07
N LEU A 277 -46.18 -35.84 7.50
CA LEU A 277 -46.06 -35.60 6.06
C LEU A 277 -44.61 -35.36 5.67
N GLY A 278 -43.90 -34.59 6.49
CA GLY A 278 -42.49 -34.34 6.28
C GLY A 278 -41.68 -35.62 6.35
N ILE A 279 -42.04 -36.47 7.31
CA ILE A 279 -41.39 -37.77 7.46
C ILE A 279 -41.78 -38.69 6.30
N SER A 280 -43.04 -38.60 5.88
CA SER A 280 -43.54 -39.43 4.78
C SER A 280 -42.75 -39.20 3.50
N ASN A 281 -42.22 -37.98 3.35
CA ASN A 281 -41.40 -37.64 2.20
C ASN A 281 -39.93 -37.97 2.44
N ASP A 282 -39.44 -37.67 3.63
CA ASP A 282 -38.03 -37.88 3.96
C ASP A 282 -37.73 -39.35 4.21
N MET A 283 -38.23 -39.88 5.33
CA MET A 283 -38.04 -41.28 5.70
C MET A 283 -39.38 -41.97 5.90
N PRO A 284 -40.00 -42.44 4.80
CA PRO A 284 -41.32 -43.08 4.90
C PRO A 284 -41.30 -44.41 5.66
N SER A 285 -40.13 -45.05 5.71
CA SER A 285 -39.99 -46.32 6.41
C SER A 285 -40.34 -46.20 7.88
N PHE A 286 -40.09 -45.01 8.44
CA PHE A 286 -40.36 -44.75 9.84
C PHE A 286 -41.85 -44.92 10.18
N LEU A 287 -42.70 -44.59 9.21
CA LEU A 287 -44.14 -44.69 9.40
C LEU A 287 -44.63 -46.10 9.16
N ILE A 288 -43.89 -46.87 8.38
CA ILE A 288 -44.27 -48.23 8.02
C ILE A 288 -43.94 -49.21 9.14
N GLU A 289 -42.68 -49.19 9.59
CA GLU A 289 -42.20 -50.17 10.56
C GLU A 289 -42.82 -49.96 11.95
N ASN A 290 -42.77 -48.72 12.43
CA ASN A 290 -43.28 -48.40 13.77
C ASN A 290 -44.79 -48.16 13.79
N HIS A 291 -45.49 -48.57 12.74
CA HIS A 291 -46.92 -48.31 12.62
C HIS A 291 -47.69 -48.95 13.79
N TYR A 292 -47.23 -50.12 14.23
CA TYR A 292 -47.88 -50.82 15.34
C TYR A 292 -47.90 -49.97 16.60
N GLU A 293 -46.71 -49.58 17.06
CA GLU A 293 -46.58 -48.77 18.26
C GLU A 293 -47.19 -47.37 18.07
N LEU A 294 -47.44 -47.01 16.82
CA LEU A 294 -47.96 -45.69 16.48
C LEU A 294 -49.49 -45.69 16.43
N MET A 295 -50.06 -46.75 15.86
CA MET A 295 -51.52 -46.88 15.75
C MET A 295 -52.17 -47.08 17.12
N ASN A 296 -51.42 -47.63 18.06
CA ASN A 296 -51.94 -47.93 19.39
C ASN A 296 -52.37 -46.68 20.15
N ASN A 297 -51.50 -45.68 20.17
CA ASN A 297 -51.73 -44.47 20.95
C ASN A 297 -52.41 -43.37 20.16
N LEU A 298 -52.82 -43.67 18.93
CA LEU A 298 -53.51 -42.71 18.07
C LEU A 298 -55.03 -42.85 18.22
N PRO A 299 -55.72 -41.77 18.61
CA PRO A 299 -57.19 -41.87 18.70
C PRO A 299 -57.83 -42.19 17.35
N PRO A 300 -58.93 -42.97 17.36
CA PRO A 300 -59.58 -43.37 16.10
C PRO A 300 -60.35 -42.23 15.43
N THR A 301 -60.56 -41.14 16.17
CA THR A 301 -61.27 -39.98 15.65
C THR A 301 -60.54 -39.39 14.44
N TYR A 302 -59.22 -39.58 14.41
CA TYR A 302 -58.39 -39.02 13.35
C TYR A 302 -58.19 -40.03 12.22
N PHE A 303 -58.98 -39.89 11.17
CA PHE A 303 -58.93 -40.78 10.02
C PHE A 303 -57.98 -40.25 8.95
N GLN A 304 -57.85 -38.93 8.88
CA GLN A 304 -56.94 -38.30 7.94
C GLN A 304 -55.50 -38.64 8.30
N LEU A 305 -55.16 -38.44 9.56
CA LEU A 305 -53.81 -38.72 10.05
C LEU A 305 -53.50 -40.21 9.97
N LYS A 306 -54.53 -41.03 10.07
CA LYS A 306 -54.40 -42.48 9.96
C LYS A 306 -53.86 -42.88 8.58
N ASN A 307 -54.50 -42.34 7.54
CA ASN A 307 -54.15 -42.70 6.17
C ASN A 307 -52.71 -42.34 5.80
N VAL A 308 -52.30 -41.12 6.15
CA VAL A 308 -50.96 -40.65 5.81
C VAL A 308 -49.88 -41.61 6.30
N ILE A 309 -50.08 -42.13 7.50
CA ILE A 309 -49.15 -43.09 8.10
C ILE A 309 -49.13 -44.39 7.30
N LEU A 310 -50.32 -44.86 6.94
CA LEU A 310 -50.46 -46.12 6.21
C LEU A 310 -50.25 -45.92 4.71
N SER A 311 -50.43 -44.70 4.24
CA SER A 311 -50.26 -44.38 2.83
C SER A 311 -48.78 -44.19 2.49
N ALA A 312 -47.94 -44.13 3.52
CA ALA A 312 -46.50 -43.98 3.33
C ALA A 312 -45.94 -45.17 2.55
N ILE A 313 -45.05 -44.88 1.61
CA ILE A 313 -44.43 -45.91 0.78
C ILE A 313 -42.92 -45.69 0.71
N PRO A 314 -42.15 -46.77 0.51
CA PRO A 314 -40.70 -46.63 0.39
C PRO A 314 -40.30 -45.68 -0.74
N LYS A 315 -39.14 -45.04 -0.60
CA LYS A 315 -38.73 -43.97 -1.51
C LYS A 315 -38.51 -44.46 -2.93
N ASN A 316 -37.71 -45.51 -3.08
CA ASN A 316 -37.33 -46.01 -4.40
C ASN A 316 -38.50 -46.64 -5.17
N MET A 317 -39.41 -47.26 -4.44
CA MET A 317 -40.49 -48.02 -5.06
C MET A 317 -41.50 -47.14 -5.78
N THR A 318 -42.11 -47.70 -6.82
CA THR A 318 -43.20 -47.07 -7.54
C THR A 318 -44.32 -48.09 -7.74
N VAL A 319 -45.57 -47.64 -7.63
CA VAL A 319 -46.71 -48.54 -7.63
C VAL A 319 -47.63 -48.35 -8.85
N PRO A 320 -48.34 -49.41 -9.25
CA PRO A 320 -49.30 -49.34 -10.36
C PRO A 320 -50.61 -48.66 -9.96
N ASN A 321 -51.39 -48.25 -10.95
CA ASN A 321 -52.67 -47.59 -10.69
C ASN A 321 -53.64 -48.53 -9.98
N PRO A 322 -54.04 -48.21 -8.74
CA PRO A 322 -54.91 -49.12 -7.98
C PRO A 322 -56.33 -49.22 -8.54
N TYR A 323 -56.85 -48.12 -9.06
CA TYR A 323 -58.24 -48.08 -9.53
C TYR A 323 -58.44 -48.91 -10.79
N ASP A 324 -57.33 -49.30 -11.42
CA ASP A 324 -57.39 -50.18 -12.60
C ASP A 324 -57.52 -51.63 -12.16
N VAL A 325 -58.26 -52.41 -12.95
CA VAL A 325 -58.45 -53.82 -12.64
C VAL A 325 -57.13 -54.59 -12.75
N LEU A 327 -56.04 -57.89 -11.23
CA LEU A 327 -56.02 -59.16 -10.51
C LEU A 327 -54.68 -59.86 -10.70
N ASN A 328 -54.55 -61.05 -10.09
CA ASN A 328 -53.32 -61.83 -10.19
C ASN A 328 -52.12 -61.07 -9.65
N MET A 329 -52.08 -60.89 -8.34
CA MET A 329 -50.97 -60.19 -7.70
C MET A 329 -49.71 -61.06 -7.69
N GLU A 330 -49.87 -62.33 -8.00
CA GLU A 330 -48.73 -63.24 -8.13
C GLU A 330 -47.78 -62.74 -9.21
N ASP A 331 -48.32 -62.04 -10.19
CA ASP A 331 -47.53 -61.46 -11.26
C ASP A 331 -46.64 -60.35 -10.72
N ILE A 332 -47.14 -59.65 -9.69
CA ILE A 332 -46.39 -58.57 -9.07
C ILE A 332 -45.34 -59.14 -8.10
N PRO A 333 -44.05 -58.85 -8.34
CA PRO A 333 -43.01 -59.39 -7.46
C PRO A 333 -42.78 -58.56 -6.20
N ALA A 334 -43.35 -57.36 -6.14
CA ALA A 334 -43.12 -56.45 -5.04
C ALA A 334 -43.90 -56.86 -3.79
N CYS A 335 -45.11 -57.38 -3.97
CA CYS A 335 -45.97 -57.73 -2.86
C CYS A 335 -45.50 -58.99 -2.15
N LYS A 336 -44.60 -59.73 -2.78
CA LYS A 336 -44.04 -60.94 -2.18
C LYS A 336 -43.09 -60.61 -1.04
N GLU A 337 -42.53 -59.40 -1.06
CA GLU A 337 -41.59 -58.97 -0.05
C GLU A 337 -42.27 -58.81 1.31
N LEU A 338 -41.53 -59.12 2.37
CA LEU A 338 -42.06 -59.02 3.73
C LEU A 338 -41.87 -57.60 4.27
N PRO A 339 -42.94 -57.01 4.84
CA PRO A 339 -42.81 -55.67 5.40
C PRO A 339 -42.11 -55.67 6.76
N GLU A 340 -41.07 -54.83 6.89
CA GLU A 340 -40.31 -54.75 8.13
C GLU A 340 -41.16 -54.17 9.27
N VAL A 341 -40.89 -54.63 10.49
CA VAL A 341 -41.58 -54.13 11.67
C VAL A 341 -40.56 -53.90 12.78
N PHE A 342 -40.45 -52.65 13.22
CA PHE A 342 -39.45 -52.27 14.21
C PHE A 342 -39.77 -52.85 15.59
N PHE A 343 -41.06 -52.95 15.91
CA PHE A 343 -41.49 -53.45 17.22
C PHE A 343 -42.36 -54.69 17.07
N ASP A 344 -41.84 -55.83 17.53
CA ASP A 344 -42.55 -57.10 17.43
C ASP A 344 -43.74 -57.10 18.39
N PRO A 345 -44.96 -57.34 17.87
CA PRO A 345 -46.15 -57.28 18.74
C PRO A 345 -46.26 -58.44 19.73
N VAL A 346 -45.34 -59.41 19.66
CA VAL A 346 -45.41 -60.57 20.53
C VAL A 346 -45.15 -60.20 21.99
N ILE A 347 -44.41 -59.11 22.19
CA ILE A 347 -44.06 -58.67 23.54
C ILE A 347 -45.31 -58.24 24.29
N ASP A 348 -46.11 -57.38 23.67
CA ASP A 348 -47.35 -56.90 24.28
C ASP A 348 -48.43 -57.97 24.26
N LEU A 349 -48.12 -59.13 23.67
CA LEU A 349 -49.03 -60.26 23.67
C LEU A 349 -48.93 -61.01 24.98
N HIS A 350 -47.75 -60.93 25.60
CA HIS A 350 -47.51 -61.48 26.93
C HIS A 350 -47.75 -62.99 27.01
N SER A 351 -48.78 -63.41 27.74
CA SER A 351 -48.97 -64.82 28.07
C SER A 351 -49.62 -65.60 26.92
N LEU A 352 -50.29 -64.90 26.02
CA LEU A 352 -51.00 -65.55 24.92
C LEU A 352 -50.05 -65.99 23.81
N LYS A 353 -48.76 -65.78 24.00
CA LYS A 353 -47.76 -66.20 23.03
C LYS A 353 -47.81 -67.71 22.82
N LYS A 354 -48.01 -68.45 23.90
CA LYS A 354 -48.06 -69.91 23.84
C LYS A 354 -49.30 -70.44 23.12
N PRO A 355 -50.50 -70.14 23.66
CA PRO A 355 -51.73 -70.69 23.07
C PRO A 355 -52.00 -70.26 21.64
N VAL A 356 -51.58 -69.04 21.28
CA VAL A 356 -51.77 -68.55 19.92
C VAL A 356 -50.87 -69.31 18.96
N ASP A 357 -49.57 -69.36 19.27
CA ASP A 357 -48.61 -70.06 18.43
C ASP A 357 -48.97 -71.54 18.30
N ASN A 358 -49.41 -72.14 19.40
CA ASN A 358 -49.87 -73.52 19.39
C ASN A 358 -51.12 -73.68 18.54
N TYR A 359 -51.91 -72.61 18.48
CA TYR A 359 -53.12 -72.61 17.64
C TYR A 359 -52.74 -72.39 16.19
N LEU A 360 -51.79 -71.47 15.96
CA LEU A 360 -51.30 -71.19 14.62
C LEU A 360 -50.73 -72.46 13.99
N ARG A 361 -50.07 -73.27 14.80
CA ARG A 361 -49.61 -74.57 14.34
C ARG A 361 -50.82 -75.45 14.05
N ILE A 362 -51.44 -75.98 15.10
CA ILE A 362 -52.61 -76.83 14.97
C ILE A 362 -53.85 -76.11 15.50
N PRO A 363 -54.91 -75.99 14.68
CA PRO A 363 -56.12 -75.34 15.15
C PRO A 363 -56.92 -76.25 16.09
N SER A 364 -56.62 -76.17 17.38
CA SER A 364 -57.32 -76.98 18.38
C SER A 364 -58.54 -76.20 18.89
N ASN A 365 -59.72 -76.78 18.70
CA ASN A 365 -60.96 -76.15 19.13
C ASN A 365 -60.98 -75.92 20.64
N SER A 366 -60.26 -76.75 21.37
CA SER A 366 -60.15 -76.61 22.82
C SER A 366 -59.22 -75.45 23.15
N LEU A 367 -58.21 -75.24 22.30
CA LEU A 367 -57.28 -74.13 22.47
C LEU A 367 -57.91 -72.81 22.05
N LEU A 368 -59.01 -72.88 21.31
CA LEU A 368 -59.73 -71.69 20.88
C LEU A 368 -60.51 -71.10 22.05
N ARG A 369 -61.03 -71.96 22.91
CA ARG A 369 -61.86 -71.54 24.03
C ARG A 369 -61.08 -70.71 25.05
N THR A 370 -59.84 -71.13 25.33
CA THR A 370 -59.02 -70.46 26.33
C THR A 370 -58.56 -69.08 25.86
N ILE A 371 -58.30 -68.96 24.56
CA ILE A 371 -57.89 -67.68 23.99
C ILE A 371 -59.01 -66.67 24.11
N LEU A 372 -60.23 -67.10 23.79
CA LEU A 372 -61.41 -66.24 23.92
C LEU A 372 -61.64 -65.85 25.38
N SER A 373 -61.62 -66.85 26.25
CA SER A 373 -61.82 -66.63 27.68
C SER A 373 -60.84 -65.62 28.25
N ALA A 374 -59.66 -65.56 27.65
CA ALA A 374 -58.63 -64.60 28.07
C ALA A 374 -59.00 -63.18 27.65
N ILE A 375 -59.53 -63.05 26.44
CA ILE A 375 -59.93 -61.74 25.91
C ILE A 375 -61.12 -61.21 26.71
N TYR A 376 -62.11 -62.05 26.95
CA TYR A 376 -63.28 -61.66 27.73
C TYR A 376 -62.88 -61.26 29.14
N LYS A 377 -61.80 -61.86 29.65
CA LYS A 377 -61.31 -61.56 30.98
C LYS A 377 -60.70 -60.17 31.05
N ASP A 378 -59.84 -59.85 30.09
CA ASP A 378 -59.18 -58.55 30.04
C ASP A 378 -60.18 -57.43 29.77
N THR A 379 -61.33 -57.80 29.21
CA THR A 379 -62.35 -56.82 28.85
C THR A 379 -63.25 -56.48 30.04
N TYR A 380 -63.80 -57.51 30.68
CA TYR A 380 -64.80 -57.32 31.72
C TYR A 380 -64.25 -57.43 33.14
N ASP A 381 -63.61 -58.56 33.45
CA ASP A 381 -63.16 -58.82 34.81
C ASP A 381 -62.12 -57.80 35.28
N ILE A 382 -60.99 -57.74 34.59
CA ILE A 382 -59.89 -56.85 34.97
C ILE A 382 -59.67 -55.82 33.86
N LYS A 383 -58.74 -54.89 34.06
CA LYS A 383 -58.41 -53.89 33.06
C LYS A 383 -59.59 -52.97 32.83
N LYS A 384 -60.34 -52.71 33.90
CA LYS A 384 -61.49 -51.82 33.84
C LYS A 384 -61.04 -50.40 33.51
N GLY A 385 -61.62 -49.83 32.47
CA GLY A 385 -61.32 -48.47 32.08
C GLY A 385 -62.15 -47.48 32.88
N VAL A 386 -62.30 -46.27 32.35
CA VAL A 386 -63.07 -45.23 33.01
C VAL A 386 -63.78 -44.35 31.99
N GLY A 387 -65.01 -43.94 32.31
CA GLY A 387 -65.77 -43.04 31.46
C GLY A 387 -66.04 -43.63 30.09
N TYR A 388 -65.79 -42.84 29.06
CA TYR A 388 -65.85 -43.36 27.69
C TYR A 388 -64.81 -44.46 27.57
N ASP A 389 -65.09 -45.45 26.73
CA ASP A 389 -64.23 -46.62 26.60
C ASP A 389 -64.16 -47.37 27.93
N PHE A 390 -65.30 -47.52 28.58
CA PHE A 390 -65.41 -48.32 29.79
C PHE A 390 -65.59 -49.78 29.39
N LEU A 391 -64.89 -50.69 30.08
CA LEU A 391 -64.83 -52.09 29.68
C LEU A 391 -64.38 -52.16 28.22
N SER A 392 -63.26 -51.49 27.94
CA SER A 392 -62.72 -51.43 26.59
C SER A 392 -62.23 -52.77 26.11
N VAL A 393 -62.44 -53.06 24.83
CA VAL A 393 -61.74 -54.16 24.20
C VAL A 393 -60.33 -53.65 23.91
N ASP A 394 -59.33 -54.32 24.47
CA ASP A 394 -57.96 -53.85 24.39
C ASP A 394 -57.50 -53.79 22.94
N SER A 395 -57.58 -52.60 22.36
CA SER A 395 -57.20 -52.38 20.97
C SER A 395 -55.75 -52.81 20.72
N LYS A 396 -54.88 -52.55 21.69
CA LYS A 396 -53.49 -52.96 21.59
C LYS A 396 -53.37 -54.47 21.49
N LEU A 397 -54.14 -55.17 22.32
CA LEU A 397 -54.11 -56.64 22.35
C LEU A 397 -54.61 -57.23 21.04
N ILE A 398 -55.78 -56.78 20.59
CA ILE A 398 -56.38 -57.27 19.36
C ILE A 398 -55.47 -56.98 18.17
N ARG A 399 -54.94 -55.77 18.12
CA ARG A 399 -54.04 -55.39 17.03
C ARG A 399 -52.79 -56.23 17.04
N ALA A 400 -52.30 -56.54 18.24
CA ALA A 400 -51.10 -57.37 18.40
C ALA A 400 -51.34 -58.76 17.85
N ILE A 401 -52.51 -59.31 18.12
CA ILE A 401 -52.88 -60.63 17.62
C ILE A 401 -52.92 -60.64 16.10
N VAL A 402 -53.78 -59.80 15.53
CA VAL A 402 -53.97 -59.74 14.09
C VAL A 402 -52.66 -59.51 13.36
N LEU A 403 -51.79 -58.69 13.95
CA LEU A 403 -50.51 -58.40 13.35
C LEU A 403 -49.56 -59.60 13.49
N HIS A 404 -49.60 -60.24 14.66
CA HIS A 404 -48.73 -61.39 14.92
C HIS A 404 -49.04 -62.54 13.97
N VAL A 405 -50.33 -62.78 13.71
CA VAL A 405 -50.76 -63.83 12.79
C VAL A 405 -50.22 -63.54 11.39
N GLY A 406 -50.30 -62.28 10.98
CA GLY A 406 -49.84 -61.87 9.67
C GLY A 406 -48.34 -62.09 9.50
N ILE A 407 -47.57 -61.78 10.53
CA ILE A 407 -46.13 -61.97 10.51
C ILE A 407 -45.80 -63.46 10.35
N GLU A 408 -46.36 -64.28 11.23
CA GLU A 408 -46.14 -65.71 11.19
C GLU A 408 -46.65 -66.31 9.87
N ALA A 409 -47.67 -65.68 9.30
CA ALA A 409 -48.19 -66.09 8.00
C ALA A 409 -47.20 -65.71 6.89
N GLY A 410 -46.46 -64.63 7.11
CA GLY A 410 -45.48 -64.17 6.15
C GLY A 410 -44.27 -65.08 6.10
N ILE A 411 -43.79 -65.49 7.27
CA ILE A 411 -42.66 -66.40 7.36
C ILE A 411 -43.03 -67.74 6.76
N GLU A 412 -44.29 -68.14 6.92
CA GLU A 412 -44.78 -69.40 6.38
C GLU A 412 -44.84 -69.36 4.86
N TYR A 413 -44.86 -68.16 4.30
CA TYR A 413 -44.91 -67.99 2.84
C TYR A 413 -43.52 -67.99 2.22
N LYS A 414 -42.57 -67.35 2.90
CA LYS A 414 -41.19 -67.31 2.43
C LYS A 414 -40.63 -68.73 2.33
N ARG A 415 -41.04 -69.57 3.27
CA ARG A 415 -40.68 -70.98 3.28
C ARG A 415 -41.69 -71.78 2.45
N THR A 416 -41.44 -73.07 2.30
CA THR A 416 -42.43 -74.08 1.92
C THR A 416 -43.35 -73.74 0.73
N SER A 417 -42.78 -73.18 -0.33
CA SER A 417 -43.46 -73.11 -1.63
C SER A 417 -44.67 -72.17 -1.68
N SER A 418 -45.14 -71.71 -0.53
CA SER A 418 -46.13 -70.63 -0.46
C SER A 418 -47.55 -71.01 -0.91
N ASN A 419 -47.74 -72.24 -1.39
CA ASN A 419 -49.03 -72.66 -1.91
C ASN A 419 -50.11 -72.76 -0.82
N ALA A 420 -49.69 -73.12 0.40
CA ALA A 420 -50.62 -73.41 1.48
C ALA A 420 -51.16 -72.18 2.20
N VAL A 421 -50.35 -71.11 2.26
CA VAL A 421 -50.65 -69.97 3.13
C VAL A 421 -52.02 -69.36 2.86
N PHE A 422 -52.48 -69.42 1.61
CA PHE A 422 -53.79 -68.91 1.26
C PHE A 422 -54.79 -70.05 1.12
N ASN A 423 -55.68 -70.16 2.11
CA ASN A 423 -56.72 -71.17 2.10
C ASN A 423 -57.85 -70.78 3.06
N THR A 424 -59.01 -71.42 2.88
CA THR A 424 -60.10 -71.25 3.81
C THR A 424 -59.89 -72.13 5.04
N LYS A 425 -59.14 -73.22 4.85
CA LYS A 425 -58.88 -74.19 5.91
C LYS A 425 -57.52 -73.97 6.56
N SER A 426 -56.76 -73.01 6.07
CA SER A 426 -55.44 -72.70 6.62
C SER A 426 -55.56 -72.21 8.06
N SER A 427 -54.60 -72.59 8.90
CA SER A 427 -54.63 -72.24 10.31
C SER A 427 -54.59 -70.73 10.53
N TYR A 428 -53.80 -70.04 9.72
CA TYR A 428 -53.64 -68.59 9.84
C TYR A 428 -54.95 -67.86 9.55
N TYR A 429 -55.77 -68.47 8.69
CA TYR A 429 -57.08 -67.91 8.37
C TYR A 429 -58.13 -68.41 9.35
N THR A 430 -57.96 -69.64 9.83
CA THR A 430 -58.92 -70.26 10.73
C THR A 430 -59.02 -69.49 12.05
N LEU A 431 -57.88 -69.04 12.57
CA LEU A 431 -57.85 -68.33 13.84
C LEU A 431 -58.62 -67.02 13.75
N LEU A 432 -58.30 -66.20 12.75
CA LEU A 432 -58.96 -64.91 12.57
C LEU A 432 -60.45 -65.09 12.28
N PHE A 433 -60.80 -66.20 11.65
CA PHE A 433 -62.19 -66.48 11.30
C PHE A 433 -63.01 -66.83 12.53
N ASN A 434 -62.43 -67.61 13.43
CA ASN A 434 -63.14 -68.07 14.63
C ASN A 434 -63.28 -66.99 15.69
N LEU A 435 -62.23 -66.19 15.87
CA LEU A 435 -62.25 -65.12 16.86
C LEU A 435 -63.37 -64.12 16.57
N ILE A 436 -63.67 -63.94 15.29
CA ILE A 436 -64.78 -63.08 14.89
C ILE A 436 -66.10 -63.71 15.27
N GLN A 437 -66.34 -64.93 14.78
CA GLN A 437 -67.62 -65.61 14.98
C GLN A 437 -67.97 -65.76 16.46
N ASN A 438 -66.98 -66.07 17.28
CA ASN A 438 -67.19 -66.27 18.72
C ASN A 438 -66.99 -64.98 19.51
N GLY A 439 -66.41 -63.97 18.89
CA GLY A 439 -66.19 -62.69 19.54
C GLY A 439 -67.44 -61.85 19.57
N SER A 440 -67.51 -60.93 20.53
CA SER A 440 -68.67 -60.05 20.66
C SER A 440 -68.63 -58.95 19.59
N ILE A 441 -69.65 -58.10 19.58
CA ILE A 441 -69.77 -57.07 18.55
C ILE A 441 -68.58 -56.12 18.56
N GLU A 442 -68.30 -55.52 19.71
CA GLU A 442 -67.16 -54.63 19.84
C GLU A 442 -65.86 -55.38 19.60
N MET A 443 -65.88 -56.68 19.94
CA MET A 443 -64.72 -57.53 19.75
C MET A 443 -64.46 -57.79 18.28
N LYS A 444 -65.54 -58.00 17.53
CA LYS A 444 -65.45 -58.20 16.09
C LYS A 444 -65.00 -56.92 15.39
N TYR A 445 -65.43 -55.78 15.94
CA TYR A 445 -65.12 -54.48 15.36
C TYR A 445 -63.63 -54.23 15.29
N GLN A 446 -62.93 -54.52 16.40
CA GLN A 446 -61.50 -54.26 16.49
C GLN A 446 -60.69 -55.17 15.57
N ILE A 447 -61.10 -56.42 15.45
CA ILE A 447 -60.40 -57.37 14.59
C ILE A 447 -60.40 -56.88 13.15
N ILE A 448 -61.58 -56.58 12.64
CA ILE A 448 -61.72 -56.11 11.26
C ILE A 448 -60.97 -54.79 11.07
N LEU A 449 -61.04 -53.92 12.07
CA LEU A 449 -60.34 -52.65 12.02
C LEU A 449 -58.83 -52.86 11.86
N SER A 450 -58.28 -53.75 12.67
CA SER A 450 -56.85 -54.05 12.65
C SER A 450 -56.43 -54.62 11.30
N ILE A 451 -57.26 -55.49 10.73
CA ILE A 451 -56.98 -56.12 9.45
C ILE A 451 -56.87 -55.07 8.34
N VAL A 452 -57.82 -54.15 8.30
CA VAL A 452 -57.84 -53.11 7.27
C VAL A 452 -56.60 -52.23 7.34
N GLU A 453 -56.13 -51.96 8.56
CA GLU A 453 -54.98 -51.08 8.75
C GLU A 453 -53.71 -51.65 8.15
N GLN A 454 -53.62 -52.98 8.08
CA GLN A 454 -52.43 -53.64 7.57
C GLN A 454 -52.36 -53.57 6.04
N LEU A 455 -53.49 -53.26 5.40
CA LEU A 455 -53.50 -53.03 3.97
C LEU A 455 -52.85 -51.69 3.66
N ARG A 456 -51.58 -51.73 3.28
CA ARG A 456 -50.79 -50.53 3.02
C ARG A 456 -50.15 -50.63 1.64
N TYR A 457 -48.85 -50.35 1.56
CA TYR A 457 -48.12 -50.46 0.30
C TYR A 457 -48.12 -51.93 -0.17
N PRO A 458 -47.66 -52.19 -1.41
CA PRO A 458 -47.76 -53.55 -1.95
C PRO A 458 -46.82 -54.55 -1.28
N ASN A 459 -47.29 -55.12 -0.18
CA ASN A 459 -46.58 -56.16 0.55
C ASN A 459 -47.44 -57.41 0.74
N ILE A 460 -46.82 -58.46 1.29
CA ILE A 460 -47.53 -59.74 1.49
C ILE A 460 -48.64 -59.63 2.51
N HIS A 461 -48.47 -58.75 3.51
CA HIS A 461 -49.50 -58.53 4.51
C HIS A 461 -50.75 -57.98 3.82
N THR A 462 -50.55 -56.94 3.01
CA THR A 462 -51.63 -56.35 2.23
C THR A 462 -52.25 -57.40 1.32
N TYR A 463 -51.40 -58.23 0.71
CA TYR A 463 -51.85 -59.29 -0.17
C TYR A 463 -52.67 -60.31 0.60
N TRP A 464 -52.15 -60.73 1.75
CA TRP A 464 -52.79 -61.77 2.56
C TRP A 464 -54.09 -61.25 3.20
N PHE A 465 -53.99 -60.20 3.99
CA PHE A 465 -55.14 -59.66 4.69
C PHE A 465 -56.27 -59.28 3.74
N SER A 466 -55.92 -58.91 2.51
CA SER A 466 -56.91 -58.64 1.48
C SER A 466 -57.65 -59.92 1.13
N PHE A 467 -56.89 -61.01 0.96
CA PHE A 467 -57.48 -62.32 0.69
C PHE A 467 -58.34 -62.76 1.87
N VAL A 468 -57.96 -62.36 3.06
CA VAL A 468 -58.75 -62.65 4.25
C VAL A 468 -60.07 -61.89 4.19
N LEU A 469 -59.99 -60.58 4.00
CA LEU A 469 -61.18 -59.74 3.91
C LEU A 469 -62.08 -60.15 2.77
N MET A 470 -61.48 -60.41 1.60
CA MET A 470 -62.22 -60.79 0.41
C MET A 470 -62.95 -62.12 0.64
N ASN A 471 -62.22 -63.11 1.13
CA ASN A 471 -62.80 -64.43 1.37
C ASN A 471 -63.89 -64.38 2.43
N MET A 472 -63.58 -63.74 3.56
CA MET A 472 -64.53 -63.63 4.66
C MET A 472 -65.83 -62.99 4.21
N PHE A 473 -65.73 -61.93 3.42
CA PHE A 473 -66.93 -61.25 2.93
C PHE A 473 -67.81 -62.19 2.12
N LYS A 474 -67.16 -63.03 1.30
CA LYS A 474 -67.87 -64.01 0.49
C LYS A 474 -67.99 -65.35 1.22
N SER A 475 -67.52 -65.40 2.46
CA SER A 475 -67.52 -66.65 3.21
C SER A 475 -68.90 -66.98 3.77
N ASP A 476 -69.33 -68.21 3.53
CA ASP A 476 -70.53 -68.77 4.13
C ASP A 476 -70.16 -69.28 5.53
N GLU A 477 -71.03 -70.12 6.11
CA GLU A 477 -70.80 -70.70 7.43
C GLU A 477 -70.84 -69.63 8.52
N TRP A 478 -71.78 -68.70 8.40
CA TRP A 478 -71.96 -67.65 9.40
C TRP A 478 -73.43 -67.46 9.75
N ASN A 479 -73.70 -67.24 11.04
CA ASN A 479 -75.05 -67.00 11.52
C ASN A 479 -75.03 -66.11 12.77
N LYS A 482 -74.48 -63.29 9.55
CA LYS A 482 -73.67 -62.90 8.40
C LYS A 482 -73.90 -61.44 8.04
N LEU A 483 -75.14 -60.98 8.17
CA LEU A 483 -75.48 -59.59 7.91
C LEU A 483 -74.71 -58.67 8.85
N GLU A 484 -74.60 -59.09 10.11
CA GLU A 484 -73.86 -58.34 11.10
C GLU A 484 -72.40 -58.16 10.69
N VAL A 485 -71.78 -59.27 10.28
CA VAL A 485 -70.36 -59.27 9.97
C VAL A 485 -70.04 -58.39 8.76
N GLN A 486 -70.77 -58.61 7.66
CA GLN A 486 -70.56 -57.85 6.43
C GLN A 486 -70.69 -56.35 6.68
N GLU A 487 -71.58 -55.99 7.59
CA GLU A 487 -71.79 -54.59 7.94
C GLU A 487 -70.53 -54.01 8.59
N ILE A 488 -69.83 -54.84 9.36
CA ILE A 488 -68.59 -54.43 10.01
C ILE A 488 -67.44 -54.41 9.01
N ILE A 489 -67.46 -55.37 8.09
CA ILE A 489 -66.48 -55.40 6.99
C ILE A 489 -66.53 -54.09 6.22
N LEU A 490 -67.75 -53.65 5.93
CA LEU A 490 -67.96 -52.43 5.16
C LEU A 490 -67.63 -51.19 5.99
N ARG A 491 -68.16 -51.14 7.20
CA ARG A 491 -68.02 -49.96 8.07
C ARG A 491 -66.55 -49.60 8.31
N ASN A 492 -65.76 -50.58 8.77
CA ASN A 492 -64.36 -50.34 9.07
C ASN A 492 -63.53 -50.07 7.83
N PHE A 493 -64.01 -50.57 6.69
CA PHE A 493 -63.33 -50.37 5.42
C PHE A 493 -63.76 -49.05 4.77
N LEU A 494 -65.05 -48.75 4.88
CA LEU A 494 -65.60 -47.55 4.26
C LEU A 494 -65.00 -46.29 4.87
N LYS A 495 -64.64 -46.36 6.15
CA LYS A 495 -64.08 -45.21 6.85
C LYS A 495 -62.58 -45.05 6.58
N ARG A 496 -62.18 -45.28 5.33
CA ARG A 496 -60.79 -45.13 4.91
C ARG A 496 -60.69 -44.46 3.54
N ILE A 497 -61.85 -44.17 2.93
CA ILE A 497 -61.89 -43.57 1.59
C ILE A 497 -62.61 -42.22 1.60
N ILE A 498 -63.57 -42.07 2.50
CA ILE A 498 -64.41 -40.87 2.53
C ILE A 498 -63.60 -39.61 2.78
N VAL A 499 -62.56 -39.73 3.62
CA VAL A 499 -61.72 -38.59 3.95
C VAL A 499 -60.85 -38.22 2.75
N ASN A 500 -60.42 -36.97 2.70
CA ASN A 500 -59.58 -36.48 1.61
C ASN A 500 -58.34 -37.34 1.39
N LYS A 501 -57.81 -37.30 0.17
CA LYS A 501 -56.62 -38.06 -0.19
C LYS A 501 -55.42 -37.60 0.62
N PRO A 502 -54.29 -38.34 0.54
CA PRO A 502 -54.07 -39.55 -0.25
C PRO A 502 -54.78 -40.78 0.30
N HIS A 503 -55.52 -41.47 -0.55
CA HIS A 503 -56.15 -42.73 -0.18
C HIS A 503 -55.15 -43.85 -0.30
N THR A 504 -55.04 -44.67 0.76
CA THR A 504 -54.06 -45.74 0.81
C THR A 504 -54.20 -46.70 -0.36
N TRP A 505 -53.07 -47.26 -0.80
CA TRP A 505 -53.05 -48.17 -1.94
C TRP A 505 -53.85 -49.43 -1.68
N GLY A 506 -53.71 -50.00 -0.49
CA GLY A 506 -54.36 -51.25 -0.14
C GLY A 506 -55.87 -51.18 -0.26
N VAL A 507 -56.47 -50.16 0.34
CA VAL A 507 -57.92 -50.01 0.32
C VAL A 507 -58.43 -49.68 -1.08
N SER A 508 -57.64 -48.94 -1.85
CA SER A 508 -58.02 -48.56 -3.20
C SER A 508 -58.22 -49.80 -4.08
N VAL A 509 -57.26 -50.72 -4.03
CA VAL A 509 -57.33 -51.95 -4.81
C VAL A 509 -58.49 -52.81 -4.34
N PHE A 510 -58.59 -53.01 -3.03
CA PHE A 510 -59.64 -53.84 -2.46
C PHE A 510 -61.02 -53.25 -2.75
N PHE A 511 -61.08 -51.93 -2.86
CA PHE A 511 -62.31 -51.23 -3.19
C PHE A 511 -62.65 -51.40 -4.67
N THR A 512 -61.62 -51.61 -5.49
CA THR A 512 -61.80 -51.75 -6.93
C THR A 512 -62.24 -53.17 -7.29
N GLN A 513 -61.48 -54.16 -6.83
CA GLN A 513 -61.78 -55.56 -7.12
C GLN A 513 -63.14 -55.98 -6.57
N LEU A 514 -63.65 -55.21 -5.61
CA LEU A 514 -64.93 -55.53 -4.99
C LEU A 514 -66.06 -55.38 -6.00
N ILE A 515 -66.04 -54.30 -6.76
CA ILE A 515 -67.01 -54.09 -7.84
C ILE A 515 -66.63 -54.98 -9.02
N ASN A 516 -65.33 -55.15 -9.23
CA ASN A 516 -64.83 -55.98 -10.31
C ASN A 516 -65.14 -57.46 -10.05
N ASN A 517 -65.27 -57.82 -8.78
CA ASN A 517 -65.66 -59.18 -8.41
C ASN A 517 -67.13 -59.42 -8.72
N ASN A 518 -67.91 -58.34 -8.70
CA ASN A 518 -69.33 -58.36 -9.05
C ASN A 518 -70.21 -58.93 -7.93
N ASP A 519 -69.59 -59.42 -6.87
CA ASP A 519 -70.32 -59.84 -5.68
C ASP A 519 -69.42 -59.77 -4.44
N LEU A 522 -72.78 -55.15 -5.07
CA LEU A 522 -72.90 -53.70 -5.20
C LEU A 522 -73.76 -53.12 -4.07
N LEU A 523 -74.68 -52.23 -4.41
CA LEU A 523 -75.61 -51.66 -3.43
C LEU A 523 -76.58 -52.70 -2.88
N ASP A 524 -76.55 -53.91 -3.45
CA ASP A 524 -77.46 -54.98 -3.09
C ASP A 524 -77.50 -55.23 -1.58
N LEU A 525 -76.44 -54.83 -0.88
CA LEU A 525 -76.41 -54.90 0.57
C LEU A 525 -77.62 -54.13 1.14
N PRO A 526 -78.48 -54.81 1.91
CA PRO A 526 -79.73 -54.19 2.34
C PRO A 526 -79.55 -53.05 3.33
N PHE A 527 -78.44 -53.06 4.07
CA PHE A 527 -78.18 -52.02 5.06
C PHE A 527 -78.02 -50.65 4.39
N VAL A 528 -77.44 -50.64 3.20
CA VAL A 528 -77.23 -49.40 2.46
C VAL A 528 -78.54 -48.89 1.89
N GLU A 533 -78.40 -42.80 4.31
CA GLU A 533 -77.48 -41.92 3.60
C GLU A 533 -76.24 -42.67 3.12
N ILE A 534 -76.21 -43.98 3.33
CA ILE A 534 -75.08 -44.80 2.91
C ILE A 534 -75.02 -44.93 1.40
N LYS A 535 -76.17 -44.80 0.75
CA LYS A 535 -76.25 -44.91 -0.71
C LYS A 535 -75.66 -43.69 -1.39
N LEU A 536 -75.42 -42.63 -0.62
CA LEU A 536 -74.88 -41.39 -1.16
C LEU A 536 -73.45 -41.58 -1.67
N ILE A 537 -72.75 -42.58 -1.12
CA ILE A 537 -71.37 -42.86 -1.49
C ILE A 537 -71.32 -43.58 -2.84
N LEU A 538 -72.31 -44.44 -3.08
CA LEU A 538 -72.38 -45.22 -4.32
C LEU A 538 -72.40 -44.30 -5.54
N GLN A 539 -73.10 -43.17 -5.41
CA GLN A 539 -73.17 -42.19 -6.49
C GLN A 539 -71.86 -41.38 -6.56
N GLN A 540 -71.14 -41.33 -5.46
CA GLN A 540 -69.89 -40.60 -5.39
C GLN A 540 -68.80 -41.28 -6.21
N LEU A 541 -68.79 -42.61 -6.20
CA LEU A 541 -67.82 -43.39 -6.95
C LEU A 541 -68.29 -44.83 -7.13
N TYR B 8 -49.09 -15.04 50.70
CA TYR B 8 -48.01 -14.93 51.67
C TYR B 8 -47.61 -16.31 52.19
N ASP B 9 -46.86 -17.04 51.36
CA ASP B 9 -46.40 -18.38 51.72
C ASP B 9 -45.09 -18.30 52.49
N ALA B 10 -45.04 -18.96 53.64
CA ALA B 10 -43.84 -18.98 54.46
C ALA B 10 -42.79 -19.91 53.86
N LEU B 11 -41.73 -19.32 53.31
CA LEU B 11 -40.62 -20.07 52.73
C LEU B 11 -41.05 -20.95 51.56
N GLY B 12 -41.91 -21.92 51.83
CA GLY B 12 -42.38 -22.84 50.81
C GLY B 12 -43.08 -22.16 49.65
N ASN B 13 -42.79 -22.63 48.45
CA ASN B 13 -43.37 -22.10 47.22
C ASN B 13 -42.89 -22.93 46.03
N ALA B 14 -43.58 -22.83 44.91
CA ALA B 14 -43.19 -23.56 43.71
C ALA B 14 -41.82 -23.11 43.22
N VAL B 15 -41.61 -21.80 43.23
CA VAL B 15 -40.33 -21.23 42.80
C VAL B 15 -39.23 -21.58 43.79
N ASP B 16 -39.57 -21.63 45.07
CA ASP B 16 -38.60 -21.92 46.12
C ASP B 16 -38.18 -23.39 46.09
N PHE B 17 -39.13 -24.26 45.79
CA PHE B 17 -38.87 -25.70 45.73
C PHE B 17 -37.93 -26.04 44.58
N LEU B 18 -38.15 -25.40 43.45
CA LEU B 18 -37.35 -25.65 42.25
C LEU B 18 -35.94 -25.08 42.38
N ASP B 19 -35.83 -23.86 42.89
CA ASP B 19 -34.53 -23.23 43.09
C ASP B 19 -33.65 -24.10 43.98
N ALA B 20 -34.28 -24.90 44.84
CA ALA B 20 -33.57 -25.85 45.68
C ALA B 20 -33.15 -27.07 44.85
N ARG B 21 -33.97 -27.42 43.86
CA ARG B 21 -33.69 -28.57 43.01
C ARG B 21 -32.44 -28.33 42.16
N LEU B 22 -32.27 -27.10 41.70
CA LEU B 22 -31.09 -26.75 40.91
C LEU B 22 -29.84 -26.85 41.79
N HIS B 23 -30.00 -26.55 43.07
CA HIS B 23 -28.91 -26.67 44.03
C HIS B 23 -28.76 -28.12 44.47
N SER B 24 -29.86 -28.86 44.40
CA SER B 24 -29.84 -30.29 44.72
C SER B 24 -29.02 -31.05 43.69
N LEU B 25 -29.16 -30.67 42.43
CA LEU B 25 -28.47 -31.34 41.34
C LEU B 25 -27.01 -30.92 41.26
N SER B 26 -26.69 -29.78 41.86
CA SER B 26 -25.32 -29.26 41.86
C SER B 26 -24.39 -30.12 42.72
N ASN B 27 -24.89 -30.51 43.90
CA ASN B 27 -24.09 -31.30 44.83
C ASN B 27 -24.12 -32.80 44.52
N TYR B 28 -24.82 -33.16 43.44
CA TYR B 28 -24.90 -34.55 43.02
C TYR B 28 -23.68 -34.95 42.20
N GLN B 29 -22.96 -35.96 42.69
CA GLN B 29 -21.78 -36.47 41.99
C GLN B 29 -20.72 -35.39 41.82
N LYS B 30 -20.14 -34.95 42.94
CA LYS B 30 -19.11 -33.91 42.91
C LYS B 30 -17.85 -34.42 42.22
N ARG B 31 -17.38 -33.66 41.23
CA ARG B 31 -16.15 -33.99 40.52
C ARG B 31 -15.37 -32.71 40.19
N PRO B 32 -14.03 -32.81 40.10
CA PRO B 32 -13.22 -31.67 39.68
C PRO B 32 -13.22 -31.51 38.16
N ILE B 33 -13.52 -30.30 37.68
CA ILE B 33 -13.56 -30.04 36.25
C ILE B 33 -12.17 -30.12 35.65
N SER B 34 -11.91 -31.20 34.93
CA SER B 34 -10.59 -31.43 34.33
C SER B 34 -10.53 -30.90 32.91
N ILE B 35 -9.91 -29.74 32.74
CA ILE B 35 -9.74 -29.14 31.42
C ILE B 35 -8.67 -29.92 30.64
N LYS B 36 -8.80 -29.94 29.32
CA LYS B 36 -7.81 -30.58 28.47
C LYS B 36 -6.47 -29.86 28.59
N SER B 37 -5.54 -30.45 29.32
CA SER B 37 -4.22 -29.86 29.52
C SER B 37 -3.33 -30.12 28.33
N ASN B 38 -3.56 -31.24 27.64
CA ASN B 38 -2.75 -31.64 26.50
C ASN B 38 -2.82 -30.63 25.35
N ILE B 39 -4.01 -30.07 25.15
CA ILE B 39 -4.28 -29.19 24.02
C ILE B 39 -3.83 -27.76 24.31
N ILE B 40 -3.96 -26.90 23.31
CA ILE B 40 -3.86 -25.43 23.41
C ILE B 40 -2.55 -24.92 24.02
N ASP B 41 -1.43 -25.49 23.56
CA ASP B 41 -0.15 -24.77 23.55
C ASP B 41 0.18 -24.05 24.86
N GLU B 42 0.23 -24.78 25.97
CA GLU B 42 0.40 -24.14 27.26
C GLU B 42 1.75 -23.40 27.32
N GLU B 43 1.81 -22.42 28.21
CA GLU B 43 2.84 -21.36 28.27
C GLU B 43 2.51 -20.22 27.31
N THR B 44 1.57 -20.45 26.40
CA THR B 44 0.93 -19.37 25.66
C THR B 44 -0.16 -18.79 26.54
N TYR B 45 -0.83 -19.70 27.27
CA TYR B 45 -1.88 -19.34 28.21
C TYR B 45 -1.37 -18.39 29.28
N LYS B 46 -0.10 -18.53 29.65
CA LYS B 46 0.50 -17.70 30.68
C LYS B 46 0.73 -16.28 30.18
N LYS B 47 0.83 -16.11 28.87
CA LYS B 47 1.13 -14.82 28.28
C LYS B 47 -0.08 -13.90 28.23
N TYR B 48 -1.27 -14.48 28.14
CA TYR B 48 -2.49 -13.69 27.99
C TYR B 48 -2.81 -12.87 29.25
N PRO B 49 -3.67 -11.85 29.11
CA PRO B 49 -4.07 -11.01 30.25
C PRO B 49 -4.86 -11.77 31.32
N SER B 50 -5.38 -11.04 32.31
CA SER B 50 -6.20 -11.63 33.35
C SER B 50 -7.57 -12.01 32.81
N LEU B 51 -8.15 -11.11 32.03
CA LEU B 51 -9.43 -11.34 31.36
C LEU B 51 -10.58 -11.55 32.35
N PHE B 52 -10.37 -11.18 33.61
CA PHE B 52 -11.39 -11.36 34.64
C PHE B 52 -11.37 -10.25 35.69
N SER B 53 -12.43 -10.22 36.48
CA SER B 53 -12.53 -9.34 37.64
C SER B 53 -13.00 -10.17 38.85
N TRP B 54 -12.33 -11.30 39.05
CA TRP B 54 -12.75 -12.29 40.04
C TRP B 54 -12.13 -12.02 41.41
N ASP B 55 -12.83 -12.43 42.46
CA ASP B 55 -12.36 -12.28 43.83
C ASP B 55 -12.75 -13.50 44.66
N LYS B 56 -11.79 -14.38 44.89
CA LYS B 56 -12.04 -15.61 45.64
C LYS B 56 -12.27 -15.33 47.12
N ILE B 57 -12.78 -16.33 47.83
CA ILE B 57 -13.05 -16.20 49.26
C ILE B 57 -13.46 -17.54 49.86
N ARG C 31 2.02 22.01 24.57
CA ARG C 31 0.94 22.57 23.76
C ARG C 31 0.68 21.70 22.53
N THR C 32 1.74 21.38 21.81
CA THR C 32 1.64 20.57 20.59
C THR C 32 1.16 19.16 20.93
N GLU C 33 1.55 18.66 22.10
CA GLU C 33 1.14 17.34 22.54
C GLU C 33 -0.37 17.26 22.69
N LYS C 34 -0.97 18.39 23.06
CA LYS C 34 -2.42 18.47 23.22
C LYS C 34 -3.12 18.23 21.88
N PHE C 35 -2.63 18.88 20.84
CA PHE C 35 -3.16 18.70 19.49
C PHE C 35 -3.01 17.24 19.05
N TYR C 36 -1.93 16.61 19.48
CA TYR C 36 -1.66 15.22 19.15
C TYR C 36 -2.67 14.30 19.85
N LEU C 37 -3.17 14.74 20.99
CA LEU C 37 -4.10 13.94 21.78
C LEU C 37 -5.49 13.92 21.17
N VAL C 38 -5.96 15.07 20.71
CA VAL C 38 -7.31 15.19 20.16
C VAL C 38 -7.51 14.28 18.95
N PHE C 39 -6.61 14.39 17.97
CA PHE C 39 -6.70 13.59 16.76
C PHE C 39 -6.64 12.10 17.07
N THR C 40 -5.90 11.76 18.11
CA THR C 40 -5.77 10.36 18.53
C THR C 40 -7.10 9.83 19.05
N GLU C 41 -7.86 10.68 19.74
CA GLU C 41 -9.17 10.30 20.25
C GLU C 41 -10.18 10.17 19.12
N TRP C 42 -9.87 10.78 17.97
CA TRP C 42 -10.77 10.74 16.83
C TRP C 42 -10.54 9.52 15.95
N VAL C 43 -9.28 9.16 15.73
CA VAL C 43 -8.95 7.97 14.95
C VAL C 43 -9.31 6.72 15.74
N LYS C 44 -9.36 6.86 17.07
CA LYS C 44 -9.85 5.78 17.92
C LYS C 44 -11.33 5.59 17.68
N LEU C 45 -12.03 6.69 17.44
CA LEU C 45 -13.44 6.63 17.06
C LEU C 45 -13.56 6.06 15.65
N LEU C 46 -12.77 6.62 14.73
CA LEU C 46 -12.77 6.22 13.32
C LEU C 46 -12.88 4.72 13.12
N GLN C 47 -12.12 3.98 13.92
CA GLN C 47 -12.26 2.52 13.98
C GLN C 47 -13.38 2.18 14.96
N ARG C 48 -14.34 1.40 14.47
CA ARG C 48 -15.53 1.01 15.24
C ARG C 48 -16.59 2.11 15.25
N VAL C 49 -16.49 3.04 14.31
CA VAL C 49 -17.56 4.00 14.05
C VAL C 49 -17.86 3.97 12.55
N GLU C 50 -19.00 4.53 12.17
CA GLU C 50 -19.34 4.66 10.76
C GLU C 50 -19.18 6.12 10.31
N ASN C 51 -18.21 6.35 9.44
CA ASN C 51 -17.98 7.68 8.90
C ASN C 51 -19.20 8.19 8.14
N ASN C 52 -19.91 7.27 7.50
CA ASN C 52 -21.16 7.59 6.82
C ASN C 52 -22.18 8.15 7.79
N ASP C 53 -22.14 7.64 9.03
CA ASP C 53 -23.03 8.13 10.07
C ASP C 53 -22.61 9.54 10.47
N VAL C 54 -23.56 10.30 11.04
CA VAL C 54 -23.33 11.70 11.36
C VAL C 54 -22.91 11.90 12.81
N ILE C 55 -22.36 10.85 13.42
CA ILE C 55 -21.80 10.96 14.77
C ILE C 55 -20.52 11.77 14.70
N THR C 56 -19.82 11.64 13.59
CA THR C 56 -18.58 12.37 13.35
C THR C 56 -18.84 13.87 13.29
N THR C 57 -20.01 14.23 12.76
CA THR C 57 -20.42 15.63 12.65
C THR C 57 -20.52 16.26 14.04
N VAL C 58 -20.95 15.46 15.01
CA VAL C 58 -21.03 15.91 16.38
C VAL C 58 -19.63 16.13 16.95
N PHE C 59 -18.71 15.27 16.54
CA PHE C 59 -17.32 15.38 16.97
C PHE C 59 -16.69 16.67 16.48
N ILE C 60 -16.89 16.96 15.20
CA ILE C 60 -16.35 18.18 14.59
C ILE C 60 -17.02 19.42 15.18
N LYS C 61 -18.34 19.36 15.32
CA LYS C 61 -19.09 20.47 15.91
C LYS C 61 -18.65 20.70 17.35
N GLN C 62 -18.14 19.65 17.99
CA GLN C 62 -17.66 19.74 19.36
C GLN C 62 -16.35 20.52 19.43
N LEU C 63 -15.56 20.44 18.37
CA LEU C 63 -14.28 21.14 18.31
C LEU C 63 -14.46 22.63 18.54
N VAL C 64 -15.61 23.16 18.13
CA VAL C 64 -15.92 24.58 18.30
C VAL C 64 -16.03 24.95 19.78
N GLU C 65 -16.55 24.02 20.59
CA GLU C 65 -16.65 24.24 22.03
C GLU C 65 -15.27 24.47 22.64
N LYS C 66 -14.34 23.57 22.32
CA LYS C 66 -12.96 23.71 22.75
C LYS C 66 -12.28 24.81 21.95
N GLY C 67 -11.17 25.33 22.48
CA GLY C 67 -10.42 26.37 21.79
C GLY C 67 -9.46 25.81 20.77
N VAL C 68 -9.61 24.53 20.42
CA VAL C 68 -8.70 23.88 19.50
C VAL C 68 -8.90 24.34 18.05
N ILE C 69 -10.14 24.31 17.57
CA ILE C 69 -10.42 24.63 16.18
C ILE C 69 -10.90 26.07 16.01
N SER C 70 -10.91 26.81 17.11
CA SER C 70 -11.50 28.16 17.14
C SER C 70 -10.96 29.08 16.04
N ASP C 71 -9.64 29.23 15.99
CA ASP C 71 -9.00 30.11 15.02
C ASP C 71 -8.42 29.29 13.86
N THR C 72 -8.27 29.95 12.70
CA THR C 72 -7.71 29.30 11.53
C THR C 72 -6.24 28.97 11.76
N ASP C 73 -5.58 29.76 12.60
CA ASP C 73 -4.17 29.54 12.92
C ASP C 73 -3.99 28.21 13.66
N ASN C 74 -4.99 27.84 14.45
CA ASN C 74 -4.97 26.57 15.17
C ASN C 74 -5.49 25.43 14.29
N LEU C 75 -6.37 25.78 13.35
CA LEU C 75 -6.88 24.81 12.39
C LEU C 75 -5.75 24.27 11.51
N LEU C 76 -5.06 25.17 10.83
CA LEU C 76 -3.95 24.79 9.97
C LEU C 76 -2.80 24.20 10.77
N THR C 77 -2.76 24.54 12.06
CA THR C 77 -1.77 23.97 12.96
C THR C 77 -2.19 22.57 13.38
N PHE C 78 -3.49 22.34 13.47
CA PHE C 78 -4.02 21.04 13.84
C PHE C 78 -3.78 20.01 12.73
N VAL C 79 -4.02 20.42 11.50
CA VAL C 79 -3.82 19.55 10.34
C VAL C 79 -2.33 19.25 10.17
N LYS C 80 -1.49 20.21 10.54
CA LYS C 80 -0.05 20.03 10.49
C LYS C 80 0.40 18.90 11.41
N SER C 81 0.13 19.06 12.71
CA SER C 81 0.53 18.07 13.71
C SER C 81 -0.16 16.72 13.45
N SER C 82 -1.39 16.78 12.95
CA SER C 82 -2.15 15.56 12.67
C SER C 82 -1.50 14.75 11.54
N LEU C 83 -0.94 15.45 10.56
CA LEU C 83 -0.32 14.80 9.41
C LEU C 83 1.04 14.22 9.78
N GLU C 84 1.72 14.85 10.75
CA GLU C 84 3.04 14.40 11.17
C GLU C 84 2.98 13.13 12.00
N LEU C 85 1.83 12.88 12.63
CA LEU C 85 1.64 11.67 13.43
C LEU C 85 1.39 10.46 12.54
N SER C 86 0.70 10.68 11.43
CA SER C 86 0.41 9.61 10.48
C SER C 86 1.71 9.04 9.91
N VAL C 87 2.66 9.92 9.63
CA VAL C 87 3.96 9.51 9.11
C VAL C 87 4.77 8.87 10.22
N SER C 88 4.70 9.43 11.42
CA SER C 88 5.38 8.88 12.58
C SER C 88 4.84 7.49 12.91
N SER C 89 3.52 7.35 12.84
CA SER C 89 2.87 6.08 13.10
C SER C 89 3.21 5.08 12.00
N PHE C 90 3.40 5.58 10.79
CA PHE C 90 3.79 4.75 9.66
C PHE C 90 5.19 4.18 9.87
N LYS C 91 6.05 4.96 10.51
CA LYS C 91 7.39 4.52 10.84
C LYS C 91 7.35 3.60 12.06
N GLU C 92 8.34 2.72 12.18
CA GLU C 92 8.43 1.79 13.29
C GLU C 92 7.37 0.68 13.22
N SER C 93 6.49 0.77 12.23
CA SER C 93 5.43 -0.23 12.03
C SER C 93 5.38 -0.66 10.58
N ASP C 94 5.61 -1.94 10.33
CA ASP C 94 5.61 -2.49 8.98
C ASP C 94 4.90 -3.84 8.95
N PRO C 95 3.57 -3.83 9.11
CA PRO C 95 2.79 -5.08 9.04
C PRO C 95 2.68 -5.61 7.61
N VAL C 99 0.23 0.70 7.68
CA VAL C 99 -0.89 1.17 8.48
C VAL C 99 -1.40 2.52 7.96
N PHE C 100 -2.66 2.53 7.54
CA PHE C 100 -3.30 3.74 7.04
C PHE C 100 -4.57 4.06 7.82
N ILE C 101 -4.79 3.34 8.91
CA ILE C 101 -6.00 3.51 9.71
C ILE C 101 -6.10 4.93 10.29
N ALA C 102 -4.97 5.61 10.37
CA ALA C 102 -4.92 6.96 10.92
C ALA C 102 -5.00 8.03 9.84
N ILE C 103 -4.28 7.81 8.74
CA ILE C 103 -4.20 8.82 7.68
C ILE C 103 -5.45 8.82 6.81
N ASP C 104 -6.05 7.65 6.62
CA ASP C 104 -7.29 7.55 5.85
C ASP C 104 -8.40 8.33 6.55
N ALA C 105 -8.35 8.33 7.88
CA ALA C 105 -9.31 9.07 8.67
C ALA C 105 -9.12 10.58 8.48
N LEU C 106 -7.87 11.02 8.52
CA LEU C 106 -7.53 12.42 8.31
C LEU C 106 -8.04 12.90 6.94
N GLY C 107 -7.99 12.00 5.97
CA GLY C 107 -8.51 12.30 4.64
C GLY C 107 -9.98 12.65 4.68
N SER C 108 -10.72 11.96 5.55
CA SER C 108 -12.15 12.21 5.72
C SER C 108 -12.39 13.46 6.56
N LEU C 109 -11.45 13.77 7.45
CA LEU C 109 -11.57 14.94 8.32
C LEU C 109 -11.50 16.22 7.50
N ILE C 110 -10.53 16.29 6.59
CA ILE C 110 -10.36 17.45 5.73
C ILE C 110 -11.60 17.69 4.89
N ILE C 111 -12.18 16.60 4.39
CA ILE C 111 -13.39 16.69 3.57
C ILE C 111 -14.58 17.12 4.39
N LYS C 112 -14.77 16.51 5.56
CA LYS C 112 -15.91 16.84 6.41
C LYS C 112 -15.84 18.29 6.89
N LEU C 113 -14.63 18.83 7.00
CA LEU C 113 -14.45 20.22 7.38
C LEU C 113 -14.68 21.16 6.20
N LEU C 114 -14.75 20.59 5.00
CA LEU C 114 -14.96 21.37 3.79
C LEU C 114 -16.45 21.51 3.47
N ILE C 115 -17.26 20.57 3.94
CA ILE C 115 -18.68 20.54 3.63
C ILE C 115 -19.54 20.88 4.86
N LEU C 116 -19.07 20.51 6.04
CA LEU C 116 -19.81 20.76 7.27
C LEU C 116 -19.56 22.16 7.81
N GLN C 117 -18.69 22.91 7.13
CA GLN C 117 -18.35 24.26 7.54
C GLN C 117 -19.19 25.29 6.78
N ASP C 118 -19.66 26.30 7.51
CA ASP C 118 -20.35 27.43 6.89
C ASP C 118 -19.31 28.49 6.56
N PHE C 119 -19.11 28.74 5.27
CA PHE C 119 -18.04 29.61 4.81
C PHE C 119 -18.57 30.83 4.08
N LYS C 120 -17.76 31.87 4.04
CA LYS C 120 -18.12 33.09 3.33
C LYS C 120 -17.94 32.90 1.83
N ASP C 121 -18.06 33.98 1.07
CA ASP C 121 -18.00 33.91 -0.39
C ASP C 121 -16.72 33.24 -0.90
N ASP C 122 -15.58 33.89 -0.74
CA ASP C 122 -14.31 33.41 -1.29
C ASP C 122 -13.48 32.64 -0.26
N THR C 123 -13.99 32.54 0.96
CA THR C 123 -13.25 31.92 2.05
C THR C 123 -13.02 30.43 1.82
N ARG C 124 -13.94 29.80 1.09
CA ARG C 124 -13.86 28.36 0.82
C ARG C 124 -12.68 28.04 -0.08
N ARG C 125 -12.35 28.97 -0.97
CA ARG C 125 -11.24 28.80 -1.91
C ARG C 125 -9.91 28.90 -1.16
N ASP C 126 -9.82 29.85 -0.24
CA ASP C 126 -8.61 30.06 0.55
C ASP C 126 -8.43 28.94 1.56
N TYR C 127 -9.53 28.31 1.94
CA TYR C 127 -9.52 27.22 2.90
C TYR C 127 -8.81 26.00 2.35
N ILE C 128 -9.24 25.54 1.18
CA ILE C 128 -8.66 24.35 0.56
C ILE C 128 -7.22 24.62 0.13
N ASN C 129 -6.95 25.85 -0.33
CA ASN C 129 -5.61 26.24 -0.71
C ASN C 129 -4.65 26.24 0.48
N ALA C 130 -5.21 26.49 1.67
CA ALA C 130 -4.41 26.55 2.89
C ALA C 130 -4.03 25.15 3.36
N ILE C 131 -4.97 24.21 3.24
CA ILE C 131 -4.73 22.84 3.67
C ILE C 131 -3.77 22.13 2.72
N PHE C 132 -4.02 22.23 1.42
CA PHE C 132 -3.12 21.65 0.43
C PHE C 132 -1.71 22.22 0.58
N SER C 133 -1.62 23.47 1.02
CA SER C 133 -0.33 24.10 1.25
C SER C 133 0.42 23.41 2.39
N VAL C 134 -0.31 23.05 3.44
CA VAL C 134 0.30 22.39 4.59
C VAL C 134 0.82 21.01 4.21
N ILE C 135 0.00 20.23 3.53
CA ILE C 135 0.36 18.86 3.15
C ILE C 135 1.63 18.82 2.32
N VAL C 136 1.70 19.65 1.27
CA VAL C 136 2.81 19.62 0.35
C VAL C 136 4.10 20.20 0.97
N LEU C 137 3.93 20.97 2.05
CA LEU C 137 5.07 21.55 2.74
C LEU C 137 5.63 20.59 3.78
N VAL C 138 4.74 19.80 4.40
CA VAL C 138 5.17 18.72 5.28
C VAL C 138 5.92 17.70 4.44
N PHE C 139 5.41 17.47 3.24
CA PHE C 139 6.04 16.56 2.28
C PHE C 139 7.47 17.00 1.99
N ALA C 140 7.68 18.31 1.95
CA ALA C 140 9.01 18.87 1.69
C ALA C 140 9.88 18.81 2.93
N LYS C 141 9.28 19.08 4.08
CA LYS C 141 9.99 19.01 5.35
C LYS C 141 10.46 17.59 5.62
N ASP C 142 9.60 16.63 5.30
CA ASP C 142 9.92 15.21 5.46
C ASP C 142 11.01 14.82 4.47
N HIS C 143 11.00 15.45 3.31
CA HIS C 143 12.00 15.17 2.27
C HIS C 143 13.38 15.51 2.79
N SER C 144 13.46 16.54 3.63
CA SER C 144 14.71 16.87 4.31
C SER C 144 14.91 15.93 5.49
N GLN C 145 16.16 15.72 5.89
CA GLN C 145 16.47 14.82 6.98
C GLN C 145 15.97 15.38 8.31
N GLU C 146 15.16 14.59 9.01
CA GLU C 146 14.59 15.01 10.28
C GLU C 146 13.91 13.84 10.98
N THR C 149 15.07 8.84 5.89
CA THR C 149 13.89 8.25 6.53
C THR C 149 12.61 8.83 5.96
N PHE C 150 12.65 9.15 4.66
CA PHE C 150 11.49 9.73 3.97
C PHE C 150 10.76 8.67 3.15
N ASN C 151 9.45 8.62 3.31
CA ASN C 151 8.61 7.71 2.54
C ASN C 151 7.46 8.47 1.88
N GLU C 152 7.20 8.15 0.61
CA GLU C 152 6.23 8.89 -0.19
C GLU C 152 4.87 8.20 -0.30
N ARG C 153 4.74 7.04 0.35
CA ARG C 153 3.51 6.27 0.29
C ARG C 153 2.39 6.87 1.15
N PRO C 154 2.72 7.40 2.34
CA PRO C 154 1.66 8.00 3.16
C PRO C 154 0.99 9.20 2.50
N TYR C 155 1.81 10.12 1.98
CA TYR C 155 1.30 11.33 1.36
C TYR C 155 0.45 11.01 0.14
N PHE C 156 0.85 9.99 -0.61
CA PHE C 156 0.10 9.53 -1.77
C PHE C 156 -1.25 8.99 -1.33
N ARG C 157 -1.27 8.29 -0.20
CA ARG C 157 -2.51 7.72 0.34
C ARG C 157 -3.49 8.82 0.70
N LEU C 158 -2.95 9.94 1.19
CA LEU C 158 -3.78 11.06 1.62
C LEU C 158 -4.45 11.74 0.43
N PHE C 159 -3.65 12.13 -0.56
CA PHE C 159 -4.16 12.79 -1.75
C PHE C 159 -5.21 11.93 -2.46
N SER C 160 -5.00 10.62 -2.40
CA SER C 160 -5.93 9.68 -3.04
C SER C 160 -7.27 9.66 -2.32
N ASN C 161 -7.22 9.62 -0.99
CA ASN C 161 -8.43 9.60 -0.18
C ASN C 161 -9.24 10.86 -0.35
N ILE C 162 -8.56 11.99 -0.48
CA ILE C 162 -9.22 13.27 -0.71
C ILE C 162 -10.00 13.22 -2.03
N LEU C 163 -9.40 12.59 -3.04
CA LEU C 163 -10.05 12.45 -4.34
C LEU C 163 -11.23 11.47 -4.25
N TYR C 164 -10.99 10.31 -3.63
CA TYR C 164 -12.02 9.30 -3.49
C TYR C 164 -13.20 9.83 -2.67
N GLU C 165 -12.90 10.51 -1.57
CA GLU C 165 -13.94 11.08 -0.72
C GLU C 165 -14.76 12.11 -1.48
N TRP C 166 -14.08 13.11 -2.05
CA TRP C 166 -14.74 14.18 -2.78
C TRP C 166 -15.49 13.63 -3.99
N ALA C 167 -14.97 12.56 -4.59
CA ALA C 167 -15.60 11.93 -5.74
C ALA C 167 -16.93 11.30 -5.33
N THR C 168 -17.03 10.89 -4.07
CA THR C 168 -18.25 10.27 -3.55
C THR C 168 -19.32 11.34 -3.27
N ILE C 169 -18.86 12.53 -2.89
CA ILE C 169 -19.78 13.61 -2.54
C ILE C 169 -20.32 14.31 -3.78
N ARG C 170 -19.50 14.44 -4.82
CA ARG C 170 -19.89 15.17 -6.02
C ARG C 170 -20.75 14.34 -6.96
N THR C 171 -21.20 13.19 -6.50
CA THR C 171 -22.02 12.30 -7.33
C THR C 171 -23.34 12.96 -7.69
N HIS C 172 -23.58 13.11 -8.99
CA HIS C 172 -24.83 13.68 -9.50
C HIS C 172 -25.12 15.07 -8.93
N ASN C 173 -24.25 16.03 -9.25
CA ASN C 173 -24.45 17.42 -8.87
C ASN C 173 -24.68 17.63 -7.38
N PHE C 174 -23.92 16.89 -6.55
CA PHE C 174 -23.99 17.04 -5.10
C PHE C 174 -25.41 16.84 -4.57
N VAL C 175 -26.08 15.80 -5.06
CA VAL C 175 -27.46 15.51 -4.65
C VAL C 175 -27.49 14.80 -3.29
N ARG C 176 -26.42 14.05 -2.99
CA ARG C 176 -26.37 13.25 -1.78
C ARG C 176 -26.43 14.13 -0.54
N ILE C 177 -25.76 15.28 -0.60
CA ILE C 177 -25.76 16.22 0.52
C ILE C 177 -27.05 17.02 0.53
N SER C 178 -27.55 17.31 1.73
CA SER C 178 -28.75 18.14 1.88
C SER C 178 -28.48 19.53 1.30
N ASP C 179 -29.51 20.16 0.76
CA ASP C 179 -29.36 21.46 0.13
C ASP C 179 -29.82 22.58 1.05
N SER C 180 -28.84 23.33 1.54
CA SER C 180 -29.09 24.54 2.33
C SER C 180 -29.03 25.76 1.43
N SER C 181 -28.93 25.51 0.12
CA SER C 181 -28.51 26.47 -0.91
C SER C 181 -26.98 26.48 -0.99
N THR C 182 -26.35 25.73 -0.09
CA THR C 182 -24.90 25.54 -0.13
C THR C 182 -24.54 24.44 -1.13
N ARG C 183 -25.54 23.70 -1.59
CA ARG C 183 -25.32 22.68 -2.61
C ARG C 183 -24.89 23.34 -3.91
N GLN C 184 -25.58 24.42 -4.28
CA GLN C 184 -25.22 25.19 -5.47
C GLN C 184 -23.82 25.78 -5.30
N GLU C 185 -23.48 26.11 -4.06
CA GLU C 185 -22.17 26.71 -3.76
C GLU C 185 -21.05 25.70 -4.00
N LEU C 186 -21.37 24.41 -3.92
CA LEU C 186 -20.37 23.36 -4.12
C LEU C 186 -20.23 23.00 -5.60
N ILE C 187 -21.31 23.13 -6.36
CA ILE C 187 -21.27 22.87 -7.80
C ILE C 187 -20.29 23.84 -8.45
N GLU C 188 -20.28 25.07 -7.96
CA GLU C 188 -19.36 26.09 -8.44
C GLU C 188 -17.95 25.81 -7.96
N PHE C 189 -17.85 25.17 -6.79
CA PHE C 189 -16.57 24.86 -6.17
C PHE C 189 -15.99 23.55 -6.70
N ASP C 190 -16.82 22.76 -7.35
CA ASP C 190 -16.41 21.45 -7.87
C ASP C 190 -15.21 21.56 -8.81
N SER C 191 -15.20 22.60 -9.63
CA SER C 191 -14.13 22.80 -10.61
C SER C 191 -12.92 23.49 -9.99
N VAL C 192 -13.18 24.41 -9.07
CA VAL C 192 -12.11 25.13 -8.39
C VAL C 192 -11.30 24.20 -7.50
N PHE C 193 -11.89 23.06 -7.16
CA PHE C 193 -11.23 22.07 -6.30
C PHE C 193 -10.13 21.33 -7.04
N TYR C 194 -10.41 20.92 -8.27
CA TYR C 194 -9.44 20.16 -9.07
C TYR C 194 -8.36 21.05 -9.65
N ASN C 195 -8.76 22.24 -10.11
CA ASN C 195 -7.81 23.18 -10.69
C ASN C 195 -6.80 23.67 -9.67
N THR C 196 -7.22 23.81 -8.43
CA THR C 196 -6.31 24.19 -7.34
C THR C 196 -5.51 22.98 -6.88
N PHE C 197 -6.15 21.82 -6.85
CA PHE C 197 -5.48 20.58 -6.47
C PHE C 197 -4.40 20.23 -7.49
N SER C 198 -4.70 20.50 -8.77
CA SER C 198 -3.73 20.31 -9.83
C SER C 198 -2.56 21.27 -9.66
N GLY C 199 -2.85 22.41 -9.05
CA GLY C 199 -1.83 23.41 -8.78
C GLY C 199 -0.87 22.96 -7.69
N TYR C 200 -1.42 22.38 -6.63
CA TYR C 200 -0.59 21.84 -5.55
C TYR C 200 -0.05 20.45 -5.91
N LEU C 201 -0.54 19.90 -7.01
CA LEU C 201 0.02 18.65 -7.55
C LEU C 201 1.23 18.98 -8.40
N HIS C 202 1.15 20.10 -9.11
CA HIS C 202 2.30 20.62 -9.84
C HIS C 202 3.46 20.83 -8.86
N ALA C 203 3.11 21.17 -7.62
CA ALA C 203 4.10 21.45 -6.58
C ALA C 203 4.92 20.24 -6.18
N LEU C 204 4.59 19.08 -6.74
CA LEU C 204 5.37 17.87 -6.53
C LEU C 204 5.72 17.22 -7.86
N GLN C 205 5.90 18.03 -8.89
CA GLN C 205 6.18 17.54 -10.23
C GLN C 205 7.47 16.71 -10.25
N PRO C 206 7.61 15.81 -11.22
CA PRO C 206 8.76 14.89 -11.28
C PRO C 206 10.12 15.58 -11.25
N PHE C 207 10.16 16.87 -11.60
CA PHE C 207 11.41 17.63 -11.61
C PHE C 207 12.05 17.59 -10.22
N ALA C 208 11.47 18.32 -9.28
CA ALA C 208 11.91 18.26 -7.89
C ALA C 208 11.35 17.00 -7.25
N PHE C 209 11.99 16.54 -6.17
CA PHE C 209 11.58 15.31 -5.51
C PHE C 209 11.55 14.15 -6.50
N PRO C 210 12.73 13.71 -6.97
CA PRO C 210 12.81 12.63 -7.96
C PRO C 210 12.15 11.33 -7.51
N GLY C 211 12.17 11.09 -6.21
CA GLY C 211 11.62 9.85 -5.66
C GLY C 211 10.12 9.74 -5.84
N PHE C 212 9.44 10.89 -5.87
CA PHE C 212 7.99 10.91 -5.99
C PHE C 212 7.53 10.80 -7.45
N SER C 213 8.49 10.64 -8.35
CA SER C 213 8.21 10.62 -9.79
C SER C 213 7.13 9.59 -10.17
N PHE C 214 7.35 8.34 -9.78
CA PHE C 214 6.39 7.28 -10.09
C PHE C 214 5.07 7.48 -9.35
N ALA C 215 5.16 7.95 -8.12
CA ALA C 215 3.98 8.18 -7.30
C ALA C 215 3.17 9.36 -7.84
N TRP C 216 3.82 10.22 -8.62
CA TRP C 216 3.18 11.40 -9.18
C TRP C 216 2.36 11.05 -10.42
N VAL C 217 2.90 10.12 -11.22
CA VAL C 217 2.22 9.69 -12.44
C VAL C 217 0.95 8.92 -12.09
N THR C 218 1.02 8.08 -11.06
CA THR C 218 -0.13 7.32 -10.61
C THR C 218 -1.21 8.24 -10.05
N LEU C 219 -0.78 9.40 -9.55
CA LEU C 219 -1.72 10.41 -9.07
C LEU C 219 -2.37 11.14 -10.23
N LEU C 220 -1.60 11.37 -11.28
CA LEU C 220 -2.13 12.00 -12.49
C LEU C 220 -3.08 11.03 -13.18
N SER C 221 -2.62 9.80 -13.36
CA SER C 221 -3.43 8.77 -14.00
C SER C 221 -4.38 8.10 -13.01
N HIS C 222 -4.71 8.81 -11.94
CA HIS C 222 -5.65 8.30 -10.94
C HIS C 222 -7.03 8.17 -11.57
N ARG C 223 -7.70 7.07 -11.25
CA ARG C 223 -9.00 6.75 -11.86
C ARG C 223 -10.08 7.77 -11.51
N MET C 224 -9.81 8.61 -10.52
CA MET C 224 -10.77 9.62 -10.08
C MET C 224 -10.40 11.03 -10.52
N LEU C 225 -9.15 11.23 -10.91
CA LEU C 225 -8.67 12.55 -11.28
C LEU C 225 -8.76 12.81 -12.79
N LEU C 226 -8.06 11.99 -13.57
CA LEU C 226 -7.92 12.23 -15.00
C LEU C 226 -9.23 12.16 -15.79
N PRO C 227 -10.05 11.11 -15.57
CA PRO C 227 -11.23 10.94 -16.42
C PRO C 227 -12.25 12.07 -16.32
N ILE C 228 -12.52 12.55 -15.11
CA ILE C 228 -13.57 13.54 -14.89
C ILE C 228 -13.13 14.95 -15.28
N MET C 229 -11.86 15.26 -15.05
CA MET C 229 -11.33 16.58 -15.42
C MET C 229 -11.43 16.79 -16.92
N LEU C 230 -11.24 15.71 -17.68
CA LEU C 230 -11.42 15.75 -19.11
C LEU C 230 -12.89 15.91 -19.47
N ARG C 231 -13.76 15.35 -18.62
CA ARG C 231 -15.20 15.37 -18.84
C ARG C 231 -15.85 16.59 -18.20
N LEU C 232 -15.06 17.47 -17.60
CA LEU C 232 -15.59 18.68 -16.99
C LEU C 232 -16.27 19.54 -18.04
N PRO C 233 -17.26 20.36 -17.63
CA PRO C 233 -18.08 21.13 -18.58
C PRO C 233 -17.28 22.10 -19.43
N ASN C 234 -17.37 21.92 -20.76
CA ASN C 234 -16.76 22.84 -21.72
C ASN C 234 -15.25 23.01 -21.57
N LYS C 235 -14.58 21.91 -21.20
CA LYS C 235 -13.11 21.88 -21.22
C LYS C 235 -12.47 22.92 -20.30
N ILE C 236 -12.92 22.97 -19.05
CA ILE C 236 -12.39 23.94 -18.09
C ILE C 236 -11.19 23.37 -17.34
N GLY C 237 -11.20 22.07 -17.10
CA GLY C 237 -10.10 21.41 -16.43
C GLY C 237 -8.89 21.22 -17.33
N TRP C 238 -9.12 21.34 -18.63
CA TRP C 238 -8.07 21.15 -19.63
C TRP C 238 -6.93 22.15 -19.43
N GLU C 239 -7.25 23.29 -18.83
CA GLU C 239 -6.26 24.32 -18.57
C GLU C 239 -5.14 23.79 -17.67
N LYS C 240 -5.53 23.12 -16.59
CA LYS C 240 -4.58 22.63 -15.61
C LYS C 240 -4.06 21.23 -15.95
N LEU C 241 -4.80 20.49 -16.76
CA LEU C 241 -4.34 19.17 -17.19
C LEU C 241 -3.12 19.30 -18.10
N MET C 242 -3.14 20.31 -18.96
CA MET C 242 -2.01 20.59 -19.84
C MET C 242 -0.77 20.97 -19.04
N LEU C 243 -0.98 21.60 -17.90
CA LEU C 243 0.13 22.03 -17.06
C LEU C 243 0.88 20.81 -16.51
N LEU C 244 0.14 19.78 -16.11
CA LEU C 244 0.74 18.58 -15.54
C LEU C 244 1.50 17.77 -16.60
N ILE C 245 0.89 17.61 -17.77
CA ILE C 245 1.50 16.84 -18.84
C ILE C 245 2.77 17.53 -19.36
N ILE C 246 2.74 18.86 -19.46
CA ILE C 246 3.90 19.60 -19.89
C ILE C 246 5.04 19.43 -18.88
N ASP C 247 4.71 19.51 -17.60
CA ASP C 247 5.67 19.23 -16.54
C ASP C 247 6.23 17.82 -16.70
N LEU C 248 5.38 16.92 -17.17
CA LEU C 248 5.77 15.54 -17.39
C LEU C 248 6.64 15.41 -18.64
N PHE C 249 6.44 16.30 -19.59
CA PHE C 249 7.23 16.32 -20.82
C PHE C 249 8.59 16.98 -20.61
N LYS C 250 8.60 18.13 -19.94
CA LYS C 250 9.83 18.87 -19.70
C LYS C 250 10.86 18.02 -18.96
N PHE C 251 10.37 17.08 -18.16
CA PHE C 251 11.24 16.17 -17.42
C PHE C 251 11.92 15.20 -18.37
N LEU C 252 11.20 14.80 -19.41
CA LEU C 252 11.73 13.83 -20.37
C LEU C 252 12.79 14.46 -21.28
N ASP C 253 12.89 15.78 -21.26
CA ASP C 253 13.89 16.48 -22.06
C ASP C 253 15.28 16.30 -21.46
N ASP C 263 18.07 5.19 -14.78
CA ASP C 263 17.49 6.52 -14.75
C ASP C 263 16.00 6.47 -14.44
N ALA C 264 15.51 7.50 -13.76
CA ALA C 264 14.10 7.57 -13.39
C ALA C 264 13.24 8.03 -14.56
N VAL C 265 13.89 8.41 -15.66
CA VAL C 265 13.17 8.88 -16.85
C VAL C 265 12.39 7.73 -17.49
N SER C 266 12.96 6.53 -17.43
CA SER C 266 12.31 5.35 -18.02
C SER C 266 10.97 5.06 -17.37
N VAL C 267 10.83 5.43 -16.10
CA VAL C 267 9.60 5.21 -15.36
C VAL C 267 8.54 6.24 -15.75
N VAL C 268 8.98 7.50 -15.90
CA VAL C 268 8.08 8.58 -16.25
C VAL C 268 7.56 8.41 -17.68
N TYR C 269 8.46 8.11 -18.61
CA TYR C 269 8.12 8.00 -20.02
C TYR C 269 7.04 6.95 -20.28
N LYS C 270 7.20 5.77 -19.71
CA LYS C 270 6.21 4.70 -19.90
C LYS C 270 4.98 4.97 -19.03
N GLY C 271 5.17 5.73 -17.96
CA GLY C 271 4.07 6.20 -17.15
C GLY C 271 3.33 7.30 -17.89
N THR C 272 4.05 8.01 -18.74
CA THR C 272 3.48 9.07 -19.56
C THR C 272 2.68 8.49 -20.72
N LEU C 273 3.22 7.44 -21.33
CA LEU C 273 2.63 6.86 -22.53
C LEU C 273 1.25 6.27 -22.28
N ARG C 274 1.08 5.63 -21.14
CA ARG C 274 -0.19 4.97 -20.83
C ARG C 274 -1.28 5.98 -20.49
N ILE C 275 -0.88 7.25 -20.30
CA ILE C 275 -1.85 8.32 -20.06
C ILE C 275 -2.38 8.84 -21.39
N ILE C 276 -1.46 9.24 -22.27
CA ILE C 276 -1.83 9.79 -23.58
C ILE C 276 -2.71 8.80 -24.34
N LEU C 277 -2.37 7.52 -24.25
CA LEU C 277 -3.17 6.47 -24.86
C LEU C 277 -4.51 6.36 -24.15
N GLY C 278 -4.50 6.55 -22.83
CA GLY C 278 -5.71 6.53 -22.03
C GLY C 278 -6.62 7.68 -22.42
N ILE C 279 -6.02 8.84 -22.67
CA ILE C 279 -6.76 10.02 -23.10
C ILE C 279 -7.28 9.83 -24.52
N SER C 280 -6.47 9.20 -25.36
CA SER C 280 -6.83 8.99 -26.77
C SER C 280 -8.08 8.13 -26.89
N ASN C 281 -8.25 7.20 -25.96
CA ASN C 281 -9.43 6.34 -25.95
C ASN C 281 -10.62 7.00 -25.26
N ASP C 282 -10.35 7.77 -24.21
CA ASP C 282 -11.39 8.42 -23.44
C ASP C 282 -11.87 9.69 -24.14
N MET C 283 -11.03 10.73 -24.13
CA MET C 283 -11.34 12.00 -24.76
C MET C 283 -10.25 12.36 -25.77
N PRO C 284 -10.39 11.89 -27.02
CA PRO C 284 -9.36 12.15 -28.03
C PRO C 284 -9.26 13.62 -28.42
N SER C 285 -10.36 14.35 -28.26
CA SER C 285 -10.41 15.77 -28.61
C SER C 285 -9.33 16.58 -27.89
N PHE C 286 -8.97 16.10 -26.70
CA PHE C 286 -7.94 16.75 -25.90
C PHE C 286 -6.60 16.77 -26.63
N LEU C 287 -6.35 15.73 -27.42
CA LEU C 287 -5.11 15.61 -28.18
C LEU C 287 -5.22 16.33 -29.51
N ILE C 288 -6.44 16.51 -29.99
CA ILE C 288 -6.68 17.20 -31.25
C ILE C 288 -6.53 18.71 -31.09
N GLU C 289 -7.25 19.26 -30.11
CA GLU C 289 -7.30 20.71 -29.92
C GLU C 289 -5.98 21.27 -29.40
N ASN C 290 -5.42 20.62 -28.37
CA ASN C 290 -4.20 21.10 -27.74
C ASN C 290 -2.94 20.54 -28.40
N HIS C 291 -3.06 20.09 -29.66
CA HIS C 291 -1.92 19.53 -30.36
C HIS C 291 -0.82 20.56 -30.54
N TYR C 292 -1.20 21.83 -30.62
CA TYR C 292 -0.23 22.92 -30.76
C TYR C 292 0.64 23.05 -29.52
N GLU C 293 0.01 23.14 -28.36
CA GLU C 293 0.73 23.30 -27.10
C GLU C 293 1.56 22.08 -26.75
N LEU C 294 1.17 20.92 -27.28
CA LEU C 294 1.85 19.67 -26.99
C LEU C 294 3.15 19.53 -27.78
N MET C 295 3.05 19.75 -29.09
CA MET C 295 4.22 19.60 -29.97
C MET C 295 5.33 20.58 -29.61
N ASN C 296 4.97 21.69 -29.00
CA ASN C 296 5.95 22.71 -28.61
C ASN C 296 6.90 22.19 -27.52
N ASN C 297 6.32 21.68 -26.43
CA ASN C 297 7.11 21.24 -25.29
C ASN C 297 7.56 19.78 -25.39
N LEU C 298 7.27 19.16 -26.52
CA LEU C 298 7.62 17.75 -26.73
C LEU C 298 8.94 17.63 -27.50
N PRO C 299 9.94 16.95 -26.91
CA PRO C 299 11.20 16.75 -27.65
C PRO C 299 10.99 15.97 -28.95
N PRO C 300 11.75 16.31 -30.01
CA PRO C 300 11.57 15.65 -31.31
C PRO C 300 12.11 14.22 -31.33
N THR C 301 12.91 13.87 -30.33
CA THR C 301 13.53 12.54 -30.27
C THR C 301 12.50 11.43 -30.08
N TYR C 302 11.32 11.80 -29.59
CA TYR C 302 10.25 10.84 -29.32
C TYR C 302 9.29 10.75 -30.50
N PHE C 303 9.51 9.76 -31.36
CA PHE C 303 8.68 9.56 -32.54
C PHE C 303 7.39 8.83 -32.18
N GLN C 304 7.49 7.86 -31.29
CA GLN C 304 6.33 7.06 -30.88
C GLN C 304 5.32 7.93 -30.14
N LEU C 305 5.80 8.68 -29.16
CA LEU C 305 4.94 9.53 -28.35
C LEU C 305 4.34 10.67 -29.17
N LYS C 306 4.97 10.96 -30.31
CA LYS C 306 4.47 12.01 -31.20
C LYS C 306 3.22 11.56 -31.94
N ASN C 307 3.37 10.50 -32.74
CA ASN C 307 2.30 10.03 -33.62
C ASN C 307 0.99 9.72 -32.88
N VAL C 308 1.11 9.14 -31.69
CA VAL C 308 -0.08 8.75 -30.92
C VAL C 308 -0.96 9.95 -30.60
N ILE C 309 -0.37 11.13 -30.55
CA ILE C 309 -1.11 12.35 -30.27
C ILE C 309 -1.83 12.84 -31.53
N LEU C 310 -1.12 12.81 -32.66
CA LEU C 310 -1.68 13.26 -33.92
C LEU C 310 -2.58 12.19 -34.53
N SER C 311 -2.33 10.93 -34.19
CA SER C 311 -3.10 9.82 -34.72
C SER C 311 -4.45 9.68 -34.02
N ALA C 312 -4.67 10.48 -32.99
CA ALA C 312 -5.92 10.45 -32.25
C ALA C 312 -7.09 10.83 -33.16
N ILE C 313 -8.25 10.27 -32.88
CA ILE C 313 -9.45 10.53 -33.68
C ILE C 313 -10.69 10.60 -32.80
N PRO C 314 -11.68 11.42 -33.19
CA PRO C 314 -12.92 11.48 -32.42
C PRO C 314 -13.65 10.14 -32.39
N LYS C 315 -14.42 9.90 -31.34
CA LYS C 315 -15.06 8.60 -31.12
C LYS C 315 -16.10 8.26 -32.19
N ASN C 316 -17.04 9.18 -32.39
CA ASN C 316 -18.17 8.94 -33.29
C ASN C 316 -17.74 8.71 -34.74
N MET C 317 -16.61 9.29 -35.13
CA MET C 317 -16.14 9.25 -36.51
C MET C 317 -15.48 7.92 -36.85
N THR C 318 -15.62 7.51 -38.10
CA THR C 318 -14.93 6.33 -38.63
C THR C 318 -14.31 6.68 -39.98
N VAL C 319 -13.13 6.15 -40.26
CA VAL C 319 -12.36 6.51 -41.44
C VAL C 319 -12.19 5.33 -42.41
N PRO C 320 -12.06 5.65 -43.71
CA PRO C 320 -11.80 4.61 -44.74
C PRO C 320 -10.35 4.13 -44.72
N ASN C 321 -10.09 2.99 -45.35
CA ASN C 321 -8.75 2.44 -45.43
C ASN C 321 -7.83 3.36 -46.25
N PRO C 322 -6.80 3.94 -45.61
CA PRO C 322 -5.92 4.88 -46.32
C PRO C 322 -5.04 4.21 -47.37
N TYR C 323 -4.74 2.93 -47.16
CA TYR C 323 -3.82 2.20 -48.03
C TYR C 323 -4.46 1.86 -49.38
N ASP C 324 -5.76 2.12 -49.51
CA ASP C 324 -6.47 1.89 -50.76
C ASP C 324 -6.73 3.20 -51.49
N VAL C 325 -6.53 3.20 -52.81
CA VAL C 325 -6.73 4.39 -53.62
C VAL C 325 -8.22 4.71 -53.72
N LEU C 327 -7.38 9.61 -53.22
CA LEU C 327 -7.58 10.78 -54.07
C LEU C 327 -9.05 11.18 -54.11
N ASN C 328 -9.32 12.36 -54.66
CA ASN C 328 -10.68 12.88 -54.73
C ASN C 328 -11.32 12.97 -53.36
N MET C 329 -10.63 13.62 -52.42
CA MET C 329 -11.11 13.76 -51.05
C MET C 329 -12.34 14.66 -50.99
N GLU C 330 -12.61 15.37 -52.08
CA GLU C 330 -13.79 16.23 -52.15
C GLU C 330 -15.07 15.42 -52.00
N ASP C 331 -15.01 14.15 -52.39
CA ASP C 331 -16.15 13.25 -52.24
C ASP C 331 -16.45 13.02 -50.76
N ILE C 332 -15.40 13.05 -49.95
CA ILE C 332 -15.55 12.86 -48.51
C ILE C 332 -16.03 14.16 -47.86
N PRO C 333 -17.17 14.13 -47.15
CA PRO C 333 -17.68 15.35 -46.51
C PRO C 333 -17.04 15.62 -45.14
N ALA C 334 -16.38 14.61 -44.58
CA ALA C 334 -15.81 14.72 -43.24
C ALA C 334 -14.61 15.66 -43.20
N CYS C 335 -13.77 15.62 -44.23
CA CYS C 335 -12.56 16.44 -44.27
C CYS C 335 -12.87 17.89 -44.64
N LYS C 336 -14.13 18.18 -44.93
CA LYS C 336 -14.55 19.54 -45.24
C LYS C 336 -14.68 20.37 -43.97
N GLU C 337 -14.92 19.70 -42.84
CA GLU C 337 -15.10 20.39 -41.57
C GLU C 337 -13.79 20.99 -41.06
N LEU C 338 -13.90 21.86 -40.07
CA LEU C 338 -12.74 22.52 -39.48
C LEU C 338 -12.41 21.91 -38.12
N PRO C 339 -11.13 21.58 -37.87
CA PRO C 339 -10.75 21.02 -36.57
C PRO C 339 -10.65 22.08 -35.48
N GLU C 340 -11.26 21.82 -34.33
CA GLU C 340 -11.23 22.77 -33.22
C GLU C 340 -9.83 22.87 -32.61
N VAL C 341 -9.47 24.07 -32.17
CA VAL C 341 -8.18 24.33 -31.53
C VAL C 341 -8.41 25.11 -30.24
N PHE C 342 -7.84 24.63 -29.14
CA PHE C 342 -8.01 25.27 -27.85
C PHE C 342 -7.01 26.41 -27.66
N PHE C 343 -5.80 26.24 -28.19
CA PHE C 343 -4.74 27.23 -28.07
C PHE C 343 -4.52 27.97 -29.39
N ASP C 344 -5.01 29.19 -29.48
CA ASP C 344 -4.85 30.01 -30.68
C ASP C 344 -3.39 30.46 -30.80
N PRO C 345 -2.70 30.07 -31.88
CA PRO C 345 -1.28 30.38 -31.99
C PRO C 345 -0.97 31.85 -32.28
N VAL C 346 -2.00 32.68 -32.43
CA VAL C 346 -1.79 34.09 -32.76
C VAL C 346 -1.24 34.86 -31.55
N ILE C 347 -1.49 34.35 -30.36
CA ILE C 347 -0.97 34.98 -29.14
C ILE C 347 0.55 34.84 -29.11
N ASP C 348 1.04 33.63 -29.33
CA ASP C 348 2.47 33.37 -29.33
C ASP C 348 3.14 33.93 -30.58
N LEU C 349 2.33 34.42 -31.52
CA LEU C 349 2.85 35.07 -32.71
C LEU C 349 3.30 36.49 -32.37
N HIS C 350 2.72 37.03 -31.30
CA HIS C 350 3.11 38.33 -30.75
C HIS C 350 2.98 39.46 -31.78
N SER C 351 4.11 39.96 -32.27
CA SER C 351 4.13 41.15 -33.11
C SER C 351 3.93 40.84 -34.59
N LEU C 352 4.09 39.57 -34.95
CA LEU C 352 4.00 39.16 -36.35
C LEU C 352 2.54 38.96 -36.79
N LYS C 353 1.60 39.26 -35.90
CA LYS C 353 0.19 39.15 -36.22
C LYS C 353 -0.18 40.09 -37.36
N LYS C 354 0.30 41.32 -37.28
CA LYS C 354 0.01 42.35 -38.28
C LYS C 354 0.57 42.01 -39.66
N PRO C 355 1.90 41.87 -39.79
CA PRO C 355 2.50 41.68 -41.11
C PRO C 355 2.09 40.38 -41.79
N VAL C 356 1.91 39.30 -41.02
CA VAL C 356 1.49 38.04 -41.59
C VAL C 356 0.07 38.15 -42.15
N ASP C 357 -0.85 38.66 -41.34
CA ASP C 357 -2.23 38.84 -41.78
C ASP C 357 -2.31 39.68 -43.04
N ASN C 358 -1.53 40.77 -43.08
CA ASN C 358 -1.49 41.64 -44.24
C ASN C 358 -0.93 40.92 -45.47
N TYR C 359 -0.05 39.95 -45.23
CA TYR C 359 0.54 39.17 -46.31
C TYR C 359 -0.48 38.15 -46.83
N LEU C 360 -1.28 37.61 -45.92
CA LEU C 360 -2.35 36.69 -46.29
C LEU C 360 -3.40 37.41 -47.13
N ARG C 361 -3.54 38.72 -46.89
CA ARG C 361 -4.46 39.54 -47.66
C ARG C 361 -3.89 39.78 -49.07
N ILE C 362 -2.61 40.13 -49.14
CA ILE C 362 -1.95 40.35 -50.42
C ILE C 362 -0.48 39.91 -50.38
N PRO C 363 -0.02 39.19 -51.42
CA PRO C 363 1.40 38.84 -51.46
C PRO C 363 2.26 40.04 -51.85
N SER C 364 3.41 40.19 -51.22
CA SER C 364 4.30 41.31 -51.51
C SER C 364 5.74 40.99 -51.12
N ASN C 365 6.66 41.28 -52.02
CA ASN C 365 8.08 41.03 -51.78
C ASN C 365 8.60 41.84 -50.60
N SER C 366 8.02 43.01 -50.38
CA SER C 366 8.41 43.87 -49.27
C SER C 366 7.95 43.28 -47.95
N LEU C 367 6.73 42.74 -47.94
CA LEU C 367 6.17 42.11 -46.75
C LEU C 367 6.82 40.75 -46.51
N LEU C 368 7.45 40.20 -47.56
CA LEU C 368 8.13 38.91 -47.46
C LEU C 368 9.56 39.11 -46.94
N ARG C 369 10.14 40.25 -47.26
CA ARG C 369 11.51 40.55 -46.85
C ARG C 369 11.59 40.89 -45.36
N THR C 370 10.52 41.47 -44.82
CA THR C 370 10.50 41.91 -43.43
C THR C 370 10.26 40.74 -42.47
N ILE C 371 9.42 39.80 -42.87
CA ILE C 371 9.07 38.68 -42.01
C ILE C 371 10.28 37.75 -41.82
N LEU C 372 11.10 37.65 -42.85
CA LEU C 372 12.32 36.84 -42.78
C LEU C 372 13.32 37.46 -41.82
N SER C 373 13.40 38.78 -41.83
CA SER C 373 14.32 39.51 -40.96
C SER C 373 13.99 39.25 -39.49
N ALA C 374 12.70 39.12 -39.20
CA ALA C 374 12.24 38.87 -37.84
C ALA C 374 12.70 37.49 -37.36
N ILE C 375 12.56 36.50 -38.23
CA ILE C 375 12.96 35.14 -37.89
C ILE C 375 14.48 35.05 -37.77
N TYR C 376 15.18 35.70 -38.69
CA TYR C 376 16.64 35.73 -38.62
C TYR C 376 17.10 36.44 -37.36
N LYS C 377 16.39 37.52 -37.00
CA LYS C 377 16.72 38.28 -35.80
C LYS C 377 16.45 37.47 -34.54
N ASP C 378 15.39 36.66 -34.58
CA ASP C 378 15.00 35.86 -33.44
C ASP C 378 15.94 34.68 -33.21
N THR C 379 16.41 34.08 -34.31
CA THR C 379 17.15 32.83 -34.25
C THR C 379 18.67 33.01 -34.38
N TYR C 380 19.14 34.25 -34.18
CA TYR C 380 20.57 34.54 -34.25
C TYR C 380 20.97 35.64 -33.27
N ASP C 381 20.45 36.84 -33.48
CA ASP C 381 20.82 37.99 -32.66
C ASP C 381 20.36 37.84 -31.21
N ILE C 382 19.11 37.45 -31.02
CA ILE C 382 18.52 37.28 -29.70
C ILE C 382 18.23 35.81 -29.45
N LYS C 383 17.72 35.48 -28.27
CA LYS C 383 17.41 34.11 -27.90
C LYS C 383 18.65 33.24 -27.99
N LYS C 384 19.63 33.53 -27.14
CA LYS C 384 20.85 32.74 -27.08
C LYS C 384 20.74 31.72 -25.96
N GLY C 385 20.67 30.45 -26.34
CA GLY C 385 20.57 29.36 -25.39
C GLY C 385 21.95 28.80 -25.08
N VAL C 386 21.98 27.60 -24.50
CA VAL C 386 23.23 26.95 -24.12
C VAL C 386 23.35 25.56 -24.71
N GLY C 387 24.56 25.22 -25.16
CA GLY C 387 24.88 23.89 -25.61
C GLY C 387 24.12 23.45 -26.85
N TYR C 388 23.46 22.30 -26.75
CA TYR C 388 22.68 21.76 -27.86
C TYR C 388 21.61 22.76 -28.27
N ASP C 389 21.25 22.73 -29.55
CA ASP C 389 20.34 23.69 -30.17
C ASP C 389 20.69 25.13 -29.77
N PHE C 390 21.97 25.45 -29.77
CA PHE C 390 22.42 26.83 -29.62
C PHE C 390 22.11 27.59 -30.90
N LEU C 391 21.65 28.82 -30.78
CA LEU C 391 21.12 29.58 -31.91
C LEU C 391 20.01 28.78 -32.58
N SER C 392 19.04 28.36 -31.77
CA SER C 392 17.94 27.54 -32.24
C SER C 392 17.05 28.30 -33.20
N VAL C 393 16.49 27.59 -34.18
CA VAL C 393 15.34 28.09 -34.91
C VAL C 393 14.12 27.79 -34.04
N ASP C 394 13.41 28.84 -33.63
CA ASP C 394 12.35 28.69 -32.66
C ASP C 394 11.23 27.81 -33.20
N SER C 395 11.29 26.51 -32.88
CA SER C 395 10.28 25.56 -33.30
C SER C 395 8.90 25.98 -32.83
N LYS C 396 8.85 26.70 -31.72
CA LYS C 396 7.59 27.20 -31.18
C LYS C 396 6.99 28.27 -32.08
N LEU C 397 7.85 29.12 -32.63
CA LEU C 397 7.42 30.21 -33.49
C LEU C 397 7.00 29.70 -34.87
N ILE C 398 7.86 28.88 -35.47
CA ILE C 398 7.61 28.35 -36.81
C ILE C 398 6.31 27.55 -36.84
N ARG C 399 6.08 26.74 -35.80
CA ARG C 399 4.89 25.92 -35.72
C ARG C 399 3.64 26.78 -35.64
N ALA C 400 3.75 27.92 -34.96
CA ALA C 400 2.64 28.85 -34.80
C ALA C 400 2.28 29.51 -36.13
N ILE C 401 3.31 29.87 -36.89
CA ILE C 401 3.11 30.51 -38.19
C ILE C 401 2.40 29.57 -39.16
N VAL C 402 2.96 28.38 -39.34
CA VAL C 402 2.40 27.39 -40.27
C VAL C 402 0.97 27.04 -39.86
N LEU C 403 0.73 26.95 -38.56
CA LEU C 403 -0.59 26.63 -38.05
C LEU C 403 -1.56 27.79 -38.29
N HIS C 404 -1.07 29.02 -38.12
CA HIS C 404 -1.89 30.21 -38.30
C HIS C 404 -2.39 30.32 -39.74
N VAL C 405 -1.52 29.98 -40.69
CA VAL C 405 -1.88 30.00 -42.10
C VAL C 405 -2.96 28.95 -42.37
N GLY C 406 -2.84 27.82 -41.70
CA GLY C 406 -3.81 26.74 -41.82
C GLY C 406 -5.19 27.16 -41.35
N ILE C 407 -5.23 27.84 -40.21
CA ILE C 407 -6.50 28.30 -39.65
C ILE C 407 -7.16 29.32 -40.57
N GLU C 408 -6.40 30.36 -40.93
CA GLU C 408 -6.91 31.42 -41.80
C GLU C 408 -7.35 30.85 -43.15
N ALA C 409 -6.70 29.77 -43.58
CA ALA C 409 -7.08 29.11 -44.81
C ALA C 409 -8.45 28.44 -44.68
N GLY C 410 -8.73 27.96 -43.48
CA GLY C 410 -10.01 27.32 -43.20
C GLY C 410 -11.16 28.31 -43.19
N ILE C 411 -10.88 29.53 -42.73
CA ILE C 411 -11.89 30.58 -42.67
C ILE C 411 -12.28 31.02 -44.09
N GLU C 412 -11.31 30.99 -45.00
CA GLU C 412 -11.54 31.34 -46.39
C GLU C 412 -12.50 30.35 -47.04
N TYR C 413 -12.69 29.20 -46.40
CA TYR C 413 -13.54 28.15 -46.95
C TYR C 413 -15.02 28.44 -46.68
N LYS C 414 -15.33 28.88 -45.47
CA LYS C 414 -16.70 29.24 -45.10
C LYS C 414 -17.15 30.47 -45.88
N ARG C 415 -16.18 31.32 -46.20
CA ARG C 415 -16.38 32.47 -47.09
C ARG C 415 -16.31 31.95 -48.52
N THR C 416 -16.14 32.85 -49.50
CA THR C 416 -16.23 32.49 -50.90
C THR C 416 -15.41 31.22 -51.19
N SER C 417 -16.06 30.26 -51.82
CA SER C 417 -15.61 28.87 -51.83
C SER C 417 -14.62 28.54 -52.94
N SER C 418 -13.67 27.67 -52.63
CA SER C 418 -12.70 27.18 -53.60
C SER C 418 -11.82 28.30 -54.13
N PHE C 422 -7.95 26.21 -53.18
CA PHE C 422 -6.71 25.51 -53.51
C PHE C 422 -6.11 26.02 -54.80
N ASN C 423 -4.83 26.40 -54.75
CA ASN C 423 -4.12 26.93 -55.91
C ASN C 423 -2.66 27.18 -55.55
N THR C 424 -1.82 27.32 -56.57
CA THR C 424 -0.41 27.61 -56.38
C THR C 424 -0.22 29.12 -56.16
N LYS C 425 -1.02 29.91 -56.85
CA LYS C 425 -0.95 31.36 -56.75
C LYS C 425 -1.68 31.87 -55.50
N SER C 426 -2.32 30.96 -54.77
CA SER C 426 -3.02 31.32 -53.56
C SER C 426 -2.06 31.88 -52.52
N SER C 427 -2.48 32.94 -51.83
CA SER C 427 -1.62 33.62 -50.86
C SER C 427 -1.18 32.69 -49.74
N TYR C 428 -2.07 31.79 -49.33
CA TYR C 428 -1.79 30.87 -48.24
C TYR C 428 -0.70 29.88 -48.61
N TYR C 429 -0.64 29.52 -49.89
CA TYR C 429 0.40 28.63 -50.39
C TYR C 429 1.64 29.43 -50.77
N THR C 430 1.41 30.62 -51.32
CA THR C 430 2.50 31.49 -51.76
C THR C 430 3.44 31.83 -50.61
N LEU C 431 2.85 32.07 -49.43
CA LEU C 431 3.63 32.45 -48.25
C LEU C 431 4.56 31.34 -47.80
N LEU C 432 3.99 30.18 -47.50
CA LEU C 432 4.76 29.05 -46.98
C LEU C 432 5.86 28.63 -47.95
N PHE C 433 5.60 28.81 -49.24
CA PHE C 433 6.57 28.43 -50.26
C PHE C 433 7.78 29.37 -50.28
N ASN C 434 7.55 30.64 -49.98
CA ASN C 434 8.62 31.64 -50.00
C ASN C 434 9.59 31.50 -48.84
N LEU C 435 9.04 31.32 -47.64
CA LEU C 435 9.86 31.21 -46.43
C LEU C 435 10.85 30.05 -46.55
N ILE C 436 10.41 28.97 -47.17
CA ILE C 436 11.27 27.82 -47.41
C ILE C 436 12.38 28.19 -48.38
N GLN C 437 12.02 28.84 -49.47
CA GLN C 437 12.98 29.18 -50.52
C GLN C 437 14.01 30.20 -50.05
N ASN C 438 13.63 31.03 -49.09
CA ASN C 438 14.52 32.07 -48.56
C ASN C 438 15.03 31.74 -47.16
N GLY C 439 14.47 30.72 -46.52
CA GLY C 439 14.87 30.33 -45.19
C GLY C 439 16.10 29.45 -45.21
N SER C 440 16.84 29.45 -44.10
CA SER C 440 18.04 28.63 -43.99
C SER C 440 17.68 27.15 -43.89
N ILE C 441 18.70 26.29 -43.85
CA ILE C 441 18.49 24.84 -43.85
C ILE C 441 17.62 24.41 -42.67
N GLU C 442 18.07 24.74 -41.45
CA GLU C 442 17.33 24.39 -40.25
C GLU C 442 15.95 25.06 -40.26
N MET C 443 15.86 26.20 -40.93
CA MET C 443 14.61 26.93 -41.03
C MET C 443 13.63 26.18 -41.92
N LYS C 444 14.13 25.66 -43.04
CA LYS C 444 13.32 24.86 -43.94
C LYS C 444 12.86 23.58 -43.25
N TYR C 445 13.72 23.05 -42.38
CA TYR C 445 13.43 21.82 -41.65
C TYR C 445 12.21 21.97 -40.75
N GLN C 446 12.15 23.07 -40.03
CA GLN C 446 11.07 23.30 -39.07
C GLN C 446 9.74 23.57 -39.76
N ILE C 447 9.78 24.19 -40.93
CA ILE C 447 8.57 24.47 -41.69
C ILE C 447 7.91 23.17 -42.14
N ILE C 448 8.69 22.34 -42.84
CA ILE C 448 8.18 21.08 -43.36
C ILE C 448 7.71 20.17 -42.22
N LEU C 449 8.47 20.15 -41.13
CA LEU C 449 8.10 19.38 -39.95
C LEU C 449 6.74 19.81 -39.42
N SER C 450 6.56 21.13 -39.32
CA SER C 450 5.31 21.70 -38.83
C SER C 450 4.15 21.34 -39.75
N ILE C 451 4.41 21.34 -41.06
CA ILE C 451 3.38 21.02 -42.05
C ILE C 451 2.91 19.57 -41.90
N VAL C 452 3.86 18.66 -41.79
CA VAL C 452 3.56 17.24 -41.68
C VAL C 452 2.78 16.93 -40.40
N GLU C 453 3.09 17.64 -39.32
CA GLU C 453 2.41 17.42 -38.04
C GLU C 453 0.91 17.67 -38.11
N GLN C 454 0.49 18.58 -38.98
CA GLN C 454 -0.92 18.94 -39.09
C GLN C 454 -1.73 17.85 -39.79
N LEU C 455 -1.05 16.98 -40.52
CA LEU C 455 -1.72 15.87 -41.19
C LEU C 455 -2.24 14.85 -40.16
N ARG C 456 -3.41 15.13 -39.60
CA ARG C 456 -4.02 14.26 -38.60
C ARG C 456 -5.20 13.50 -39.22
N TYR C 457 -6.33 13.46 -38.51
CA TYR C 457 -7.53 12.80 -39.00
C TYR C 457 -8.08 13.55 -40.23
N PRO C 458 -9.13 13.02 -40.88
CA PRO C 458 -9.60 13.67 -42.11
C PRO C 458 -10.31 14.99 -41.86
N ASN C 459 -9.50 16.05 -41.78
CA ASN C 459 -9.99 17.41 -41.62
C ASN C 459 -9.52 18.32 -42.76
N ILE C 460 -9.82 19.61 -42.65
CA ILE C 460 -9.44 20.57 -43.69
C ILE C 460 -7.93 20.84 -43.69
N HIS C 461 -7.32 20.83 -42.51
CA HIS C 461 -5.88 21.06 -42.40
C HIS C 461 -5.11 19.95 -43.12
N THR C 462 -5.43 18.70 -42.77
CA THR C 462 -4.80 17.55 -43.39
C THR C 462 -5.03 17.57 -44.90
N TYR C 463 -6.20 18.01 -45.31
CA TYR C 463 -6.53 18.11 -46.73
C TYR C 463 -5.65 19.14 -47.41
N TRP C 464 -5.60 20.34 -46.85
CA TRP C 464 -4.87 21.45 -47.45
C TRP C 464 -3.35 21.24 -47.38
N PHE C 465 -2.85 20.92 -46.20
CA PHE C 465 -1.41 20.73 -46.01
C PHE C 465 -0.89 19.56 -46.84
N SER C 466 -1.76 18.60 -47.12
CA SER C 466 -1.41 17.49 -48.00
C SER C 466 -1.21 18.01 -49.42
N PHE C 467 -2.12 18.88 -49.85
CA PHE C 467 -2.03 19.52 -51.16
C PHE C 467 -0.77 20.38 -51.23
N VAL C 468 -0.38 20.96 -50.10
CA VAL C 468 0.83 21.77 -50.04
C VAL C 468 2.07 20.88 -50.22
N LEU C 469 2.17 19.84 -49.41
CA LEU C 469 3.30 18.92 -49.48
C LEU C 469 3.38 18.27 -50.86
N MET C 470 2.23 17.88 -51.40
CA MET C 470 2.17 17.25 -52.72
C MET C 470 2.61 18.23 -53.80
N ASN C 471 2.03 19.42 -53.78
CA ASN C 471 2.37 20.44 -54.77
C ASN C 471 3.83 20.86 -54.65
N MET C 472 4.25 21.18 -53.43
CA MET C 472 5.64 21.57 -53.17
C MET C 472 6.60 20.53 -53.71
N PHE C 473 6.32 19.27 -53.44
CA PHE C 473 7.19 18.18 -53.89
C PHE C 473 7.40 18.21 -55.40
N LYS C 474 6.28 18.30 -56.14
CA LYS C 474 6.33 18.32 -57.60
C LYS C 474 6.31 19.73 -58.15
N SER C 475 6.85 20.69 -57.38
CA SER C 475 6.90 22.08 -57.80
C SER C 475 8.27 22.45 -58.33
N ASP C 476 8.27 22.98 -59.56
CA ASP C 476 9.46 23.55 -60.18
C ASP C 476 9.65 24.97 -59.66
N GLU C 477 10.49 25.74 -60.35
CA GLU C 477 10.73 27.14 -60.01
C GLU C 477 11.44 27.29 -58.67
N TRP C 478 12.18 26.26 -58.27
CA TRP C 478 12.93 26.32 -57.02
C TRP C 478 14.40 26.53 -57.30
N ASN C 479 14.88 27.73 -56.94
CA ASN C 479 16.24 28.12 -57.21
C ASN C 479 17.25 27.25 -56.48
N ASP C 480 18.37 26.97 -57.14
CA ASP C 480 19.48 26.25 -56.54
C ASP C 480 19.11 24.86 -56.04
N GLN C 481 18.90 23.93 -56.97
CA GLN C 481 18.80 22.52 -56.63
C GLN C 481 17.65 22.17 -55.70
N LYS C 482 16.43 22.16 -56.24
CA LYS C 482 15.26 21.69 -55.50
C LYS C 482 15.44 20.23 -55.04
N LEU C 483 16.48 19.58 -55.56
CA LEU C 483 16.91 18.27 -55.09
C LEU C 483 16.97 18.22 -53.57
N GLU C 484 17.51 19.29 -52.98
CA GLU C 484 17.66 19.36 -51.53
C GLU C 484 16.31 19.39 -50.82
N VAL C 485 15.37 20.16 -51.36
CA VAL C 485 14.08 20.37 -50.71
C VAL C 485 13.30 19.06 -50.57
N GLN C 486 13.23 18.29 -51.66
CA GLN C 486 12.49 17.04 -51.66
C GLN C 486 13.04 16.07 -50.63
N GLU C 487 14.34 16.17 -50.36
CA GLU C 487 14.98 15.32 -49.37
C GLU C 487 14.53 15.71 -47.96
N ILE C 488 14.18 16.98 -47.78
CA ILE C 488 13.66 17.46 -46.50
C ILE C 488 12.21 16.98 -46.34
N ILE C 489 11.47 16.99 -47.44
CA ILE C 489 10.10 16.47 -47.45
C ILE C 489 10.10 15.01 -47.01
N LEU C 490 10.89 14.20 -47.68
CA LEU C 490 10.97 12.78 -47.38
C LEU C 490 11.52 12.54 -45.98
N ARG C 491 12.51 13.32 -45.59
CA ARG C 491 13.14 13.18 -44.29
C ARG C 491 12.14 13.34 -43.14
N ASN C 492 11.50 14.50 -43.09
CA ASN C 492 10.54 14.79 -42.02
C ASN C 492 9.29 13.92 -42.12
N PHE C 493 9.04 13.38 -43.31
CA PHE C 493 7.87 12.53 -43.53
C PHE C 493 8.17 11.07 -43.19
N LEU C 494 9.37 10.63 -43.53
CA LEU C 494 9.77 9.23 -43.32
C LEU C 494 9.85 8.91 -41.82
N LYS C 495 10.25 9.90 -41.03
CA LYS C 495 10.36 9.72 -39.58
C LYS C 495 9.01 9.47 -38.94
N ARG C 496 7.93 9.76 -39.67
CA ARG C 496 6.57 9.53 -39.19
C ARG C 496 6.08 8.13 -39.58
N ILE C 497 6.68 7.57 -40.62
CA ILE C 497 6.30 6.25 -41.12
C ILE C 497 7.15 5.16 -40.50
N ILE C 498 8.44 5.44 -40.32
CA ILE C 498 9.39 4.44 -39.83
C ILE C 498 9.02 3.94 -38.44
N VAL C 499 8.32 4.77 -37.68
CA VAL C 499 7.93 4.41 -36.32
C VAL C 499 6.83 3.35 -36.35
N ASN C 500 6.74 2.56 -35.29
CA ASN C 500 5.71 1.52 -35.19
C ASN C 500 4.30 2.10 -35.19
N LYS C 501 3.32 1.23 -35.37
CA LYS C 501 1.92 1.64 -35.40
C LYS C 501 1.47 2.16 -34.03
N PRO C 502 0.33 2.86 -33.98
CA PRO C 502 -0.53 3.22 -35.12
C PRO C 502 -0.02 4.44 -35.88
N HIS C 503 0.04 4.33 -37.20
CA HIS C 503 0.46 5.45 -38.04
C HIS C 503 -0.68 6.43 -38.20
N THR C 504 -0.34 7.72 -38.33
CA THR C 504 -1.34 8.76 -38.50
C THR C 504 -2.09 8.57 -39.81
N TRP C 505 -3.33 9.01 -39.86
CA TRP C 505 -4.17 8.85 -41.05
C TRP C 505 -3.64 9.67 -42.22
N GLY C 506 -3.17 10.88 -41.91
CA GLY C 506 -2.70 11.80 -42.94
C GLY C 506 -1.48 11.30 -43.68
N VAL C 507 -0.46 10.89 -42.93
CA VAL C 507 0.78 10.42 -43.53
C VAL C 507 0.57 9.09 -44.25
N SER C 508 -0.42 8.33 -43.81
CA SER C 508 -0.74 7.05 -44.46
C SER C 508 -1.26 7.28 -45.87
N VAL C 509 -2.22 8.18 -46.01
CA VAL C 509 -2.76 8.52 -47.32
C VAL C 509 -1.67 9.13 -48.19
N PHE C 510 -0.95 10.11 -47.64
CA PHE C 510 0.12 10.79 -48.37
C PHE C 510 1.19 9.78 -48.78
N PHE C 511 1.40 8.78 -47.93
CA PHE C 511 2.29 7.68 -48.26
C PHE C 511 1.75 6.95 -49.49
N THR C 512 0.61 6.29 -49.33
CA THR C 512 -0.02 5.52 -50.40
C THR C 512 -0.17 6.33 -51.69
N GLN C 513 -0.56 7.59 -51.57
CA GLN C 513 -0.73 8.45 -52.73
C GLN C 513 0.59 8.75 -53.42
N LEU C 514 1.68 8.74 -52.65
CA LEU C 514 2.99 9.07 -53.20
C LEU C 514 3.47 8.02 -54.20
N ILE C 515 3.38 6.75 -53.83
CA ILE C 515 3.76 5.66 -54.73
C ILE C 515 2.85 5.65 -55.95
N ASN C 516 1.57 5.89 -55.73
CA ASN C 516 0.55 5.69 -56.76
C ASN C 516 0.45 6.88 -57.71
N ASN C 517 0.80 8.07 -57.22
CA ASN C 517 0.97 9.22 -58.10
C ASN C 517 2.09 8.90 -59.08
N ASN C 518 3.14 8.27 -58.55
CA ASN C 518 4.21 7.70 -59.37
C ASN C 518 4.97 8.72 -60.21
N ASP C 519 5.23 9.88 -59.64
CA ASP C 519 6.04 10.90 -60.31
C ASP C 519 6.84 11.70 -59.29
N LEU C 522 10.10 6.81 -57.94
CA LEU C 522 10.10 7.05 -56.50
C LEU C 522 11.45 6.72 -55.90
N LEU C 523 11.79 5.43 -55.88
CA LEU C 523 13.10 4.99 -55.40
C LEU C 523 14.20 5.52 -56.31
N ASP C 524 13.82 6.00 -57.49
CA ASP C 524 14.77 6.59 -58.43
C ASP C 524 15.44 7.84 -57.85
N LEU C 525 14.94 8.31 -56.72
CA LEU C 525 15.54 9.44 -56.02
C LEU C 525 17.02 9.18 -55.76
N PRO C 526 17.90 10.12 -56.14
CA PRO C 526 19.34 9.89 -56.06
C PRO C 526 19.85 9.79 -54.62
N PHE C 527 19.25 10.56 -53.71
CA PHE C 527 19.67 10.56 -52.32
C PHE C 527 19.52 9.19 -51.69
N VAL C 528 18.52 8.44 -52.16
CA VAL C 528 18.28 7.09 -51.64
C VAL C 528 19.29 6.12 -52.21
N GLU C 533 21.56 2.96 -46.76
CA GLU C 533 20.50 2.16 -46.15
C GLU C 533 19.14 2.82 -46.35
N ILE C 534 19.08 3.84 -47.19
CA ILE C 534 17.83 4.55 -47.45
C ILE C 534 16.90 3.70 -48.32
N LYS C 535 17.48 2.81 -49.12
CA LYS C 535 16.71 1.95 -50.01
C LYS C 535 16.14 0.74 -49.28
N LEU C 536 16.51 0.58 -48.01
CA LEU C 536 16.05 -0.55 -47.22
C LEU C 536 14.58 -0.43 -46.88
N ILE C 537 14.08 0.80 -46.83
CA ILE C 537 12.69 1.06 -46.47
C ILE C 537 11.77 0.75 -47.65
N LEU C 538 12.23 1.06 -48.85
CA LEU C 538 11.45 0.81 -50.06
C LEU C 538 11.09 -0.67 -50.20
N GLN C 539 12.01 -1.53 -49.80
CA GLN C 539 11.77 -2.97 -49.83
C GLN C 539 10.79 -3.38 -48.73
N GLN C 540 10.72 -2.57 -47.68
CA GLN C 540 9.83 -2.83 -46.55
C GLN C 540 8.38 -2.55 -46.91
N LEU C 541 8.17 -1.55 -47.76
CA LEU C 541 6.82 -1.18 -48.17
C LEU C 541 6.87 -0.27 -49.40
N TYR D 8 26.91 19.60 12.01
CA TYR D 8 25.65 20.09 12.56
C TYR D 8 25.66 21.61 12.69
N ASP D 9 24.48 22.22 12.51
CA ASP D 9 24.34 23.67 12.63
C ASP D 9 23.02 24.02 13.32
N ALA D 10 23.01 25.18 13.98
CA ALA D 10 21.81 25.68 14.64
C ALA D 10 21.10 26.66 13.73
N LEU D 11 19.78 26.51 13.62
CA LEU D 11 18.98 27.35 12.73
C LEU D 11 19.46 27.19 11.29
N GLY D 12 19.23 26.01 10.71
CA GLY D 12 19.76 25.72 9.40
C GLY D 12 19.05 24.62 8.62
N ASN D 13 19.66 24.26 7.50
CA ASN D 13 19.13 23.30 6.54
C ASN D 13 17.72 23.67 6.06
N ALA D 14 16.90 22.67 5.76
CA ALA D 14 15.53 22.89 5.32
C ALA D 14 14.53 22.99 6.48
N VAL D 15 14.67 22.09 7.45
CA VAL D 15 13.60 21.81 8.39
C VAL D 15 13.30 22.98 9.32
N ASP D 16 14.34 23.71 9.71
CA ASP D 16 14.16 24.89 10.55
C ASP D 16 13.55 26.03 9.75
N PHE D 17 13.68 25.95 8.43
CA PHE D 17 13.16 26.97 7.54
C PHE D 17 11.72 26.69 7.12
N LEU D 18 11.44 25.43 6.82
CA LEU D 18 10.10 25.04 6.37
C LEU D 18 9.09 25.10 7.50
N ASP D 19 9.43 24.52 8.65
CA ASP D 19 8.54 24.53 9.81
C ASP D 19 8.17 25.96 10.20
N ALA D 20 9.00 26.91 9.82
CA ALA D 20 8.70 28.32 10.02
C ALA D 20 7.71 28.80 8.96
N ARG D 21 7.78 28.20 7.78
CA ARG D 21 6.88 28.55 6.68
C ARG D 21 5.47 28.08 6.98
N LEU D 22 5.35 26.89 7.55
CA LEU D 22 4.06 26.35 7.94
C LEU D 22 3.40 27.26 8.97
N HIS D 23 4.21 27.80 9.87
CA HIS D 23 3.74 28.72 10.89
C HIS D 23 3.44 30.08 10.28
N SER D 24 4.11 30.40 9.18
CA SER D 24 3.90 31.66 8.48
C SER D 24 2.58 31.66 7.73
N LEU D 25 2.18 30.48 7.24
CA LEU D 25 0.94 30.34 6.48
C LEU D 25 -0.25 30.19 7.42
N SER D 26 0.00 29.73 8.64
CA SER D 26 -1.06 29.56 9.62
C SER D 26 -1.63 30.90 10.06
N ASN D 27 -0.75 31.85 10.35
CA ASN D 27 -1.16 33.17 10.81
C ASN D 27 -1.55 34.08 9.65
N TYR D 28 -1.37 33.61 8.42
CA TYR D 28 -1.74 34.38 7.24
C TYR D 28 -3.25 34.46 7.11
N GLN D 29 -3.77 35.68 7.23
CA GLN D 29 -5.22 35.93 7.12
C GLN D 29 -5.98 35.16 8.20
N LYS D 30 -6.04 35.73 9.39
CA LYS D 30 -6.75 35.10 10.50
C LYS D 30 -8.26 35.27 10.35
N ARG D 31 -8.99 34.17 10.50
CA ARG D 31 -10.44 34.18 10.38
C ARG D 31 -11.04 33.11 11.30
N PRO D 32 -12.14 33.44 11.98
CA PRO D 32 -12.77 32.46 12.86
C PRO D 32 -13.57 31.41 12.09
N ILE D 33 -13.30 30.13 12.38
CA ILE D 33 -14.01 29.04 11.71
C ILE D 33 -15.48 29.03 12.13
N SER D 34 -16.35 29.35 11.18
CA SER D 34 -17.78 29.44 11.45
C SER D 34 -18.48 28.13 11.13
N ILE D 35 -18.93 27.42 12.16
CA ILE D 35 -19.69 26.19 11.98
C ILE D 35 -21.11 26.51 11.57
N LYS D 36 -21.67 25.67 10.69
CA LYS D 36 -23.04 25.86 10.24
C LYS D 36 -24.04 25.49 11.32
N SER D 37 -24.75 26.50 11.83
CA SER D 37 -25.75 26.28 12.86
C SER D 37 -27.11 25.89 12.26
N ASN D 38 -27.23 26.05 10.95
CA ASN D 38 -28.48 25.81 10.24
C ASN D 38 -28.96 24.36 10.34
N ILE D 39 -28.02 23.42 10.29
CA ILE D 39 -28.33 22.01 10.11
C ILE D 39 -27.87 21.20 11.33
N ILE D 40 -28.20 19.91 11.35
CA ILE D 40 -27.88 19.00 12.46
C ILE D 40 -28.67 19.35 13.72
N ASP D 41 -29.97 19.59 13.56
CA ASP D 41 -30.93 19.56 14.66
C ASP D 41 -30.45 20.27 15.93
N GLU D 42 -30.42 21.59 15.91
CA GLU D 42 -29.99 22.35 17.09
C GLU D 42 -30.78 21.90 18.32
N GLU D 43 -30.09 21.84 19.46
CA GLU D 43 -30.63 21.38 20.75
C GLU D 43 -30.58 19.85 20.88
N THR D 44 -30.30 19.16 19.78
CA THR D 44 -29.95 17.74 19.85
C THR D 44 -28.50 17.63 20.28
N TYR D 45 -27.70 18.61 19.85
CA TYR D 45 -26.29 18.70 20.18
C TYR D 45 -26.05 18.79 21.68
N LYS D 46 -27.06 19.24 22.41
CA LYS D 46 -26.93 19.48 23.85
C LYS D 46 -26.73 18.21 24.67
N LYS D 47 -27.21 17.08 24.16
CA LYS D 47 -27.26 15.85 24.94
C LYS D 47 -25.90 15.17 25.14
N TYR D 48 -25.09 15.15 24.09
CA TYR D 48 -23.84 14.38 24.11
C TYR D 48 -22.83 14.88 25.14
N PRO D 49 -22.20 13.96 25.90
CA PRO D 49 -21.05 14.36 26.71
C PRO D 49 -19.82 14.64 25.85
N SER D 50 -18.89 15.45 26.35
CA SER D 50 -17.70 15.83 25.60
C SER D 50 -16.85 14.62 25.21
N LEU D 51 -16.54 14.51 23.92
CA LEU D 51 -15.74 13.40 23.39
C LEU D 51 -14.26 13.76 23.34
N PHE D 52 -13.85 14.74 24.14
CA PHE D 52 -12.48 15.23 24.13
C PHE D 52 -11.77 14.99 25.45
N SER D 53 -10.54 15.51 25.54
CA SER D 53 -9.77 15.50 26.78
C SER D 53 -9.00 16.81 26.86
N TRP D 54 -9.70 17.92 26.59
CA TRP D 54 -9.09 19.23 26.48
C TRP D 54 -8.94 19.90 27.83
N ASP D 55 -7.92 20.75 27.97
CA ASP D 55 -7.66 21.49 29.20
C ASP D 55 -7.69 22.99 28.95
N LYS D 56 -7.97 23.75 30.01
CA LYS D 56 -8.07 25.20 29.92
C LYS D 56 -6.77 25.83 29.45
N ILE D 57 -6.83 26.57 28.34
CA ILE D 57 -5.65 27.23 27.79
C ILE D 57 -6.06 28.19 26.68
N ARG E 31 -51.15 -11.37 -12.40
CA ARG E 31 -51.14 -9.92 -12.29
C ARG E 31 -50.60 -9.48 -10.94
N THR E 32 -50.96 -10.21 -9.89
CA THR E 32 -50.50 -9.89 -8.54
C THR E 32 -49.04 -10.26 -8.35
N GLU E 33 -48.61 -11.32 -9.02
CA GLU E 33 -47.24 -11.82 -8.90
C GLU E 33 -46.22 -10.75 -9.31
N LYS E 34 -46.64 -9.84 -10.20
CA LYS E 34 -45.77 -8.78 -10.66
C LYS E 34 -45.40 -7.83 -9.52
N PHE E 35 -46.36 -7.60 -8.63
CA PHE E 35 -46.15 -6.68 -7.51
C PHE E 35 -45.14 -7.24 -6.52
N TYR E 36 -45.10 -8.56 -6.38
CA TYR E 36 -44.14 -9.21 -5.50
C TYR E 36 -42.71 -8.98 -5.98
N LEU E 37 -42.52 -9.12 -7.28
CA LEU E 37 -41.19 -8.99 -7.89
C LEU E 37 -40.57 -7.62 -7.63
N VAL E 38 -41.41 -6.59 -7.59
CA VAL E 38 -40.94 -5.23 -7.38
C VAL E 38 -40.50 -5.01 -5.94
N PHE E 39 -41.33 -5.44 -5.00
CA PHE E 39 -41.04 -5.28 -3.58
C PHE E 39 -39.78 -6.06 -3.20
N THR E 40 -39.58 -7.20 -3.84
CA THR E 40 -38.39 -8.01 -3.60
C THR E 40 -37.14 -7.28 -4.06
N GLU E 41 -37.30 -6.36 -5.01
CA GLU E 41 -36.19 -5.53 -5.48
C GLU E 41 -35.93 -4.39 -4.49
N TRP E 42 -36.99 -3.92 -3.86
CA TRP E 42 -36.90 -2.82 -2.90
C TRP E 42 -36.10 -3.23 -1.66
N VAL E 43 -36.40 -4.41 -1.13
CA VAL E 43 -35.73 -4.90 0.07
C VAL E 43 -34.26 -5.22 -0.21
N LYS E 44 -33.95 -5.56 -1.46
CA LYS E 44 -32.57 -5.78 -1.87
C LYS E 44 -31.77 -4.49 -1.74
N LEU E 45 -32.33 -3.42 -2.29
CA LEU E 45 -31.67 -2.12 -2.29
C LEU E 45 -31.42 -1.62 -0.86
N LEU E 46 -32.48 -1.54 -0.07
CA LEU E 46 -32.40 -1.01 1.29
C LEU E 46 -31.39 -1.80 2.13
N GLN E 47 -31.35 -3.11 1.93
CA GLN E 47 -30.44 -3.97 2.66
C GLN E 47 -28.98 -3.59 2.41
N ARG E 48 -28.70 -3.13 1.18
CA ARG E 48 -27.34 -2.81 0.78
C ARG E 48 -26.98 -1.36 1.04
N VAL E 49 -27.66 -0.44 0.35
CA VAL E 49 -27.30 0.97 0.38
C VAL E 49 -27.78 1.64 1.67
N GLU E 50 -27.32 2.87 1.90
CA GLU E 50 -27.76 3.64 3.04
C GLU E 50 -29.23 4.02 2.88
N ASN E 51 -30.01 3.81 3.95
CA ASN E 51 -31.43 4.14 3.93
C ASN E 51 -31.65 5.64 3.79
N ASN E 52 -30.77 6.42 4.41
CA ASN E 52 -30.84 7.87 4.34
C ASN E 52 -30.52 8.39 2.94
N ASP E 53 -29.77 7.59 2.18
CA ASP E 53 -29.36 7.96 0.83
C ASP E 53 -30.57 8.25 -0.06
N VAL E 54 -30.39 9.14 -1.02
CA VAL E 54 -31.49 9.56 -1.90
C VAL E 54 -31.68 8.58 -3.06
N ILE E 55 -30.83 7.57 -3.14
CA ILE E 55 -30.95 6.55 -4.17
C ILE E 55 -32.30 5.85 -4.08
N THR E 56 -32.80 5.70 -2.85
CA THR E 56 -34.09 5.07 -2.62
C THR E 56 -35.22 5.94 -3.15
N THR E 57 -35.02 7.26 -3.13
CA THR E 57 -36.01 8.20 -3.63
C THR E 57 -36.14 8.10 -5.15
N VAL E 58 -35.08 7.65 -5.81
CA VAL E 58 -35.09 7.51 -7.26
C VAL E 58 -36.01 6.37 -7.68
N PHE E 59 -35.99 5.30 -6.90
CA PHE E 59 -36.92 4.19 -7.07
C PHE E 59 -38.34 4.74 -7.10
N ILE E 60 -38.71 5.43 -6.02
CA ILE E 60 -40.03 6.04 -5.87
C ILE E 60 -40.43 6.84 -7.12
N LYS E 61 -39.52 7.67 -7.61
CA LYS E 61 -39.78 8.49 -8.79
C LYS E 61 -40.01 7.63 -10.02
N GLN E 62 -39.46 6.42 -10.01
CA GLN E 62 -39.57 5.50 -11.14
C GLN E 62 -40.91 4.77 -11.13
N LEU E 63 -41.46 4.52 -9.95
CA LEU E 63 -42.69 3.74 -9.83
C LEU E 63 -43.89 4.45 -10.47
N VAL E 64 -43.95 5.76 -10.31
CA VAL E 64 -45.03 6.52 -10.94
C VAL E 64 -44.80 6.49 -12.45
N GLU E 65 -43.53 6.48 -12.84
CA GLU E 65 -43.16 6.38 -14.25
C GLU E 65 -43.68 5.07 -14.82
N LYS E 66 -43.55 4.00 -14.03
CA LYS E 66 -44.14 2.73 -14.38
C LYS E 66 -45.66 2.84 -14.31
N GLY E 67 -46.34 2.32 -15.32
CA GLY E 67 -47.79 2.42 -15.39
C GLY E 67 -48.50 1.63 -14.31
N VAL E 68 -47.75 0.78 -13.60
CA VAL E 68 -48.34 -0.12 -12.61
C VAL E 68 -48.85 0.60 -11.35
N ILE E 69 -48.11 1.61 -10.88
CA ILE E 69 -48.51 2.34 -9.66
C ILE E 69 -49.31 3.59 -9.98
N SER E 70 -49.63 3.79 -11.26
CA SER E 70 -50.30 5.01 -11.72
C SER E 70 -51.55 5.36 -10.92
N ASP E 71 -52.27 4.33 -10.46
CA ASP E 71 -53.53 4.52 -9.76
C ASP E 71 -53.44 4.11 -8.29
N THR E 72 -54.35 4.63 -7.47
CA THR E 72 -54.38 4.33 -6.05
C THR E 72 -54.81 2.87 -5.80
N ASP E 73 -55.67 2.36 -6.67
CA ASP E 73 -56.15 0.98 -6.57
C ASP E 73 -54.99 0.00 -6.57
N ASN E 74 -53.92 0.36 -7.27
CA ASN E 74 -52.72 -0.46 -7.35
C ASN E 74 -51.79 -0.19 -6.17
N LEU E 75 -51.81 1.04 -5.66
CA LEU E 75 -51.00 1.42 -4.52
C LEU E 75 -51.41 0.63 -3.28
N LEU E 76 -52.70 0.67 -2.95
CA LEU E 76 -53.22 -0.03 -1.79
C LEU E 76 -53.17 -1.55 -1.99
N THR E 77 -53.09 -1.96 -3.25
CA THR E 77 -52.94 -3.37 -3.59
C THR E 77 -51.47 -3.78 -3.48
N PHE E 78 -50.58 -2.82 -3.76
CA PHE E 78 -49.15 -3.06 -3.65
C PHE E 78 -48.74 -3.26 -2.20
N VAL E 79 -49.24 -2.39 -1.32
CA VAL E 79 -48.97 -2.50 0.11
C VAL E 79 -49.60 -3.77 0.65
N LYS E 80 -50.76 -4.14 0.12
CA LYS E 80 -51.43 -5.37 0.49
C LYS E 80 -50.53 -6.58 0.21
N SER E 81 -50.06 -6.66 -1.03
CA SER E 81 -49.21 -7.77 -1.44
C SER E 81 -47.85 -7.71 -0.75
N SER E 82 -47.35 -6.50 -0.54
CA SER E 82 -46.06 -6.31 0.12
C SER E 82 -46.13 -6.74 1.58
N LEU E 83 -47.24 -6.43 2.24
CA LEU E 83 -47.42 -6.78 3.64
C LEU E 83 -47.62 -8.28 3.81
N GLU E 84 -48.48 -8.86 2.97
CA GLU E 84 -48.75 -10.30 3.04
C GLU E 84 -47.51 -11.12 2.69
N LEU E 85 -46.61 -10.52 1.93
CA LEU E 85 -45.37 -11.20 1.55
C LEU E 85 -44.43 -11.31 2.75
N SER E 86 -44.28 -10.22 3.49
CA SER E 86 -43.43 -10.20 4.67
C SER E 86 -43.95 -11.17 5.73
N VAL E 87 -45.28 -11.29 5.81
CA VAL E 87 -45.90 -12.24 6.72
C VAL E 87 -45.67 -13.67 6.21
N SER E 88 -45.79 -13.84 4.91
CA SER E 88 -45.53 -15.15 4.29
C SER E 88 -44.08 -15.55 4.46
N SER E 89 -43.20 -14.55 4.56
CA SER E 89 -41.79 -14.80 4.78
C SER E 89 -41.52 -15.19 6.23
N PHE E 90 -42.35 -14.69 7.14
CA PHE E 90 -42.20 -14.98 8.56
C PHE E 90 -42.64 -16.42 8.85
N LYS E 91 -43.60 -16.90 8.07
CA LYS E 91 -44.01 -18.30 8.12
C LYS E 91 -42.79 -19.17 7.83
N GLU E 92 -41.97 -18.70 6.91
CA GLU E 92 -40.77 -19.41 6.48
C GLU E 92 -39.65 -19.36 7.52
N SER E 93 -38.71 -20.29 7.38
CA SER E 93 -37.48 -20.33 8.18
C SER E 93 -37.72 -20.44 9.70
N ASP E 94 -36.93 -19.72 10.48
CA ASP E 94 -36.82 -19.95 11.92
C ASP E 94 -37.51 -18.86 12.74
N PRO E 95 -38.40 -19.25 13.67
CA PRO E 95 -39.02 -18.26 14.57
C PRO E 95 -37.99 -17.60 15.50
N THR E 96 -37.11 -16.79 14.92
CA THR E 96 -36.08 -16.08 15.69
C THR E 96 -35.97 -14.63 15.22
N VAL E 99 -37.29 -12.22 11.46
CA VAL E 99 -36.77 -11.71 10.20
C VAL E 99 -37.54 -10.45 9.79
N PHE E 100 -37.22 -9.34 10.45
CA PHE E 100 -37.88 -8.07 10.19
C PHE E 100 -37.31 -7.35 8.98
N ILE E 101 -36.26 -7.92 8.39
CA ILE E 101 -35.55 -7.27 7.28
C ILE E 101 -36.48 -6.96 6.11
N ALA E 102 -37.50 -7.78 5.92
CA ALA E 102 -38.43 -7.61 4.81
C ALA E 102 -39.51 -6.57 5.12
N ILE E 103 -40.01 -6.58 6.34
CA ILE E 103 -41.12 -5.71 6.72
C ILE E 103 -40.65 -4.33 7.15
N ASP E 104 -39.44 -4.24 7.68
CA ASP E 104 -38.87 -2.95 8.07
C ASP E 104 -38.68 -2.06 6.85
N ALA E 105 -38.38 -2.68 5.71
CA ALA E 105 -38.23 -1.96 4.46
C ALA E 105 -39.58 -1.40 4.02
N LEU E 106 -40.63 -2.16 4.25
CA LEU E 106 -41.99 -1.72 3.95
C LEU E 106 -42.36 -0.54 4.84
N GLY E 107 -41.95 -0.62 6.10
CA GLY E 107 -42.21 0.43 7.06
C GLY E 107 -41.53 1.73 6.65
N SER E 108 -40.39 1.59 5.98
CA SER E 108 -39.66 2.75 5.47
C SER E 108 -40.32 3.27 4.20
N LEU E 109 -40.87 2.35 3.40
CA LEU E 109 -41.51 2.71 2.13
C LEU E 109 -42.74 3.57 2.36
N ILE E 110 -43.52 3.24 3.38
CA ILE E 110 -44.74 3.98 3.68
C ILE E 110 -44.45 5.42 4.07
N ILE E 111 -43.52 5.60 5.02
CA ILE E 111 -43.21 6.93 5.54
C ILE E 111 -42.74 7.88 4.44
N LYS E 112 -41.90 7.40 3.53
CA LYS E 112 -41.36 8.24 2.48
C LYS E 112 -42.47 8.74 1.56
N LEU E 113 -43.32 7.82 1.10
CA LEU E 113 -44.45 8.17 0.24
C LEU E 113 -45.36 9.20 0.90
N LEU E 114 -45.38 9.22 2.23
CA LEU E 114 -46.15 10.22 2.97
C LEU E 114 -45.47 11.58 2.92
N ILE E 115 -44.19 11.61 3.24
CA ILE E 115 -43.44 12.86 3.27
C ILE E 115 -43.32 13.46 1.87
N LEU E 116 -42.56 12.80 1.00
CA LEU E 116 -42.37 13.31 -0.36
C LEU E 116 -43.46 12.79 -1.29
N GLN E 117 -44.27 13.72 -1.78
CA GLN E 117 -45.34 13.46 -2.74
C GLN E 117 -46.05 14.78 -2.96
N ASP E 118 -46.82 14.89 -4.04
CA ASP E 118 -47.62 16.08 -4.30
C ASP E 118 -49.05 15.81 -3.86
N PHE E 119 -49.46 16.45 -2.78
CA PHE E 119 -50.77 16.21 -2.17
C PHE E 119 -51.67 17.43 -2.31
N LYS E 120 -52.97 17.16 -2.39
CA LYS E 120 -53.97 18.22 -2.34
C LYS E 120 -54.23 18.59 -0.88
N ASP E 121 -55.25 19.39 -0.65
CA ASP E 121 -55.56 19.86 0.70
C ASP E 121 -55.89 18.72 1.66
N ASP E 122 -56.90 17.93 1.34
CA ASP E 122 -57.37 16.85 2.22
C ASP E 122 -56.79 15.48 1.84
N THR E 123 -56.00 15.43 0.77
CA THR E 123 -55.50 14.16 0.26
C THR E 123 -54.54 13.47 1.22
N ARG E 124 -53.67 14.25 1.86
CA ARG E 124 -52.66 13.70 2.77
C ARG E 124 -53.33 12.96 3.92
N ARG E 125 -54.49 13.44 4.34
CA ARG E 125 -55.23 12.82 5.44
C ARG E 125 -55.92 11.54 4.97
N ASP E 126 -56.27 11.49 3.69
CA ASP E 126 -56.93 10.32 3.11
C ASP E 126 -55.91 9.21 2.86
N TYR E 127 -54.67 9.61 2.59
CA TYR E 127 -53.61 8.66 2.29
C TYR E 127 -53.23 7.83 3.51
N ILE E 128 -52.96 8.50 4.62
CA ILE E 128 -52.57 7.83 5.86
C ILE E 128 -53.66 6.86 6.32
N ASN E 129 -54.91 7.29 6.22
CA ASN E 129 -56.04 6.47 6.62
C ASN E 129 -56.26 5.30 5.66
N ALA E 130 -55.76 5.43 4.43
CA ALA E 130 -55.91 4.39 3.43
C ALA E 130 -54.99 3.22 3.70
N ILE E 131 -53.74 3.51 4.00
CA ILE E 131 -52.76 2.46 4.29
C ILE E 131 -53.08 1.74 5.59
N PHE E 132 -53.31 2.49 6.66
CA PHE E 132 -53.70 1.92 7.94
C PHE E 132 -54.89 1.00 7.79
N SER E 133 -55.80 1.34 6.89
CA SER E 133 -56.96 0.50 6.61
C SER E 133 -56.53 -0.79 5.93
N VAL E 134 -55.53 -0.70 5.05
CA VAL E 134 -55.05 -1.88 4.34
C VAL E 134 -54.33 -2.82 5.31
N ILE E 135 -53.53 -2.24 6.20
CA ILE E 135 -52.77 -3.03 7.17
C ILE E 135 -53.70 -3.86 8.06
N VAL E 136 -54.67 -3.20 8.67
CA VAL E 136 -55.55 -3.84 9.64
C VAL E 136 -56.48 -4.86 8.99
N LEU E 137 -56.79 -4.67 7.71
CA LEU E 137 -57.65 -5.60 6.98
C LEU E 137 -56.90 -6.88 6.64
N VAL E 138 -55.60 -6.75 6.44
CA VAL E 138 -54.73 -7.91 6.26
C VAL E 138 -54.56 -8.60 7.61
N PHE E 139 -54.42 -7.79 8.66
CA PHE E 139 -54.30 -8.30 10.02
C PHE E 139 -55.49 -9.18 10.38
N ALA E 140 -56.68 -8.76 9.93
CA ALA E 140 -57.90 -9.51 10.20
C ALA E 140 -57.96 -10.77 9.34
N LYS E 141 -57.55 -10.64 8.09
CA LYS E 141 -57.55 -11.76 7.15
C LYS E 141 -56.60 -12.85 7.64
N ASP E 142 -55.54 -12.44 8.32
CA ASP E 142 -54.55 -13.36 8.85
C ASP E 142 -55.03 -13.99 10.15
N HIS E 143 -56.01 -13.35 10.78
CA HIS E 143 -56.59 -13.87 12.01
C HIS E 143 -57.80 -14.75 11.69
N SER E 144 -58.48 -14.45 10.59
CA SER E 144 -59.65 -15.22 10.18
C SER E 144 -59.27 -16.67 9.96
N GLN E 145 -58.32 -16.90 9.06
CA GLN E 145 -57.64 -18.18 8.96
C GLN E 145 -56.39 -18.06 9.81
N GLU E 146 -56.31 -18.82 10.88
CA GLU E 146 -55.13 -18.74 11.74
C GLU E 146 -53.92 -19.24 10.98
N GLY E 147 -54.15 -20.08 9.96
CA GLY E 147 -53.06 -20.58 9.14
C GLY E 147 -52.11 -21.36 10.02
N THR E 148 -52.61 -22.44 10.62
CA THR E 148 -52.03 -22.95 11.85
C THR E 148 -52.19 -21.85 12.89
N THR E 149 -51.09 -21.26 13.37
CA THR E 149 -51.18 -20.17 14.33
C THR E 149 -51.07 -18.79 13.68
N PHE E 150 -51.84 -17.84 14.20
CA PHE E 150 -51.71 -16.44 13.81
C PHE E 150 -50.60 -15.79 14.63
N ASN E 151 -49.76 -15.00 13.97
CA ASN E 151 -48.64 -14.34 14.64
C ASN E 151 -48.80 -12.82 14.66
N GLU E 152 -48.64 -12.24 15.84
CA GLU E 152 -48.83 -10.79 16.03
C GLU E 152 -47.52 -10.02 15.94
N ARG E 153 -46.40 -10.72 16.10
CA ARG E 153 -45.08 -10.08 16.10
C ARG E 153 -44.74 -9.36 14.80
N PRO E 154 -45.08 -9.95 13.63
CA PRO E 154 -44.77 -9.26 12.38
C PRO E 154 -45.46 -7.90 12.25
N TYR E 155 -46.77 -7.88 12.43
CA TYR E 155 -47.54 -6.64 12.30
C TYR E 155 -47.14 -5.63 13.36
N PHE E 156 -46.86 -6.12 14.57
CA PHE E 156 -46.43 -5.25 15.67
C PHE E 156 -45.15 -4.48 15.30
N ARG E 157 -44.26 -5.13 14.57
CA ARG E 157 -43.01 -4.51 14.16
C ARG E 157 -43.27 -3.35 13.21
N LEU E 158 -44.25 -3.52 12.34
CA LEU E 158 -44.58 -2.52 11.34
C LEU E 158 -45.05 -1.22 11.98
N PHE E 159 -46.02 -1.33 12.89
CA PHE E 159 -46.55 -0.16 13.58
C PHE E 159 -45.46 0.51 14.41
N SER E 160 -44.53 -0.28 14.92
CA SER E 160 -43.43 0.25 15.72
C SER E 160 -42.50 1.09 14.85
N ASN E 161 -42.21 0.60 13.65
CA ASN E 161 -41.35 1.31 12.72
C ASN E 161 -41.97 2.64 12.29
N ILE E 162 -43.26 2.61 11.96
CA ILE E 162 -43.98 3.81 11.55
C ILE E 162 -43.93 4.87 12.64
N LEU E 163 -43.93 4.43 13.89
CA LEU E 163 -43.85 5.35 15.03
C LEU E 163 -42.43 5.88 15.19
N TYR E 164 -41.45 4.99 15.10
CA TYR E 164 -40.04 5.38 15.25
C TYR E 164 -39.60 6.30 14.10
N GLU E 165 -40.01 5.96 12.88
CA GLU E 165 -39.63 6.73 11.71
C GLU E 165 -40.19 8.15 11.77
N TRP E 166 -41.52 8.27 11.82
CA TRP E 166 -42.18 9.56 11.84
C TRP E 166 -41.72 10.42 13.02
N ALA E 167 -41.36 9.77 14.12
CA ALA E 167 -40.86 10.47 15.30
C ALA E 167 -39.51 11.11 15.00
N THR E 168 -38.75 10.46 14.13
CA THR E 168 -37.45 10.96 13.71
C THR E 168 -37.60 12.12 12.74
N ILE E 169 -38.67 12.09 11.96
CA ILE E 169 -38.94 13.13 10.98
C ILE E 169 -39.40 14.42 11.65
N ARG E 170 -40.26 14.29 12.66
CA ARG E 170 -40.85 15.44 13.32
C ARG E 170 -39.89 16.08 14.34
N THR E 171 -38.64 15.65 14.33
CA THR E 171 -37.64 16.19 15.25
C THR E 171 -37.45 17.69 15.03
N HIS E 172 -37.76 18.47 16.07
CA HIS E 172 -37.64 19.92 16.02
C HIS E 172 -38.42 20.52 14.86
N ASN E 173 -39.73 20.29 14.87
CA ASN E 173 -40.64 20.89 13.90
C ASN E 173 -40.26 20.61 12.44
N PHE E 174 -39.89 19.36 12.17
CA PHE E 174 -39.62 18.93 10.80
C PHE E 174 -38.52 19.74 10.12
N VAL E 175 -37.37 19.83 10.78
CA VAL E 175 -36.25 20.60 10.26
C VAL E 175 -35.54 19.85 9.13
N ARG E 176 -35.67 18.52 9.14
CA ARG E 176 -35.03 17.68 8.13
C ARG E 176 -35.79 17.71 6.80
N ILE E 177 -37.04 18.17 6.87
CA ILE E 177 -37.89 18.26 5.68
C ILE E 177 -37.36 19.33 4.73
N SER E 178 -37.77 19.25 3.47
CA SER E 178 -37.22 20.06 2.39
C SER E 178 -37.34 21.57 2.62
N ASP E 179 -38.13 21.98 3.61
CA ASP E 179 -38.24 23.40 3.98
C ASP E 179 -39.12 24.18 3.01
N SER E 180 -39.67 23.47 2.03
CA SER E 180 -40.41 24.08 0.92
C SER E 180 -41.83 24.47 1.31
N SER E 181 -42.14 24.33 2.59
CA SER E 181 -43.49 24.54 3.16
C SER E 181 -44.29 23.25 3.05
N THR E 182 -43.69 22.24 2.42
CA THR E 182 -44.19 20.88 2.55
C THR E 182 -44.27 20.54 4.03
N ARG E 183 -43.27 21.01 4.78
CA ARG E 183 -43.20 20.76 6.22
C ARG E 183 -44.36 21.43 6.93
N GLN E 184 -44.76 22.61 6.45
CA GLN E 184 -45.89 23.34 7.04
C GLN E 184 -47.14 22.47 7.02
N GLU E 185 -47.28 21.66 5.97
CA GLU E 185 -48.39 20.72 5.88
C GLU E 185 -48.18 19.58 6.88
N LEU E 186 -46.93 19.21 7.09
CA LEU E 186 -46.60 18.11 8.00
C LEU E 186 -46.75 18.52 9.46
N ILE E 187 -46.43 19.77 9.77
CA ILE E 187 -46.59 20.29 11.12
C ILE E 187 -48.05 20.24 11.53
N GLU E 188 -48.93 20.57 10.58
CA GLU E 188 -50.37 20.49 10.81
C GLU E 188 -50.82 19.04 10.80
N PHE E 189 -50.16 18.25 9.97
CA PHE E 189 -50.47 16.82 9.84
C PHE E 189 -49.91 16.04 11.02
N ASP E 190 -49.00 16.66 11.77
CA ASP E 190 -48.38 16.03 12.92
C ASP E 190 -49.42 15.52 13.92
N SER E 191 -50.35 16.39 14.29
CA SER E 191 -51.45 16.00 15.17
C SER E 191 -52.42 15.10 14.44
N VAL E 192 -52.61 15.36 13.15
CA VAL E 192 -53.53 14.58 12.33
C VAL E 192 -52.99 13.17 12.11
N PHE E 193 -51.70 12.98 12.39
CA PHE E 193 -51.06 11.68 12.23
C PHE E 193 -51.38 10.76 13.40
N TYR E 194 -51.06 11.21 14.60
CA TYR E 194 -51.22 10.39 15.81
C TYR E 194 -52.68 10.17 16.17
N ASN E 195 -53.50 11.21 16.02
CA ASN E 195 -54.92 11.12 16.34
C ASN E 195 -55.64 10.14 15.41
N THR E 196 -55.32 10.19 14.12
CA THR E 196 -55.90 9.27 13.16
C THR E 196 -55.30 7.87 13.33
N PHE E 197 -54.03 7.83 13.70
CA PHE E 197 -53.36 6.56 13.96
C PHE E 197 -53.95 5.89 15.19
N SER E 198 -54.24 6.69 16.22
CA SER E 198 -54.87 6.20 17.43
C SER E 198 -56.27 5.66 17.12
N GLY E 199 -56.90 6.23 16.10
CA GLY E 199 -58.22 5.81 15.68
C GLY E 199 -58.22 4.41 15.10
N TYR E 200 -57.15 4.07 14.38
CA TYR E 200 -57.02 2.74 13.79
C TYR E 200 -56.49 1.74 14.81
N LEU E 201 -55.78 2.24 15.81
CA LEU E 201 -55.29 1.40 16.91
C LEU E 201 -56.47 0.94 17.76
N HIS E 202 -57.51 1.77 17.81
CA HIS E 202 -58.73 1.44 18.54
C HIS E 202 -59.42 0.22 17.93
N ALA E 203 -59.19 -0.01 16.65
CA ALA E 203 -59.80 -1.14 15.95
C ALA E 203 -59.15 -2.46 16.35
N LEU E 204 -58.02 -2.38 17.05
CA LEU E 204 -57.30 -3.57 17.51
C LEU E 204 -57.29 -3.64 19.03
N GLN E 205 -58.33 -3.11 19.66
CA GLN E 205 -58.46 -3.16 21.12
C GLN E 205 -58.53 -4.62 21.57
N PRO E 206 -58.32 -4.88 22.87
CA PRO E 206 -58.35 -6.24 23.41
C PRO E 206 -59.59 -7.06 23.00
N PHE E 207 -60.73 -6.39 22.85
CA PHE E 207 -61.95 -7.06 22.39
C PHE E 207 -61.76 -7.56 20.96
N ALA E 208 -62.39 -8.69 20.64
CA ALA E 208 -62.33 -9.30 19.31
C ALA E 208 -60.93 -9.84 18.96
N PHE E 209 -59.87 -9.17 19.40
CA PHE E 209 -58.50 -9.64 19.23
C PHE E 209 -57.82 -9.85 20.58
N PRO E 210 -58.02 -11.04 21.18
CA PRO E 210 -57.36 -11.32 22.47
C PRO E 210 -55.86 -11.58 22.32
N GLY E 211 -55.46 -12.19 21.21
CA GLY E 211 -54.08 -12.56 20.99
C GLY E 211 -53.13 -11.37 20.93
N PHE E 212 -53.63 -10.25 20.40
CA PHE E 212 -52.82 -9.05 20.24
C PHE E 212 -52.84 -8.19 21.51
N SER E 213 -53.47 -8.70 22.57
CA SER E 213 -53.64 -7.94 23.80
C SER E 213 -52.34 -7.38 24.37
N PHE E 214 -51.41 -8.26 24.74
CA PHE E 214 -50.14 -7.82 25.31
C PHE E 214 -49.37 -6.95 24.33
N ALA E 215 -49.44 -7.29 23.05
CA ALA E 215 -48.77 -6.52 22.01
C ALA E 215 -49.40 -5.14 21.85
N TRP E 216 -50.65 -5.01 22.27
CA TRP E 216 -51.38 -3.76 22.16
C TRP E 216 -50.98 -2.78 23.26
N VAL E 217 -50.87 -3.28 24.48
CA VAL E 217 -50.52 -2.45 25.63
C VAL E 217 -49.09 -1.95 25.49
N THR E 218 -48.23 -2.76 24.90
CA THR E 218 -46.84 -2.36 24.66
C THR E 218 -46.80 -1.23 23.65
N LEU E 219 -47.68 -1.28 22.65
CA LEU E 219 -47.78 -0.23 21.66
C LEU E 219 -48.32 1.06 22.27
N LEU E 220 -49.19 0.92 23.28
CA LEU E 220 -49.70 2.06 24.01
C LEU E 220 -48.58 2.66 24.84
N SER E 221 -47.88 1.81 25.58
CA SER E 221 -46.78 2.23 26.44
C SER E 221 -45.47 2.30 25.65
N HIS E 222 -45.56 2.64 24.37
CA HIS E 222 -44.38 2.75 23.52
C HIS E 222 -43.51 3.91 23.99
N ARG E 223 -42.22 3.84 23.68
CA ARG E 223 -41.26 4.85 24.11
C ARG E 223 -41.33 6.12 23.26
N MET E 224 -42.26 6.13 22.30
CA MET E 224 -42.41 7.26 21.39
C MET E 224 -43.83 7.79 21.38
N LEU E 225 -44.80 6.89 21.27
CA LEU E 225 -46.20 7.27 21.09
C LEU E 225 -46.77 8.05 22.29
N LEU E 226 -46.75 7.42 23.46
CA LEU E 226 -47.41 8.00 24.63
C LEU E 226 -46.75 9.30 25.13
N PRO E 227 -45.41 9.34 25.21
CA PRO E 227 -44.75 10.53 25.76
C PRO E 227 -45.01 11.81 24.95
N ILE E 228 -45.10 11.70 23.64
CA ILE E 228 -45.23 12.87 22.78
C ILE E 228 -46.68 13.30 22.59
N MET E 229 -47.59 12.34 22.49
CA MET E 229 -49.01 12.66 22.35
C MET E 229 -49.51 13.41 23.58
N LEU E 230 -48.95 13.05 24.74
CA LEU E 230 -49.23 13.78 25.96
C LEU E 230 -48.53 15.14 25.93
N ARG E 231 -47.42 15.20 25.20
CA ARG E 231 -46.64 16.42 25.10
C ARG E 231 -47.09 17.28 23.92
N LEU E 232 -48.05 16.80 23.14
CA LEU E 232 -48.57 17.57 22.01
C LEU E 232 -49.12 18.90 22.50
N PRO E 233 -49.03 19.94 21.67
CA PRO E 233 -49.43 21.29 22.09
C PRO E 233 -50.92 21.44 22.38
N ASN E 234 -51.23 22.08 23.50
CA ASN E 234 -52.61 22.39 23.88
C ASN E 234 -53.51 21.16 23.99
N LYS E 235 -52.94 20.04 24.43
CA LYS E 235 -53.72 18.87 24.82
C LYS E 235 -54.57 18.30 23.68
N ILE E 236 -54.16 18.58 22.45
CA ILE E 236 -54.87 18.07 21.27
C ILE E 236 -54.86 16.56 21.21
N GLY E 237 -53.77 15.94 21.66
CA GLY E 237 -53.62 14.51 21.62
C GLY E 237 -54.44 13.80 22.67
N TRP E 238 -54.79 14.52 23.73
CA TRP E 238 -55.52 13.95 24.86
C TRP E 238 -56.88 13.40 24.45
N GLU E 239 -57.40 13.89 23.33
CA GLU E 239 -58.72 13.47 22.84
C GLU E 239 -58.72 11.97 22.54
N LYS E 240 -57.75 11.52 21.74
CA LYS E 240 -57.69 10.13 21.32
C LYS E 240 -56.93 9.26 22.32
N LEU E 241 -56.09 9.87 23.15
CA LEU E 241 -55.38 9.13 24.18
C LEU E 241 -56.35 8.55 25.20
N MET E 242 -57.41 9.31 25.50
CA MET E 242 -58.45 8.84 26.40
C MET E 242 -59.16 7.63 25.81
N LEU E 243 -59.48 7.72 24.51
CA LEU E 243 -60.21 6.66 23.82
C LEU E 243 -59.56 5.30 24.00
N LEU E 244 -58.22 5.27 23.99
CA LEU E 244 -57.48 4.04 24.15
C LEU E 244 -57.56 3.52 25.58
N ILE E 245 -57.47 4.44 26.54
CA ILE E 245 -57.51 4.08 27.95
C ILE E 245 -58.89 3.54 28.35
N ILE E 246 -59.95 4.17 27.84
CA ILE E 246 -61.30 3.70 28.12
C ILE E 246 -61.50 2.30 27.57
N ASP E 247 -60.94 2.04 26.39
CA ASP E 247 -60.99 0.72 25.79
C ASP E 247 -60.24 -0.28 26.66
N LEU E 248 -59.17 0.18 27.28
CA LEU E 248 -58.36 -0.66 28.14
C LEU E 248 -59.09 -0.96 29.45
N PHE E 249 -59.87 0.01 29.92
CA PHE E 249 -60.67 -0.16 31.12
C PHE E 249 -61.91 -1.02 30.84
N LYS E 250 -62.49 -0.83 29.66
CA LYS E 250 -63.71 -1.54 29.29
C LYS E 250 -63.49 -3.05 29.30
N PHE E 251 -62.28 -3.48 28.99
CA PHE E 251 -61.94 -4.90 28.95
C PHE E 251 -61.79 -5.46 30.37
N LEU E 252 -61.25 -4.63 31.26
CA LEU E 252 -61.02 -5.05 32.65
C LEU E 252 -62.34 -5.21 33.41
N ASP E 253 -63.39 -4.59 32.91
CA ASP E 253 -64.71 -4.68 33.55
C ASP E 253 -65.29 -6.08 33.39
N GLN E 254 -64.82 -6.80 32.38
CA GLN E 254 -65.28 -8.16 32.12
C GLN E 254 -66.79 -8.17 31.84
N ASP E 263 -56.39 -16.68 32.68
CA ASP E 263 -57.05 -15.71 31.83
C ASP E 263 -56.05 -14.70 31.26
N ALA E 264 -56.40 -14.10 30.12
CA ALA E 264 -55.54 -13.13 29.45
C ALA E 264 -55.79 -11.72 29.98
N VAL E 265 -56.51 -11.61 31.08
CA VAL E 265 -56.83 -10.31 31.66
C VAL E 265 -55.66 -9.80 32.50
N SER E 266 -54.84 -10.73 32.98
CA SER E 266 -53.72 -10.38 33.85
C SER E 266 -52.72 -9.45 33.16
N VAL E 267 -52.36 -9.76 31.93
CA VAL E 267 -51.38 -8.97 31.18
C VAL E 267 -51.88 -7.57 30.89
N VAL E 268 -53.20 -7.41 30.83
CA VAL E 268 -53.80 -6.10 30.55
C VAL E 268 -53.61 -5.17 31.73
N TYR E 269 -54.18 -5.53 32.87
CA TYR E 269 -54.08 -4.71 34.08
C TYR E 269 -52.62 -4.56 34.51
N LYS E 270 -51.81 -5.58 34.21
CA LYS E 270 -50.40 -5.55 34.55
C LYS E 270 -49.68 -4.44 33.79
N GLY E 271 -50.05 -4.28 32.52
CA GLY E 271 -49.45 -3.25 31.68
C GLY E 271 -50.14 -1.90 31.84
N THR E 272 -51.38 -1.93 32.30
CA THR E 272 -52.16 -0.70 32.50
C THR E 272 -51.52 0.16 33.59
N LEU E 273 -51.20 -0.45 34.72
CA LEU E 273 -50.62 0.28 35.84
C LEU E 273 -49.26 0.86 35.48
N ARG E 274 -48.52 0.16 34.61
CA ARG E 274 -47.23 0.64 34.15
C ARG E 274 -47.39 1.96 33.39
N ILE E 275 -48.50 2.10 32.69
CA ILE E 275 -48.79 3.31 31.92
C ILE E 275 -49.15 4.47 32.85
N ILE E 276 -50.10 4.23 33.75
CA ILE E 276 -50.57 5.26 34.66
C ILE E 276 -49.41 5.83 35.48
N LEU E 277 -48.55 4.97 35.98
CA LEU E 277 -47.35 5.40 36.70
C LEU E 277 -46.41 6.13 35.75
N GLY E 278 -46.31 5.63 34.52
CA GLY E 278 -45.49 6.25 33.51
C GLY E 278 -46.01 7.64 33.16
N ILE E 279 -47.33 7.78 33.14
CA ILE E 279 -47.96 9.06 32.87
C ILE E 279 -47.85 9.98 34.09
N SER E 280 -48.14 9.43 35.26
CA SER E 280 -48.12 10.20 36.50
C SER E 280 -46.73 10.76 36.78
N ASN E 281 -45.70 10.03 36.37
CA ASN E 281 -44.33 10.48 36.55
C ASN E 281 -43.90 11.50 35.50
N ASP E 282 -44.57 11.47 34.35
CA ASP E 282 -44.26 12.38 33.25
C ASP E 282 -45.25 13.54 33.20
N MET E 283 -46.50 13.22 32.86
CA MET E 283 -47.58 14.22 32.80
C MET E 283 -48.69 13.88 33.78
N PRO E 284 -48.53 14.28 35.05
CA PRO E 284 -49.54 13.97 36.05
C PRO E 284 -50.85 14.74 35.84
N SER E 285 -50.76 15.87 35.14
CA SER E 285 -51.92 16.71 34.89
C SER E 285 -52.98 15.99 34.07
N PHE E 286 -52.53 15.11 33.18
CA PHE E 286 -53.42 14.35 32.31
C PHE E 286 -54.41 13.52 33.12
N LEU E 287 -53.98 13.05 34.28
CA LEU E 287 -54.82 12.21 35.14
C LEU E 287 -55.76 13.06 36.00
N ILE E 288 -55.41 14.33 36.19
CA ILE E 288 -56.19 15.22 37.04
C ILE E 288 -57.39 15.80 36.28
N GLU E 289 -57.15 16.24 35.05
CA GLU E 289 -58.20 16.88 34.25
C GLU E 289 -59.22 15.87 33.75
N ASN E 290 -58.74 14.80 33.12
CA ASN E 290 -59.62 13.79 32.54
C ASN E 290 -60.08 12.76 33.57
N HIS E 291 -59.98 13.08 34.85
CA HIS E 291 -60.36 12.16 35.92
C HIS E 291 -61.83 11.80 35.83
N TYR E 292 -62.61 12.67 35.19
CA TYR E 292 -64.06 12.46 35.06
C TYR E 292 -64.37 11.17 34.29
N GLU E 293 -63.95 11.11 33.03
CA GLU E 293 -64.21 9.95 32.19
C GLU E 293 -63.53 8.70 32.74
N LEU E 294 -62.39 8.87 33.39
CA LEU E 294 -61.65 7.75 33.95
C LEU E 294 -62.46 7.04 35.03
N MET E 295 -62.97 7.80 35.99
CA MET E 295 -63.73 7.24 37.09
C MET E 295 -65.07 6.66 36.64
N ASN E 296 -65.53 7.07 35.46
CA ASN E 296 -66.80 6.61 34.93
C ASN E 296 -66.68 5.24 34.26
N ASN E 297 -65.49 4.94 33.73
CA ASN E 297 -65.26 3.70 33.00
C ASN E 297 -64.35 2.73 33.76
N LEU E 298 -63.80 3.17 34.88
CA LEU E 298 -62.94 2.34 35.70
C LEU E 298 -63.77 1.60 36.76
N PRO E 299 -63.75 0.25 36.72
CA PRO E 299 -64.53 -0.51 37.72
C PRO E 299 -64.12 -0.18 39.15
N PRO E 300 -65.07 -0.25 40.10
CA PRO E 300 -64.78 0.09 41.50
C PRO E 300 -63.96 -0.98 42.23
N THR E 301 -63.84 -2.16 41.62
CA THR E 301 -63.11 -3.26 42.23
C THR E 301 -61.65 -2.90 42.46
N TYR E 302 -61.09 -2.12 41.54
CA TYR E 302 -59.69 -1.71 41.62
C TYR E 302 -59.51 -0.53 42.57
N PHE E 303 -59.03 -0.81 43.77
CA PHE E 303 -58.83 0.22 44.78
C PHE E 303 -57.51 0.96 44.55
N GLN E 304 -56.45 0.20 44.29
CA GLN E 304 -55.12 0.77 44.12
C GLN E 304 -55.04 1.63 42.86
N LEU E 305 -55.53 1.09 41.74
CA LEU E 305 -55.49 1.80 40.47
C LEU E 305 -56.22 3.13 40.54
N LYS E 306 -57.23 3.20 41.42
CA LYS E 306 -58.00 4.42 41.60
C LYS E 306 -57.18 5.48 42.32
N ASN E 307 -56.54 5.08 43.42
CA ASN E 307 -55.77 6.01 44.24
C ASN E 307 -54.64 6.69 43.48
N VAL E 308 -53.97 5.93 42.62
CA VAL E 308 -52.84 6.44 41.84
C VAL E 308 -53.29 7.61 40.96
N ILE E 309 -54.50 7.51 40.42
CA ILE E 309 -55.05 8.53 39.55
C ILE E 309 -55.37 9.81 40.34
N LEU E 310 -56.03 9.63 41.48
CA LEU E 310 -56.46 10.78 42.29
C LEU E 310 -55.31 11.36 43.12
N SER E 311 -54.35 10.50 43.47
CA SER E 311 -53.21 10.93 44.27
C SER E 311 -52.19 11.70 43.42
N ALA E 312 -52.45 11.77 42.11
CA ALA E 312 -51.56 12.49 41.20
C ALA E 312 -51.58 13.99 41.51
N ILE E 313 -50.40 14.60 41.46
CA ILE E 313 -50.27 16.04 41.70
C ILE E 313 -49.38 16.66 40.63
N PRO E 314 -49.53 17.97 40.40
CA PRO E 314 -48.73 18.66 39.37
C PRO E 314 -47.24 18.51 39.60
N LYS E 315 -46.47 18.47 38.51
CA LYS E 315 -45.05 18.19 38.55
C LYS E 315 -44.27 19.20 39.38
N ASN E 316 -44.54 20.49 39.15
CA ASN E 316 -43.80 21.56 39.81
C ASN E 316 -44.10 21.67 41.30
N MET E 317 -45.36 21.49 41.67
CA MET E 317 -45.80 21.72 43.04
C MET E 317 -45.26 20.69 44.01
N THR E 318 -45.04 21.13 45.24
CA THR E 318 -44.71 20.25 46.36
C THR E 318 -45.64 20.59 47.51
N VAL E 319 -45.99 19.58 48.31
CA VAL E 319 -47.02 19.74 49.34
C VAL E 319 -46.47 19.59 50.77
N PRO E 320 -47.07 20.32 51.74
CA PRO E 320 -46.70 20.12 53.14
C PRO E 320 -47.12 18.74 53.65
N ASN E 321 -46.58 18.32 54.79
CA ASN E 321 -46.93 17.04 55.38
C ASN E 321 -48.42 16.94 55.65
N PRO E 322 -49.12 15.99 54.99
CA PRO E 322 -50.59 15.93 55.12
C PRO E 322 -51.05 15.50 56.52
N TYR E 323 -50.29 14.61 57.15
CA TYR E 323 -50.63 14.10 58.47
C TYR E 323 -50.41 15.18 59.54
N ASP E 324 -49.36 15.97 59.34
CA ASP E 324 -48.80 16.82 60.37
C ASP E 324 -49.47 18.19 60.57
N VAL E 325 -49.40 18.68 61.81
CA VAL E 325 -49.56 20.10 62.16
C VAL E 325 -51.01 20.60 62.23
N ASP E 326 -51.97 19.83 61.70
CA ASP E 326 -53.37 20.26 61.71
C ASP E 326 -53.52 21.61 61.03
N LEU E 327 -53.36 21.63 59.72
CA LEU E 327 -53.23 22.87 58.96
C LEU E 327 -54.48 23.75 58.98
N ASN E 328 -54.27 25.03 59.27
CA ASN E 328 -55.29 26.04 59.05
C ASN E 328 -55.36 26.35 57.56
N MET E 329 -56.20 25.62 56.85
CA MET E 329 -56.22 25.63 55.39
C MET E 329 -56.45 27.02 54.81
N GLU E 330 -56.95 27.94 55.64
CA GLU E 330 -57.17 29.33 55.24
C GLU E 330 -55.87 30.02 54.82
N ASP E 331 -54.75 29.52 55.33
CA ASP E 331 -53.45 30.14 55.10
C ASP E 331 -52.77 29.64 53.83
N ILE E 332 -52.98 28.37 53.51
CA ILE E 332 -52.30 27.76 52.37
C ILE E 332 -52.84 28.33 51.07
N PRO E 333 -51.96 28.57 50.08
CA PRO E 333 -52.42 29.15 48.81
C PRO E 333 -52.94 28.10 47.82
N ALA E 334 -52.36 26.91 47.84
CA ALA E 334 -52.66 25.88 46.86
C ALA E 334 -54.13 25.46 46.90
N CYS E 335 -54.70 25.39 48.09
CA CYS E 335 -56.08 24.92 48.25
C CYS E 335 -57.11 25.94 47.78
N LYS E 336 -56.66 27.16 47.50
CA LYS E 336 -57.54 28.21 47.03
C LYS E 336 -57.55 28.28 45.50
N GLU E 337 -56.67 27.51 44.86
CA GLU E 337 -56.58 27.49 43.41
C GLU E 337 -57.67 26.60 42.81
N LEU E 338 -58.21 27.03 41.68
CA LEU E 338 -59.25 26.26 41.00
C LEU E 338 -58.62 25.16 40.15
N PRO E 339 -59.18 23.94 40.19
CA PRO E 339 -58.59 22.83 39.42
C PRO E 339 -58.93 22.90 37.93
N GLU E 340 -58.16 22.16 37.13
CA GLU E 340 -58.37 22.08 35.69
C GLU E 340 -59.23 20.87 35.35
N VAL E 341 -60.26 21.07 34.54
CA VAL E 341 -61.12 19.99 34.09
C VAL E 341 -61.23 20.00 32.57
N PHE E 342 -60.92 18.87 31.96
CA PHE E 342 -60.93 18.76 30.50
C PHE E 342 -62.35 18.62 29.95
N PHE E 343 -63.19 17.87 30.67
CA PHE E 343 -64.55 17.61 30.24
C PHE E 343 -65.56 18.18 31.24
N ASP E 344 -66.29 19.20 30.81
CA ASP E 344 -67.30 19.83 31.65
C ASP E 344 -68.44 18.84 31.90
N PRO E 345 -68.72 18.52 33.19
CA PRO E 345 -69.73 17.50 33.47
C PRO E 345 -71.17 17.94 33.19
N VAL E 346 -71.36 19.19 32.77
CA VAL E 346 -72.70 19.70 32.52
C VAL E 346 -73.28 19.10 31.24
N ILE E 347 -72.41 18.62 30.36
CA ILE E 347 -72.86 17.97 29.13
C ILE E 347 -73.61 16.68 29.47
N ASP E 348 -72.99 15.83 30.28
CA ASP E 348 -73.60 14.56 30.65
C ASP E 348 -74.71 14.73 31.68
N LEU E 349 -74.96 15.98 32.07
CA LEU E 349 -76.04 16.28 33.00
C LEU E 349 -77.38 16.32 32.26
N HIS E 350 -77.30 16.47 30.94
CA HIS E 350 -78.48 16.47 30.07
C HIS E 350 -79.51 17.52 30.49
N SER E 351 -80.74 17.09 30.78
CA SER E 351 -81.84 18.02 31.03
C SER E 351 -81.80 18.61 32.43
N LEU E 352 -80.89 18.12 33.26
CA LEU E 352 -80.76 18.58 34.64
C LEU E 352 -79.92 19.84 34.73
N LYS E 353 -79.33 20.25 33.61
CA LYS E 353 -78.49 21.44 33.57
C LYS E 353 -79.28 22.71 33.90
N LYS E 354 -80.60 22.63 33.75
CA LYS E 354 -81.48 23.77 34.04
C LYS E 354 -81.89 23.86 35.51
N PRO E 355 -82.59 22.82 36.02
CA PRO E 355 -83.10 22.91 37.39
C PRO E 355 -82.02 22.90 38.46
N VAL E 356 -80.95 22.14 38.24
CA VAL E 356 -79.84 22.07 39.19
C VAL E 356 -79.19 23.45 39.34
N ASP E 357 -78.83 24.05 38.21
CA ASP E 357 -78.21 25.38 38.22
C ASP E 357 -79.12 26.40 38.89
N ASN E 358 -80.41 26.32 38.59
CA ASN E 358 -81.40 27.20 39.19
C ASN E 358 -81.52 26.98 40.70
N TYR E 359 -81.31 25.74 41.12
CA TYR E 359 -81.33 25.41 42.55
C TYR E 359 -80.13 26.03 43.25
N LEU E 360 -78.99 26.04 42.56
CA LEU E 360 -77.79 26.66 43.10
C LEU E 360 -77.95 28.18 43.17
N ARG E 361 -78.75 28.73 42.26
CA ARG E 361 -79.05 30.15 42.27
C ARG E 361 -79.97 30.46 43.46
N ILE E 362 -80.99 29.63 43.63
CA ILE E 362 -81.94 29.81 44.72
C ILE E 362 -82.34 28.43 45.27
N PRO E 363 -82.05 28.16 46.56
CA PRO E 363 -82.44 26.86 47.11
C PRO E 363 -83.96 26.78 47.33
N SER E 364 -84.70 26.73 46.23
CA SER E 364 -86.16 26.70 46.28
C SER E 364 -86.66 25.47 47.03
N ASN E 365 -87.49 25.70 48.04
CA ASN E 365 -88.07 24.61 48.81
C ASN E 365 -88.95 23.72 47.95
N SER E 366 -88.80 22.41 48.11
CA SER E 366 -89.61 21.44 47.40
C SER E 366 -89.39 21.46 45.89
N LEU E 367 -88.38 22.21 45.45
CA LEU E 367 -88.01 22.24 44.03
C LEU E 367 -87.09 21.07 43.73
N LEU E 368 -86.42 20.56 44.77
CA LEU E 368 -85.51 19.43 44.63
C LEU E 368 -86.26 18.14 44.27
N ARG E 369 -87.58 18.18 44.33
CA ARG E 369 -88.40 17.01 44.02
C ARG E 369 -88.25 16.59 42.56
N THR E 370 -88.40 17.53 41.64
CA THR E 370 -88.30 17.23 40.22
C THR E 370 -86.90 16.72 39.89
N ILE E 371 -85.91 17.20 40.64
CA ILE E 371 -84.54 16.71 40.49
C ILE E 371 -84.47 15.25 40.91
N LEU E 372 -84.97 14.97 42.11
CA LEU E 372 -85.02 13.61 42.62
C LEU E 372 -85.87 12.71 41.72
N SER E 373 -87.04 13.20 41.32
CA SER E 373 -87.94 12.44 40.48
C SER E 373 -87.30 12.08 39.14
N ALA E 374 -86.33 12.89 38.72
CA ALA E 374 -85.58 12.61 37.50
C ALA E 374 -84.58 11.50 37.74
N ILE E 375 -83.96 11.51 38.92
CA ILE E 375 -83.02 10.47 39.30
C ILE E 375 -83.73 9.13 39.48
N TYR E 376 -84.70 9.10 40.38
CA TYR E 376 -85.47 7.88 40.66
C TYR E 376 -86.01 7.24 39.39
N LYS E 377 -86.30 8.06 38.39
CA LYS E 377 -86.78 7.57 37.11
C LYS E 377 -85.65 6.92 36.33
N ASP E 378 -84.52 7.62 36.22
CA ASP E 378 -83.39 7.15 35.42
C ASP E 378 -82.73 5.90 36.01
N THR E 379 -82.74 5.80 37.34
CA THR E 379 -82.04 4.71 38.02
C THR E 379 -82.87 3.43 38.04
N TYR E 380 -84.20 3.57 37.98
CA TYR E 380 -85.10 2.42 38.05
C TYR E 380 -85.79 2.15 36.71
N ASP E 381 -86.64 3.07 36.29
CA ASP E 381 -87.48 2.88 35.10
C ASP E 381 -86.67 2.87 33.82
N ILE E 382 -85.82 3.88 33.64
CA ILE E 382 -85.08 4.05 32.38
C ILE E 382 -83.73 3.32 32.44
N LYS E 383 -83.47 2.63 33.55
CA LYS E 383 -82.21 1.91 33.72
C LYS E 383 -82.01 0.87 32.62
N LYS E 384 -82.97 -0.05 32.51
CA LYS E 384 -82.95 -1.09 31.48
C LYS E 384 -81.63 -1.84 31.46
N GLY E 385 -81.08 -2.11 32.64
CA GLY E 385 -79.83 -2.84 32.76
C GLY E 385 -80.08 -4.34 32.83
N VAL E 386 -79.00 -5.11 32.81
CA VAL E 386 -79.09 -6.57 32.84
C VAL E 386 -78.01 -7.18 33.73
N GLY E 387 -78.36 -8.28 34.41
CA GLY E 387 -77.45 -8.96 35.29
C GLY E 387 -77.10 -8.11 36.49
N TYR E 388 -75.79 -7.99 36.77
CA TYR E 388 -75.33 -7.06 37.79
C TYR E 388 -75.64 -5.64 37.33
N ASP E 389 -75.72 -4.73 38.28
CA ASP E 389 -76.07 -3.34 37.98
C ASP E 389 -77.49 -3.25 37.42
N PHE E 390 -78.34 -4.20 37.81
CA PHE E 390 -79.76 -4.13 37.45
C PHE E 390 -80.44 -3.11 38.33
N LEU E 391 -81.20 -2.21 37.72
CA LEU E 391 -81.78 -1.05 38.42
C LEU E 391 -80.67 -0.29 39.14
N SER E 392 -79.50 -0.24 38.50
CA SER E 392 -78.35 0.44 39.06
C SER E 392 -78.53 1.95 39.06
N VAL E 393 -78.08 2.60 40.12
CA VAL E 393 -78.01 4.04 40.15
C VAL E 393 -76.87 4.46 39.23
N ASP E 394 -77.18 5.31 38.26
CA ASP E 394 -76.21 5.69 37.24
C ASP E 394 -75.05 6.45 37.87
N SER E 395 -73.95 5.74 38.11
CA SER E 395 -72.77 6.33 38.74
C SER E 395 -72.21 7.49 37.91
N LYS E 396 -72.45 7.44 36.60
CA LYS E 396 -71.98 8.49 35.70
C LYS E 396 -72.80 9.77 35.89
N LEU E 397 -74.08 9.61 36.24
CA LEU E 397 -74.96 10.76 36.41
C LEU E 397 -74.74 11.45 37.75
N ILE E 398 -74.73 10.67 38.82
CA ILE E 398 -74.57 11.20 40.17
C ILE E 398 -73.23 11.94 40.29
N ARG E 399 -72.19 11.35 39.73
CA ARG E 399 -70.86 11.94 39.76
C ARG E 399 -70.83 13.31 39.09
N ALA E 400 -71.60 13.43 38.01
CA ALA E 400 -71.66 14.69 37.26
C ALA E 400 -72.28 15.80 38.10
N ILE E 401 -73.34 15.47 38.83
CA ILE E 401 -74.03 16.44 39.68
C ILE E 401 -73.09 16.96 40.77
N VAL E 402 -72.50 16.02 41.50
CA VAL E 402 -71.59 16.36 42.61
C VAL E 402 -70.41 17.16 42.09
N LEU E 403 -69.86 16.76 40.95
CA LEU E 403 -68.72 17.45 40.36
C LEU E 403 -69.12 18.84 39.87
N HIS E 404 -70.29 18.93 39.25
CA HIS E 404 -70.78 20.20 38.72
C HIS E 404 -70.94 21.24 39.83
N VAL E 405 -71.53 20.82 40.94
CA VAL E 405 -71.71 21.69 42.09
C VAL E 405 -70.34 22.15 42.61
N GLY E 406 -69.39 21.23 42.66
CA GLY E 406 -68.04 21.54 43.08
C GLY E 406 -67.40 22.59 42.20
N ILE E 407 -67.59 22.45 40.89
CA ILE E 407 -67.06 23.42 39.94
C ILE E 407 -67.76 24.76 40.10
N GLU E 408 -69.08 24.74 40.11
CA GLU E 408 -69.87 25.96 40.27
C GLU E 408 -69.57 26.66 41.59
N ALA E 409 -69.26 25.86 42.61
CA ALA E 409 -68.88 26.40 43.91
C ALA E 409 -67.52 27.07 43.83
N GLY E 410 -66.66 26.55 42.95
CA GLY E 410 -65.34 27.10 42.76
C GLY E 410 -65.38 28.47 42.10
N ILE E 411 -66.29 28.63 41.14
CA ILE E 411 -66.46 29.90 40.45
C ILE E 411 -66.98 30.95 41.42
N GLU E 412 -67.83 30.53 42.35
CA GLU E 412 -68.39 31.43 43.35
C GLU E 412 -67.30 31.89 44.32
N TYR E 413 -66.34 31.00 44.58
CA TYR E 413 -65.24 31.30 45.48
C TYR E 413 -64.22 32.22 44.80
N LYS E 414 -64.17 32.16 43.48
CA LYS E 414 -63.29 33.04 42.71
C LYS E 414 -63.87 34.45 42.69
N ARG E 415 -65.16 34.54 42.40
CA ARG E 415 -65.89 35.81 42.43
C ARG E 415 -65.76 36.47 43.81
N THR E 416 -66.42 35.86 44.79
CA THR E 416 -66.34 36.33 46.17
C THR E 416 -65.23 35.58 46.91
N SER E 417 -64.21 36.31 47.33
CA SER E 417 -62.98 35.71 47.82
C SER E 417 -63.12 34.91 49.12
N SER E 418 -63.65 35.55 50.15
CA SER E 418 -63.56 35.01 51.51
C SER E 418 -64.85 34.40 52.06
N ASN E 419 -64.81 33.09 52.28
CA ASN E 419 -65.80 32.40 53.12
C ASN E 419 -67.22 32.35 52.55
N ALA E 420 -67.45 32.99 51.42
CA ALA E 420 -68.79 33.07 50.84
C ALA E 420 -69.35 31.68 50.52
N VAL E 421 -68.49 30.80 50.04
CA VAL E 421 -68.92 29.46 49.62
C VAL E 421 -69.07 28.50 50.79
N PHE E 422 -68.43 28.81 51.91
CA PHE E 422 -68.44 27.92 53.07
C PHE E 422 -69.54 28.27 54.06
N ASN E 423 -70.52 27.38 54.17
CA ASN E 423 -71.66 27.55 55.07
C ASN E 423 -72.56 26.32 55.02
N THR E 424 -73.43 26.20 56.01
CA THR E 424 -74.38 25.11 56.07
C THR E 424 -75.65 25.46 55.28
N LYS E 425 -76.03 26.73 55.34
CA LYS E 425 -77.23 27.21 54.67
C LYS E 425 -76.97 27.56 53.20
N SER E 426 -75.74 27.33 52.75
CA SER E 426 -75.36 27.62 51.38
C SER E 426 -76.12 26.74 50.40
N SER E 427 -76.28 27.22 49.17
CA SER E 427 -77.02 26.49 48.14
C SER E 427 -76.27 25.24 47.70
N TYR E 428 -74.95 25.34 47.64
CA TYR E 428 -74.11 24.26 47.15
C TYR E 428 -74.05 23.10 48.15
N TYR E 429 -74.28 23.42 49.43
CA TYR E 429 -74.22 22.41 50.49
C TYR E 429 -75.59 21.76 50.69
N THR E 430 -76.64 22.59 50.75
CA THR E 430 -77.98 22.09 51.01
C THR E 430 -78.44 21.14 49.92
N LEU E 431 -78.00 21.40 48.68
CA LEU E 431 -78.33 20.56 47.56
C LEU E 431 -77.76 19.15 47.77
N LEU E 432 -76.46 19.10 48.06
CA LEU E 432 -75.78 17.83 48.31
C LEU E 432 -76.29 17.21 49.61
N PHE E 433 -76.87 18.03 50.48
CA PHE E 433 -77.37 17.56 51.76
C PHE E 433 -78.75 16.92 51.62
N ASN E 434 -79.65 17.60 50.92
CA ASN E 434 -81.02 17.11 50.75
C ASN E 434 -81.09 15.91 49.81
N LEU E 435 -80.16 15.85 48.85
CA LEU E 435 -80.12 14.73 47.91
C LEU E 435 -79.74 13.44 48.62
N ILE E 436 -78.86 13.55 49.62
CA ILE E 436 -78.47 12.39 50.41
C ILE E 436 -79.64 11.93 51.27
N GLN E 437 -80.26 12.88 51.99
CA GLN E 437 -81.37 12.57 52.89
C GLN E 437 -82.52 11.88 52.16
N ASN E 438 -83.16 12.62 51.25
CA ASN E 438 -84.31 12.11 50.52
C ASN E 438 -83.94 10.99 49.55
N GLY E 439 -82.65 10.87 49.26
CA GLY E 439 -82.17 9.85 48.34
C GLY E 439 -82.25 8.47 48.95
N SER E 440 -82.11 7.45 48.09
CA SER E 440 -82.16 6.06 48.54
C SER E 440 -80.80 5.62 49.06
N ILE E 441 -80.74 4.40 49.59
CA ILE E 441 -79.52 3.87 50.20
C ILE E 441 -78.38 3.83 49.19
N GLU E 442 -78.60 3.18 48.06
CA GLU E 442 -77.60 3.11 47.00
C GLU E 442 -77.30 4.51 46.49
N MET E 443 -78.30 5.39 46.56
CA MET E 443 -78.15 6.76 46.12
C MET E 443 -77.21 7.51 47.06
N LYS E 444 -77.41 7.32 48.37
CA LYS E 444 -76.54 7.92 49.37
C LYS E 444 -75.09 7.49 49.16
N TYR E 445 -74.91 6.22 48.78
CA TYR E 445 -73.58 5.66 48.60
C TYR E 445 -72.83 6.34 47.45
N GLN E 446 -73.49 6.51 46.32
CA GLN E 446 -72.87 7.09 45.14
C GLN E 446 -72.51 8.55 45.35
N ILE E 447 -73.37 9.29 46.06
CA ILE E 447 -73.11 10.70 46.35
C ILE E 447 -71.85 10.85 47.18
N ILE E 448 -71.81 10.17 48.32
CA ILE E 448 -70.66 10.23 49.21
C ILE E 448 -69.40 9.74 48.50
N LEU E 449 -69.55 8.71 47.67
CA LEU E 449 -68.44 8.18 46.91
C LEU E 449 -67.85 9.25 45.99
N SER E 450 -68.73 9.97 45.30
CA SER E 450 -68.29 11.02 44.38
C SER E 450 -67.58 12.14 45.11
N ILE E 451 -68.04 12.45 46.33
CA ILE E 451 -67.44 13.50 47.14
C ILE E 451 -66.03 13.13 47.55
N VAL E 452 -65.86 11.89 48.02
CA VAL E 452 -64.56 11.39 48.44
C VAL E 452 -63.55 11.42 47.30
N GLU E 453 -64.02 11.17 46.09
CA GLU E 453 -63.17 11.17 44.90
C GLU E 453 -62.56 12.55 44.62
N GLN E 454 -63.16 13.59 45.19
CA GLN E 454 -62.67 14.95 44.98
C GLN E 454 -61.51 15.29 45.91
N LEU E 455 -61.08 14.31 46.70
CA LEU E 455 -59.95 14.48 47.59
C LEU E 455 -58.64 14.11 46.88
N ARG E 456 -58.22 14.97 45.96
CA ARG E 456 -57.02 14.72 45.16
C ARG E 456 -55.80 15.43 45.76
N TYR E 457 -55.48 16.61 45.23
CA TYR E 457 -54.38 17.41 45.72
C TYR E 457 -54.96 18.66 46.38
N PRO E 458 -54.12 19.48 47.05
CA PRO E 458 -54.75 20.66 47.64
C PRO E 458 -55.39 21.57 46.59
N ASN E 459 -56.67 21.86 46.78
CA ASN E 459 -57.43 22.67 45.82
C ASN E 459 -58.79 22.99 46.42
N ILE E 460 -59.51 23.91 45.78
CA ILE E 460 -60.78 24.40 46.32
C ILE E 460 -61.80 23.28 46.49
N HIS E 461 -61.82 22.33 45.57
CA HIS E 461 -62.73 21.19 45.67
C HIS E 461 -62.31 20.30 46.83
N THR E 462 -61.01 19.99 46.89
CA THR E 462 -60.46 19.23 48.00
C THR E 462 -60.68 19.99 49.31
N TYR E 463 -60.67 21.31 49.22
CA TYR E 463 -60.90 22.17 50.39
C TYR E 463 -62.38 22.16 50.75
N TRP E 464 -63.23 22.34 49.74
CA TRP E 464 -64.67 22.48 49.96
C TRP E 464 -65.34 21.16 50.32
N PHE E 465 -65.08 20.12 49.52
CA PHE E 465 -65.69 18.81 49.78
C PHE E 465 -65.19 18.22 51.09
N SER E 466 -64.02 18.65 51.54
CA SER E 466 -63.52 18.29 52.86
C SER E 466 -64.39 18.93 53.93
N PHE E 467 -64.71 20.21 53.71
CA PHE E 467 -65.59 20.94 54.62
C PHE E 467 -66.99 20.35 54.60
N VAL E 468 -67.39 19.82 53.45
CA VAL E 468 -68.70 19.18 53.31
C VAL E 468 -68.74 17.90 54.16
N LEU E 469 -67.81 16.98 53.91
CA LEU E 469 -67.76 15.73 54.65
C LEU E 469 -67.58 15.97 56.15
N MET E 470 -66.63 16.83 56.50
CA MET E 470 -66.34 17.15 57.89
C MET E 470 -67.58 17.70 58.60
N ASN E 471 -68.27 18.61 57.94
CA ASN E 471 -69.49 19.19 58.50
C ASN E 471 -70.61 18.16 58.52
N MET E 472 -70.77 17.43 57.41
CA MET E 472 -71.80 16.39 57.31
C MET E 472 -71.60 15.32 58.37
N PHE E 473 -70.35 14.91 58.58
CA PHE E 473 -70.03 13.86 59.53
C PHE E 473 -70.53 14.19 60.93
N LYS E 474 -70.46 15.47 61.29
CA LYS E 474 -70.90 15.94 62.59
C LYS E 474 -72.20 16.74 62.49
N SER E 475 -72.94 16.54 61.40
CA SER E 475 -74.17 17.27 61.16
C SER E 475 -75.35 16.64 61.91
N ASP E 476 -75.98 17.45 62.75
CA ASP E 476 -77.19 17.03 63.47
C ASP E 476 -78.44 17.48 62.71
N GLU E 477 -78.23 18.10 61.55
CA GLU E 477 -79.33 18.65 60.76
C GLU E 477 -80.25 17.56 60.22
N TRP E 478 -79.74 16.33 60.14
CA TRP E 478 -80.55 15.22 59.65
C TRP E 478 -81.69 14.92 60.60
N ASN E 479 -82.73 14.26 60.07
CA ASN E 479 -83.86 13.85 60.88
C ASN E 479 -83.47 12.83 61.94
N ASP E 480 -82.26 12.29 61.81
CA ASP E 480 -81.72 11.32 62.76
C ASP E 480 -82.36 9.95 62.58
N GLN E 481 -83.34 9.86 61.69
CA GLN E 481 -83.97 8.59 61.37
C GLN E 481 -82.91 7.65 60.80
N LYS E 482 -82.13 8.16 59.86
CA LYS E 482 -80.99 7.42 59.32
C LYS E 482 -79.68 8.12 59.64
N LEU E 483 -78.91 7.53 60.57
CA LEU E 483 -77.54 7.94 60.81
C LEU E 483 -76.58 7.00 60.07
N GLU E 484 -77.15 6.09 59.28
CA GLU E 484 -76.37 5.18 58.45
C GLU E 484 -75.31 5.91 57.63
N VAL E 485 -75.56 7.18 57.34
CA VAL E 485 -74.64 8.02 56.59
C VAL E 485 -73.24 7.96 57.21
N GLN E 486 -73.17 7.83 58.52
CA GLN E 486 -71.91 7.70 59.23
C GLN E 486 -71.13 6.51 58.69
N GLU E 487 -71.81 5.39 58.51
CA GLU E 487 -71.19 4.19 57.97
C GLU E 487 -70.80 4.40 56.51
N ILE E 488 -71.65 5.11 55.77
CA ILE E 488 -71.39 5.39 54.36
C ILE E 488 -70.17 6.27 54.20
N ILE E 489 -70.10 7.35 54.98
CA ILE E 489 -68.94 8.23 54.98
C ILE E 489 -67.72 7.44 55.44
N LEU E 490 -67.94 6.58 56.43
CA LEU E 490 -66.88 5.71 56.93
C LEU E 490 -66.56 4.63 55.91
N ARG E 491 -67.53 4.31 55.06
CA ARG E 491 -67.36 3.28 54.05
C ARG E 491 -66.49 3.75 52.89
N ASN E 492 -67.00 4.70 52.12
CA ASN E 492 -66.35 5.16 50.90
C ASN E 492 -64.99 5.79 51.15
N PHE E 493 -64.82 6.39 52.34
CA PHE E 493 -63.57 7.04 52.69
C PHE E 493 -62.50 6.03 53.09
N LEU E 494 -62.93 4.97 53.77
CA LEU E 494 -62.02 3.94 54.26
C LEU E 494 -61.41 3.15 53.11
N LYS E 495 -62.21 2.92 52.07
CA LYS E 495 -61.78 2.11 50.93
C LYS E 495 -60.60 2.74 50.19
N ARG E 496 -60.38 4.03 50.41
CA ARG E 496 -59.31 4.76 49.75
C ARG E 496 -57.95 4.54 50.42
N ILE E 497 -57.97 4.33 51.74
CA ILE E 497 -56.74 4.35 52.53
C ILE E 497 -56.25 2.96 52.93
N ILE E 498 -57.17 2.04 53.20
CA ILE E 498 -56.79 0.71 53.67
C ILE E 498 -56.01 -0.06 52.61
N VAL E 499 -56.22 0.30 51.34
CA VAL E 499 -55.50 -0.33 50.24
C VAL E 499 -54.06 0.15 50.20
N ASN E 500 -53.31 -0.36 49.23
CA ASN E 500 -51.89 -0.06 49.12
C ASN E 500 -51.63 1.41 48.79
N LYS E 501 -50.50 1.92 49.29
CA LYS E 501 -50.06 3.27 48.96
C LYS E 501 -49.53 3.29 47.53
N PRO E 502 -49.30 4.49 46.97
CA PRO E 502 -49.45 5.81 47.58
C PRO E 502 -50.91 6.21 47.78
N HIS E 503 -51.17 7.05 48.79
CA HIS E 503 -52.50 7.52 49.09
C HIS E 503 -52.65 8.98 48.70
N THR E 504 -53.88 9.37 48.35
CA THR E 504 -54.15 10.75 47.96
C THR E 504 -53.82 11.71 49.10
N TRP E 505 -53.46 12.94 48.75
CA TRP E 505 -53.14 13.95 49.75
C TRP E 505 -54.40 14.36 50.50
N GLY E 506 -55.54 14.35 49.81
CA GLY E 506 -56.80 14.75 50.40
C GLY E 506 -57.30 13.75 51.43
N VAL E 507 -57.33 12.47 51.05
CA VAL E 507 -57.80 11.43 51.94
C VAL E 507 -56.86 11.23 53.13
N SER E 508 -55.61 11.68 52.97
CA SER E 508 -54.62 11.57 54.04
C SER E 508 -54.88 12.61 55.12
N VAL E 509 -55.24 13.82 54.72
CA VAL E 509 -55.52 14.89 55.67
C VAL E 509 -56.83 14.65 56.40
N PHE E 510 -57.88 14.38 55.64
CA PHE E 510 -59.22 14.18 56.22
C PHE E 510 -59.26 12.95 57.11
N PHE E 511 -58.35 12.01 56.87
CA PHE E 511 -58.25 10.80 57.68
C PHE E 511 -57.72 11.12 59.07
N THR E 512 -56.87 12.14 59.15
CA THR E 512 -56.26 12.54 60.42
C THR E 512 -57.25 13.31 61.28
N GLN E 513 -58.02 14.20 60.66
CA GLN E 513 -58.97 15.05 61.38
C GLN E 513 -59.99 14.24 62.17
N LEU E 514 -60.17 12.97 61.80
CA LEU E 514 -61.13 12.10 62.47
C LEU E 514 -60.60 11.62 63.83
N ILE E 515 -59.34 11.19 63.84
CA ILE E 515 -58.74 10.60 65.04
C ILE E 515 -57.98 11.64 65.87
N ASN E 516 -57.65 12.77 65.25
CA ASN E 516 -56.88 13.81 65.94
C ASN E 516 -57.66 14.38 67.12
N ASN E 517 -58.71 15.15 66.83
CA ASN E 517 -59.55 15.71 67.89
C ASN E 517 -60.45 14.63 68.48
N ASN E 518 -60.31 14.40 69.79
CA ASN E 518 -61.08 13.38 70.48
C ASN E 518 -61.93 13.98 71.60
N ILE E 520 -66.00 14.57 67.78
CA ILE E 520 -64.79 13.80 68.07
C ILE E 520 -65.14 12.39 68.54
N ASN E 521 -65.75 11.61 67.64
CA ASN E 521 -66.18 10.26 67.97
C ASN E 521 -65.03 9.25 67.95
N LEU E 522 -64.15 9.38 66.97
CA LEU E 522 -63.05 8.44 66.78
C LEU E 522 -63.59 7.03 66.50
N LEU E 523 -63.20 6.05 67.30
CA LEU E 523 -63.61 4.67 67.10
C LEU E 523 -65.00 4.40 67.69
N ASP E 524 -65.58 5.42 68.30
CA ASP E 524 -66.87 5.29 69.00
C ASP E 524 -67.99 4.79 68.09
N LEU E 525 -67.79 4.87 66.78
CA LEU E 525 -68.78 4.43 65.81
C LEU E 525 -69.20 2.97 66.06
N PRO E 526 -70.50 2.71 66.13
CA PRO E 526 -70.97 1.34 66.43
C PRO E 526 -70.68 0.35 65.31
N PHE E 527 -70.44 0.85 64.11
CA PHE E 527 -70.11 0.00 62.96
C PHE E 527 -68.76 -0.67 63.16
N VAL E 528 -67.93 -0.10 64.03
CA VAL E 528 -66.60 -0.63 64.31
C VAL E 528 -66.69 -2.03 64.92
N GLU E 533 -65.13 -7.19 62.33
CA GLU E 533 -63.72 -6.98 62.09
C GLU E 533 -63.43 -5.56 61.62
N ILE E 534 -64.34 -4.64 61.94
CA ILE E 534 -64.19 -3.24 61.55
C ILE E 534 -63.22 -2.50 62.47
N LYS E 535 -62.80 -3.17 63.54
CA LYS E 535 -61.86 -2.60 64.50
C LYS E 535 -60.43 -2.62 63.97
N LEU E 536 -60.24 -3.22 62.80
CA LEU E 536 -58.91 -3.40 62.21
C LEU E 536 -58.21 -2.08 61.89
N ILE E 537 -58.94 -0.97 61.97
CA ILE E 537 -58.35 0.35 61.72
C ILE E 537 -57.23 0.61 62.73
N LEU E 538 -57.48 0.30 63.99
CA LEU E 538 -56.48 0.46 65.03
C LEU E 538 -55.28 -0.44 64.75
N GLN E 539 -55.54 -1.59 64.16
CA GLN E 539 -54.49 -2.53 63.79
C GLN E 539 -53.68 -1.99 62.60
N GLN E 540 -54.33 -1.19 61.76
CA GLN E 540 -53.68 -0.60 60.61
C GLN E 540 -52.79 0.57 61.02
N LEU E 541 -53.24 1.32 62.02
CA LEU E 541 -52.48 2.47 62.52
C LEU E 541 -53.10 3.00 63.81
N ASN F 13 -65.61 -20.04 3.18
CA ASN F 13 -64.98 -18.85 2.61
C ASN F 13 -65.32 -17.60 3.43
N ALA F 14 -65.06 -17.66 4.72
CA ALA F 14 -65.35 -16.54 5.62
C ALA F 14 -64.29 -15.46 5.50
N VAL F 15 -63.06 -15.85 5.18
CA VAL F 15 -61.96 -14.91 5.06
C VAL F 15 -62.07 -14.11 3.78
N ASP F 16 -62.69 -14.70 2.75
CA ASP F 16 -62.87 -14.03 1.47
C ASP F 16 -63.74 -12.80 1.62
N PHE F 17 -64.55 -12.77 2.67
CA PHE F 17 -65.38 -11.61 2.96
C PHE F 17 -64.51 -10.40 3.31
N LEU F 18 -63.35 -10.66 3.89
CA LEU F 18 -62.39 -9.61 4.22
C LEU F 18 -61.56 -9.24 2.99
N ASP F 19 -61.17 -10.24 2.23
CA ASP F 19 -60.41 -10.02 1.00
C ASP F 19 -61.23 -9.18 0.02
N ALA F 20 -62.55 -9.40 0.04
CA ALA F 20 -63.47 -8.60 -0.78
C ALA F 20 -63.49 -7.17 -0.27
N ARG F 21 -63.44 -7.02 1.05
CA ARG F 21 -63.46 -5.70 1.67
C ARG F 21 -62.18 -4.93 1.35
N LEU F 22 -61.05 -5.61 1.43
CA LEU F 22 -59.76 -4.98 1.17
C LEU F 22 -59.62 -4.60 -0.29
N HIS F 23 -60.37 -5.30 -1.15
CA HIS F 23 -60.40 -4.99 -2.57
C HIS F 23 -61.41 -3.87 -2.85
N SER F 24 -62.39 -3.72 -1.96
CA SER F 24 -63.39 -2.67 -2.09
C SER F 24 -62.79 -1.30 -1.78
N LEU F 25 -61.98 -1.24 -0.74
CA LEU F 25 -61.39 0.01 -0.30
C LEU F 25 -60.36 0.53 -1.29
N SER F 26 -59.83 -0.37 -2.11
CA SER F 26 -58.83 0.01 -3.11
C SER F 26 -59.43 0.93 -4.18
N ASN F 27 -60.65 0.61 -4.60
CA ASN F 27 -61.33 1.39 -5.63
C ASN F 27 -61.99 2.65 -5.08
N TYR F 28 -62.04 2.77 -3.76
CA TYR F 28 -62.64 3.93 -3.12
C TYR F 28 -61.76 5.16 -3.31
N GLN F 29 -62.33 6.18 -3.94
CA GLN F 29 -61.62 7.43 -4.20
C GLN F 29 -60.38 7.19 -5.07
N LYS F 30 -60.61 6.77 -6.31
CA LYS F 30 -59.51 6.55 -7.25
C LYS F 30 -58.80 7.87 -7.58
N ARG F 31 -57.56 7.98 -7.12
CA ARG F 31 -56.74 9.16 -7.38
C ARG F 31 -55.39 8.76 -7.96
N PRO F 32 -54.91 9.49 -8.98
CA PRO F 32 -53.57 9.20 -9.50
C PRO F 32 -52.49 9.74 -8.56
N ILE F 33 -51.55 8.88 -8.18
CA ILE F 33 -50.46 9.28 -7.30
C ILE F 33 -49.57 10.28 -7.99
N SER F 34 -49.54 11.51 -7.47
CA SER F 34 -48.75 12.59 -8.05
C SER F 34 -47.47 12.81 -7.26
N ILE F 35 -46.35 12.37 -7.82
CA ILE F 35 -45.05 12.66 -7.23
C ILE F 35 -44.66 14.09 -7.58
N LYS F 36 -43.91 14.73 -6.70
CA LYS F 36 -43.48 16.10 -6.92
C LYS F 36 -42.46 16.18 -8.05
N SER F 37 -42.81 16.87 -9.13
CA SER F 37 -41.85 17.21 -10.15
C SER F 37 -40.83 18.17 -9.56
N ASN F 38 -41.24 18.85 -8.50
CA ASN F 38 -40.39 19.80 -7.79
C ASN F 38 -39.14 19.17 -7.21
N ILE F 39 -39.30 18.06 -6.49
CA ILE F 39 -38.19 17.47 -5.74
C ILE F 39 -37.24 16.71 -6.66
N ILE F 40 -36.10 16.31 -6.09
CA ILE F 40 -35.02 15.51 -6.71
C ILE F 40 -34.44 16.11 -8.00
N ASP F 41 -34.48 17.44 -8.11
CA ASP F 41 -33.73 18.13 -9.16
C ASP F 41 -34.01 17.51 -10.52
N GLU F 42 -35.24 17.66 -11.00
CA GLU F 42 -35.72 16.93 -12.17
C GLU F 42 -34.77 17.05 -13.37
N GLU F 43 -34.65 15.95 -14.11
CA GLU F 43 -33.70 15.80 -15.22
C GLU F 43 -32.32 15.37 -14.71
N THR F 44 -32.11 15.43 -13.40
CA THR F 44 -30.98 14.72 -12.80
C THR F 44 -31.32 13.24 -12.85
N TYR F 45 -32.63 12.96 -12.79
CA TYR F 45 -33.11 11.60 -12.93
C TYR F 45 -33.10 11.24 -14.41
N LYS F 46 -32.26 10.28 -14.76
CA LYS F 46 -32.08 9.84 -16.14
C LYS F 46 -30.92 8.85 -16.17
N LYS F 47 -30.84 8.08 -17.24
CA LYS F 47 -29.77 7.09 -17.39
C LYS F 47 -29.69 6.19 -16.17
N TYR F 48 -30.83 6.00 -15.51
CA TYR F 48 -30.91 5.18 -14.30
C TYR F 48 -31.42 3.79 -14.65
N PRO F 49 -30.61 2.75 -14.40
CA PRO F 49 -31.06 1.38 -14.70
C PRO F 49 -32.38 1.05 -14.02
N SER F 50 -33.34 0.53 -14.80
CA SER F 50 -34.65 0.16 -14.27
C SER F 50 -34.48 -0.88 -13.17
N LEU F 51 -34.63 -0.44 -11.93
CA LEU F 51 -34.41 -1.28 -10.76
C LEU F 51 -35.44 -2.39 -10.67
N PHE F 52 -36.56 -2.20 -11.36
CA PHE F 52 -37.67 -3.16 -11.33
C PHE F 52 -38.04 -3.61 -12.74
N SER F 53 -38.29 -4.91 -12.89
CA SER F 53 -38.70 -5.48 -14.16
C SER F 53 -40.20 -5.30 -14.35
N TRP F 54 -40.58 -4.42 -15.27
CA TRP F 54 -41.97 -4.11 -15.54
C TRP F 54 -42.29 -4.21 -17.03
N ASP F 55 -43.49 -4.70 -17.34
CA ASP F 55 -43.95 -4.84 -18.72
C ASP F 55 -45.01 -3.80 -19.04
N ARG G 31 65.01 17.38 5.21
CA ARG G 31 65.64 16.19 4.66
C ARG G 31 65.07 15.85 3.28
N THR G 32 63.74 15.88 3.17
CA THR G 32 63.07 15.59 1.91
C THR G 32 63.40 16.67 0.87
N GLU G 33 63.59 17.90 1.35
CA GLU G 33 63.95 19.01 0.49
C GLU G 33 65.31 18.78 -0.15
N LYS G 34 66.14 17.99 0.52
CA LYS G 34 67.47 17.66 0.00
C LYS G 34 67.37 16.83 -1.27
N PHE G 35 66.63 15.73 -1.21
CA PHE G 35 66.41 14.88 -2.37
C PHE G 35 65.74 15.65 -3.49
N TYR G 36 64.86 16.58 -3.12
CA TYR G 36 64.18 17.42 -4.09
C TYR G 36 65.16 18.33 -4.82
N LEU G 37 66.09 18.90 -4.05
CA LEU G 37 67.10 19.81 -4.62
C LEU G 37 68.08 19.09 -5.53
N VAL G 38 68.11 17.76 -5.44
CA VAL G 38 68.98 16.96 -6.30
C VAL G 38 68.34 16.77 -7.66
N PHE G 39 67.05 16.46 -7.68
CA PHE G 39 66.33 16.23 -8.93
C PHE G 39 66.23 17.52 -9.75
N THR G 40 66.54 18.65 -9.13
CA THR G 40 66.64 19.92 -9.85
C THR G 40 67.84 19.92 -10.78
N GLU G 41 68.71 18.93 -10.62
CA GLU G 41 69.91 18.80 -11.45
C GLU G 41 69.59 18.07 -12.76
N TRP G 42 68.63 17.14 -12.70
CA TRP G 42 68.26 16.36 -13.87
C TRP G 42 67.43 17.19 -14.84
N VAL G 43 66.55 18.03 -14.30
CA VAL G 43 65.70 18.89 -15.13
C VAL G 43 66.50 19.98 -15.85
N LYS G 44 67.41 20.64 -15.13
CA LYS G 44 68.17 21.75 -15.70
C LYS G 44 69.15 21.26 -16.75
N LEU G 45 69.52 19.99 -16.65
CA LEU G 45 70.60 19.45 -17.46
C LEU G 45 70.13 19.02 -18.84
N LEU G 46 68.95 18.39 -18.90
CA LEU G 46 68.46 17.74 -20.12
C LEU G 46 68.57 18.60 -21.38
N GLN G 47 68.14 19.86 -21.30
CA GLN G 47 68.10 20.73 -22.46
C GLN G 47 69.51 21.10 -22.90
N ARG G 48 70.31 21.54 -21.93
CA ARG G 48 71.68 21.91 -22.20
C ARG G 48 72.55 20.66 -22.40
N VAL G 49 72.05 19.52 -21.96
CA VAL G 49 72.79 18.25 -22.06
C VAL G 49 72.82 17.73 -23.49
N GLU G 50 71.66 17.76 -24.15
CA GLU G 50 71.54 17.27 -25.52
C GLU G 50 71.82 15.77 -25.58
N ASP G 53 74.09 13.17 -23.91
CA ASP G 53 75.47 12.70 -23.98
C ASP G 53 75.77 11.73 -22.84
N VAL G 54 77.02 11.26 -22.80
CA VAL G 54 77.46 10.33 -21.77
C VAL G 54 77.55 11.01 -20.40
N ILE G 55 77.39 12.33 -20.38
CA ILE G 55 77.40 13.09 -19.13
C ILE G 55 76.30 12.58 -18.20
N THR G 56 75.19 12.13 -18.80
CA THR G 56 74.09 11.58 -18.03
C THR G 56 74.52 10.32 -17.30
N THR G 57 75.45 9.59 -17.90
CA THR G 57 76.02 8.40 -17.27
C THR G 57 76.95 8.82 -16.13
N VAL G 58 77.67 9.92 -16.36
CA VAL G 58 78.56 10.49 -15.36
C VAL G 58 77.76 11.06 -14.19
N PHE G 59 76.59 11.60 -14.52
CA PHE G 59 75.69 12.19 -13.53
C PHE G 59 75.30 11.17 -12.48
N ILE G 60 74.58 10.13 -12.91
CA ILE G 60 74.15 9.05 -12.02
C ILE G 60 75.35 8.27 -11.47
N LYS G 61 76.51 8.46 -12.08
CA LYS G 61 77.75 7.88 -11.59
C LYS G 61 78.26 8.68 -10.39
N GLN G 62 78.09 10.00 -10.44
CA GLN G 62 78.46 10.87 -9.33
C GLN G 62 77.34 10.90 -8.28
N LEU G 63 76.18 10.37 -8.66
CA LEU G 63 75.05 10.30 -7.76
C LEU G 63 75.34 9.29 -6.64
N VAL G 64 75.74 8.08 -7.04
CA VAL G 64 76.06 7.04 -6.06
C VAL G 64 77.36 7.34 -5.32
N GLU G 65 78.27 8.06 -5.97
CA GLU G 65 79.55 8.39 -5.38
C GLU G 65 79.42 9.50 -4.34
N LYS G 66 78.40 10.35 -4.52
CA LYS G 66 78.17 11.47 -3.61
C LYS G 66 77.55 11.01 -2.29
N GLY G 67 77.13 9.74 -2.24
CA GLY G 67 76.51 9.18 -1.06
C GLY G 67 75.00 9.07 -1.22
N VAL G 68 74.46 9.72 -2.23
CA VAL G 68 73.02 9.67 -2.50
C VAL G 68 72.70 8.40 -3.28
N ILE G 69 71.54 7.83 -3.03
CA ILE G 69 71.11 6.61 -3.72
C ILE G 69 72.13 5.50 -3.45
N SER G 70 72.64 5.46 -2.21
CA SER G 70 73.61 4.44 -1.83
C SER G 70 72.95 3.07 -1.81
N ASP G 71 71.82 2.98 -1.11
CA ASP G 71 71.05 1.73 -1.02
C ASP G 71 69.70 1.91 -1.71
N THR G 72 68.87 0.89 -1.61
CA THR G 72 67.54 0.92 -2.22
C THR G 72 66.63 1.92 -1.49
N ASP G 73 66.83 2.04 -0.18
CA ASP G 73 66.04 2.97 0.62
C ASP G 73 66.29 4.42 0.20
N ASN G 74 67.47 4.67 -0.37
CA ASN G 74 67.81 5.99 -0.87
C ASN G 74 67.32 6.20 -2.29
N LEU G 75 67.18 5.09 -3.03
CA LEU G 75 66.73 5.13 -4.42
C LEU G 75 65.23 5.32 -4.51
N LEU G 76 64.48 4.43 -3.87
CA LEU G 76 63.03 4.42 -3.96
C LEU G 76 62.43 5.67 -3.34
N THR G 77 63.10 6.21 -2.32
CA THR G 77 62.66 7.45 -1.70
C THR G 77 62.99 8.65 -2.59
N PHE G 78 63.98 8.48 -3.45
CA PHE G 78 64.35 9.52 -4.41
C PHE G 78 63.39 9.50 -5.60
N VAL G 79 63.06 8.30 -6.07
CA VAL G 79 62.08 8.14 -7.13
C VAL G 79 60.69 8.51 -6.61
N LYS G 80 60.46 8.22 -5.33
CA LYS G 80 59.22 8.61 -4.66
C LYS G 80 59.00 10.11 -4.76
N SER G 81 59.93 10.86 -4.16
CA SER G 81 59.84 12.32 -4.13
C SER G 81 59.81 12.92 -5.54
N SER G 82 60.73 12.46 -6.39
CA SER G 82 60.86 12.98 -7.74
C SER G 82 59.56 12.90 -8.54
N LEU G 83 58.77 11.86 -8.29
CA LEU G 83 57.51 11.68 -8.99
C LEU G 83 56.45 12.65 -8.46
N GLU G 84 56.50 12.96 -7.17
CA GLU G 84 55.54 13.85 -6.56
C GLU G 84 55.79 15.30 -6.96
N LEU G 85 57.04 15.61 -7.31
CA LEU G 85 57.39 16.94 -7.78
C LEU G 85 56.75 17.23 -9.14
N SER G 86 56.75 16.22 -10.01
CA SER G 86 56.23 16.36 -11.35
C SER G 86 54.74 16.71 -11.36
N VAL G 87 53.96 16.01 -10.54
CA VAL G 87 52.52 16.24 -10.47
C VAL G 87 52.23 17.66 -10.00
N SER G 88 52.95 18.10 -8.98
CA SER G 88 52.81 19.47 -8.48
C SER G 88 53.32 20.46 -9.53
N SER G 89 54.36 20.06 -10.26
CA SER G 89 54.90 20.87 -11.34
C SER G 89 53.88 20.95 -12.47
N PHE G 90 53.11 19.88 -12.65
CA PHE G 90 52.04 19.86 -13.62
C PHE G 90 50.97 20.86 -13.20
N LYS G 91 50.72 20.91 -11.90
CA LYS G 91 49.82 21.91 -11.32
C LYS G 91 50.46 23.28 -11.44
N GLU G 92 49.64 24.32 -11.36
CA GLU G 92 50.08 25.71 -11.49
C GLU G 92 50.40 26.08 -12.93
N SER G 93 50.39 25.09 -13.83
CA SER G 93 50.58 25.32 -15.25
C SER G 93 49.24 25.26 -15.98
N ASP G 94 48.75 26.43 -16.39
CA ASP G 94 47.48 26.54 -17.11
C ASP G 94 47.46 26.00 -18.54
N PRO G 95 48.51 26.29 -19.35
CA PRO G 95 48.48 26.11 -20.80
C PRO G 95 47.96 24.74 -21.28
N THR G 96 48.09 23.71 -20.46
CA THR G 96 47.64 22.37 -20.80
C THR G 96 46.24 22.36 -21.43
N GLU G 98 51.52 22.19 -21.12
CA GLU G 98 52.04 20.83 -21.03
C GLU G 98 53.54 20.82 -20.81
N VAL G 99 53.95 20.77 -19.55
CA VAL G 99 55.37 20.61 -19.25
C VAL G 99 55.57 19.14 -18.92
N PHE G 100 56.13 18.43 -19.88
CA PHE G 100 56.47 17.02 -19.75
C PHE G 100 57.99 16.92 -19.55
N ILE G 101 58.68 18.01 -19.86
CA ILE G 101 60.13 18.06 -19.76
C ILE G 101 60.60 17.70 -18.35
N ALA G 102 59.73 17.89 -17.36
CA ALA G 102 60.06 17.55 -15.98
C ALA G 102 59.92 16.05 -15.74
N ILE G 103 58.90 15.45 -16.34
CA ILE G 103 58.62 14.03 -16.12
C ILE G 103 59.26 13.14 -17.19
N ASP G 104 59.43 13.68 -18.39
CA ASP G 104 60.11 12.95 -19.46
C ASP G 104 61.54 12.64 -19.04
N ALA G 105 62.14 13.57 -18.31
CA ALA G 105 63.52 13.42 -17.85
C ALA G 105 63.60 12.32 -16.79
N LEU G 106 62.57 12.22 -15.96
CA LEU G 106 62.50 11.18 -14.95
C LEU G 106 62.42 9.80 -15.60
N GLY G 107 61.50 9.66 -16.55
CA GLY G 107 61.31 8.40 -17.24
C GLY G 107 62.60 7.88 -17.88
N SER G 108 63.47 8.80 -18.26
CA SER G 108 64.78 8.45 -18.81
C SER G 108 65.71 7.95 -17.71
N LEU G 109 65.59 8.56 -16.53
CA LEU G 109 66.41 8.17 -15.38
C LEU G 109 66.11 6.73 -14.97
N ILE G 110 64.86 6.32 -15.15
CA ILE G 110 64.45 4.95 -14.83
C ILE G 110 65.18 3.96 -15.72
N ILE G 111 65.21 4.25 -17.02
CA ILE G 111 65.83 3.36 -17.99
C ILE G 111 67.35 3.37 -17.87
N LYS G 112 67.92 4.54 -17.62
CA LYS G 112 69.36 4.65 -17.50
C LYS G 112 69.88 3.81 -16.33
N LEU G 113 69.21 3.90 -15.19
CA LEU G 113 69.60 3.14 -14.01
C LEU G 113 69.28 1.64 -14.14
N LEU G 114 68.50 1.29 -15.17
CA LEU G 114 68.13 -0.11 -15.40
C LEU G 114 69.23 -0.86 -16.14
N ILE G 115 69.97 -0.15 -16.98
CA ILE G 115 71.00 -0.74 -17.81
C ILE G 115 72.38 -0.46 -17.22
N LEU G 116 72.54 0.75 -16.69
CA LEU G 116 73.81 1.24 -16.20
C LEU G 116 74.24 0.54 -14.92
N GLN G 117 73.30 0.30 -14.01
CA GLN G 117 73.62 -0.34 -12.73
C GLN G 117 74.13 -1.77 -12.90
N ASP G 118 75.06 -2.16 -12.02
CA ASP G 118 75.54 -3.54 -11.98
C ASP G 118 74.61 -4.38 -11.10
N PHE G 119 74.08 -5.44 -11.67
CA PHE G 119 73.08 -6.26 -11.01
C PHE G 119 73.57 -7.66 -10.69
N LYS G 120 73.09 -8.20 -9.58
CA LYS G 120 73.32 -9.60 -9.24
C LYS G 120 72.39 -10.47 -10.07
N ASP G 121 72.34 -11.75 -9.76
CA ASP G 121 71.55 -12.70 -10.53
C ASP G 121 70.06 -12.32 -10.61
N ASP G 122 69.41 -12.25 -9.45
CA ASP G 122 67.98 -11.94 -9.40
C ASP G 122 67.67 -10.48 -9.11
N THR G 123 68.71 -9.67 -8.90
CA THR G 123 68.51 -8.29 -8.47
C THR G 123 67.96 -7.39 -9.57
N ARG G 124 68.22 -7.73 -10.83
CA ARG G 124 67.73 -6.93 -11.94
C ARG G 124 66.21 -6.92 -11.97
N ARG G 125 65.61 -8.05 -11.61
CA ARG G 125 64.16 -8.18 -11.59
C ARG G 125 63.56 -7.38 -10.43
N ASP G 126 64.24 -7.39 -9.30
CA ASP G 126 63.77 -6.70 -8.10
C ASP G 126 63.77 -5.19 -8.31
N TYR G 127 64.67 -4.71 -9.17
CA TYR G 127 64.81 -3.28 -9.42
C TYR G 127 63.59 -2.71 -10.14
N ILE G 128 63.28 -3.28 -11.30
CA ILE G 128 62.20 -2.76 -12.13
C ILE G 128 60.85 -2.85 -11.42
N ASN G 129 60.69 -3.92 -10.64
CA ASN G 129 59.46 -4.12 -9.88
C ASN G 129 59.32 -3.11 -8.75
N ALA G 130 60.44 -2.70 -8.17
CA ALA G 130 60.44 -1.76 -7.06
C ALA G 130 59.96 -0.38 -7.50
N ILE G 131 60.48 0.09 -8.64
CA ILE G 131 60.12 1.40 -9.15
C ILE G 131 58.65 1.46 -9.56
N PHE G 132 58.20 0.46 -10.32
CA PHE G 132 56.80 0.37 -10.70
C PHE G 132 55.89 0.41 -9.48
N SER G 133 56.32 -0.20 -8.39
CA SER G 133 55.55 -0.21 -7.15
C SER G 133 55.47 1.20 -6.56
N VAL G 134 56.55 1.96 -6.71
CA VAL G 134 56.58 3.33 -6.21
C VAL G 134 55.66 4.22 -7.06
N ILE G 135 55.70 4.03 -8.37
CA ILE G 135 54.88 4.82 -9.27
C ILE G 135 53.40 4.62 -8.98
N VAL G 136 52.98 3.36 -8.92
CA VAL G 136 51.57 3.03 -8.71
C VAL G 136 51.15 3.31 -7.26
N LEU G 137 52.12 3.35 -6.36
CA LEU G 137 51.85 3.67 -4.96
C LEU G 137 51.49 5.14 -4.81
N VAL G 138 52.29 5.99 -5.45
CA VAL G 138 52.04 7.43 -5.45
C VAL G 138 50.71 7.70 -6.17
N PHE G 139 50.46 6.94 -7.23
CA PHE G 139 49.23 7.07 -8.00
C PHE G 139 48.00 6.89 -7.11
N ALA G 140 48.07 5.91 -6.21
CA ALA G 140 46.98 5.63 -5.29
C ALA G 140 46.85 6.75 -4.27
N LYS G 141 47.99 7.27 -3.82
CA LYS G 141 48.01 8.37 -2.87
C LYS G 141 47.44 9.63 -3.50
N ASP G 142 47.74 9.83 -4.78
CA ASP G 142 47.24 10.98 -5.53
C ASP G 142 45.73 10.87 -5.71
N HIS G 143 45.26 9.66 -6.00
CA HIS G 143 43.84 9.43 -6.24
C HIS G 143 43.01 9.76 -5.00
N SER G 144 43.65 9.71 -3.83
CA SER G 144 43.01 10.13 -2.59
C SER G 144 43.14 11.64 -2.44
N GLN G 145 42.12 12.26 -1.85
CA GLN G 145 42.12 13.71 -1.65
C GLN G 145 43.24 14.13 -0.70
N THR G 148 41.57 16.16 -4.31
CA THR G 148 40.82 16.28 -5.55
C THR G 148 41.66 16.93 -6.64
N THR G 149 42.97 17.01 -6.42
CA THR G 149 43.89 17.61 -7.37
C THR G 149 44.44 16.57 -8.35
N PHE G 150 43.96 15.33 -8.25
CA PHE G 150 44.45 14.24 -9.06
C PHE G 150 44.27 14.48 -10.56
N ASN G 151 45.22 13.98 -11.35
CA ASN G 151 45.14 14.04 -12.79
C ASN G 151 45.68 12.75 -13.40
N GLU G 152 45.05 12.30 -14.49
CA GLU G 152 45.36 11.00 -15.09
C GLU G 152 46.39 11.10 -16.21
N ARG G 153 46.87 12.30 -16.50
CA ARG G 153 47.80 12.52 -17.61
C ARG G 153 49.27 12.32 -17.23
N PRO G 154 49.72 12.88 -16.08
CA PRO G 154 51.14 12.78 -15.72
C PRO G 154 51.66 11.35 -15.65
N TYR G 155 50.99 10.51 -14.88
CA TYR G 155 51.43 9.13 -14.71
C TYR G 155 51.35 8.36 -16.03
N PHE G 156 50.32 8.68 -16.83
CA PHE G 156 50.16 8.06 -18.14
C PHE G 156 51.35 8.38 -19.03
N ARG G 157 51.85 9.61 -18.93
CA ARG G 157 53.00 10.05 -19.72
C ARG G 157 54.25 9.29 -19.30
N LEU G 158 54.37 9.05 -18.00
CA LEU G 158 55.52 8.35 -17.46
C LEU G 158 55.62 6.92 -17.99
N PHE G 159 54.55 6.15 -17.81
CA PHE G 159 54.51 4.78 -18.31
C PHE G 159 54.74 4.73 -19.82
N SER G 160 54.31 5.76 -20.52
CA SER G 160 54.45 5.82 -21.97
C SER G 160 55.91 6.05 -22.36
N ASN G 161 56.59 6.92 -21.64
CA ASN G 161 57.99 7.22 -21.91
C ASN G 161 58.89 6.01 -21.67
N ILE G 162 58.54 5.21 -20.66
CA ILE G 162 59.29 4.01 -20.32
C ILE G 162 59.19 3.00 -21.46
N LEU G 163 58.01 2.91 -22.07
CA LEU G 163 57.79 2.00 -23.19
C LEU G 163 58.55 2.50 -24.42
N TYR G 164 58.47 3.80 -24.68
CA TYR G 164 59.16 4.39 -25.83
C TYR G 164 60.66 4.33 -25.66
N GLU G 165 61.14 4.69 -24.47
CA GLU G 165 62.57 4.72 -24.20
C GLU G 165 63.15 3.32 -24.30
N TRP G 166 62.50 2.35 -23.65
CA TRP G 166 62.94 0.96 -23.69
C TRP G 166 62.86 0.42 -25.11
N ALA G 167 61.85 0.86 -25.87
CA ALA G 167 61.67 0.41 -27.25
C ALA G 167 62.88 0.78 -28.11
N THR G 168 63.58 1.83 -27.72
CA THR G 168 64.80 2.23 -28.42
C THR G 168 65.96 1.33 -28.02
N ILE G 169 65.95 0.91 -26.75
CA ILE G 169 67.00 0.05 -26.22
C ILE G 169 66.97 -1.33 -26.87
N ARG G 170 65.79 -1.93 -26.87
CA ARG G 170 65.62 -3.29 -27.39
C ARG G 170 65.94 -3.41 -28.87
N THR G 171 65.68 -2.35 -29.63
CA THR G 171 65.79 -2.37 -31.09
C THR G 171 67.08 -3.01 -31.58
N HIS G 172 66.96 -3.85 -32.60
CA HIS G 172 68.10 -4.56 -33.16
C HIS G 172 68.76 -5.48 -32.13
N ASN G 173 67.97 -6.42 -31.59
CA ASN G 173 68.48 -7.42 -30.65
C ASN G 173 69.44 -6.85 -29.59
N PHE G 174 69.18 -5.61 -29.18
CA PHE G 174 70.03 -4.91 -28.24
C PHE G 174 71.44 -4.76 -28.79
N VAL G 175 71.55 -4.50 -30.09
CA VAL G 175 72.84 -4.20 -30.70
C VAL G 175 73.40 -2.95 -30.03
N ARG G 176 72.50 -2.05 -29.65
CA ARG G 176 72.88 -0.83 -28.93
C ARG G 176 73.58 -1.15 -27.61
N ILE G 177 73.37 -2.36 -27.09
CA ILE G 177 74.03 -2.80 -25.87
C ILE G 177 75.54 -2.82 -26.08
N SER G 178 76.28 -2.50 -25.03
CA SER G 178 77.73 -2.35 -25.11
C SER G 178 78.43 -3.63 -25.57
N ASP G 179 78.23 -4.72 -24.83
CA ASP G 179 78.93 -5.97 -25.11
C ASP G 179 78.08 -7.17 -24.69
N SER G 180 78.47 -8.35 -25.18
CA SER G 180 77.73 -9.59 -24.92
C SER G 180 77.55 -9.86 -23.44
N SER G 181 78.41 -9.27 -22.60
CA SER G 181 78.34 -9.49 -21.17
C SER G 181 77.00 -9.02 -20.58
N THR G 182 76.70 -7.74 -20.74
CA THR G 182 75.45 -7.18 -20.24
C THR G 182 74.34 -7.21 -21.29
N ARG G 183 74.70 -7.53 -22.53
CA ARG G 183 73.73 -7.61 -23.62
C ARG G 183 72.91 -8.89 -23.48
N GLN G 184 73.57 -9.97 -23.08
CA GLN G 184 72.91 -11.25 -22.90
C GLN G 184 72.01 -11.23 -21.66
N GLU G 185 72.24 -10.26 -20.79
CA GLU G 185 71.43 -10.11 -19.58
C GLU G 185 70.10 -9.43 -19.89
N LEU G 186 70.12 -8.47 -20.80
CA LEU G 186 68.93 -7.70 -21.13
C LEU G 186 67.98 -8.49 -22.02
N ILE G 187 68.52 -9.28 -22.93
CA ILE G 187 67.71 -10.07 -23.84
C ILE G 187 66.86 -11.08 -23.08
N GLU G 188 67.40 -11.59 -21.97
CA GLU G 188 66.66 -12.49 -21.10
C GLU G 188 65.71 -11.70 -20.20
N PHE G 189 66.03 -10.42 -20.02
CA PHE G 189 65.21 -9.53 -19.20
C PHE G 189 64.08 -8.90 -20.01
N ASP G 190 64.22 -8.95 -21.34
CA ASP G 190 63.23 -8.38 -22.24
C ASP G 190 61.85 -8.99 -22.00
N SER G 191 61.80 -10.31 -21.88
CA SER G 191 60.55 -11.02 -21.65
C SER G 191 59.93 -10.63 -20.32
N VAL G 192 60.73 -10.71 -19.25
CA VAL G 192 60.26 -10.46 -17.90
C VAL G 192 59.80 -9.02 -17.71
N PHE G 193 60.33 -8.10 -18.52
CA PHE G 193 60.05 -6.68 -18.37
C PHE G 193 58.62 -6.32 -18.76
N TYR G 194 58.12 -6.91 -19.84
CA TYR G 194 56.77 -6.62 -20.30
C TYR G 194 55.73 -7.36 -19.47
N ASN G 195 56.03 -8.60 -19.10
CA ASN G 195 55.12 -9.41 -18.32
C ASN G 195 54.91 -8.83 -16.92
N THR G 196 55.96 -8.28 -16.33
CA THR G 196 55.85 -7.66 -15.01
C THR G 196 55.19 -6.29 -15.15
N PHE G 197 55.45 -5.62 -16.27
CA PHE G 197 54.85 -4.32 -16.53
C PHE G 197 53.35 -4.44 -16.70
N SER G 198 52.92 -5.54 -17.32
CA SER G 198 51.50 -5.84 -17.45
C SER G 198 50.89 -6.10 -16.08
N GLY G 199 51.71 -6.63 -15.18
CA GLY G 199 51.27 -6.91 -13.82
C GLY G 199 50.92 -5.65 -13.06
N TYR G 200 51.79 -4.65 -13.16
CA TYR G 200 51.55 -3.37 -12.51
C TYR G 200 50.47 -2.58 -13.25
N LEU G 201 50.28 -2.90 -14.52
CA LEU G 201 49.20 -2.30 -15.30
C LEU G 201 47.87 -2.89 -14.86
N HIS G 202 47.88 -4.16 -14.48
CA HIS G 202 46.70 -4.85 -13.98
C HIS G 202 46.25 -4.26 -12.64
N ALA G 203 47.20 -3.68 -11.91
CA ALA G 203 46.89 -3.09 -10.60
C ALA G 203 45.96 -1.89 -10.75
N LEU G 204 46.07 -1.20 -11.89
CA LEU G 204 45.27 -0.02 -12.18
C LEU G 204 44.17 -0.36 -13.18
N GLN G 205 43.68 -1.60 -13.13
CA GLN G 205 42.64 -2.04 -14.04
C GLN G 205 41.38 -1.18 -13.88
N PRO G 206 40.53 -1.12 -14.91
CA PRO G 206 39.33 -0.26 -14.88
C PRO G 206 38.43 -0.51 -13.67
N PHE G 207 38.51 -1.69 -13.09
CA PHE G 207 37.71 -2.03 -11.91
C PHE G 207 37.95 -1.02 -10.78
N ALA G 208 39.19 -0.56 -10.67
CA ALA G 208 39.55 0.49 -9.72
C ALA G 208 39.91 1.75 -10.50
N PHE G 209 39.80 2.90 -9.86
CA PHE G 209 40.12 4.18 -10.50
C PHE G 209 39.29 4.38 -11.76
N PRO G 210 37.98 4.64 -11.59
CA PRO G 210 37.09 4.88 -12.73
C PRO G 210 37.55 6.01 -13.62
N GLY G 211 38.25 6.98 -13.04
CA GLY G 211 38.74 8.14 -13.79
C GLY G 211 39.87 7.79 -14.73
N PHE G 212 40.70 6.83 -14.31
CA PHE G 212 41.86 6.42 -15.11
C PHE G 212 41.48 5.31 -16.11
N SER G 213 40.17 5.13 -16.31
CA SER G 213 39.68 4.07 -17.18
C SER G 213 40.16 4.23 -18.62
N PHE G 214 39.84 5.37 -19.22
CA PHE G 214 40.20 5.62 -20.61
C PHE G 214 41.71 5.63 -20.81
N ALA G 215 42.43 6.26 -19.87
CA ALA G 215 43.88 6.33 -19.94
C ALA G 215 44.51 4.95 -19.86
N TRP G 216 43.80 4.01 -19.25
CA TRP G 216 44.28 2.65 -19.09
C TRP G 216 44.16 1.86 -20.39
N VAL G 217 43.09 2.11 -21.12
CA VAL G 217 42.85 1.42 -22.39
C VAL G 217 43.87 1.88 -23.43
N THR G 218 44.16 3.18 -23.42
CA THR G 218 45.14 3.75 -24.35
C THR G 218 46.54 3.21 -24.04
N LEU G 219 46.78 2.90 -22.77
CA LEU G 219 48.06 2.33 -22.36
C LEU G 219 48.20 0.89 -22.83
N LEU G 220 47.09 0.16 -22.81
CA LEU G 220 47.06 -1.21 -23.30
C LEU G 220 47.25 -1.23 -24.81
N SER G 221 46.47 -0.39 -25.50
CA SER G 221 46.52 -0.31 -26.96
C SER G 221 47.64 0.63 -27.42
N HIS G 222 48.72 0.68 -26.66
CA HIS G 222 49.85 1.54 -26.99
C HIS G 222 50.53 1.03 -28.27
N ARG G 223 51.10 1.95 -29.05
CA ARG G 223 51.73 1.60 -30.31
C ARG G 223 52.98 0.74 -30.11
N MET G 224 53.47 0.69 -28.87
CA MET G 224 54.67 -0.07 -28.54
C MET G 224 54.34 -1.34 -27.75
N LEU G 225 53.46 -1.21 -26.78
CA LEU G 225 53.19 -2.30 -25.84
C LEU G 225 52.50 -3.50 -26.48
N LEU G 226 51.33 -3.28 -27.07
CA LEU G 226 50.50 -4.37 -27.57
C LEU G 226 51.15 -5.18 -28.70
N PRO G 227 51.68 -4.49 -29.74
CA PRO G 227 52.16 -5.23 -30.92
C PRO G 227 53.29 -6.22 -30.62
N ILE G 228 54.30 -5.78 -29.88
CA ILE G 228 55.50 -6.60 -29.67
C ILE G 228 55.24 -7.77 -28.72
N MET G 229 54.42 -7.56 -27.70
CA MET G 229 54.10 -8.62 -26.74
C MET G 229 53.40 -9.77 -27.45
N LEU G 230 52.63 -9.44 -28.47
CA LEU G 230 51.96 -10.45 -29.29
C LEU G 230 52.98 -11.20 -30.14
N ARG G 231 54.03 -10.50 -30.55
CA ARG G 231 55.05 -11.06 -31.42
C ARG G 231 56.23 -11.64 -30.64
N LEU G 232 56.10 -11.67 -29.32
CA LEU G 232 57.16 -12.24 -28.48
C LEU G 232 57.35 -13.72 -28.81
N PRO G 233 58.58 -14.23 -28.62
CA PRO G 233 58.92 -15.61 -29.01
C PRO G 233 58.05 -16.68 -28.34
N ASN G 234 57.42 -17.51 -29.16
CA ASN G 234 56.65 -18.67 -28.69
C ASN G 234 55.55 -18.31 -27.68
N LYS G 235 54.96 -17.12 -27.86
CA LYS G 235 53.73 -16.75 -27.15
C LYS G 235 53.93 -16.69 -25.64
N ILE G 236 55.07 -16.14 -25.20
CA ILE G 236 55.36 -16.04 -23.77
C ILE G 236 54.66 -14.83 -23.15
N GLY G 237 54.46 -13.79 -23.96
CA GLY G 237 53.81 -12.58 -23.50
C GLY G 237 52.30 -12.71 -23.49
N TRP G 238 51.80 -13.68 -24.25
CA TRP G 238 50.36 -13.89 -24.38
C TRP G 238 49.73 -14.21 -23.02
N GLU G 239 50.52 -14.83 -22.15
CA GLU G 239 50.05 -15.20 -20.81
C GLU G 239 49.60 -13.97 -20.03
N LYS G 240 50.37 -12.89 -20.14
CA LYS G 240 50.07 -11.66 -19.43
C LYS G 240 49.15 -10.73 -20.23
N LEU G 241 49.18 -10.86 -21.55
CA LEU G 241 48.28 -10.09 -22.40
C LEU G 241 46.83 -10.52 -22.15
N MET G 242 46.64 -11.81 -21.94
CA MET G 242 45.32 -12.36 -21.62
C MET G 242 44.80 -11.76 -20.32
N LEU G 243 45.69 -11.63 -19.33
CA LEU G 243 45.31 -11.13 -18.02
C LEU G 243 44.70 -9.73 -18.11
N LEU G 244 45.18 -8.94 -19.05
CA LEU G 244 44.70 -7.58 -19.23
C LEU G 244 43.36 -7.54 -19.96
N ILE G 245 43.20 -8.39 -20.97
CA ILE G 245 41.98 -8.44 -21.75
C ILE G 245 40.82 -8.98 -20.90
N ILE G 246 41.11 -9.97 -20.05
CA ILE G 246 40.11 -10.51 -19.15
C ILE G 246 39.67 -9.43 -18.16
N ASP G 247 40.62 -8.65 -17.68
CA ASP G 247 40.32 -7.52 -16.81
C ASP G 247 39.40 -6.53 -17.53
N LEU G 248 39.56 -6.45 -18.85
CA LEU G 248 38.75 -5.56 -19.67
C LEU G 248 37.34 -6.11 -19.81
N PHE G 249 37.23 -7.41 -20.04
CA PHE G 249 35.92 -8.06 -20.17
C PHE G 249 35.18 -8.10 -18.84
N LYS G 250 35.92 -8.38 -17.77
CA LYS G 250 35.33 -8.52 -16.44
C LYS G 250 34.63 -7.23 -16.00
N PHE G 251 35.19 -6.09 -16.43
CA PHE G 251 34.63 -4.79 -16.06
C PHE G 251 33.33 -4.52 -16.81
N LEU G 252 33.22 -5.05 -18.01
CA LEU G 252 32.04 -4.84 -18.84
C LEU G 252 30.81 -5.52 -18.24
N ASP G 253 31.02 -6.68 -17.63
CA ASP G 253 29.92 -7.43 -17.03
C ASP G 253 29.44 -6.74 -15.76
N ASP G 263 26.25 5.64 -17.36
CA ASP G 263 26.94 4.50 -17.93
C ASP G 263 28.34 4.88 -18.42
N ALA G 264 29.29 4.90 -17.48
CA ALA G 264 30.67 5.25 -17.80
C ALA G 264 31.45 4.02 -18.28
N VAL G 265 30.72 2.99 -18.70
CA VAL G 265 31.34 1.75 -19.18
C VAL G 265 31.60 1.85 -20.68
N SER G 266 30.85 2.70 -21.36
CA SER G 266 30.94 2.85 -22.80
C SER G 266 32.35 3.23 -23.25
N VAL G 267 33.07 3.94 -22.40
CA VAL G 267 34.42 4.39 -22.71
C VAL G 267 35.39 3.20 -22.84
N VAL G 268 35.04 2.10 -22.15
CA VAL G 268 35.87 0.91 -22.16
C VAL G 268 35.54 0.04 -23.37
N TYR G 269 34.25 -0.18 -23.60
CA TYR G 269 33.78 -1.02 -24.71
C TYR G 269 34.21 -0.45 -26.06
N LYS G 270 34.30 0.87 -26.15
CA LYS G 270 34.70 1.53 -27.38
C LYS G 270 36.15 1.21 -27.73
N GLY G 271 37.01 1.24 -26.72
CA GLY G 271 38.42 0.95 -26.91
C GLY G 271 38.69 -0.53 -27.09
N THR G 272 37.82 -1.35 -26.50
CA THR G 272 37.98 -2.81 -26.58
C THR G 272 37.93 -3.28 -28.02
N LEU G 273 36.91 -2.85 -28.76
CA LEU G 273 36.75 -3.23 -30.16
C LEU G 273 37.92 -2.72 -31.00
N ARG G 274 38.47 -1.58 -30.60
CA ARG G 274 39.60 -0.99 -31.31
C ARG G 274 40.83 -1.89 -31.19
N ILE G 275 40.92 -2.63 -30.09
CA ILE G 275 42.05 -3.53 -29.86
C ILE G 275 41.88 -4.83 -30.64
N ILE G 276 40.81 -5.57 -30.33
CA ILE G 276 40.56 -6.88 -30.92
C ILE G 276 40.63 -6.83 -32.45
N LEU G 277 40.10 -5.76 -33.02
CA LEU G 277 40.20 -5.55 -34.47
C LEU G 277 41.65 -5.38 -34.88
N GLY G 278 42.43 -4.77 -34.00
CA GLY G 278 43.86 -4.61 -34.22
C GLY G 278 44.58 -5.94 -34.11
N ILE G 279 44.12 -6.78 -33.18
CA ILE G 279 44.68 -8.10 -33.00
C ILE G 279 44.40 -8.97 -34.23
N SER G 280 43.15 -8.94 -34.69
CA SER G 280 42.74 -9.73 -35.84
C SER G 280 43.53 -9.34 -37.09
N ASN G 281 44.02 -8.11 -37.11
CA ASN G 281 44.83 -7.61 -38.23
C ASN G 281 46.33 -7.82 -37.99
N ASP G 282 46.75 -7.67 -36.75
CA ASP G 282 48.17 -7.77 -36.41
C ASP G 282 48.60 -9.23 -36.29
N MET G 283 47.96 -9.96 -35.38
CA MET G 283 48.25 -11.37 -35.16
C MET G 283 46.94 -12.12 -34.86
N PRO G 284 46.36 -12.77 -35.87
CA PRO G 284 45.05 -13.40 -35.68
C PRO G 284 45.09 -14.66 -34.81
N SER G 285 46.27 -15.28 -34.70
CA SER G 285 46.40 -16.52 -33.94
C SER G 285 46.09 -16.33 -32.46
N PHE G 286 46.26 -15.11 -31.96
CA PHE G 286 46.00 -14.80 -30.57
C PHE G 286 44.53 -14.98 -30.23
N LEU G 287 43.66 -14.59 -31.16
CA LEU G 287 42.22 -14.70 -30.96
C LEU G 287 41.73 -16.13 -31.19
N ILE G 288 42.58 -16.95 -31.81
CA ILE G 288 42.24 -18.32 -32.14
C ILE G 288 42.76 -19.29 -31.10
N GLU G 289 44.05 -19.18 -30.80
CA GLU G 289 44.72 -20.10 -29.88
C GLU G 289 44.12 -20.06 -28.48
N ASN G 290 43.80 -18.85 -28.01
CA ASN G 290 43.34 -18.66 -26.64
C ASN G 290 41.84 -18.40 -26.55
N HIS G 291 41.12 -18.67 -27.63
CA HIS G 291 39.69 -18.34 -27.71
C HIS G 291 38.88 -18.93 -26.55
N TYR G 292 39.37 -20.04 -25.99
CA TYR G 292 38.69 -20.70 -24.88
C TYR G 292 38.55 -19.77 -23.67
N GLU G 293 39.62 -19.08 -23.33
CA GLU G 293 39.63 -18.21 -22.16
C GLU G 293 38.76 -16.97 -22.37
N LEU G 294 38.71 -16.48 -23.60
CA LEU G 294 37.93 -15.27 -23.92
C LEU G 294 36.44 -15.50 -23.72
N MET G 295 35.93 -16.58 -24.30
CA MET G 295 34.50 -16.87 -24.25
C MET G 295 34.00 -17.08 -22.83
N ASN G 296 34.87 -17.57 -21.96
CA ASN G 296 34.51 -17.84 -20.57
C ASN G 296 34.17 -16.57 -19.80
N ASN G 297 34.95 -15.52 -20.01
CA ASN G 297 34.80 -14.28 -19.28
C ASN G 297 34.05 -13.20 -20.07
N LEU G 298 33.72 -13.52 -21.32
CA LEU G 298 32.98 -12.59 -22.18
C LEU G 298 31.48 -12.74 -21.96
N PRO G 299 30.79 -11.65 -21.56
CA PRO G 299 29.34 -11.75 -21.40
C PRO G 299 28.64 -12.11 -22.72
N PRO G 300 27.52 -12.85 -22.64
CA PRO G 300 26.81 -13.27 -23.86
C PRO G 300 26.05 -12.11 -24.53
N THR G 301 25.90 -11.00 -23.80
CA THR G 301 25.20 -9.84 -24.33
C THR G 301 25.91 -9.28 -25.56
N TYR G 302 27.23 -9.43 -25.59
CA TYR G 302 28.05 -8.90 -26.69
C TYR G 302 28.23 -9.93 -27.79
N PHE G 303 27.42 -9.82 -28.84
CA PHE G 303 27.50 -10.71 -29.99
C PHE G 303 28.43 -10.14 -31.05
N GLN G 304 28.50 -8.82 -31.12
CA GLN G 304 29.35 -8.14 -32.09
C GLN G 304 30.82 -8.39 -31.77
N LEU G 305 31.18 -8.15 -30.51
CA LEU G 305 32.55 -8.35 -30.04
C LEU G 305 32.95 -9.82 -30.14
N LYS G 306 31.94 -10.69 -30.03
CA LYS G 306 32.18 -12.13 -30.06
C LYS G 306 32.63 -12.61 -31.44
N ASN G 307 31.80 -12.39 -32.45
CA ASN G 307 32.06 -12.87 -33.81
C ASN G 307 33.43 -12.49 -34.33
N VAL G 308 33.89 -11.29 -34.00
CA VAL G 308 35.19 -10.81 -34.44
C VAL G 308 36.30 -11.74 -33.95
N ILE G 309 36.17 -12.22 -32.72
CA ILE G 309 37.16 -13.11 -32.14
C ILE G 309 37.14 -14.47 -32.83
N LEU G 310 35.94 -14.94 -33.16
CA LEU G 310 35.79 -16.26 -33.80
C LEU G 310 35.99 -16.16 -35.31
N SER G 311 35.78 -14.96 -35.86
CA SER G 311 35.97 -14.75 -37.29
C SER G 311 37.45 -14.63 -37.66
N ALA G 312 38.31 -14.62 -36.65
CA ALA G 312 39.74 -14.51 -36.86
C ALA G 312 40.28 -15.74 -37.59
N ILE G 313 41.17 -15.51 -38.55
CA ILE G 313 41.79 -16.58 -39.32
C ILE G 313 43.23 -16.22 -39.66
N PRO G 314 44.07 -17.24 -39.92
CA PRO G 314 45.47 -16.99 -40.26
C PRO G 314 45.66 -16.11 -41.49
N LYS G 315 46.71 -15.30 -41.48
CA LYS G 315 46.95 -14.32 -42.55
C LYS G 315 47.14 -14.99 -43.91
N ASN G 316 48.08 -15.92 -44.00
CA ASN G 316 48.45 -16.55 -45.25
C ASN G 316 47.28 -17.27 -45.93
N MET G 317 46.36 -17.78 -45.12
CA MET G 317 45.23 -18.54 -45.65
C MET G 317 44.20 -17.62 -46.29
N THR G 318 43.56 -18.12 -47.35
CA THR G 318 42.49 -17.41 -48.04
C THR G 318 41.32 -18.36 -48.26
N VAL G 319 40.17 -18.03 -47.68
CA VAL G 319 39.01 -18.91 -47.69
C VAL G 319 38.20 -18.79 -48.99
N PRO G 320 37.69 -19.92 -49.52
CA PRO G 320 36.78 -19.85 -50.67
C PRO G 320 35.45 -19.20 -50.30
N ASN G 321 34.68 -18.80 -51.30
CA ASN G 321 33.39 -18.16 -51.07
C ASN G 321 32.39 -19.11 -50.39
N PRO G 322 31.99 -18.82 -49.15
CA PRO G 322 31.08 -19.71 -48.43
C PRO G 322 29.67 -19.72 -48.99
N TYR G 323 29.21 -18.57 -49.47
CA TYR G 323 27.83 -18.40 -49.92
C TYR G 323 27.51 -19.30 -51.12
N ASP G 324 28.50 -19.50 -51.99
CA ASP G 324 28.35 -20.45 -53.08
C ASP G 324 28.26 -21.86 -52.51
N VAL G 325 27.55 -22.74 -53.21
CA VAL G 325 27.36 -24.10 -52.72
C VAL G 325 28.50 -24.98 -53.20
N ASP G 326 29.28 -25.46 -52.24
CA ASP G 326 30.43 -26.31 -52.50
C ASP G 326 30.33 -27.59 -51.69
N LEU G 327 30.34 -27.43 -50.37
CA LEU G 327 30.41 -28.58 -49.47
C LEU G 327 31.72 -29.30 -49.75
N ASN G 328 31.65 -30.62 -49.92
CA ASN G 328 32.83 -31.41 -50.27
C ASN G 328 34.01 -31.12 -49.35
N MET G 329 33.75 -31.17 -48.05
CA MET G 329 34.77 -30.85 -47.05
C MET G 329 35.96 -31.82 -47.15
N GLU G 330 35.69 -33.01 -47.67
CA GLU G 330 36.74 -34.01 -47.89
C GLU G 330 37.71 -33.54 -48.96
N ASP G 331 37.20 -32.77 -49.92
CA ASP G 331 38.02 -32.26 -51.02
C ASP G 331 38.96 -31.16 -50.52
N ILE G 332 38.46 -30.31 -49.63
CA ILE G 332 39.26 -29.22 -49.07
C ILE G 332 40.33 -29.78 -48.13
N PRO G 333 41.60 -29.43 -48.36
CA PRO G 333 42.68 -29.94 -47.50
C PRO G 333 42.91 -29.08 -46.26
N ALA G 334 42.50 -27.82 -46.32
CA ALA G 334 42.78 -26.86 -45.24
C ALA G 334 42.02 -27.20 -43.95
N CYS G 335 40.84 -27.76 -44.09
CA CYS G 335 39.99 -28.03 -42.92
C CYS G 335 40.47 -29.26 -42.16
N LYS G 336 41.28 -30.09 -42.80
CA LYS G 336 41.79 -31.30 -42.15
C LYS G 336 42.80 -30.97 -41.06
N GLU G 337 43.40 -29.79 -41.14
CA GLU G 337 44.41 -29.38 -40.17
C GLU G 337 43.80 -29.19 -38.78
N LEU G 338 44.61 -29.47 -37.75
CA LEU G 338 44.16 -29.32 -36.37
C LEU G 338 44.44 -27.90 -35.86
N PRO G 339 43.43 -27.24 -35.27
CA PRO G 339 43.66 -25.92 -34.69
C PRO G 339 44.30 -25.99 -33.30
N GLU G 340 45.49 -25.40 -33.15
CA GLU G 340 46.20 -25.44 -31.88
C GLU G 340 45.45 -24.65 -30.82
N VAL G 341 45.58 -25.09 -29.57
CA VAL G 341 44.95 -24.42 -28.44
C VAL G 341 45.99 -24.15 -27.35
N PHE G 342 46.17 -22.88 -27.01
CA PHE G 342 47.20 -22.47 -26.06
C PHE G 342 46.90 -22.97 -24.65
N PHE G 343 45.62 -23.11 -24.33
CA PHE G 343 45.20 -23.54 -22.99
C PHE G 343 44.27 -24.74 -23.07
N ASP G 344 44.78 -25.90 -22.67
CA ASP G 344 43.99 -27.13 -22.67
C ASP G 344 42.81 -27.01 -21.71
N PRO G 345 41.59 -27.30 -22.20
CA PRO G 345 40.41 -27.18 -21.34
C PRO G 345 40.31 -28.29 -20.31
N VAL G 346 41.15 -29.31 -20.42
CA VAL G 346 41.11 -30.46 -19.53
C VAL G 346 41.52 -30.08 -18.11
N ILE G 347 42.28 -29.00 -17.97
CA ILE G 347 42.69 -28.53 -16.65
C ILE G 347 41.48 -28.02 -15.88
N ASP G 348 40.69 -27.15 -16.51
CA ASP G 348 39.49 -26.61 -15.89
C ASP G 348 38.38 -27.66 -15.81
N LEU G 349 38.63 -28.83 -16.39
CA LEU G 349 37.69 -29.93 -16.31
C LEU G 349 37.83 -30.65 -14.96
N HIS G 350 39.01 -30.52 -14.37
CA HIS G 350 39.29 -31.06 -13.04
C HIS G 350 39.10 -32.59 -12.97
N SER G 351 38.17 -33.04 -12.14
CA SER G 351 38.03 -34.46 -11.84
C SER G 351 37.21 -35.21 -12.88
N LEU G 352 36.51 -34.48 -13.73
CA LEU G 352 35.64 -35.10 -14.72
C LEU G 352 36.40 -35.56 -15.96
N LYS G 353 37.72 -35.42 -15.94
CA LYS G 353 38.55 -35.87 -17.05
C LYS G 353 38.61 -37.40 -17.09
N LYS G 354 38.30 -38.03 -15.96
CA LYS G 354 38.32 -39.48 -15.87
C LYS G 354 37.10 -40.13 -16.52
N PRO G 355 35.89 -39.79 -16.04
CA PRO G 355 34.68 -40.44 -16.58
C PRO G 355 34.38 -40.06 -18.03
N VAL G 356 34.70 -38.83 -18.42
CA VAL G 356 34.45 -38.39 -19.79
C VAL G 356 35.35 -39.16 -20.75
N ASP G 357 36.66 -39.14 -20.50
CA ASP G 357 37.61 -39.84 -21.36
C ASP G 357 37.30 -41.33 -21.44
N ASN G 358 36.90 -41.92 -20.32
CA ASN G 358 36.50 -43.32 -20.29
C ASN G 358 35.25 -43.55 -21.14
N TYR G 359 34.40 -42.52 -21.24
CA TYR G 359 33.21 -42.59 -22.07
C TYR G 359 33.60 -42.46 -23.53
N LEU G 360 34.63 -41.67 -23.79
CA LEU G 360 35.15 -41.50 -25.15
C LEU G 360 35.79 -42.79 -25.65
N ARG G 361 36.26 -43.61 -24.73
CA ARG G 361 36.78 -44.92 -25.07
C ARG G 361 35.64 -45.87 -25.40
N ILE G 362 34.66 -45.92 -24.51
CA ILE G 362 33.47 -46.74 -24.70
C ILE G 362 32.23 -46.05 -24.13
N PRO G 363 31.16 -45.93 -24.95
CA PRO G 363 29.96 -45.26 -24.45
C PRO G 363 29.21 -46.10 -23.43
N SER G 364 29.71 -46.11 -22.20
CA SER G 364 29.08 -46.85 -21.12
C SER G 364 27.84 -46.12 -20.62
N ASN G 365 26.67 -46.72 -20.81
CA ASN G 365 25.42 -46.12 -20.39
C ASN G 365 25.39 -45.88 -18.88
N SER G 366 26.13 -46.71 -18.15
CA SER G 366 26.26 -46.54 -16.70
C SER G 366 27.26 -45.44 -16.37
N LEU G 367 28.24 -45.28 -17.25
CA LEU G 367 29.23 -44.20 -17.11
C LEU G 367 28.60 -42.86 -17.44
N LEU G 368 27.44 -42.89 -18.09
CA LEU G 368 26.70 -41.68 -18.44
C LEU G 368 25.93 -41.16 -17.24
N ARG G 369 25.62 -42.03 -16.30
CA ARG G 369 24.84 -41.66 -15.12
C ARG G 369 25.66 -40.81 -14.15
N THR G 370 26.93 -41.16 -14.00
CA THR G 370 27.81 -40.48 -13.05
C THR G 370 28.22 -39.10 -13.54
N ILE G 371 28.43 -38.97 -14.85
CA ILE G 371 28.85 -37.70 -15.42
C ILE G 371 27.71 -36.69 -15.40
N LEU G 372 26.48 -37.18 -15.56
CA LEU G 372 25.31 -36.32 -15.51
C LEU G 372 25.05 -35.83 -14.09
N SER G 373 25.11 -36.75 -13.13
CA SER G 373 24.88 -36.41 -11.73
C SER G 373 25.88 -35.39 -11.23
N ALA G 374 27.03 -35.32 -11.89
CA ALA G 374 28.07 -34.36 -11.53
C ALA G 374 27.67 -32.96 -11.94
N ILE G 375 27.03 -32.84 -13.10
CA ILE G 375 26.59 -31.55 -13.61
C ILE G 375 25.46 -30.98 -12.74
N TYR G 376 24.44 -31.78 -12.50
CA TYR G 376 23.31 -31.37 -11.67
C TYR G 376 23.76 -30.97 -10.28
N LYS G 377 24.89 -31.52 -9.84
CA LYS G 377 25.44 -31.23 -8.52
C LYS G 377 26.05 -29.83 -8.47
N ASP G 378 26.97 -29.56 -9.39
CA ASP G 378 27.62 -28.25 -9.47
C ASP G 378 26.60 -27.17 -9.81
N THR G 379 25.54 -27.55 -10.51
CA THR G 379 24.52 -26.61 -10.95
C THR G 379 23.61 -26.20 -9.80
N TYR G 380 23.22 -27.16 -8.96
CA TYR G 380 22.20 -26.94 -7.93
C TYR G 380 22.73 -26.98 -6.49
N ASP G 381 23.33 -28.11 -6.10
CA ASP G 381 23.71 -28.31 -4.70
C ASP G 381 24.74 -27.32 -4.18
N ILE G 382 25.76 -27.03 -4.99
CA ILE G 382 26.90 -26.22 -4.54
C ILE G 382 27.31 -25.23 -5.62
N LYS G 383 28.17 -24.28 -5.26
CA LYS G 383 28.67 -23.28 -6.20
C LYS G 383 27.53 -22.38 -6.64
N LYS G 384 26.66 -22.08 -5.69
CA LYS G 384 25.50 -21.23 -5.96
C LYS G 384 25.92 -19.86 -6.46
N GLY G 385 25.40 -19.46 -7.61
CA GLY G 385 25.61 -18.12 -8.12
C GLY G 385 24.74 -17.16 -7.34
N VAL G 386 24.71 -15.90 -7.75
CA VAL G 386 23.92 -14.89 -7.06
C VAL G 386 23.23 -13.96 -8.05
N GLY G 387 22.00 -13.57 -7.71
CA GLY G 387 21.22 -12.69 -8.56
C GLY G 387 20.91 -13.32 -9.90
N TYR G 388 21.21 -12.62 -10.97
CA TYR G 388 21.11 -13.20 -12.30
C TYR G 388 22.10 -14.35 -12.38
N ASP G 389 21.77 -15.36 -13.17
CA ASP G 389 22.57 -16.57 -13.27
C ASP G 389 22.61 -17.30 -11.93
N PHE G 390 21.50 -17.25 -11.20
CA PHE G 390 21.32 -18.02 -9.96
C PHE G 390 20.96 -19.45 -10.30
N LEU G 391 21.67 -20.40 -9.70
CA LEU G 391 21.58 -21.81 -10.10
C LEU G 391 21.80 -21.94 -11.60
N SER G 392 22.76 -21.19 -12.11
CA SER G 392 23.06 -21.19 -13.53
C SER G 392 24.04 -22.29 -13.88
N VAL G 393 23.81 -22.92 -15.03
CA VAL G 393 24.72 -23.92 -15.55
C VAL G 393 26.07 -23.27 -15.80
N ASP G 394 27.12 -23.86 -15.23
CA ASP G 394 28.46 -23.32 -15.34
C ASP G 394 28.91 -23.31 -16.81
N SER G 395 28.86 -22.13 -17.42
CA SER G 395 29.22 -21.99 -18.82
C SER G 395 30.68 -22.35 -19.06
N LYS G 396 31.52 -22.16 -18.04
CA LYS G 396 32.93 -22.49 -18.13
C LYS G 396 33.12 -24.00 -18.21
N LEU G 397 32.34 -24.73 -17.41
CA LEU G 397 32.46 -26.18 -17.35
C LEU G 397 31.95 -26.85 -18.63
N ILE G 398 30.76 -26.46 -19.08
CA ILE G 398 30.16 -27.03 -20.27
C ILE G 398 31.04 -26.83 -21.49
N ARG G 399 31.57 -25.62 -21.64
CA ARG G 399 32.43 -25.29 -22.77
C ARG G 399 33.68 -26.15 -22.77
N ALA G 400 34.22 -26.41 -21.57
CA ALA G 400 35.41 -27.23 -21.42
C ALA G 400 35.16 -28.65 -21.89
N ILE G 401 33.96 -29.16 -21.63
CA ILE G 401 33.59 -30.51 -22.04
C ILE G 401 33.50 -30.61 -23.56
N VAL G 402 32.74 -29.71 -24.17
CA VAL G 402 32.51 -29.73 -25.61
C VAL G 402 33.84 -29.55 -26.35
N LEU G 403 34.69 -28.67 -25.83
CA LEU G 403 35.97 -28.40 -26.47
C LEU G 403 36.92 -29.59 -26.29
N HIS G 404 36.88 -30.20 -25.11
CA HIS G 404 37.74 -31.35 -24.82
C HIS G 404 37.41 -32.52 -25.75
N VAL G 405 36.12 -32.74 -25.98
CA VAL G 405 35.67 -33.81 -26.86
C VAL G 405 36.10 -33.52 -28.30
N GLY G 406 35.98 -32.27 -28.70
CA GLY G 406 36.37 -31.85 -30.04
C GLY G 406 37.84 -32.13 -30.32
N ILE G 407 38.68 -31.83 -29.35
CA ILE G 407 40.11 -32.07 -29.48
C ILE G 407 40.40 -33.55 -29.60
N GLU G 408 39.93 -34.33 -28.62
CA GLU G 408 40.13 -35.77 -28.62
C GLU G 408 39.55 -36.42 -29.88
N ALA G 409 38.55 -35.77 -30.47
CA ALA G 409 37.98 -36.22 -31.73
C ALA G 409 38.87 -35.83 -32.89
N GLY G 410 39.59 -34.72 -32.74
CA GLY G 410 40.51 -34.25 -33.75
C GLY G 410 41.76 -35.10 -33.81
N ILE G 411 42.27 -35.47 -32.63
CA ILE G 411 43.43 -36.35 -32.55
C ILE G 411 43.10 -37.73 -33.10
N GLU G 412 41.88 -38.18 -32.81
CA GLU G 412 41.43 -39.50 -33.25
C GLU G 412 41.21 -39.55 -34.75
N TYR G 413 41.19 -38.39 -35.40
CA TYR G 413 41.00 -38.33 -36.84
C TYR G 413 42.31 -38.56 -37.59
N LYS G 414 43.42 -38.11 -36.99
CA LYS G 414 44.73 -38.28 -37.60
C LYS G 414 45.28 -39.69 -37.36
N ARG G 415 44.48 -40.53 -36.72
CA ARG G 415 44.82 -41.94 -36.52
C ARG G 415 43.63 -42.81 -36.92
N THR G 416 43.92 -44.01 -37.42
CA THR G 416 42.87 -44.90 -37.89
C THR G 416 42.01 -44.24 -38.97
N SER G 417 42.65 -43.39 -39.77
CA SER G 417 41.96 -42.67 -40.83
C SER G 417 41.47 -43.63 -41.91
N ASN G 419 38.87 -41.69 -42.54
CA ASN G 419 38.33 -40.86 -41.48
C ASN G 419 37.79 -41.68 -40.32
N ALA G 420 36.56 -42.19 -40.50
CA ALA G 420 35.92 -43.08 -39.53
C ALA G 420 35.57 -42.38 -38.20
N VAL G 421 35.99 -41.13 -38.04
CA VAL G 421 35.72 -40.39 -36.81
C VAL G 421 34.38 -39.68 -36.84
N PHE G 422 33.78 -39.59 -38.03
CA PHE G 422 32.53 -38.84 -38.21
C PHE G 422 31.28 -39.72 -38.12
N ASN G 423 31.47 -41.01 -37.84
CA ASN G 423 30.34 -41.92 -37.72
C ASN G 423 29.43 -41.53 -36.56
N THR G 424 28.14 -41.82 -36.70
CA THR G 424 27.17 -41.49 -35.66
C THR G 424 27.32 -42.39 -34.44
N LYS G 425 27.64 -43.66 -34.69
CA LYS G 425 27.79 -44.63 -33.61
C LYS G 425 29.06 -44.39 -32.80
N SER G 426 29.89 -43.44 -33.25
CA SER G 426 31.14 -43.12 -32.58
C SER G 426 30.87 -42.61 -31.16
N SER G 427 31.80 -42.89 -30.25
CA SER G 427 31.67 -42.48 -28.86
C SER G 427 31.75 -40.95 -28.70
N TYR G 428 32.50 -40.31 -29.60
CA TYR G 428 32.69 -38.87 -29.55
C TYR G 428 31.37 -38.14 -29.79
N TYR G 429 30.60 -38.61 -30.77
CA TYR G 429 29.30 -38.03 -31.07
C TYR G 429 28.24 -38.52 -30.09
N THR G 430 28.40 -39.76 -29.64
CA THR G 430 27.44 -40.38 -28.73
C THR G 430 27.31 -39.61 -27.42
N LEU G 431 28.45 -39.14 -26.91
CA LEU G 431 28.47 -38.42 -25.64
C LEU G 431 27.67 -37.13 -25.73
N LEU G 432 28.05 -36.26 -26.64
CA LEU G 432 27.39 -34.97 -26.81
C LEU G 432 25.91 -35.14 -27.16
N PHE G 433 25.58 -36.28 -27.76
CA PHE G 433 24.20 -36.57 -28.14
C PHE G 433 23.34 -36.86 -26.91
N ASN G 434 23.89 -37.61 -25.97
CA ASN G 434 23.17 -38.00 -24.77
C ASN G 434 23.10 -36.86 -23.73
N LEU G 435 24.16 -36.07 -23.65
CA LEU G 435 24.20 -34.95 -22.70
C LEU G 435 23.13 -33.92 -23.02
N ILE G 436 22.69 -33.90 -24.28
CA ILE G 436 21.61 -33.01 -24.71
C ILE G 436 20.26 -33.61 -24.37
N GLN G 437 20.05 -34.86 -24.77
CA GLN G 437 18.77 -35.53 -24.56
C GLN G 437 18.44 -35.66 -23.08
N ASN G 438 19.37 -36.23 -22.31
CA ASN G 438 19.17 -36.44 -20.88
C ASN G 438 19.45 -35.18 -20.06
N GLY G 439 19.88 -34.12 -20.74
CA GLY G 439 20.22 -32.87 -20.06
C GLY G 439 19.01 -31.98 -19.82
N SER G 440 19.20 -30.98 -18.96
CA SER G 440 18.13 -30.04 -18.64
C SER G 440 17.97 -29.01 -19.76
N ILE G 441 16.94 -28.18 -19.64
CA ILE G 441 16.64 -27.19 -20.69
C ILE G 441 17.78 -26.21 -20.87
N GLU G 442 18.25 -25.63 -19.76
CA GLU G 442 19.35 -24.68 -19.82
C GLU G 442 20.64 -25.34 -20.29
N MET G 443 20.84 -26.59 -19.87
CA MET G 443 22.04 -27.33 -20.25
C MET G 443 22.09 -27.53 -21.76
N LYS G 444 20.95 -27.83 -22.36
CA LYS G 444 20.85 -28.00 -23.80
C LYS G 444 21.23 -26.72 -24.53
N TYR G 445 20.86 -25.59 -23.94
CA TYR G 445 21.16 -24.29 -24.54
C TYR G 445 22.67 -24.00 -24.52
N GLN G 446 23.34 -24.45 -23.47
CA GLN G 446 24.76 -24.20 -23.31
C GLN G 446 25.60 -25.12 -24.19
N ILE G 447 25.21 -26.38 -24.29
CA ILE G 447 25.92 -27.33 -25.14
C ILE G 447 25.87 -26.88 -26.58
N ILE G 448 24.66 -26.63 -27.08
CA ILE G 448 24.48 -26.16 -28.45
C ILE G 448 25.19 -24.84 -28.68
N LEU G 449 25.22 -24.00 -27.64
CA LEU G 449 25.89 -22.70 -27.71
C LEU G 449 27.38 -22.89 -27.95
N SER G 450 27.99 -23.79 -27.17
CA SER G 450 29.43 -24.03 -27.25
C SER G 450 29.81 -24.61 -28.61
N ILE G 451 28.97 -25.48 -29.16
CA ILE G 451 29.21 -26.10 -30.45
C ILE G 451 29.33 -25.06 -31.56
N VAL G 452 28.34 -24.18 -31.63
CA VAL G 452 28.31 -23.13 -32.66
C VAL G 452 29.53 -22.22 -32.56
N GLU G 453 30.00 -21.99 -31.35
CA GLU G 453 31.15 -21.12 -31.13
C GLU G 453 32.43 -21.70 -31.72
N GLN G 454 32.50 -23.03 -31.82
CA GLN G 454 33.68 -23.70 -32.33
C GLN G 454 33.78 -23.62 -33.85
N LEU G 455 32.70 -23.21 -34.49
CA LEU G 455 32.70 -23.02 -35.94
C LEU G 455 33.39 -21.70 -36.31
N ARG G 456 34.70 -21.78 -36.54
CA ARG G 456 35.50 -20.60 -36.88
C ARG G 456 36.03 -20.72 -38.32
N TYR G 457 37.30 -20.36 -38.53
CA TYR G 457 37.94 -20.53 -39.83
C TYR G 457 37.94 -22.03 -40.17
N PRO G 458 38.17 -22.36 -41.45
CA PRO G 458 38.02 -23.80 -41.73
C PRO G 458 39.06 -24.62 -40.98
N ASN G 459 38.57 -25.61 -40.24
CA ASN G 459 39.43 -26.49 -39.47
C ASN G 459 38.65 -27.76 -39.15
N ILE G 460 39.33 -28.75 -38.59
CA ILE G 460 38.70 -30.03 -38.30
C ILE G 460 37.55 -29.85 -37.32
N HIS G 461 37.67 -28.87 -36.44
CA HIS G 461 36.63 -28.60 -35.46
C HIS G 461 35.39 -28.04 -36.13
N THR G 462 35.58 -27.06 -37.01
CA THR G 462 34.47 -26.48 -37.76
C THR G 462 33.85 -27.55 -38.66
N TYR G 463 34.69 -28.44 -39.17
CA TYR G 463 34.23 -29.55 -39.99
C TYR G 463 33.35 -30.48 -39.17
N TRP G 464 33.87 -30.90 -38.01
CA TRP G 464 33.18 -31.87 -37.17
C TRP G 464 31.92 -31.30 -36.52
N PHE G 465 32.07 -30.18 -35.81
CA PHE G 465 30.96 -29.59 -35.07
C PHE G 465 29.83 -29.15 -35.99
N SER G 466 30.16 -28.81 -37.23
CA SER G 466 29.14 -28.46 -38.22
C SER G 466 28.35 -29.69 -38.61
N PHE G 467 29.04 -30.82 -38.76
CA PHE G 467 28.40 -32.08 -39.07
C PHE G 467 27.51 -32.52 -37.92
N VAL G 468 27.91 -32.19 -36.70
CA VAL G 468 27.13 -32.51 -35.52
C VAL G 468 25.80 -31.75 -35.55
N LEU G 469 25.88 -30.44 -35.76
CA LEU G 469 24.68 -29.61 -35.82
C LEU G 469 23.76 -30.02 -36.97
N MET G 470 24.37 -30.34 -38.12
CA MET G 470 23.60 -30.77 -39.27
C MET G 470 22.91 -32.10 -39.00
N ASN G 471 23.64 -33.03 -38.40
CA ASN G 471 23.09 -34.34 -38.08
C ASN G 471 22.05 -34.27 -36.99
N MET G 472 22.37 -33.56 -35.91
CA MET G 472 21.46 -33.38 -34.79
C MET G 472 20.13 -32.79 -35.25
N PHE G 473 20.21 -31.81 -36.13
CA PHE G 473 19.02 -31.13 -36.63
C PHE G 473 18.18 -32.07 -37.51
N LYS G 474 18.85 -33.03 -38.14
CA LYS G 474 18.18 -34.01 -39.00
C LYS G 474 18.02 -35.35 -38.30
N SER G 475 18.32 -35.39 -37.01
CA SER G 475 18.28 -36.64 -36.24
C SER G 475 16.87 -36.95 -35.76
N ASP G 476 16.35 -38.12 -36.19
CA ASP G 476 15.06 -38.61 -35.72
C ASP G 476 15.22 -39.60 -34.57
N GLU G 477 16.47 -39.88 -34.20
CA GLU G 477 16.77 -40.85 -33.16
C GLU G 477 16.37 -40.34 -31.78
N TRP G 478 16.08 -39.05 -31.68
CA TRP G 478 15.69 -38.44 -30.41
C TRP G 478 14.34 -38.97 -29.94
N ASN G 479 14.11 -38.90 -28.63
CA ASN G 479 12.95 -39.55 -28.00
C ASN G 479 11.65 -38.76 -28.15
N ASP G 480 10.61 -39.23 -27.47
CA ASP G 480 9.30 -38.59 -27.50
C ASP G 480 9.37 -37.14 -27.06
N GLN G 481 10.13 -36.88 -26.00
CA GLN G 481 10.41 -35.51 -25.59
C GLN G 481 11.70 -35.10 -26.26
N LYS G 482 11.57 -34.21 -27.25
CA LYS G 482 12.67 -33.92 -28.16
C LYS G 482 12.21 -32.96 -29.25
N LEU G 483 13.14 -32.60 -30.12
CA LEU G 483 12.88 -31.76 -31.29
C LEU G 483 12.63 -30.31 -30.90
N GLU G 484 12.59 -30.05 -29.59
CA GLU G 484 12.69 -28.69 -29.08
C GLU G 484 14.12 -28.22 -29.29
N VAL G 485 15.03 -29.19 -29.41
CA VAL G 485 16.45 -28.90 -29.57
C VAL G 485 16.74 -28.23 -30.90
N GLN G 486 16.00 -28.63 -31.94
CA GLN G 486 16.18 -28.03 -33.27
C GLN G 486 15.95 -26.52 -33.21
N GLU G 487 15.01 -26.12 -32.36
CA GLU G 487 14.75 -24.70 -32.14
C GLU G 487 15.95 -24.05 -31.46
N ILE G 488 16.60 -24.81 -30.57
CA ILE G 488 17.78 -24.31 -29.87
C ILE G 488 18.96 -24.21 -30.84
N ILE G 489 19.06 -25.16 -31.76
CA ILE G 489 20.10 -25.14 -32.77
C ILE G 489 19.91 -23.92 -33.67
N LEU G 490 18.70 -23.72 -34.15
CA LEU G 490 18.37 -22.57 -34.98
C LEU G 490 18.46 -21.28 -34.17
N ARG G 491 18.26 -21.40 -32.86
CA ARG G 491 18.29 -20.24 -31.96
C ARG G 491 19.70 -19.66 -31.84
N ASN G 492 20.60 -20.46 -31.27
CA ASN G 492 21.96 -20.01 -31.02
C ASN G 492 22.71 -19.71 -32.32
N PHE G 493 22.39 -20.45 -33.37
CA PHE G 493 23.03 -20.25 -34.67
C PHE G 493 22.61 -18.91 -35.27
N LEU G 494 21.39 -18.49 -34.99
CA LEU G 494 20.85 -17.25 -35.52
C LEU G 494 21.51 -16.04 -34.89
N LYS G 495 21.97 -16.18 -33.65
CA LYS G 495 22.56 -15.08 -32.91
C LYS G 495 24.00 -14.78 -33.35
N ARG G 496 24.46 -15.48 -34.39
CA ARG G 496 25.82 -15.29 -34.89
C ARG G 496 25.86 -14.46 -36.17
N ILE G 497 24.74 -14.43 -36.89
CA ILE G 497 24.66 -13.77 -38.19
C ILE G 497 23.67 -12.60 -38.20
N ILE G 498 22.91 -12.46 -37.13
CA ILE G 498 21.84 -11.46 -37.08
C ILE G 498 22.34 -10.08 -36.67
N VAL G 499 23.44 -10.03 -35.92
CA VAL G 499 23.94 -8.78 -35.38
C VAL G 499 24.52 -7.87 -36.47
N ASN G 500 25.53 -8.36 -37.20
CA ASN G 500 26.21 -7.57 -38.22
C ASN G 500 27.38 -8.33 -38.82
N LYS G 501 28.05 -7.70 -39.79
CA LYS G 501 29.23 -8.29 -40.42
C LYS G 501 30.48 -7.88 -39.67
N PRO G 502 31.59 -8.60 -39.89
CA PRO G 502 31.72 -9.76 -40.78
C PRO G 502 31.22 -11.05 -40.14
N HIS G 503 30.60 -11.90 -40.93
CA HIS G 503 30.12 -13.20 -40.44
C HIS G 503 31.27 -14.21 -40.43
N THR G 504 31.27 -15.07 -39.42
CA THR G 504 32.28 -16.11 -39.30
C THR G 504 32.15 -17.08 -40.48
N TRP G 505 33.27 -17.65 -40.90
CA TRP G 505 33.28 -18.56 -42.03
C TRP G 505 32.46 -19.82 -41.76
N GLY G 506 32.45 -20.25 -40.50
CA GLY G 506 31.76 -21.45 -40.11
C GLY G 506 30.25 -21.35 -40.23
N VAL G 507 29.68 -20.30 -39.66
CA VAL G 507 28.23 -20.09 -39.68
C VAL G 507 27.75 -19.67 -41.05
N SER G 508 28.66 -19.12 -41.86
CA SER G 508 28.31 -18.68 -43.21
C SER G 508 28.01 -19.86 -44.11
N VAL G 509 28.79 -20.93 -43.97
CA VAL G 509 28.61 -22.13 -44.78
C VAL G 509 27.44 -22.96 -44.26
N PHE G 510 27.33 -23.07 -42.93
CA PHE G 510 26.28 -23.86 -42.32
C PHE G 510 24.90 -23.27 -42.62
N PHE G 511 24.82 -21.95 -42.69
CA PHE G 511 23.58 -21.27 -43.04
C PHE G 511 23.22 -21.52 -44.49
N THR G 512 24.25 -21.72 -45.33
CA THR G 512 24.05 -21.99 -46.75
C THR G 512 23.49 -23.39 -46.98
N GLN G 513 24.07 -24.37 -46.30
CA GLN G 513 23.67 -25.76 -46.46
C GLN G 513 22.36 -26.06 -45.75
N LEU G 514 22.10 -25.34 -44.65
CA LEU G 514 20.89 -25.56 -43.87
C LEU G 514 19.65 -25.25 -44.70
N ILE G 515 19.75 -24.25 -45.56
CA ILE G 515 18.64 -23.86 -46.42
C ILE G 515 18.72 -24.61 -47.76
N ASN G 516 19.81 -24.40 -48.48
CA ASN G 516 20.00 -25.02 -49.79
C ASN G 516 20.76 -26.33 -49.68
N ASN G 518 17.62 -27.63 -48.77
CA ASN G 518 17.79 -28.84 -47.96
C ASN G 518 16.44 -29.35 -47.46
N ASP G 519 16.15 -30.61 -47.72
CA ASP G 519 14.90 -31.23 -47.30
C ASP G 519 14.79 -31.28 -45.78
N LEU G 522 14.08 -24.95 -45.39
CA LEU G 522 13.79 -24.45 -44.06
C LEU G 522 12.46 -23.69 -44.04
N LEU G 523 12.30 -22.82 -43.03
CA LEU G 523 11.10 -21.99 -42.86
C LEU G 523 9.86 -22.80 -42.48
N ASP G 524 9.95 -24.12 -42.59
CA ASP G 524 8.82 -24.98 -42.24
C ASP G 524 8.62 -24.98 -40.73
N LEU G 525 9.67 -24.64 -40.00
CA LEU G 525 9.61 -24.59 -38.54
C LEU G 525 8.54 -23.62 -38.08
N PRO G 526 7.74 -24.01 -37.07
CA PRO G 526 6.65 -23.15 -36.62
C PRO G 526 7.13 -21.85 -35.97
N PHE G 527 8.36 -21.86 -35.46
CA PHE G 527 8.93 -20.68 -34.83
C PHE G 527 9.09 -19.54 -35.84
N VAL G 528 9.47 -19.90 -37.06
CA VAL G 528 9.65 -18.91 -38.11
C VAL G 528 8.31 -18.32 -38.55
N GLU G 533 8.62 -13.54 -36.57
CA GLU G 533 9.04 -12.46 -37.45
C GLU G 533 10.53 -12.57 -37.78
N ILE G 534 11.06 -13.78 -37.69
CA ILE G 534 12.48 -14.03 -37.95
C ILE G 534 12.74 -14.44 -39.39
N LYS G 535 11.69 -14.48 -40.20
CA LYS G 535 11.79 -14.91 -41.59
C LYS G 535 12.11 -13.75 -42.53
N LEU G 536 12.28 -12.56 -41.97
CA LEU G 536 12.53 -11.37 -42.77
C LEU G 536 13.96 -11.33 -43.32
N ILE G 537 14.85 -12.10 -42.70
CA ILE G 537 16.27 -12.09 -43.05
C ILE G 537 16.63 -13.20 -44.03
N LEU G 538 15.64 -14.01 -44.40
CA LEU G 538 15.87 -15.14 -45.31
C LEU G 538 16.11 -14.65 -46.74
N GLN G 539 15.39 -13.61 -47.13
CA GLN G 539 15.50 -13.07 -48.48
C GLN G 539 16.81 -12.30 -48.67
N GLN G 540 17.50 -12.04 -47.57
CA GLN G 540 18.77 -11.30 -47.62
C GLN G 540 19.83 -12.07 -48.39
N LEU G 541 19.90 -13.38 -48.15
CA LEU G 541 20.87 -14.23 -48.82
C LEU G 541 20.45 -15.69 -48.75
N TYR H 8 38.54 15.58 10.36
CA TYR H 8 39.50 15.59 11.46
C TYR H 8 39.69 14.18 12.02
N ALA H 10 43.08 11.39 12.79
CA ALA H 10 44.45 11.04 13.13
C ALA H 10 44.96 9.93 12.21
N ASN H 13 44.38 8.38 8.51
CA ASN H 13 44.54 9.20 7.29
C ASN H 13 45.02 8.29 6.17
N ALA H 14 44.27 8.24 5.07
CA ALA H 14 44.54 7.31 3.98
C ALA H 14 45.91 7.55 3.35
N VAL H 15 46.14 8.79 2.95
CA VAL H 15 47.44 9.18 2.39
C VAL H 15 48.57 8.87 3.35
N ASP H 16 48.31 9.01 4.64
CA ASP H 16 49.29 8.69 5.67
C ASP H 16 49.48 7.17 5.75
N PHE H 17 48.49 6.43 5.27
CA PHE H 17 48.57 4.97 5.24
C PHE H 17 49.34 4.51 4.01
N LEU H 18 49.14 5.20 2.88
CA LEU H 18 49.80 4.86 1.63
C LEU H 18 51.26 5.32 1.63
N ASP H 19 51.53 6.46 2.27
CA ASP H 19 52.89 6.95 2.40
C ASP H 19 53.68 6.02 3.32
N ALA H 20 52.99 5.47 4.32
CA ALA H 20 53.59 4.48 5.21
C ALA H 20 53.88 3.20 4.44
N ARG H 21 52.95 2.85 3.55
CA ARG H 21 53.12 1.70 2.68
C ARG H 21 54.29 1.93 1.73
N LEU H 22 54.32 3.11 1.12
CA LEU H 22 55.37 3.47 0.19
C LEU H 22 56.70 3.60 0.92
N HIS H 23 56.63 3.83 2.23
CA HIS H 23 57.82 3.86 3.07
C HIS H 23 58.20 2.44 3.49
N SER H 24 57.19 1.59 3.64
CA SER H 24 57.42 0.19 3.98
C SER H 24 58.18 -0.52 2.86
N LEU H 25 57.96 -0.06 1.64
CA LEU H 25 58.57 -0.67 0.47
C LEU H 25 60.01 -0.21 0.29
N SER H 26 60.31 1.00 0.77
CA SER H 26 61.66 1.56 0.64
C SER H 26 62.65 0.80 1.52
N ASN H 27 62.20 0.36 2.68
CA ASN H 27 63.06 -0.35 3.62
C ASN H 27 63.07 -1.86 3.39
N TYR H 28 62.37 -2.30 2.36
CA TYR H 28 62.28 -3.72 2.04
C TYR H 28 63.51 -4.22 1.29
N GLN H 29 64.22 -5.17 1.90
CA GLN H 29 65.39 -5.78 1.27
C GLN H 29 66.46 -4.74 0.91
N LYS H 30 67.16 -4.26 1.94
CA LYS H 30 68.23 -3.29 1.72
C LYS H 30 69.43 -3.95 1.04
N ARG H 31 69.87 -3.35 -0.06
CA ARG H 31 71.02 -3.84 -0.79
C ARG H 31 71.77 -2.67 -1.45
N PRO H 32 73.11 -2.67 -1.37
CA PRO H 32 73.87 -1.55 -1.95
C PRO H 32 73.86 -1.56 -3.47
N ILE H 33 73.53 -0.44 -4.08
CA ILE H 33 73.51 -0.31 -5.53
C ILE H 33 74.94 -0.22 -6.06
N SER H 34 75.39 -1.28 -6.71
CA SER H 34 76.73 -1.32 -7.28
C SER H 34 76.73 -0.74 -8.69
N ILE H 35 77.62 0.19 -8.94
CA ILE H 35 77.79 0.74 -10.28
C ILE H 35 78.60 -0.24 -11.12
N LYS H 36 78.38 -0.26 -12.42
CA LYS H 36 79.14 -1.11 -13.32
C LYS H 36 80.56 -0.57 -13.44
N SER H 37 81.25 -0.45 -12.31
CA SER H 37 82.57 0.21 -12.21
C SER H 37 83.46 0.03 -13.44
N ASN H 38 83.36 -1.14 -14.08
CA ASN H 38 84.04 -1.40 -15.34
C ASN H 38 83.70 -0.37 -16.42
N ILE H 39 82.51 0.21 -16.33
CA ILE H 39 82.01 1.10 -17.35
C ILE H 39 82.75 2.44 -17.37
N ILE H 40 82.65 3.11 -18.51
CA ILE H 40 83.04 4.52 -18.70
C ILE H 40 84.46 4.85 -18.24
N ASP H 41 85.33 3.84 -18.25
CA ASP H 41 86.76 4.07 -18.11
C ASP H 41 87.09 4.94 -16.89
N GLU H 42 86.93 4.37 -15.70
CA GLU H 42 87.18 5.13 -14.47
C GLU H 42 88.55 5.78 -14.52
N GLU H 43 88.64 6.98 -13.95
CA GLU H 43 89.79 7.90 -14.04
C GLU H 43 89.74 8.74 -15.32
N THR H 44 88.91 8.35 -16.27
CA THR H 44 88.46 9.27 -17.31
C THR H 44 87.31 10.06 -16.68
N TYR H 45 86.60 9.34 -15.83
CA TYR H 45 85.48 9.87 -15.05
C TYR H 45 85.90 10.95 -14.06
N LYS H 46 87.17 10.97 -13.69
CA LYS H 46 87.66 11.80 -12.60
C LYS H 46 87.57 13.31 -12.86
N LYS H 47 87.58 13.70 -14.14
CA LYS H 47 87.73 15.10 -14.51
C LYS H 47 86.54 16.00 -14.17
N TYR H 48 85.33 15.51 -14.38
CA TYR H 48 84.14 16.36 -14.36
C TYR H 48 83.87 17.03 -13.01
N PRO H 49 83.11 18.15 -13.03
CA PRO H 49 82.75 18.86 -11.80
C PRO H 49 81.87 18.05 -10.85
N SER H 50 81.43 18.68 -9.76
CA SER H 50 80.60 18.02 -8.76
C SER H 50 79.19 17.74 -9.27
N LEU H 51 78.63 18.71 -10.00
CA LEU H 51 77.30 18.60 -10.61
C LEU H 51 76.16 18.61 -9.60
N PHE H 52 76.48 18.57 -8.30
CA PHE H 52 75.46 18.46 -7.26
C PHE H 52 75.66 19.46 -6.13
N SER H 53 74.61 19.64 -5.33
CA SER H 53 74.65 20.47 -4.13
C SER H 53 74.10 19.68 -2.95
N TRP H 54 74.94 18.83 -2.37
CA TRP H 54 74.53 17.91 -1.32
C TRP H 54 75.16 18.25 0.03
N ASP H 55 74.48 17.89 1.10
CA ASP H 55 74.97 18.13 2.45
C ASP H 55 74.67 16.95 3.36
N ARG I 31 -2.14 -25.05 -21.53
CA ARG I 31 -1.96 -25.99 -20.43
C ARG I 31 -1.66 -25.24 -19.13
N THR I 32 -0.88 -24.17 -19.24
CA THR I 32 -0.52 -23.37 -18.07
C THR I 32 -1.71 -22.59 -17.56
N GLU I 33 -2.64 -22.26 -18.46
CA GLU I 33 -3.84 -21.50 -18.11
C GLU I 33 -4.71 -22.28 -17.13
N LYS I 34 -4.65 -23.60 -17.22
CA LYS I 34 -5.43 -24.47 -16.33
C LYS I 34 -5.00 -24.29 -14.88
N PHE I 35 -3.70 -24.08 -14.68
CA PHE I 35 -3.15 -23.90 -13.34
C PHE I 35 -3.64 -22.59 -12.72
N TYR I 36 -3.82 -21.57 -13.55
CA TYR I 36 -4.31 -20.27 -13.09
C TYR I 36 -5.72 -20.40 -12.51
N LEU I 37 -6.55 -21.18 -13.20
CA LEU I 37 -7.95 -21.36 -12.82
C LEU I 37 -8.09 -22.01 -11.45
N VAL I 38 -7.16 -22.90 -11.11
CA VAL I 38 -7.21 -23.63 -9.85
C VAL I 38 -6.85 -22.71 -8.67
N PHE I 39 -5.79 -21.94 -8.83
CA PHE I 39 -5.33 -21.04 -7.77
C PHE I 39 -6.39 -19.98 -7.45
N THR I 40 -7.19 -19.62 -8.45
CA THR I 40 -8.25 -18.64 -8.26
C THR I 40 -9.35 -19.18 -7.35
N GLU I 41 -9.38 -20.50 -7.16
CA GLU I 41 -10.33 -21.12 -6.25
C GLU I 41 -9.72 -21.18 -4.85
N TRP I 42 -8.43 -21.48 -4.78
CA TRP I 42 -7.72 -21.53 -3.51
C TRP I 42 -7.84 -20.20 -2.76
N VAL I 43 -7.66 -19.10 -3.48
CA VAL I 43 -7.82 -17.78 -2.90
C VAL I 43 -9.30 -17.49 -2.62
N LYS I 44 -10.17 -17.98 -3.49
CA LYS I 44 -11.60 -17.78 -3.34
C LYS I 44 -12.09 -18.49 -2.09
N LEU I 45 -11.51 -19.66 -1.81
CA LEU I 45 -11.80 -20.40 -0.60
C LEU I 45 -11.47 -19.58 0.64
N LEU I 46 -10.22 -19.12 0.72
CA LEU I 46 -9.70 -18.46 1.92
C LEU I 46 -10.60 -17.33 2.40
N GLN I 47 -11.14 -16.56 1.47
CA GLN I 47 -12.13 -15.55 1.81
C GLN I 47 -13.40 -16.23 2.32
N ARG I 48 -13.75 -15.97 3.58
CA ARG I 48 -14.94 -16.52 4.21
C ARG I 48 -14.77 -18.00 4.57
N VAL I 49 -13.59 -18.37 5.04
CA VAL I 49 -13.36 -19.71 5.58
C VAL I 49 -12.41 -19.64 6.77
N GLU I 50 -12.32 -20.73 7.53
CA GLU I 50 -11.46 -20.78 8.70
C GLU I 50 -10.00 -20.80 8.26
N ASN I 51 -9.11 -20.31 9.11
CA ASN I 51 -7.69 -20.24 8.78
C ASN I 51 -7.01 -21.60 8.81
N ASN I 52 -7.32 -22.39 9.85
CA ASN I 52 -6.67 -23.68 10.05
C ASN I 52 -7.61 -24.86 9.79
N ASP I 53 -8.66 -24.61 9.00
CA ASP I 53 -9.65 -25.64 8.70
C ASP I 53 -9.07 -26.78 7.87
N VAL I 54 -9.62 -27.97 8.06
CA VAL I 54 -9.18 -29.16 7.32
C VAL I 54 -9.64 -29.11 5.87
N ILE I 55 -10.65 -28.29 5.60
CA ILE I 55 -11.19 -28.17 4.25
C ILE I 55 -10.11 -27.75 3.26
N THR I 56 -9.18 -26.92 3.72
CA THR I 56 -8.06 -26.49 2.90
C THR I 56 -7.04 -27.62 2.77
N THR I 57 -6.97 -28.46 3.80
CA THR I 57 -6.10 -29.64 3.76
C THR I 57 -6.68 -30.68 2.81
N VAL I 58 -8.01 -30.76 2.79
CA VAL I 58 -8.70 -31.65 1.87
C VAL I 58 -8.48 -31.16 0.44
N PHE I 59 -8.48 -29.85 0.26
CA PHE I 59 -8.21 -29.25 -1.05
C PHE I 59 -6.81 -29.61 -1.51
N ILE I 60 -5.85 -29.55 -0.58
CA ILE I 60 -4.49 -29.98 -0.86
C ILE I 60 -4.45 -31.47 -1.09
N LYS I 61 -5.35 -32.19 -0.41
CA LYS I 61 -5.46 -33.63 -0.54
C LYS I 61 -6.31 -34.00 -1.76
N GLN I 62 -7.11 -33.05 -2.22
CA GLN I 62 -7.94 -33.24 -3.40
C GLN I 62 -7.19 -32.85 -4.66
N LEU I 63 -6.16 -32.03 -4.50
CA LEU I 63 -5.35 -31.57 -5.62
C LEU I 63 -4.57 -32.74 -6.25
N VAL I 64 -4.37 -33.80 -5.48
CA VAL I 64 -3.68 -34.98 -5.99
C VAL I 64 -4.64 -35.85 -6.80
N GLU I 65 -5.94 -35.64 -6.58
CA GLU I 65 -6.96 -36.37 -7.34
C GLU I 65 -6.83 -36.06 -8.82
N LYS I 66 -6.56 -34.80 -9.15
CA LYS I 66 -6.30 -34.40 -10.52
C LYS I 66 -4.81 -34.55 -10.82
N GLY I 67 -4.42 -34.26 -12.06
CA GLY I 67 -3.04 -34.39 -12.49
C GLY I 67 -2.25 -33.12 -12.31
N VAL I 68 -2.79 -32.17 -11.55
CA VAL I 68 -2.14 -30.87 -11.37
C VAL I 68 -0.88 -30.99 -10.51
N ILE I 69 -0.99 -31.55 -9.31
CA ILE I 69 0.16 -31.72 -8.42
C ILE I 69 0.69 -33.16 -8.51
N SER I 70 0.09 -33.96 -9.38
CA SER I 70 0.48 -35.37 -9.55
C SER I 70 1.98 -35.54 -9.73
N ASP I 71 2.61 -34.56 -10.38
CA ASP I 71 4.05 -34.57 -10.60
C ASP I 71 4.70 -33.31 -10.03
N THR I 72 5.96 -33.42 -9.64
CA THR I 72 6.68 -32.28 -9.06
C THR I 72 6.90 -31.19 -10.11
N ASP I 73 7.10 -31.60 -11.36
CA ASP I 73 7.33 -30.66 -12.45
C ASP I 73 6.16 -29.69 -12.59
N ASN I 74 4.96 -30.17 -12.28
CA ASN I 74 3.76 -29.35 -12.34
C ASN I 74 3.54 -28.59 -11.03
N LEU I 75 3.99 -29.17 -9.92
CA LEU I 75 3.90 -28.52 -8.63
C LEU I 75 4.74 -27.25 -8.61
N LEU I 76 5.99 -27.38 -9.03
CA LEU I 76 6.89 -26.23 -9.11
C LEU I 76 6.44 -25.27 -10.21
N THR I 77 5.64 -25.78 -11.14
CA THR I 77 5.05 -24.96 -12.19
C THR I 77 3.78 -24.29 -11.66
N PHE I 78 3.11 -24.96 -10.73
CA PHE I 78 1.90 -24.42 -10.11
C PHE I 78 2.24 -23.21 -9.26
N VAL I 79 3.29 -23.32 -8.46
CA VAL I 79 3.73 -22.21 -7.62
C VAL I 79 4.24 -21.07 -8.48
N LYS I 80 4.89 -21.41 -9.58
CA LYS I 80 5.39 -20.40 -10.52
C LYS I 80 4.25 -19.54 -11.07
N SER I 81 3.22 -20.19 -11.57
CA SER I 81 2.08 -19.49 -12.17
C SER I 81 1.31 -18.70 -11.11
N SER I 82 1.26 -19.23 -9.89
CA SER I 82 0.53 -18.59 -8.80
C SER I 82 1.24 -17.31 -8.34
N LEU I 83 2.57 -17.37 -8.30
CA LEU I 83 3.36 -16.22 -7.86
C LEU I 83 3.34 -15.11 -8.91
N GLU I 84 3.43 -15.50 -10.18
CA GLU I 84 3.39 -14.55 -11.28
C GLU I 84 2.01 -13.92 -11.39
N LEU I 85 0.99 -14.65 -10.99
CA LEU I 85 -0.38 -14.14 -11.01
C LEU I 85 -0.57 -13.08 -9.93
N SER I 86 -0.04 -13.35 -8.74
CA SER I 86 -0.11 -12.41 -7.63
C SER I 86 0.65 -11.13 -7.95
N VAL I 87 1.76 -11.27 -8.66
CA VAL I 87 2.56 -10.13 -9.08
C VAL I 87 1.82 -9.34 -10.16
N SER I 88 1.05 -10.04 -10.98
CA SER I 88 0.28 -9.42 -12.04
C SER I 88 -0.97 -8.76 -11.49
N SER I 89 -1.61 -9.44 -10.54
CA SER I 89 -2.83 -8.92 -9.93
C SER I 89 -2.56 -7.65 -9.12
N PHE I 90 -1.32 -7.50 -8.66
CA PHE I 90 -0.94 -6.34 -7.87
C PHE I 90 -0.98 -5.07 -8.72
N LYS I 91 -0.56 -5.20 -9.98
CA LYS I 91 -0.55 -4.07 -10.90
C LYS I 91 -1.95 -3.80 -11.44
N SER I 93 -5.90 -0.90 -9.91
CA SER I 93 -6.30 -1.74 -8.78
C SER I 93 -5.24 -1.73 -7.70
N ASP I 94 -4.60 -0.57 -7.51
CA ASP I 94 -3.54 -0.42 -6.51
C ASP I 94 -3.94 0.55 -5.41
N PRO I 95 -4.24 0.03 -4.20
CA PRO I 95 -4.45 0.90 -3.04
C PRO I 95 -3.14 1.19 -2.32
N THR I 96 -2.17 1.72 -3.07
CA THR I 96 -0.81 2.01 -2.57
C THR I 96 -0.31 0.95 -1.58
N VAL I 99 -5.30 -7.29 -2.72
CA VAL I 99 -3.88 -7.00 -2.92
C VAL I 99 -3.01 -8.09 -2.34
N PHE I 100 -2.84 -8.08 -1.02
CA PHE I 100 -2.02 -9.07 -0.33
C PHE I 100 -2.77 -10.38 -0.11
N ILE I 101 -4.09 -10.31 -0.09
CA ILE I 101 -4.92 -11.49 0.17
C ILE I 101 -4.67 -12.60 -0.86
N ALA I 102 -4.20 -12.21 -2.04
CA ALA I 102 -3.93 -13.18 -3.10
C ALA I 102 -2.61 -13.91 -2.86
N ILE I 103 -1.58 -13.16 -2.52
CA ILE I 103 -0.25 -13.74 -2.35
C ILE I 103 -0.07 -14.36 -0.96
N ASP I 104 -0.78 -13.82 0.03
CA ASP I 104 -0.72 -14.37 1.39
C ASP I 104 -1.27 -15.80 1.41
N ALA I 105 -2.25 -16.06 0.57
CA ALA I 105 -2.83 -17.40 0.46
C ALA I 105 -1.81 -18.37 -0.09
N LEU I 106 -1.02 -17.90 -1.06
CA LEU I 106 0.03 -18.72 -1.64
C LEU I 106 1.10 -19.06 -0.60
N GLY I 107 1.40 -18.09 0.26
CA GLY I 107 2.36 -18.29 1.32
C GLY I 107 1.88 -19.32 2.32
N SER I 108 0.57 -19.37 2.53
CA SER I 108 -0.03 -20.34 3.44
C SER I 108 -0.09 -21.73 2.80
N LEU I 109 -0.21 -21.75 1.47
CA LEU I 109 -0.27 -23.01 0.73
C LEU I 109 1.04 -23.78 0.84
N ILE I 110 2.14 -23.06 0.73
CA ILE I 110 3.47 -23.67 0.80
C ILE I 110 3.67 -24.36 2.15
N ILE I 111 3.34 -23.66 3.22
CA ILE I 111 3.50 -24.21 4.56
C ILE I 111 2.60 -25.43 4.76
N LYS I 112 1.45 -25.42 4.11
CA LYS I 112 0.50 -26.52 4.23
C LYS I 112 1.02 -27.78 3.57
N LEU I 113 1.62 -27.62 2.40
CA LEU I 113 2.21 -28.74 1.67
C LEU I 113 3.49 -29.22 2.36
N LEU I 114 4.11 -28.35 3.13
CA LEU I 114 5.35 -28.69 3.83
C LEU I 114 5.10 -29.64 4.98
N ILE I 115 3.86 -29.65 5.49
CA ILE I 115 3.49 -30.45 6.64
C ILE I 115 2.57 -31.61 6.26
N LEU I 116 1.70 -31.37 5.28
CA LEU I 116 0.68 -32.35 4.90
C LEU I 116 1.23 -33.45 3.98
N GLN I 117 2.41 -33.23 3.42
CA GLN I 117 2.99 -34.19 2.48
C GLN I 117 3.73 -35.31 3.21
N ASP I 118 3.53 -36.54 2.74
CA ASP I 118 4.35 -37.67 3.18
C ASP I 118 5.69 -37.58 2.46
N PHE I 119 6.77 -37.54 3.24
CA PHE I 119 8.10 -37.30 2.69
C PHE I 119 8.99 -38.53 2.72
N LYS I 120 9.89 -38.59 1.74
CA LYS I 120 10.93 -39.61 1.71
C LYS I 120 12.06 -39.16 2.64
N ASP I 121 13.21 -39.83 2.55
CA ASP I 121 14.32 -39.59 3.47
C ASP I 121 14.69 -38.12 3.61
N ASP I 122 15.30 -37.55 2.57
CA ASP I 122 15.74 -36.15 2.59
C ASP I 122 14.76 -35.20 1.89
N THR I 123 13.65 -35.72 1.39
CA THR I 123 12.75 -34.95 0.53
C THR I 123 12.30 -33.62 1.14
N ARG I 124 12.05 -33.60 2.45
CA ARG I 124 11.63 -32.38 3.12
C ARG I 124 12.65 -31.27 2.94
N ARG I 125 13.92 -31.66 2.81
CA ARG I 125 15.00 -30.71 2.58
C ARG I 125 15.05 -30.30 1.11
N ASP I 126 14.58 -31.18 0.24
CA ASP I 126 14.59 -30.93 -1.20
C ASP I 126 13.41 -30.05 -1.61
N TYR I 127 12.26 -30.27 -1.00
CA TYR I 127 11.06 -29.51 -1.31
C TYR I 127 11.21 -28.05 -0.91
N ILE I 128 11.72 -27.80 0.29
CA ILE I 128 11.88 -26.44 0.78
C ILE I 128 12.87 -25.67 -0.08
N ASN I 129 13.90 -26.36 -0.56
CA ASN I 129 14.89 -25.75 -1.43
C ASN I 129 14.39 -25.60 -2.86
N ALA I 130 13.32 -26.33 -3.18
CA ALA I 130 12.74 -26.29 -4.53
C ALA I 130 11.83 -25.08 -4.69
N ILE I 131 10.89 -24.91 -3.77
CA ILE I 131 9.95 -23.80 -3.84
C ILE I 131 10.65 -22.45 -3.66
N PHE I 132 11.64 -22.43 -2.78
CA PHE I 132 12.43 -21.21 -2.57
C PHE I 132 13.12 -20.80 -3.86
N SER I 133 13.59 -21.79 -4.62
CA SER I 133 14.25 -21.54 -5.88
C SER I 133 13.27 -20.94 -6.88
N VAL I 134 12.04 -21.42 -6.87
CA VAL I 134 11.01 -20.92 -7.78
C VAL I 134 10.70 -19.45 -7.49
N ILE I 135 10.61 -19.11 -6.20
CA ILE I 135 10.30 -17.74 -5.80
C ILE I 135 11.38 -16.77 -6.25
N VAL I 136 12.64 -17.08 -5.95
CA VAL I 136 13.74 -16.17 -6.25
C VAL I 136 14.04 -16.13 -7.75
N LEU I 137 13.58 -17.13 -8.50
CA LEU I 137 13.77 -17.16 -9.94
C LEU I 137 12.71 -16.31 -10.64
N VAL I 138 11.48 -16.35 -10.12
CA VAL I 138 10.43 -15.45 -10.59
C VAL I 138 10.83 -14.03 -10.22
N PHE I 139 11.45 -13.89 -9.06
CA PHE I 139 11.91 -12.59 -8.57
C PHE I 139 12.89 -11.95 -9.55
N ALA I 140 13.73 -12.78 -10.17
CA ALA I 140 14.73 -12.30 -11.11
C ALA I 140 14.11 -12.07 -12.50
N LYS I 141 13.19 -12.95 -12.88
CA LYS I 141 12.53 -12.85 -14.18
C LYS I 141 11.68 -11.57 -14.25
N ASP I 142 11.21 -11.13 -13.08
CA ASP I 142 10.39 -9.92 -13.00
C ASP I 142 11.29 -8.69 -13.01
N HIS I 143 12.41 -8.77 -12.30
CA HIS I 143 13.36 -7.67 -12.24
C HIS I 143 14.11 -7.55 -13.58
N SER I 144 14.19 -8.64 -14.31
CA SER I 144 14.82 -8.66 -15.63
C SER I 144 14.14 -7.66 -16.55
N GLN I 145 12.90 -7.95 -16.92
CA GLN I 145 12.08 -7.02 -17.67
C GLN I 145 11.12 -6.34 -16.71
N GLU I 146 11.37 -5.06 -16.44
CA GLU I 146 10.58 -4.31 -15.48
C GLU I 146 9.12 -4.23 -15.91
N GLY I 147 8.89 -4.08 -17.21
CA GLY I 147 7.58 -3.66 -17.68
C GLY I 147 7.40 -2.24 -17.21
N THR I 148 8.53 -1.54 -17.13
CA THR I 148 8.69 -0.15 -16.66
C THR I 148 8.79 -0.01 -15.14
N THR I 149 8.46 -1.03 -14.36
CA THR I 149 8.87 -1.06 -12.96
C THR I 149 8.87 -2.44 -12.34
N PHE I 150 9.70 -2.63 -11.32
CA PHE I 150 9.73 -3.86 -10.55
C PHE I 150 9.49 -3.54 -9.07
N ASN I 151 8.37 -4.00 -8.54
CA ASN I 151 8.03 -3.75 -7.14
C ASN I 151 8.50 -4.89 -6.24
N GLU I 152 9.12 -4.53 -5.13
CA GLU I 152 9.67 -5.51 -4.20
C GLU I 152 8.68 -5.88 -3.10
N ARG I 153 7.68 -5.04 -2.89
CA ARG I 153 6.72 -5.22 -1.82
C ARG I 153 5.94 -6.56 -1.89
N PRO I 154 5.55 -6.99 -3.10
CA PRO I 154 4.84 -8.27 -3.20
C PRO I 154 5.69 -9.46 -2.75
N TYR I 155 6.87 -9.62 -3.34
CA TYR I 155 7.74 -10.74 -3.03
C TYR I 155 8.22 -10.68 -1.58
N PHE I 156 8.38 -9.47 -1.06
CA PHE I 156 8.79 -9.28 0.33
C PHE I 156 7.74 -9.83 1.30
N ARG I 157 6.47 -9.67 0.96
CA ARG I 157 5.38 -10.16 1.78
C ARG I 157 5.41 -11.67 1.89
N LEU I 158 5.80 -12.32 0.80
CA LEU I 158 5.83 -13.78 0.73
C LEU I 158 6.83 -14.36 1.71
N PHE I 159 8.04 -13.82 1.72
CA PHE I 159 9.09 -14.29 2.64
C PHE I 159 8.70 -14.05 4.09
N SER I 160 7.93 -13.00 4.33
CA SER I 160 7.50 -12.65 5.67
C SER I 160 6.48 -13.67 6.19
N ASN I 161 5.53 -14.03 5.34
CA ASN I 161 4.51 -15.01 5.72
C ASN I 161 5.11 -16.38 6.02
N ILE I 162 6.06 -16.80 5.18
CA ILE I 162 6.71 -18.09 5.36
C ILE I 162 7.44 -18.14 6.70
N LEU I 163 7.97 -16.99 7.12
CA LEU I 163 8.63 -16.90 8.42
C LEU I 163 7.60 -16.85 9.54
N TYR I 164 6.59 -16.00 9.38
CA TYR I 164 5.54 -15.88 10.38
C TYR I 164 4.78 -17.18 10.57
N GLU I 165 4.35 -17.79 9.45
CA GLU I 165 3.61 -19.04 9.50
C GLU I 165 4.42 -20.14 10.17
N TRP I 166 5.63 -20.36 9.66
CA TRP I 166 6.50 -21.40 10.20
C TRP I 166 6.86 -21.15 11.67
N ALA I 167 6.95 -19.87 12.04
CA ALA I 167 7.26 -19.51 13.41
C ALA I 167 6.14 -19.95 14.35
N THR I 168 4.91 -19.96 13.84
CA THR I 168 3.76 -20.38 14.63
C THR I 168 3.69 -21.90 14.75
N ILE I 169 4.17 -22.60 13.72
CA ILE I 169 4.18 -24.05 13.73
C ILE I 169 5.20 -24.57 14.74
N ARG I 170 6.37 -23.93 14.79
CA ARG I 170 7.46 -24.37 15.65
C ARG I 170 7.31 -23.88 17.08
N THR I 171 6.13 -23.36 17.42
CA THR I 171 5.89 -22.81 18.75
C THR I 171 6.01 -23.89 19.81
N HIS I 172 7.06 -23.78 20.63
CA HIS I 172 7.27 -24.69 21.75
C HIS I 172 7.43 -26.15 21.30
N ASN I 173 8.52 -26.41 20.58
CA ASN I 173 8.85 -27.76 20.16
C ASN I 173 7.76 -28.43 19.32
N PHE I 174 7.08 -27.62 18.51
CA PHE I 174 6.03 -28.12 17.61
C PHE I 174 4.95 -28.89 18.36
N VAL I 175 4.44 -28.30 19.43
CA VAL I 175 3.38 -28.93 20.21
C VAL I 175 2.08 -28.97 19.40
N ARG I 176 1.94 -28.01 18.49
CA ARG I 176 0.76 -27.92 17.66
C ARG I 176 0.77 -28.98 16.56
N ILE I 177 1.90 -29.68 16.42
CA ILE I 177 2.03 -30.75 15.44
C ILE I 177 1.20 -31.97 15.84
N SER I 178 0.76 -32.72 14.84
CA SER I 178 -0.05 -33.91 15.05
C SER I 178 0.76 -35.10 15.57
N ASP I 179 2.08 -34.91 15.70
CA ASP I 179 3.00 -35.99 16.07
C ASP I 179 3.01 -37.05 14.96
N SER I 180 2.72 -38.31 15.31
CA SER I 180 2.84 -39.43 14.38
C SER I 180 4.31 -39.73 14.07
N SER I 181 5.20 -38.98 14.70
CA SER I 181 6.63 -38.97 14.42
C SER I 181 6.94 -37.98 13.30
N THR I 182 5.89 -37.40 12.71
CA THR I 182 6.05 -36.34 11.73
C THR I 182 6.49 -35.07 12.43
N ARG I 183 6.04 -34.88 13.67
CA ARG I 183 6.43 -33.72 14.46
C ARG I 183 7.91 -33.79 14.78
N GLN I 184 8.40 -34.97 15.15
CA GLN I 184 9.81 -35.18 15.44
C GLN I 184 10.66 -34.87 14.21
N GLU I 185 10.10 -35.18 13.03
CA GLU I 185 10.77 -34.86 11.78
C GLU I 185 10.90 -33.36 11.59
N LEU I 186 9.87 -32.62 11.98
CA LEU I 186 9.83 -31.17 11.80
C LEU I 186 10.82 -30.47 12.72
N ILE I 187 11.02 -31.01 13.91
CA ILE I 187 11.95 -30.42 14.88
C ILE I 187 13.37 -30.44 14.32
N GLU I 188 13.74 -31.55 13.71
CA GLU I 188 15.07 -31.71 13.12
C GLU I 188 15.19 -30.83 11.89
N PHE I 189 14.07 -30.60 11.21
CA PHE I 189 14.04 -29.80 10.00
C PHE I 189 14.05 -28.30 10.33
N ASP I 190 13.71 -27.97 11.57
CA ASP I 190 13.68 -26.57 12.01
C ASP I 190 14.98 -25.85 11.71
N SER I 191 16.09 -26.48 12.08
CA SER I 191 17.42 -25.94 11.77
C SER I 191 17.65 -25.91 10.27
N VAL I 192 17.23 -26.99 9.60
CA VAL I 192 17.44 -27.12 8.16
C VAL I 192 16.61 -26.10 7.38
N PHE I 193 15.57 -25.56 8.03
CA PHE I 193 14.69 -24.59 7.40
C PHE I 193 15.34 -23.21 7.31
N TYR I 194 15.69 -22.65 8.46
CA TYR I 194 16.26 -21.30 8.52
C TYR I 194 17.63 -21.22 7.88
N ASN I 195 18.48 -22.22 8.14
CA ASN I 195 19.82 -22.24 7.57
C ASN I 195 19.79 -22.31 6.05
N THR I 196 18.87 -23.09 5.50
CA THR I 196 18.69 -23.18 4.05
C THR I 196 17.97 -21.94 3.53
N PHE I 197 17.09 -21.39 4.34
CA PHE I 197 16.35 -20.18 3.97
C PHE I 197 17.32 -19.01 3.86
N SER I 198 18.26 -18.92 4.79
CA SER I 198 19.29 -17.89 4.77
C SER I 198 20.16 -18.04 3.53
N GLY I 199 20.29 -19.28 3.05
CA GLY I 199 21.08 -19.56 1.87
C GLY I 199 20.46 -18.96 0.63
N TYR I 200 19.13 -19.04 0.54
CA TYR I 200 18.41 -18.47 -0.59
C TYR I 200 18.21 -16.97 -0.42
N LEU I 201 18.30 -16.49 0.81
CA LEU I 201 18.23 -15.07 1.09
C LEU I 201 19.55 -14.41 0.72
N HIS I 202 20.64 -15.17 0.83
CA HIS I 202 21.97 -14.71 0.42
C HIS I 202 22.00 -14.42 -1.08
N ALA I 203 21.14 -15.10 -1.83
CA ALA I 203 21.08 -14.94 -3.27
C ALA I 203 20.60 -13.55 -3.67
N LEU I 204 19.92 -12.88 -2.73
CA LEU I 204 19.40 -11.53 -2.95
C LEU I 204 20.15 -10.54 -2.08
N GLN I 205 21.45 -10.78 -1.87
CA GLN I 205 22.27 -9.91 -1.04
C GLN I 205 22.29 -8.50 -1.64
N PRO I 206 22.59 -7.49 -0.81
CA PRO I 206 22.56 -6.09 -1.24
C PRO I 206 23.39 -5.80 -2.49
N PHE I 207 24.39 -6.63 -2.74
CA PHE I 207 25.27 -6.43 -3.90
C PHE I 207 24.50 -6.59 -5.20
N ALA I 208 23.53 -7.51 -5.20
CA ALA I 208 22.65 -7.73 -6.35
C ALA I 208 21.27 -7.12 -6.09
N PHE I 209 20.64 -6.62 -7.14
CA PHE I 209 19.35 -5.95 -7.02
C PHE I 209 19.42 -4.80 -6.00
N PRO I 210 20.01 -3.67 -6.39
CA PRO I 210 20.15 -2.52 -5.49
C PRO I 210 18.82 -2.01 -4.95
N GLY I 211 17.74 -2.27 -5.66
CA GLY I 211 16.42 -1.80 -5.27
C GLY I 211 15.84 -2.57 -4.09
N PHE I 212 16.22 -3.83 -3.98
CA PHE I 212 15.70 -4.69 -2.92
C PHE I 212 16.54 -4.56 -1.64
N SER I 213 17.45 -3.58 -1.63
CA SER I 213 18.40 -3.42 -0.54
C SER I 213 17.72 -3.23 0.82
N PHE I 214 16.95 -2.16 0.96
CA PHE I 214 16.30 -1.86 2.23
C PHE I 214 15.35 -2.98 2.65
N ALA I 215 14.63 -3.54 1.68
CA ALA I 215 13.72 -4.63 1.94
C ALA I 215 14.46 -5.86 2.47
N TRP I 216 15.72 -6.00 2.05
CA TRP I 216 16.54 -7.14 2.44
C TRP I 216 17.02 -7.00 3.88
N VAL I 217 17.37 -5.78 4.27
CA VAL I 217 17.85 -5.52 5.62
C VAL I 217 16.71 -5.70 6.62
N THR I 218 15.51 -5.31 6.22
CA THR I 218 14.33 -5.49 7.07
C THR I 218 14.02 -6.96 7.25
N LEU I 219 14.24 -7.75 6.19
CA LEU I 219 14.05 -9.19 6.26
C LEU I 219 15.09 -9.82 7.18
N LEU I 220 16.29 -9.25 7.20
CA LEU I 220 17.34 -9.71 8.09
C LEU I 220 16.96 -9.36 9.53
N SER I 221 16.61 -8.09 9.74
CA SER I 221 16.24 -7.61 11.06
C SER I 221 14.78 -7.89 11.38
N HIS I 222 14.21 -8.92 10.74
CA HIS I 222 12.82 -9.29 10.95
C HIS I 222 12.58 -9.69 12.41
N ARG I 223 11.34 -9.57 12.85
CA ARG I 223 10.99 -9.85 14.23
C ARG I 223 10.94 -11.35 14.52
N MET I 224 11.15 -12.16 13.48
CA MET I 224 11.08 -13.61 13.60
C MET I 224 12.43 -14.26 13.29
N LEU I 225 13.02 -13.89 12.16
CA LEU I 225 14.22 -14.55 11.67
C LEU I 225 15.42 -14.39 12.60
N LEU I 226 15.86 -13.16 12.83
CA LEU I 226 17.09 -12.91 13.56
C LEU I 226 17.04 -13.35 15.03
N PRO I 227 15.96 -13.03 15.76
CA PRO I 227 15.94 -13.35 17.19
C PRO I 227 16.09 -14.84 17.49
N ILE I 228 15.40 -15.69 16.74
CA ILE I 228 15.38 -17.12 17.00
C ILE I 228 16.65 -17.81 16.49
N MET I 229 17.14 -17.39 15.33
CA MET I 229 18.34 -17.97 14.75
C MET I 229 19.54 -17.73 15.66
N LEU I 230 19.48 -16.66 16.44
CA LEU I 230 20.50 -16.37 17.43
C LEU I 230 20.32 -17.24 18.67
N ARG I 231 19.09 -17.69 18.90
CA ARG I 231 18.75 -18.52 20.05
C ARG I 231 18.56 -19.99 19.69
N LEU I 232 18.92 -20.36 18.46
CA LEU I 232 18.86 -21.75 18.05
C LEU I 232 19.82 -22.57 18.90
N PRO I 233 19.51 -23.86 19.13
CA PRO I 233 20.28 -24.71 20.05
C PRO I 233 21.77 -24.82 19.70
N ASN I 234 22.61 -24.47 20.66
CA ASN I 234 24.06 -24.62 20.54
C ASN I 234 24.67 -23.89 19.34
N LYS I 235 24.12 -22.71 19.03
CA LYS I 235 24.74 -21.81 18.06
C LYS I 235 24.86 -22.43 16.67
N ILE I 236 23.76 -22.98 16.18
CA ILE I 236 23.75 -23.63 14.86
C ILE I 236 23.39 -22.63 13.75
N GLY I 237 22.55 -21.67 14.09
CA GLY I 237 22.14 -20.66 13.12
C GLY I 237 23.21 -19.61 12.89
N TRP I 238 24.15 -19.53 13.81
CA TRP I 238 25.22 -18.53 13.74
C TRP I 238 26.09 -18.72 12.49
N GLU I 239 26.08 -19.93 11.94
CA GLU I 239 26.85 -20.23 10.74
C GLU I 239 26.36 -19.40 9.56
N LYS I 240 25.04 -19.35 9.39
CA LYS I 240 24.43 -18.64 8.26
C LYS I 240 24.18 -17.18 8.58
N LEU I 241 24.01 -16.85 9.86
CA LEU I 241 23.82 -15.47 10.27
C LEU I 241 25.07 -14.64 9.97
N MET I 242 26.23 -15.29 10.07
CA MET I 242 27.49 -14.64 9.75
C MET I 242 27.60 -14.35 8.26
N LEU I 243 27.06 -15.26 7.46
CA LEU I 243 27.11 -15.13 6.00
C LEU I 243 26.40 -13.86 5.53
N LEU I 244 25.25 -13.58 6.14
CA LEU I 244 24.43 -12.44 5.75
C LEU I 244 25.04 -11.12 6.19
N ILE I 245 25.63 -11.11 7.38
CA ILE I 245 26.26 -9.90 7.90
C ILE I 245 27.47 -9.51 7.07
N ILE I 246 28.25 -10.50 6.65
CA ILE I 246 29.40 -10.25 5.79
C ILE I 246 28.95 -9.66 4.46
N ASP I 247 27.86 -10.22 3.91
CA ASP I 247 27.26 -9.69 2.69
C ASP I 247 26.86 -8.23 2.89
N LEU I 248 26.50 -7.89 4.11
CA LEU I 248 26.11 -6.52 4.45
C LEU I 248 27.34 -5.63 4.55
N PHE I 249 28.48 -6.22 4.89
CA PHE I 249 29.74 -5.50 4.99
C PHE I 249 30.41 -5.37 3.62
N LYS I 250 30.30 -6.41 2.80
CA LYS I 250 30.92 -6.42 1.47
C LYS I 250 30.40 -5.29 0.60
N PHE I 251 29.13 -4.92 0.79
CA PHE I 251 28.50 -3.89 -0.02
C PHE I 251 29.03 -2.50 0.35
N LEU I 252 29.48 -2.35 1.59
CA LEU I 252 29.96 -1.07 2.09
C LEU I 252 31.23 -0.61 1.37
N ASP I 253 31.93 -1.54 0.73
CA ASP I 253 33.11 -1.22 -0.06
C ASP I 253 32.70 -0.80 -1.48
N ASP I 263 25.36 8.05 -1.97
CA ASP I 263 24.75 7.13 -2.91
C ASP I 263 23.66 6.31 -2.24
N ALA I 264 23.31 5.18 -2.85
CA ALA I 264 22.28 4.29 -2.32
C ALA I 264 22.87 3.32 -1.29
N VAL I 265 24.05 3.64 -0.78
CA VAL I 265 24.72 2.80 0.20
C VAL I 265 24.25 3.15 1.60
N SER I 266 23.73 4.36 1.76
CA SER I 266 23.30 4.86 3.07
C SER I 266 22.20 3.99 3.68
N VAL I 267 21.28 3.51 2.86
CA VAL I 267 20.15 2.72 3.33
C VAL I 267 20.62 1.40 3.94
N VAL I 268 21.75 0.90 3.47
CA VAL I 268 22.30 -0.36 3.97
C VAL I 268 22.91 -0.16 5.35
N TYR I 269 23.78 0.84 5.48
CA TYR I 269 24.46 1.12 6.73
C TYR I 269 23.49 1.60 7.81
N LYS I 270 22.42 2.26 7.38
CA LYS I 270 21.42 2.78 8.30
C LYS I 270 20.74 1.64 9.07
N GLY I 271 20.53 0.53 8.38
CA GLY I 271 19.89 -0.63 8.98
C GLY I 271 20.89 -1.58 9.62
N THR I 272 22.16 -1.47 9.20
CA THR I 272 23.22 -2.29 9.76
C THR I 272 23.37 -2.05 11.26
N LEU I 273 23.54 -0.79 11.64
CA LEU I 273 23.69 -0.42 13.05
C LEU I 273 22.47 -0.82 13.86
N ARG I 274 21.29 -0.68 13.27
CA ARG I 274 20.05 -1.02 13.94
C ARG I 274 20.03 -2.50 14.34
N ILE I 275 20.76 -3.32 13.58
CA ILE I 275 20.86 -4.74 13.87
C ILE I 275 21.88 -5.02 14.97
N ILE I 276 23.09 -4.51 14.79
CA ILE I 276 24.18 -4.74 15.75
C ILE I 276 23.78 -4.28 17.15
N LEU I 277 23.15 -3.11 17.24
CA LEU I 277 22.62 -2.64 18.52
C LEU I 277 21.53 -3.60 19.01
N GLY I 278 20.75 -4.12 18.07
CA GLY I 278 19.71 -5.08 18.40
C GLY I 278 20.31 -6.39 18.87
N ILE I 279 21.40 -6.81 18.22
CA ILE I 279 22.09 -8.04 18.60
C ILE I 279 22.79 -7.85 19.94
N SER I 280 23.47 -6.71 20.10
CA SER I 280 24.19 -6.41 21.32
C SER I 280 23.24 -6.35 22.52
N ASN I 281 21.99 -5.98 22.24
CA ASN I 281 20.98 -5.90 23.29
C ASN I 281 20.36 -7.27 23.55
N ASP I 282 20.20 -8.05 22.49
CA ASP I 282 19.58 -9.37 22.60
C ASP I 282 20.63 -10.45 22.92
N MET I 283 21.42 -10.81 21.91
CA MET I 283 22.46 -11.82 22.06
C MET I 283 23.85 -11.23 21.82
N PRO I 284 24.47 -10.67 22.87
CA PRO I 284 25.78 -10.04 22.71
C PRO I 284 26.89 -11.05 22.46
N SER I 285 26.67 -12.30 22.83
CA SER I 285 27.67 -13.35 22.69
C SER I 285 28.03 -13.59 21.23
N PHE I 286 27.09 -13.32 20.33
CA PHE I 286 27.30 -13.53 18.91
C PHE I 286 28.39 -12.63 18.35
N LEU I 287 28.47 -11.41 18.87
CA LEU I 287 29.44 -10.43 18.41
C LEU I 287 30.82 -10.63 19.04
N ILE I 288 30.87 -11.42 20.11
CA ILE I 288 32.12 -11.66 20.81
C ILE I 288 32.89 -12.82 20.20
N GLU I 289 32.21 -13.94 20.00
CA GLU I 289 32.86 -15.16 19.51
C GLU I 289 33.23 -15.01 18.03
N ASN I 290 32.33 -14.47 17.23
CA ASN I 290 32.56 -14.31 15.80
C ASN I 290 33.21 -12.97 15.46
N HIS I 291 33.87 -12.36 16.45
CA HIS I 291 34.51 -11.07 16.24
C HIS I 291 35.63 -11.17 15.22
N TYR I 292 36.29 -12.32 15.19
CA TYR I 292 37.40 -12.55 14.26
C TYR I 292 36.96 -12.40 12.81
N GLU I 293 35.93 -13.14 12.43
CA GLU I 293 35.44 -13.13 11.06
C GLU I 293 34.77 -11.80 10.71
N LEU I 294 34.23 -11.12 11.72
CA LEU I 294 33.59 -9.84 11.51
C LEU I 294 34.61 -8.76 11.14
N MET I 295 35.72 -8.71 11.86
CA MET I 295 36.75 -7.71 11.62
C MET I 295 37.43 -7.90 10.27
N ASN I 296 37.52 -9.15 9.83
CA ASN I 296 38.18 -9.47 8.57
C ASN I 296 37.42 -8.93 7.36
N ASN I 297 36.10 -8.82 7.50
CA ASN I 297 35.25 -8.36 6.40
C ASN I 297 34.81 -6.91 6.61
N LEU I 298 34.82 -6.46 7.86
CA LEU I 298 34.43 -5.09 8.19
C LEU I 298 35.54 -4.11 7.77
N PRO I 299 35.20 -3.12 6.93
CA PRO I 299 36.23 -2.13 6.56
C PRO I 299 36.73 -1.35 7.77
N PRO I 300 37.93 -0.74 7.66
CA PRO I 300 38.53 0.00 8.77
C PRO I 300 37.96 1.40 8.94
N THR I 301 37.34 1.93 7.89
CA THR I 301 36.81 3.29 7.92
C THR I 301 35.71 3.46 8.96
N TYR I 302 35.04 2.36 9.30
CA TYR I 302 33.96 2.39 10.28
C TYR I 302 34.50 2.23 11.69
N PHE I 303 34.66 3.35 12.39
CA PHE I 303 35.16 3.32 13.76
C PHE I 303 34.05 2.98 14.75
N GLN I 304 32.90 3.61 14.57
CA GLN I 304 31.76 3.42 15.47
C GLN I 304 31.22 1.99 15.38
N LEU I 305 31.00 1.53 14.16
CA LEU I 305 30.44 0.21 13.93
C LEU I 305 31.36 -0.90 14.45
N LYS I 306 32.63 -0.57 14.63
CA LYS I 306 33.62 -1.52 15.13
C LYS I 306 33.54 -1.64 16.66
N ASN I 307 33.55 -0.50 17.34
CA ASN I 307 33.56 -0.48 18.79
C ASN I 307 32.36 -1.17 19.40
N VAL I 308 31.19 -0.98 18.80
CA VAL I 308 29.96 -1.59 19.29
C VAL I 308 30.08 -3.11 19.28
N ILE I 309 30.80 -3.63 18.29
CA ILE I 309 31.02 -5.07 18.18
C ILE I 309 31.96 -5.55 19.29
N LEU I 310 32.96 -4.74 19.60
CA LEU I 310 33.93 -5.08 20.64
C LEU I 310 33.45 -4.64 22.03
N SER I 311 32.53 -3.69 22.06
CA SER I 311 31.98 -3.20 23.32
C SER I 311 30.93 -4.15 23.88
N ALA I 312 30.70 -5.26 23.18
CA ALA I 312 29.73 -6.25 23.62
C ALA I 312 30.17 -6.89 24.93
N ILE I 313 29.19 -7.20 25.78
CA ILE I 313 29.47 -7.81 27.08
C ILE I 313 28.42 -8.88 27.40
N PRO I 314 28.78 -9.83 28.27
CA PRO I 314 27.80 -10.83 28.70
C PRO I 314 26.63 -10.19 29.45
N LYS I 315 25.42 -10.67 29.19
CA LYS I 315 24.22 -10.03 29.71
C LYS I 315 24.13 -10.11 31.23
N ASN I 316 24.67 -11.18 31.81
CA ASN I 316 24.62 -11.39 33.24
C ASN I 316 25.62 -10.54 34.01
N MET I 317 26.85 -10.49 33.51
CA MET I 317 27.94 -9.81 34.21
C MET I 317 27.72 -8.29 34.28
N THR I 318 28.31 -7.68 35.31
CA THR I 318 28.25 -6.23 35.48
C THR I 318 29.65 -5.70 35.83
N VAL I 319 30.17 -4.82 34.98
CA VAL I 319 31.53 -4.33 35.15
C VAL I 319 31.60 -3.18 36.15
N PRO I 320 32.71 -3.10 36.92
CA PRO I 320 32.93 -1.95 37.81
C PRO I 320 33.34 -0.71 37.02
N ASN I 321 33.26 0.46 37.65
CA ASN I 321 33.63 1.70 36.97
C ASN I 321 35.07 1.65 36.48
N PRO I 322 35.28 1.68 35.16
CA PRO I 322 36.64 1.57 34.63
C PRO I 322 37.54 2.77 34.94
N TYR I 323 36.97 3.96 34.84
CA TYR I 323 37.75 5.20 34.92
C TYR I 323 38.37 5.46 36.29
N ASP I 324 37.54 5.50 37.31
CA ASP I 324 37.96 5.99 38.63
C ASP I 324 38.74 4.97 39.47
N VAL I 325 38.27 3.72 39.48
CA VAL I 325 38.75 2.73 40.43
C VAL I 325 40.19 2.30 40.13
N ASP I 326 40.63 2.48 38.89
CA ASP I 326 41.99 2.14 38.47
C ASP I 326 42.27 0.66 38.63
N LEU I 327 41.22 -0.16 38.55
CA LEU I 327 41.36 -1.61 38.67
C LEU I 327 41.98 -2.01 39.99
N MET I 329 45.16 -5.08 38.79
CA MET I 329 44.04 -5.58 38.01
C MET I 329 43.82 -7.06 38.27
N GLU I 330 44.87 -7.75 38.71
CA GLU I 330 44.79 -9.17 39.03
C GLU I 330 43.81 -9.43 40.17
N ASP I 331 43.50 -8.38 40.92
CA ASP I 331 42.53 -8.46 42.01
C ASP I 331 41.17 -8.87 41.48
N ILE I 332 40.81 -8.33 40.31
CA ILE I 332 39.56 -8.68 39.66
C ILE I 332 39.69 -10.08 39.04
N PRO I 333 38.91 -11.06 39.53
CA PRO I 333 39.04 -12.41 38.98
C PRO I 333 38.17 -12.64 37.74
N ALA I 334 37.34 -11.65 37.41
CA ALA I 334 36.47 -11.76 36.25
C ALA I 334 37.24 -11.66 34.94
N CYS I 335 38.48 -11.15 35.03
CA CYS I 335 39.32 -10.96 33.85
C CYS I 335 40.31 -12.12 33.68
N LYS I 336 40.17 -13.15 34.49
CA LYS I 336 41.02 -14.35 34.39
C LYS I 336 40.33 -15.43 33.58
N GLU I 337 39.08 -15.18 33.20
CA GLU I 337 38.31 -16.16 32.42
C GLU I 337 38.67 -16.08 30.94
N LEU I 338 38.62 -17.23 30.26
CA LEU I 338 39.00 -17.31 28.86
C LEU I 338 37.79 -17.04 27.95
N PRO I 339 37.93 -16.10 26.99
CA PRO I 339 36.83 -15.81 26.08
C PRO I 339 36.68 -16.87 24.98
N GLU I 340 35.46 -17.33 24.75
CA GLU I 340 35.19 -18.33 23.72
C GLU I 340 35.27 -17.73 22.33
N VAL I 341 35.78 -18.51 21.38
CA VAL I 341 35.89 -18.07 19.99
C VAL I 341 35.27 -19.11 19.06
N PHE I 342 34.34 -18.66 18.24
CA PHE I 342 33.61 -19.55 17.32
C PHE I 342 34.48 -19.95 16.14
N PHE I 343 35.34 -19.03 15.69
CA PHE I 343 36.21 -19.27 14.54
C PHE I 343 37.66 -19.45 14.96
N ASP I 344 38.10 -20.69 15.05
CA ASP I 344 39.48 -21.01 15.43
C ASP I 344 40.44 -20.46 14.38
N PRO I 345 41.23 -19.43 14.73
CA PRO I 345 42.04 -18.74 13.71
C PRO I 345 43.23 -19.54 13.17
N VAL I 346 43.43 -20.76 13.67
CA VAL I 346 44.56 -21.58 13.22
C VAL I 346 44.33 -22.09 11.79
N ILE I 347 43.07 -22.13 11.38
CA ILE I 347 42.73 -22.56 10.03
C ILE I 347 43.30 -21.57 9.01
N ASP I 348 42.92 -20.30 9.15
CA ASP I 348 43.34 -19.26 8.23
C ASP I 348 44.84 -18.97 8.32
N LEU I 349 45.48 -19.50 9.36
CA LEU I 349 46.91 -19.29 9.56
C LEU I 349 47.72 -20.00 8.48
N HIS I 350 47.09 -20.99 7.84
CA HIS I 350 47.70 -21.68 6.70
C HIS I 350 48.98 -22.42 7.09
N SER I 351 49.96 -22.41 6.19
CA SER I 351 51.21 -23.14 6.40
C SER I 351 52.01 -22.64 7.60
N LEU I 352 51.63 -21.47 8.12
CA LEU I 352 52.34 -20.88 9.26
C LEU I 352 51.90 -21.50 10.58
N LYS I 353 50.97 -22.45 10.52
CA LYS I 353 50.48 -23.13 11.71
C LYS I 353 51.60 -23.90 12.41
N LYS I 354 52.56 -24.39 11.63
CA LYS I 354 53.66 -25.17 12.17
C LYS I 354 54.73 -24.29 12.85
N PRO I 355 55.36 -23.39 12.08
CA PRO I 355 56.48 -22.60 12.63
C PRO I 355 56.07 -21.66 13.77
N VAL I 356 54.86 -21.10 13.69
CA VAL I 356 54.39 -20.20 14.74
C VAL I 356 54.20 -20.96 16.06
N ASP I 357 53.51 -22.10 15.99
CA ASP I 357 53.29 -22.91 17.19
C ASP I 357 54.61 -23.37 17.80
N ASN I 358 55.53 -23.80 16.94
CA ASN I 358 56.85 -24.24 17.38
C ASN I 358 57.64 -23.08 18.00
N TYR I 359 57.38 -21.88 17.51
CA TYR I 359 58.06 -20.69 18.00
C TYR I 359 57.67 -20.39 19.45
N LEU I 360 56.44 -20.77 19.81
CA LEU I 360 55.95 -20.53 21.16
C LEU I 360 56.51 -21.54 22.15
N ARG I 361 56.79 -22.74 21.66
CA ARG I 361 57.39 -23.77 22.51
C ARG I 361 58.81 -23.36 22.87
N ILE I 362 59.62 -23.09 21.85
CA ILE I 362 60.94 -22.51 22.03
C ILE I 362 61.13 -21.35 21.05
N PRO I 363 61.55 -20.18 21.56
CA PRO I 363 61.79 -19.04 20.65
C PRO I 363 63.22 -19.00 20.13
N SER I 364 63.38 -19.22 18.83
CA SER I 364 64.69 -19.12 18.19
C SER I 364 64.80 -17.82 17.42
N ASN I 365 65.78 -17.02 17.77
CA ASN I 365 66.03 -15.75 17.07
C ASN I 365 66.24 -15.99 15.58
N SER I 366 66.75 -17.18 15.26
CA SER I 366 66.98 -17.57 13.87
C SER I 366 65.73 -18.14 13.23
N LEU I 367 64.76 -18.55 14.05
CA LEU I 367 63.59 -19.26 13.53
C LEU I 367 62.54 -18.33 12.93
N LEU I 368 62.27 -17.20 13.56
CA LEU I 368 61.25 -16.28 13.04
C LEU I 368 61.65 -15.75 11.67
N ARG I 369 62.88 -16.00 11.28
CA ARG I 369 63.37 -15.71 9.94
C ARG I 369 62.43 -16.24 8.86
N THR I 370 61.96 -17.47 9.03
CA THR I 370 61.05 -18.08 8.06
C THR I 370 59.66 -17.48 8.17
N ILE I 371 59.29 -17.05 9.37
CA ILE I 371 57.98 -16.44 9.60
C ILE I 371 57.91 -15.12 8.85
N LEU I 372 58.93 -14.29 8.99
CA LEU I 372 58.99 -13.02 8.28
C LEU I 372 59.00 -13.24 6.78
N SER I 373 59.75 -14.24 6.33
CA SER I 373 59.84 -14.57 4.92
C SER I 373 58.47 -15.02 4.38
N ALA I 374 57.63 -15.55 5.27
CA ALA I 374 56.29 -15.98 4.88
C ALA I 374 55.37 -14.77 4.74
N ILE I 375 55.55 -13.79 5.62
CA ILE I 375 54.75 -12.58 5.58
C ILE I 375 55.16 -11.70 4.40
N TYR I 376 56.46 -11.40 4.32
CA TYR I 376 56.98 -10.56 3.24
C TYR I 376 56.64 -11.14 1.87
N LYS I 377 56.44 -12.45 1.80
CA LYS I 377 56.05 -13.10 0.57
C LYS I 377 54.56 -12.90 0.30
N ASP I 378 53.75 -13.06 1.34
CA ASP I 378 52.30 -12.98 1.20
C ASP I 378 51.81 -11.54 0.99
N THR I 379 52.43 -10.60 1.67
CA THR I 379 51.98 -9.21 1.63
C THR I 379 52.36 -8.49 0.34
N TYR I 380 53.48 -8.90 -0.25
CA TYR I 380 53.99 -8.25 -1.45
C TYR I 380 53.73 -9.08 -2.71
N ASP I 381 54.40 -10.23 -2.80
CA ASP I 381 54.38 -11.02 -4.03
C ASP I 381 53.01 -11.64 -4.33
N ILE I 382 52.48 -12.40 -3.37
CA ILE I 382 51.25 -13.17 -3.60
C ILE I 382 50.00 -12.32 -3.40
N LYS I 383 50.14 -11.16 -2.79
CA LYS I 383 49.00 -10.29 -2.48
C LYS I 383 48.20 -9.93 -3.73
N LYS I 384 48.91 -9.54 -4.79
CA LYS I 384 48.34 -9.21 -6.11
C LYS I 384 47.06 -8.38 -6.01
N GLY I 385 47.03 -7.48 -5.03
CA GLY I 385 45.86 -6.64 -4.82
C GLY I 385 45.67 -5.65 -5.95
N VAL I 386 44.47 -5.09 -6.05
CA VAL I 386 44.12 -4.17 -7.13
C VAL I 386 43.76 -2.79 -6.60
N GLY I 387 44.28 -1.75 -7.26
CA GLY I 387 43.97 -0.37 -6.91
C GLY I 387 44.38 -0.01 -5.49
N TYR I 388 43.43 0.52 -4.72
CA TYR I 388 43.69 0.77 -3.30
C TYR I 388 43.98 -0.56 -2.61
N ASP I 389 44.77 -0.50 -1.54
CA ASP I 389 45.26 -1.71 -0.88
C ASP I 389 46.10 -2.55 -1.84
N PHE I 390 46.94 -1.87 -2.63
CA PHE I 390 47.90 -2.55 -3.51
C PHE I 390 49.12 -2.96 -2.68
N LEU I 391 49.57 -4.20 -2.86
CA LEU I 391 50.63 -4.77 -2.02
C LEU I 391 50.25 -4.61 -0.55
N SER I 392 48.96 -4.73 -0.26
CA SER I 392 48.46 -4.56 1.09
C SER I 392 48.89 -5.70 1.99
N VAL I 393 49.26 -5.35 3.22
CA VAL I 393 49.57 -6.37 4.22
C VAL I 393 48.26 -7.05 4.58
N ASP I 394 48.24 -8.37 4.44
CA ASP I 394 47.02 -9.14 4.63
C ASP I 394 46.53 -9.03 6.08
N SER I 395 45.54 -8.17 6.29
CA SER I 395 45.00 -7.94 7.62
C SER I 395 44.37 -9.21 8.19
N LYS I 396 43.94 -10.10 7.30
CA LYS I 396 43.34 -11.37 7.72
C LYS I 396 44.40 -12.31 8.28
N LEU I 397 45.62 -12.21 7.76
CA LEU I 397 46.72 -13.06 8.19
C LEU I 397 47.32 -12.58 9.51
N ILE I 398 47.65 -11.30 9.58
CA ILE I 398 48.27 -10.72 10.76
C ILE I 398 47.35 -10.86 11.98
N ARG I 399 46.08 -10.55 11.79
CA ARG I 399 45.10 -10.64 12.87
C ARG I 399 45.02 -12.06 13.42
N ALA I 400 45.16 -13.04 12.52
CA ALA I 400 45.10 -14.44 12.91
C ALA I 400 46.29 -14.83 13.80
N ILE I 401 47.48 -14.36 13.42
CA ILE I 401 48.69 -14.63 14.18
C ILE I 401 48.57 -14.05 15.59
N VAL I 402 48.21 -12.77 15.66
CA VAL I 402 48.07 -12.07 16.94
C VAL I 402 47.00 -12.74 17.80
N LEU I 403 45.91 -13.15 17.17
CA LEU I 403 44.82 -13.80 17.90
C LEU I 403 45.20 -15.21 18.33
N HIS I 404 45.94 -15.91 17.47
CA HIS I 404 46.36 -17.27 17.77
C HIS I 404 47.25 -17.30 19.01
N VAL I 405 48.17 -16.35 19.09
CA VAL I 405 49.04 -16.21 20.25
C VAL I 405 48.21 -15.89 21.48
N GLY I 406 47.22 -15.02 21.31
CA GLY I 406 46.33 -14.64 22.40
C GLY I 406 45.60 -15.83 22.97
N ILE I 407 45.07 -16.68 22.10
CA ILE I 407 44.36 -17.88 22.52
C ILE I 407 45.33 -18.85 23.21
N GLU I 408 46.44 -19.15 22.55
CA GLU I 408 47.44 -20.06 23.09
C GLU I 408 48.00 -19.55 24.42
N ALA I 409 48.01 -18.24 24.60
CA ALA I 409 48.48 -17.64 25.84
C ALA I 409 47.46 -17.86 26.95
N GLY I 410 46.19 -17.89 26.58
CA GLY I 410 45.12 -18.11 27.54
C GLY I 410 45.11 -19.53 28.04
N ILE I 411 45.36 -20.48 27.15
CA ILE I 411 45.39 -21.90 27.51
C ILE I 411 46.54 -22.18 28.48
N GLU I 412 47.58 -21.35 28.42
CA GLU I 412 48.74 -21.54 29.28
C GLU I 412 48.44 -21.28 30.76
N TYR I 413 47.20 -20.90 31.05
CA TYR I 413 46.76 -20.73 32.43
C TYR I 413 46.37 -22.07 33.05
N LYS I 414 46.66 -23.16 32.34
CA LYS I 414 46.50 -24.50 32.91
C LYS I 414 47.42 -24.62 34.12
N ARG I 415 48.48 -23.82 34.10
CA ARG I 415 49.37 -23.66 35.24
C ARG I 415 49.34 -22.20 35.68
N THR I 416 48.75 -21.94 36.84
CA THR I 416 48.54 -20.58 37.31
C THR I 416 49.77 -20.05 38.01
N ASN I 419 51.25 -14.88 37.41
CA ASN I 419 51.95 -16.06 36.93
C ASN I 419 53.17 -15.70 36.09
N ALA I 420 53.86 -16.72 35.60
CA ALA I 420 55.01 -16.51 34.73
C ALA I 420 54.57 -16.28 33.29
N VAL I 421 53.26 -16.35 33.07
CA VAL I 421 52.69 -16.14 31.75
C VAL I 421 52.85 -14.68 31.33
N PHE I 422 52.81 -13.78 32.31
CA PHE I 422 53.04 -12.37 32.05
C PHE I 422 54.52 -12.04 32.28
N ASN I 423 55.24 -11.77 31.20
CA ASN I 423 56.65 -11.42 31.29
C ASN I 423 57.11 -10.72 30.02
N THR I 424 58.23 -10.01 30.12
CA THR I 424 58.86 -9.37 28.98
C THR I 424 59.64 -10.40 28.16
N LYS I 425 60.12 -11.44 28.84
CA LYS I 425 60.94 -12.47 28.22
C LYS I 425 60.12 -13.68 27.77
N SER I 426 58.81 -13.60 27.94
CA SER I 426 57.93 -14.70 27.54
C SER I 426 57.90 -14.85 26.01
N SER I 427 57.77 -16.08 25.55
CA SER I 427 57.80 -16.37 24.12
C SER I 427 56.59 -15.77 23.40
N TYR I 428 55.44 -15.79 24.06
CA TYR I 428 54.21 -15.26 23.49
C TYR I 428 54.35 -13.76 23.25
N TYR I 429 55.00 -13.08 24.18
CA TYR I 429 55.28 -11.66 24.04
C TYR I 429 56.44 -11.46 23.07
N THR I 430 57.41 -12.36 23.12
CA THR I 430 58.60 -12.28 22.28
C THR I 430 58.24 -12.28 20.80
N LEU I 431 57.28 -13.13 20.43
CA LEU I 431 56.85 -13.23 19.04
C LEU I 431 56.26 -11.92 18.54
N LEU I 432 55.26 -11.43 19.26
CA LEU I 432 54.59 -10.18 18.89
C LEU I 432 55.54 -8.99 19.00
N PHE I 433 56.68 -9.20 19.65
CA PHE I 433 57.68 -8.15 19.81
C PHE I 433 58.64 -8.09 18.61
N ASN I 434 59.18 -9.25 18.24
CA ASN I 434 60.13 -9.33 17.13
C ASN I 434 59.48 -9.06 15.79
N LEU I 435 58.21 -9.46 15.64
CA LEU I 435 57.49 -9.23 14.40
C LEU I 435 57.31 -7.74 14.15
N ILE I 436 57.09 -6.99 15.23
CA ILE I 436 56.98 -5.54 15.13
C ILE I 436 58.32 -4.93 14.75
N GLN I 437 59.37 -5.32 15.47
CA GLN I 437 60.70 -4.76 15.28
C GLN I 437 61.23 -5.01 13.86
N ASN I 438 61.15 -6.25 13.41
CA ASN I 438 61.69 -6.63 12.11
C ASN I 438 60.70 -6.41 10.96
N GLY I 439 59.47 -6.03 11.30
CA GLY I 439 58.44 -5.79 10.30
C GLY I 439 58.52 -4.39 9.72
N SER I 440 57.78 -4.16 8.64
CA SER I 440 57.76 -2.86 7.99
C SER I 440 56.75 -1.94 8.66
N ILE I 441 56.67 -0.69 8.19
CA ILE I 441 55.82 0.32 8.81
C ILE I 441 54.35 -0.10 8.79
N GLU I 442 53.85 -0.46 7.63
CA GLU I 442 52.47 -0.92 7.50
C GLU I 442 52.26 -2.19 8.30
N MET I 443 53.30 -3.02 8.34
CA MET I 443 53.26 -4.28 9.07
C MET I 443 53.11 -4.04 10.57
N LYS I 444 53.84 -3.06 11.08
CA LYS I 444 53.76 -2.70 12.50
C LYS I 444 52.34 -2.29 12.87
N TYR I 445 51.71 -1.50 11.99
CA TYR I 445 50.37 -0.97 12.26
C TYR I 445 49.33 -2.08 12.40
N GLN I 446 49.42 -3.09 11.54
CA GLN I 446 48.44 -4.18 11.54
C GLN I 446 48.52 -5.02 12.81
N ILE I 447 49.73 -5.22 13.31
CA ILE I 447 49.94 -5.97 14.55
C ILE I 447 49.33 -5.23 15.73
N ILE I 448 49.72 -3.97 15.89
CA ILE I 448 49.23 -3.13 16.98
C ILE I 448 47.71 -3.00 16.91
N LEU I 449 47.19 -2.84 15.70
CA LEU I 449 45.75 -2.73 15.49
C LEU I 449 45.04 -3.98 16.02
N SER I 450 45.57 -5.14 15.66
CA SER I 450 44.99 -6.41 16.08
C SER I 450 45.01 -6.55 17.60
N ILE I 451 46.09 -6.08 18.22
CA ILE I 451 46.22 -6.14 19.67
C ILE I 451 45.16 -5.29 20.35
N VAL I 452 44.97 -4.07 19.85
CA VAL I 452 43.98 -3.16 20.41
C VAL I 452 42.57 -3.70 20.25
N GLU I 453 42.33 -4.42 19.15
CA GLU I 453 41.02 -5.00 18.90
C GLU I 453 40.61 -6.03 19.95
N GLN I 454 41.60 -6.65 20.58
CA GLN I 454 41.34 -7.67 21.60
C GLN I 454 41.00 -7.06 22.96
N LEU I 455 41.04 -5.73 23.05
CA LEU I 455 40.67 -5.04 24.28
C LEU I 455 39.15 -4.85 24.32
N ARG I 456 38.46 -5.86 24.85
CA ARG I 456 37.01 -5.86 24.94
C ARG I 456 36.59 -5.84 26.42
N TYR I 457 35.60 -6.66 26.77
CA TYR I 457 35.18 -6.80 28.16
C TYR I 457 36.32 -7.41 28.97
N PRO I 458 36.27 -7.30 30.30
CA PRO I 458 37.40 -7.86 31.05
C PRO I 458 37.55 -9.36 30.82
N ASN I 459 38.75 -9.76 30.43
CA ASN I 459 39.04 -11.16 30.12
C ASN I 459 40.55 -11.35 30.04
N ILE I 460 40.99 -12.60 29.99
CA ILE I 460 42.42 -12.90 30.02
C ILE I 460 43.15 -12.30 28.81
N HIS I 461 42.50 -12.33 27.65
CA HIS I 461 43.10 -11.76 26.45
C HIS I 461 43.21 -10.25 26.60
N THR I 462 42.15 -9.62 27.08
CA THR I 462 42.16 -8.19 27.37
C THR I 462 43.21 -7.89 28.44
N TYR I 463 43.30 -8.76 29.42
CA TYR I 463 44.27 -8.62 30.51
C TYR I 463 45.69 -8.72 29.96
N TRP I 464 45.91 -9.69 29.09
CA TRP I 464 47.24 -9.95 28.54
C TRP I 464 47.66 -8.90 27.51
N PHE I 465 46.79 -8.64 26.54
CA PHE I 465 47.12 -7.68 25.48
C PHE I 465 47.24 -6.27 26.02
N SER I 466 46.52 -5.96 27.09
CA SER I 466 46.64 -4.66 27.74
C SER I 466 48.00 -4.55 28.41
N PHE I 467 48.49 -5.67 28.95
CA PHE I 467 49.82 -5.71 29.55
C PHE I 467 50.90 -5.61 28.48
N VAL I 468 50.61 -6.16 27.31
CA VAL I 468 51.54 -6.09 26.18
C VAL I 468 51.71 -4.64 25.72
N LEU I 469 50.60 -3.98 25.42
CA LEU I 469 50.63 -2.58 24.99
C LEU I 469 51.29 -1.71 26.04
N MET I 470 50.95 -1.95 27.31
CA MET I 470 51.51 -1.20 28.41
C MET I 470 53.02 -1.37 28.51
N ASN I 471 53.47 -2.61 28.31
CA ASN I 471 54.89 -2.94 28.40
C ASN I 471 55.64 -2.54 27.13
N MET I 472 55.00 -2.71 25.98
CA MET I 472 55.59 -2.35 24.71
C MET I 472 55.86 -0.86 24.61
N PHE I 473 55.00 -0.08 25.23
CA PHE I 473 55.12 1.38 25.20
C PHE I 473 56.27 1.85 26.09
N LYS I 474 56.68 1.01 27.03
CA LYS I 474 57.75 1.34 27.96
C LYS I 474 59.03 0.57 27.65
N SER I 475 58.93 -0.41 26.75
CA SER I 475 60.07 -1.27 26.45
C SER I 475 61.23 -0.52 25.81
N ASP I 476 62.41 -0.65 26.39
CA ASP I 476 63.62 -0.04 25.87
C ASP I 476 64.41 -1.02 25.01
N GLU I 477 63.85 -2.21 24.79
CA GLU I 477 64.53 -3.28 24.07
C GLU I 477 65.04 -2.84 22.70
N TRP I 478 64.13 -2.54 21.78
CA TRP I 478 64.54 -2.10 20.44
C TRP I 478 65.19 -0.73 20.55
N ASN I 479 66.02 -0.39 19.56
CA ASN I 479 66.83 0.82 19.59
C ASN I 479 66.23 1.97 18.79
N ASP I 480 66.27 1.85 17.47
CA ASP I 480 65.86 2.94 16.58
C ASP I 480 64.34 3.01 16.45
N GLN I 481 63.64 1.99 16.92
CA GLN I 481 62.19 1.92 16.84
C GLN I 481 61.52 2.56 18.05
N LYS I 482 62.33 3.16 18.92
CA LYS I 482 61.86 3.70 20.19
C LYS I 482 60.65 4.62 20.07
N LEU I 483 60.78 5.67 19.26
CA LEU I 483 59.75 6.69 19.16
C LEU I 483 58.59 6.28 18.24
N GLU I 484 58.91 5.69 17.10
CA GLU I 484 57.93 5.48 16.04
C GLU I 484 56.78 4.57 16.47
N VAL I 485 57.07 3.58 17.31
CA VAL I 485 56.06 2.66 17.79
C VAL I 485 55.04 3.40 18.66
N GLN I 486 55.52 4.39 19.40
CA GLN I 486 54.66 5.19 20.27
C GLN I 486 53.53 5.85 19.49
N GLU I 487 53.83 6.30 18.28
CA GLU I 487 52.83 6.91 17.42
C GLU I 487 51.79 5.89 16.97
N ILE I 488 52.26 4.69 16.60
CA ILE I 488 51.37 3.64 16.13
C ILE I 488 50.45 3.16 17.26
N ILE I 489 51.02 2.95 18.44
CA ILE I 489 50.24 2.54 19.61
C ILE I 489 49.24 3.62 19.96
N LEU I 490 49.70 4.87 19.98
CA LEU I 490 48.84 5.99 20.34
C LEU I 490 47.79 6.24 19.27
N ARG I 491 48.14 5.98 18.01
CA ARG I 491 47.23 6.20 16.90
C ARG I 491 46.09 5.17 16.91
N ASN I 492 46.45 3.90 16.86
CA ASN I 492 45.46 2.83 16.82
C ASN I 492 44.64 2.76 18.10
N PHE I 493 45.12 3.40 19.15
CA PHE I 493 44.41 3.46 20.42
C PHE I 493 43.57 4.72 20.52
N LEU I 494 43.97 5.76 19.80
CA LEU I 494 43.25 7.03 19.80
C LEU I 494 42.00 6.94 18.94
N LYS I 495 42.08 6.18 17.84
CA LYS I 495 40.95 6.01 16.95
C LYS I 495 39.78 5.32 17.65
N ARG I 496 40.09 4.60 18.72
CA ARG I 496 39.08 3.88 19.49
C ARG I 496 38.39 4.78 20.51
N ILE I 497 39.07 5.88 20.87
CA ILE I 497 38.57 6.78 21.90
C ILE I 497 38.01 8.08 21.32
N ILE I 498 38.52 8.49 20.16
CA ILE I 498 38.11 9.75 19.55
C ILE I 498 36.65 9.73 19.11
N VAL I 499 36.16 8.56 18.75
CA VAL I 499 34.79 8.42 18.24
C VAL I 499 33.79 8.53 19.39
N ASN I 500 32.55 8.85 19.06
CA ASN I 500 31.49 9.01 20.05
C ASN I 500 31.14 7.72 20.79
N LYS I 501 30.24 7.83 21.76
CA LYS I 501 29.79 6.68 22.55
C LYS I 501 29.11 5.63 21.66
N PRO I 502 29.07 4.37 22.11
CA PRO I 502 29.73 3.83 23.31
C PRO I 502 31.18 3.43 23.05
N HIS I 503 31.98 3.36 24.11
CA HIS I 503 33.37 2.94 24.01
C HIS I 503 33.57 1.60 24.71
N THR I 504 34.44 0.77 24.15
CA THR I 504 34.72 -0.54 24.73
C THR I 504 35.39 -0.40 26.09
N TRP I 505 35.07 -1.31 27.01
CA TRP I 505 35.61 -1.28 28.35
C TRP I 505 37.13 -1.44 28.35
N GLY I 506 37.64 -2.09 27.32
CA GLY I 506 39.06 -2.36 27.21
C GLY I 506 39.90 -1.09 27.16
N VAL I 507 39.63 -0.24 26.17
CA VAL I 507 40.39 0.99 25.98
C VAL I 507 40.09 2.00 27.09
N SER I 508 38.91 1.86 27.71
CA SER I 508 38.48 2.79 28.75
C SER I 508 39.41 2.74 29.96
N VAL I 509 39.95 1.56 30.25
CA VAL I 509 40.84 1.37 31.37
C VAL I 509 42.28 1.72 30.98
N PHE I 510 42.70 1.24 29.81
CA PHE I 510 44.07 1.44 29.35
C PHE I 510 44.36 2.92 29.10
N PHE I 511 43.34 3.66 28.71
CA PHE I 511 43.48 5.10 28.47
C PHE I 511 43.77 5.85 29.76
N THR I 512 43.11 5.42 30.84
CA THR I 512 43.27 6.05 32.14
C THR I 512 44.57 5.64 32.82
N GLN I 513 45.05 4.45 32.51
CA GLN I 513 46.31 3.95 33.05
C GLN I 513 47.51 4.52 32.29
N LEU I 514 47.24 5.39 31.32
CA LEU I 514 48.28 5.95 30.46
C LEU I 514 48.74 7.32 30.94
N ILE I 515 47.78 8.17 31.31
CA ILE I 515 48.08 9.56 31.64
C ILE I 515 48.66 9.67 33.06
N ASN I 516 48.25 8.77 33.94
CA ASN I 516 48.74 8.76 35.32
C ASN I 516 50.20 8.31 35.38
N ASN I 517 50.93 8.82 36.36
CA ASN I 517 52.33 8.47 36.53
C ASN I 517 52.52 7.05 37.02
N ASP I 519 56.00 6.98 33.93
CA ASP I 519 54.95 7.15 32.93
C ASP I 519 54.78 8.62 32.57
N ILE I 520 55.56 9.08 31.60
CA ILE I 520 55.53 10.49 31.18
C ILE I 520 54.19 10.84 30.54
N ASN I 521 53.65 9.92 29.75
CA ASN I 521 52.39 10.14 29.04
C ASN I 521 52.53 11.22 27.97
N PRO I 526 54.68 14.81 22.72
CA PRO I 526 55.99 14.65 22.08
C PRO I 526 55.88 14.02 20.69
N PHE I 527 54.90 13.14 20.51
CA PHE I 527 54.69 12.46 19.24
C PHE I 527 54.03 13.37 18.22
N VAL I 528 53.62 14.56 18.66
CA VAL I 528 52.89 15.50 17.81
C VAL I 528 53.73 16.72 17.43
N GLN I 529 53.46 17.25 16.25
CA GLN I 529 54.15 18.45 15.75
C GLN I 529 53.13 19.51 15.31
N VAL I 531 49.17 18.93 15.68
CA VAL I 531 48.23 18.08 16.40
C VAL I 531 46.91 18.80 16.63
N PRO I 532 46.18 19.12 15.56
CA PRO I 532 44.88 19.78 15.71
C PRO I 532 43.90 18.92 16.50
N GLU I 533 43.82 17.64 16.17
CA GLU I 533 42.97 16.69 16.89
C GLU I 533 43.66 16.20 18.15
N ILE I 534 44.96 15.92 18.04
CA ILE I 534 45.73 15.34 19.14
C ILE I 534 45.79 16.27 20.35
N LYS I 535 45.84 17.58 20.10
CA LYS I 535 45.89 18.56 21.17
C LYS I 535 44.56 18.64 21.90
N LEU I 536 43.50 18.17 21.24
CA LEU I 536 42.16 18.20 21.82
C LEU I 536 41.90 16.96 22.67
N ILE I 537 42.91 16.08 22.79
CA ILE I 537 42.78 14.85 23.56
C ILE I 537 42.49 15.16 25.03
N LEU I 538 43.22 16.11 25.60
CA LEU I 538 43.04 16.50 26.99
C LEU I 538 41.70 17.21 27.17
N GLN I 539 41.25 17.92 26.13
CA GLN I 539 40.00 18.66 26.19
C GLN I 539 38.80 17.72 26.14
N GLN I 540 39.01 16.50 25.66
CA GLN I 540 37.93 15.52 25.55
C GLN I 540 37.45 15.08 26.93
N LEU I 541 38.39 14.67 27.77
CA LEU I 541 38.06 14.23 29.13
C LEU I 541 39.34 13.96 29.94
N TYR J 8 15.89 -5.77 -30.99
CA TYR J 8 15.23 -6.95 -31.53
C TYR J 8 16.15 -8.17 -31.46
N ASP J 9 16.06 -8.90 -30.35
CA ASP J 9 16.90 -10.09 -30.14
C ASP J 9 16.06 -11.36 -30.16
N ALA J 10 16.41 -12.26 -31.06
CA ALA J 10 15.70 -13.53 -31.21
C ALA J 10 16.44 -14.66 -30.50
N LEU J 11 15.70 -15.70 -30.13
CA LEU J 11 16.27 -16.90 -29.54
C LEU J 11 16.79 -16.68 -28.12
N GLY J 12 16.69 -15.45 -27.61
CA GLY J 12 17.11 -15.18 -26.24
C GLY J 12 16.71 -13.81 -25.74
N ASN J 13 16.59 -13.72 -24.42
CA ASN J 13 16.32 -12.46 -23.72
C ASN J 13 16.74 -12.62 -22.27
N ALA J 14 16.91 -11.50 -21.58
CA ALA J 14 17.24 -11.53 -20.16
C ALA J 14 16.21 -12.36 -19.40
N VAL J 15 14.94 -12.20 -19.76
CA VAL J 15 13.87 -12.94 -19.12
C VAL J 15 13.74 -14.36 -19.66
N ASP J 16 13.98 -14.53 -20.96
CA ASP J 16 13.86 -15.84 -21.60
C ASP J 16 14.91 -16.80 -21.10
N PHE J 17 16.10 -16.29 -20.83
CA PHE J 17 17.17 -17.10 -20.27
C PHE J 17 16.75 -17.63 -18.90
N LEU J 18 16.19 -16.73 -18.08
CA LEU J 18 15.70 -17.10 -16.76
C LEU J 18 14.45 -17.97 -16.85
N ASP J 19 13.50 -17.55 -17.67
CA ASP J 19 12.25 -18.29 -17.86
C ASP J 19 12.55 -19.75 -18.20
N ALA J 20 13.57 -19.96 -19.02
CA ALA J 20 14.02 -21.30 -19.35
C ALA J 20 14.55 -22.00 -18.10
N ARG J 21 15.13 -21.22 -17.20
CA ARG J 21 15.70 -21.76 -15.97
C ARG J 21 14.62 -22.19 -14.99
N LEU J 22 13.48 -21.51 -15.04
CA LEU J 22 12.34 -21.88 -14.20
C LEU J 22 11.79 -23.23 -14.64
N HIS J 23 11.76 -23.45 -15.94
CA HIS J 23 11.28 -24.70 -16.51
C HIS J 23 12.34 -25.80 -16.39
N SER J 24 13.58 -25.39 -16.17
CA SER J 24 14.68 -26.33 -16.01
C SER J 24 14.59 -27.07 -14.68
N LEU J 25 14.41 -26.29 -13.61
CA LEU J 25 14.40 -26.84 -12.25
C LEU J 25 13.15 -27.67 -11.99
N SER J 26 12.10 -27.44 -12.78
CA SER J 26 10.84 -28.18 -12.61
C SER J 26 11.05 -29.66 -12.91
N ASN J 27 11.75 -29.95 -14.00
CA ASN J 27 11.98 -31.32 -14.44
C ASN J 27 13.13 -32.00 -13.71
N TYR J 28 13.76 -31.27 -12.79
CA TYR J 28 14.87 -31.82 -12.01
C TYR J 28 14.37 -32.73 -10.90
N GLN J 29 14.78 -33.99 -10.93
CA GLN J 29 14.39 -34.96 -9.93
C GLN J 29 12.87 -35.09 -9.84
N LYS J 30 12.27 -35.62 -10.90
CA LYS J 30 10.83 -35.83 -10.93
C LYS J 30 10.40 -36.78 -9.82
N ARG J 31 9.37 -36.38 -9.08
CA ARG J 31 8.87 -37.17 -7.96
C ARG J 31 7.35 -37.05 -7.85
N PRO J 32 6.66 -38.17 -7.59
CA PRO J 32 5.22 -38.08 -7.35
C PRO J 32 4.91 -37.58 -5.95
N ILE J 33 4.21 -36.45 -5.86
CA ILE J 33 3.87 -35.87 -4.56
C ILE J 33 2.93 -36.81 -3.80
N SER J 34 3.45 -37.40 -2.73
CA SER J 34 2.68 -38.35 -1.93
C SER J 34 1.99 -37.67 -0.76
N ILE J 35 0.66 -37.61 -0.82
CA ILE J 35 -0.13 -37.07 0.28
C ILE J 35 -0.28 -38.14 1.36
N LYS J 36 -0.27 -37.72 2.61
CA LYS J 36 -0.34 -38.66 3.73
C LYS J 36 -1.68 -39.38 3.79
N SER J 37 -1.63 -40.71 3.76
CA SER J 37 -2.81 -41.54 3.94
C SER J 37 -3.16 -41.62 5.43
N ASN J 38 -2.19 -41.27 6.27
CA ASN J 38 -2.37 -41.24 7.71
C ASN J 38 -3.34 -40.15 8.15
N ILE J 39 -3.29 -39.02 7.48
CA ILE J 39 -3.96 -37.81 7.96
C ILE J 39 -5.40 -37.64 7.47
N ILE J 40 -6.20 -36.98 8.30
CA ILE J 40 -7.52 -36.49 7.94
C ILE J 40 -8.55 -37.53 7.50
N ASP J 41 -8.91 -38.43 8.41
CA ASP J 41 -10.20 -39.13 8.34
C ASP J 41 -10.52 -39.75 6.99
N GLU J 42 -9.67 -40.65 6.50
CA GLU J 42 -9.88 -41.27 5.19
C GLU J 42 -11.29 -41.87 5.09
N GLU J 43 -11.85 -41.78 3.88
CA GLU J 43 -13.25 -42.11 3.57
C GLU J 43 -14.19 -40.94 3.87
N THR J 44 -13.70 -39.96 4.62
CA THR J 44 -14.43 -38.71 4.81
C THR J 44 -14.19 -37.80 3.59
N TYR J 45 -13.07 -38.04 2.92
CA TYR J 45 -12.66 -37.24 1.78
C TYR J 45 -13.58 -37.44 0.57
N LYS J 46 -14.17 -38.62 0.47
CA LYS J 46 -15.02 -38.96 -0.67
C LYS J 46 -16.36 -38.23 -0.67
N LYS J 47 -16.75 -37.73 0.51
CA LYS J 47 -18.05 -37.08 0.66
C LYS J 47 -18.04 -35.65 0.12
N TYR J 48 -16.86 -35.05 0.02
CA TYR J 48 -16.74 -33.66 -0.40
C TYR J 48 -16.92 -33.51 -1.91
N PRO J 49 -17.39 -32.33 -2.36
CA PRO J 49 -17.47 -32.10 -3.81
C PRO J 49 -16.08 -31.91 -4.43
N SER J 50 -16.02 -31.82 -5.75
CA SER J 50 -14.75 -31.72 -6.46
C SER J 50 -13.99 -30.43 -6.15
N LEU J 51 -14.69 -29.30 -6.24
CA LEU J 51 -14.08 -27.99 -6.03
C LEU J 51 -12.96 -27.72 -7.02
N PHE J 52 -13.05 -28.35 -8.19
CA PHE J 52 -12.05 -28.15 -9.25
C PHE J 52 -12.72 -27.94 -10.61
N SER J 53 -11.95 -27.39 -11.54
CA SER J 53 -12.39 -27.24 -12.93
C SER J 53 -11.42 -28.00 -13.84
N TRP J 54 -10.96 -29.15 -13.35
CA TRP J 54 -9.95 -29.93 -14.06
C TRP J 54 -10.53 -30.59 -15.29
N ASP J 55 -9.66 -30.95 -16.23
CA ASP J 55 -10.06 -31.62 -17.46
C ASP J 55 -8.97 -32.56 -17.95
N ARG K 31 37.01 17.95 -54.54
CA ARG K 31 35.65 17.77 -54.06
C ARG K 31 35.33 18.77 -52.94
N THR K 32 34.30 18.46 -52.16
CA THR K 32 33.91 19.31 -51.05
C THR K 32 35.02 19.40 -50.01
N GLU K 33 35.85 18.35 -49.97
CA GLU K 33 36.96 18.29 -49.03
C GLU K 33 38.19 19.02 -49.59
N LYS K 34 37.99 19.82 -50.63
CA LYS K 34 39.07 20.60 -51.23
C LYS K 34 39.49 21.74 -50.32
N PHE K 35 38.79 21.93 -49.22
CA PHE K 35 39.14 22.93 -48.21
C PHE K 35 40.21 22.39 -47.27
N TYR K 36 40.28 21.08 -47.15
CA TYR K 36 41.20 20.43 -46.22
C TYR K 36 42.67 20.69 -46.60
N LEU K 37 43.04 20.38 -47.83
CA LEU K 37 44.44 20.47 -48.23
C LEU K 37 44.91 21.92 -48.31
N VAL K 38 43.97 22.85 -48.44
CA VAL K 38 44.30 24.28 -48.45
C VAL K 38 44.81 24.68 -47.07
N PHE K 39 44.05 24.31 -46.04
CA PHE K 39 44.47 24.59 -44.66
C PHE K 39 45.69 23.77 -44.30
N THR K 40 45.80 22.58 -44.89
CA THR K 40 46.96 21.73 -44.68
C THR K 40 48.22 22.44 -45.19
N GLU K 41 48.05 23.28 -46.20
CA GLU K 41 49.15 24.06 -46.74
C GLU K 41 49.52 25.20 -45.79
N TRP K 42 48.53 25.73 -45.08
CA TRP K 42 48.74 26.81 -44.12
C TRP K 42 49.52 26.30 -42.91
N VAL K 43 49.12 25.14 -42.41
CA VAL K 43 49.80 24.52 -41.27
C VAL K 43 51.21 24.11 -41.67
N LYS K 44 51.37 23.64 -42.90
CA LYS K 44 52.67 23.24 -43.42
C LYS K 44 53.58 24.45 -43.61
N LEU K 45 52.99 25.65 -43.62
CA LEU K 45 53.72 26.88 -43.89
C LEU K 45 54.14 27.58 -42.60
N LEU K 46 53.17 27.88 -41.73
CA LEU K 46 53.45 28.56 -40.47
C LEU K 46 54.48 27.76 -39.69
N GLN K 47 54.26 26.45 -39.58
CA GLN K 47 55.28 25.56 -39.07
C GLN K 47 56.50 25.66 -39.97
N ARG K 48 57.65 25.99 -39.38
CA ARG K 48 58.92 26.20 -40.09
C ARG K 48 59.01 27.60 -40.70
N VAL K 49 58.19 28.52 -40.21
CA VAL K 49 58.27 29.93 -40.60
C VAL K 49 57.88 30.82 -39.43
N GLU K 50 58.62 31.91 -39.26
CA GLU K 50 58.21 32.95 -38.34
C GLU K 50 57.16 33.83 -39.00
N ASN K 51 55.89 33.49 -38.81
CA ASN K 51 54.81 34.39 -39.21
C ASN K 51 54.64 35.49 -38.17
N ASN K 52 55.75 36.06 -37.73
CA ASN K 52 55.74 37.13 -36.75
C ASN K 52 55.51 38.45 -37.48
N ASP K 53 54.36 38.53 -38.17
CA ASP K 53 54.05 39.65 -39.05
C ASP K 53 55.03 39.68 -40.21
N VAL K 54 55.41 38.50 -40.69
CA VAL K 54 56.42 38.36 -41.74
C VAL K 54 55.81 38.22 -43.14
N ILE K 55 55.04 37.15 -43.34
CA ILE K 55 54.61 36.74 -44.67
C ILE K 55 53.13 36.35 -44.74
N THR K 56 52.48 36.24 -43.59
CA THR K 56 51.11 35.74 -43.50
C THR K 56 50.13 36.38 -44.49
N THR K 57 50.36 37.65 -44.82
CA THR K 57 49.45 38.38 -45.69
C THR K 57 49.37 37.77 -47.09
N VAL K 58 50.48 37.19 -47.54
CA VAL K 58 50.56 36.64 -48.90
C VAL K 58 49.51 35.57 -49.14
N PHE K 59 49.50 34.54 -48.29
CA PHE K 59 48.54 33.46 -48.43
C PHE K 59 47.11 33.97 -48.27
N ILE K 60 46.88 34.75 -47.22
CA ILE K 60 45.55 35.29 -46.93
C ILE K 60 45.04 36.15 -48.08
N LYS K 61 45.93 36.99 -48.63
CA LYS K 61 45.56 37.84 -49.76
C LYS K 61 45.38 37.03 -51.03
N GLN K 62 45.82 35.77 -51.00
CA GLN K 62 45.73 34.88 -52.16
C GLN K 62 44.45 34.07 -52.13
N LEU K 63 43.74 34.14 -51.02
CA LEU K 63 42.45 33.46 -50.91
C LEU K 63 41.37 34.27 -51.62
N VAL K 64 41.66 35.53 -51.93
CA VAL K 64 40.72 36.37 -52.66
C VAL K 64 40.93 36.20 -54.17
N GLU K 65 42.15 35.83 -54.55
CA GLU K 65 42.47 35.54 -55.94
C GLU K 65 41.66 34.34 -56.41
N LYS K 66 41.61 33.31 -55.56
CA LYS K 66 40.72 32.19 -55.77
C LYS K 66 39.36 32.52 -55.19
N GLY K 67 38.41 31.59 -55.32
CA GLY K 67 37.05 31.81 -54.84
C GLY K 67 36.79 31.12 -53.52
N VAL K 68 37.85 30.79 -52.79
CA VAL K 68 37.71 30.05 -51.55
C VAL K 68 37.21 30.93 -50.39
N ILE K 69 37.84 32.09 -50.19
CA ILE K 69 37.42 33.02 -49.14
C ILE K 69 36.51 34.12 -49.71
N SER K 70 36.35 34.13 -51.03
CA SER K 70 35.62 35.19 -51.73
C SER K 70 34.22 35.40 -51.16
N ASP K 71 33.62 34.33 -50.66
CA ASP K 71 32.29 34.39 -50.06
C ASP K 71 32.35 34.01 -48.58
N THR K 72 31.44 34.57 -47.80
CA THR K 72 31.39 34.31 -46.37
C THR K 72 30.95 32.87 -46.08
N ASP K 73 30.03 32.37 -46.90
CA ASP K 73 29.53 31.01 -46.74
C ASP K 73 30.65 30.00 -46.95
N ASN K 74 31.70 30.41 -47.65
CA ASN K 74 32.87 29.57 -47.87
C ASN K 74 33.94 29.83 -46.80
N LEU K 75 33.97 31.05 -46.29
CA LEU K 75 34.90 31.44 -45.24
C LEU K 75 34.60 30.68 -43.95
N LEU K 76 33.34 30.72 -43.54
CA LEU K 76 32.90 30.04 -42.32
C LEU K 76 32.94 28.53 -42.52
N THR K 77 32.86 28.10 -43.78
CA THR K 77 33.02 26.70 -44.13
C THR K 77 34.48 26.30 -44.03
N PHE K 78 35.36 27.23 -44.41
CA PHE K 78 36.80 26.98 -44.36
C PHE K 78 37.24 26.78 -42.90
N VAL K 79 36.77 27.66 -42.02
CA VAL K 79 37.08 27.55 -40.60
C VAL K 79 36.43 26.31 -40.01
N LYS K 80 35.26 25.96 -40.52
CA LYS K 80 34.56 24.75 -40.10
C LYS K 80 35.38 23.51 -40.46
N SER K 81 35.70 23.38 -41.74
CA SER K 81 36.47 22.24 -42.23
C SER K 81 37.87 22.24 -41.63
N SER K 82 38.40 23.44 -41.37
CA SER K 82 39.72 23.57 -40.76
C SER K 82 39.72 23.04 -39.33
N LEU K 83 38.70 23.42 -38.57
CA LEU K 83 38.59 22.99 -37.19
C LEU K 83 38.36 21.49 -37.09
N GLU K 84 37.40 20.99 -37.86
CA GLU K 84 37.08 19.57 -37.88
C GLU K 84 38.27 18.73 -38.32
N LEU K 85 39.15 19.34 -39.12
CA LEU K 85 40.37 18.67 -39.55
C LEU K 85 41.38 18.61 -38.43
N SER K 86 41.47 19.70 -37.67
CA SER K 86 42.45 19.80 -36.59
C SER K 86 42.08 18.93 -35.41
N VAL K 87 40.78 18.67 -35.23
CA VAL K 87 40.30 17.82 -34.14
C VAL K 87 40.64 16.36 -34.42
N SER K 88 40.48 15.93 -35.66
CA SER K 88 40.79 14.56 -36.05
C SER K 88 42.26 14.22 -35.81
N SER K 89 43.12 15.23 -35.96
CA SER K 89 44.56 15.04 -35.77
C SER K 89 44.91 14.90 -34.29
N PHE K 90 44.14 15.58 -33.43
CA PHE K 90 44.38 15.55 -32.00
C PHE K 90 44.10 14.17 -31.42
N LYS K 91 43.13 13.48 -32.00
CA LYS K 91 42.77 12.13 -31.56
C LYS K 91 43.84 11.12 -31.91
N GLU K 92 44.62 11.41 -32.95
CA GLU K 92 45.67 10.52 -33.41
C GLU K 92 46.85 10.49 -32.45
N SER K 93 47.25 11.67 -31.99
CA SER K 93 48.38 11.78 -31.07
C SER K 93 48.05 11.14 -29.72
N ASP K 94 49.09 10.69 -29.02
CA ASP K 94 48.94 10.05 -27.71
C ASP K 94 50.00 10.55 -26.74
N PRO K 95 49.82 11.78 -26.23
CA PRO K 95 50.79 12.39 -25.31
C PRO K 95 50.50 12.08 -23.85
N VAL K 99 48.94 17.45 -29.52
CA VAL K 99 49.25 17.88 -30.88
C VAL K 99 48.45 19.13 -31.24
N PHE K 100 48.82 20.27 -30.64
CA PHE K 100 48.15 21.53 -30.90
C PHE K 100 48.78 22.26 -32.08
N ILE K 101 49.74 21.63 -32.74
CA ILE K 101 50.47 22.27 -33.83
C ILE K 101 49.56 22.58 -35.03
N ALA K 102 48.41 21.90 -35.09
CA ALA K 102 47.49 22.06 -36.19
C ALA K 102 46.42 23.10 -35.90
N ILE K 103 46.06 23.24 -34.62
CA ILE K 103 44.97 24.13 -34.23
C ILE K 103 45.47 25.54 -33.91
N ASP K 104 46.73 25.65 -33.46
CA ASP K 104 47.31 26.94 -33.16
C ASP K 104 47.44 27.78 -34.42
N ALA K 105 47.61 27.11 -35.57
CA ALA K 105 47.69 27.79 -36.85
C ALA K 105 46.34 28.41 -37.19
N LEU K 106 45.27 27.68 -36.89
CA LEU K 106 43.92 28.19 -37.10
C LEU K 106 43.64 29.37 -36.18
N GLY K 107 44.13 29.27 -34.94
CA GLY K 107 43.97 30.34 -33.97
C GLY K 107 44.59 31.63 -34.47
N SER K 108 45.69 31.51 -35.21
CA SER K 108 46.34 32.67 -35.80
C SER K 108 45.51 33.20 -36.97
N LEU K 109 45.04 32.27 -37.81
CA LEU K 109 44.29 32.62 -39.00
C LEU K 109 43.06 33.46 -38.66
N ILE K 110 42.43 33.18 -37.52
CA ILE K 110 41.27 33.93 -37.08
C ILE K 110 41.67 35.37 -36.76
N ILE K 111 42.66 35.53 -35.89
CA ILE K 111 43.14 36.86 -35.52
C ILE K 111 43.68 37.59 -36.75
N LYS K 112 44.28 36.85 -37.67
CA LYS K 112 44.81 37.44 -38.90
C LYS K 112 43.69 38.10 -39.68
N LEU K 113 42.73 37.31 -40.13
CA LEU K 113 41.59 37.82 -40.89
C LEU K 113 40.85 38.91 -40.11
N LEU K 114 40.90 38.84 -38.78
CA LEU K 114 40.28 39.85 -37.94
C LEU K 114 41.01 41.18 -38.03
N ILE K 115 42.30 41.17 -37.70
CA ILE K 115 43.09 42.40 -37.70
C ILE K 115 43.21 42.98 -39.11
N LEU K 116 43.82 42.24 -40.03
CA LEU K 116 44.00 42.73 -41.39
C LEU K 116 42.83 42.29 -42.26
N GLN K 117 42.04 43.28 -42.66
CA GLN K 117 40.90 43.10 -43.56
C GLN K 117 40.22 44.46 -43.69
N ASP K 118 39.42 44.63 -44.74
CA ASP K 118 38.66 45.86 -44.94
C ASP K 118 37.22 45.63 -44.52
N PHE K 119 36.82 46.23 -43.40
CA PHE K 119 35.49 46.03 -42.83
C PHE K 119 34.58 47.23 -43.06
N LYS K 120 33.30 46.94 -43.23
CA LYS K 120 32.27 47.97 -43.26
C LYS K 120 31.98 48.43 -41.85
N ASP K 121 30.95 49.25 -41.69
CA ASP K 121 30.61 49.81 -40.38
C ASP K 121 30.44 48.74 -39.30
N ASP K 122 29.37 47.95 -39.38
CA ASP K 122 29.05 46.96 -38.37
C ASP K 122 29.54 45.55 -38.74
N THR K 123 30.19 45.42 -39.89
CA THR K 123 30.59 44.12 -40.40
C THR K 123 31.62 43.41 -39.53
N ARG K 124 32.50 44.18 -38.88
CA ARG K 124 33.53 43.60 -38.03
C ARG K 124 32.91 42.88 -36.83
N ARG K 125 31.75 43.36 -36.41
CA ARG K 125 31.06 42.79 -35.25
C ARG K 125 30.37 41.47 -35.64
N ASP K 126 29.93 41.39 -36.89
CA ASP K 126 29.26 40.19 -37.38
C ASP K 126 30.27 39.09 -37.70
N TYR K 127 31.50 39.50 -37.98
CA TYR K 127 32.56 38.55 -38.34
C TYR K 127 33.00 37.73 -37.13
N ILE K 128 33.36 38.42 -36.05
CA ILE K 128 33.84 37.75 -34.85
C ILE K 128 32.76 36.85 -34.27
N ASN K 129 31.50 37.27 -34.40
CA ASN K 129 30.37 36.47 -33.94
C ASN K 129 30.17 35.24 -34.81
N ALA K 130 30.55 35.34 -36.07
CA ALA K 130 30.38 34.25 -37.03
C ALA K 130 31.33 33.10 -36.73
N ILE K 131 32.61 33.44 -36.54
CA ILE K 131 33.62 32.42 -36.25
C ILE K 131 33.34 31.78 -34.89
N PHE K 132 33.08 32.61 -33.89
CA PHE K 132 32.73 32.11 -32.55
C PHE K 132 31.48 31.23 -32.59
N SER K 133 30.62 31.46 -33.59
CA SER K 133 29.43 30.63 -33.73
C SER K 133 29.80 29.26 -34.29
N VAL K 134 30.67 29.24 -35.30
CA VAL K 134 31.11 27.99 -35.92
C VAL K 134 31.81 27.09 -34.92
N ILE K 135 32.79 27.64 -34.21
CA ILE K 135 33.59 26.87 -33.27
C ILE K 135 32.72 26.20 -32.20
N VAL K 136 31.68 26.91 -31.76
CA VAL K 136 30.78 26.38 -30.74
C VAL K 136 29.87 25.30 -31.34
N LEU K 137 29.36 25.55 -32.54
CA LEU K 137 28.47 24.60 -33.20
C LEU K 137 29.20 23.30 -33.55
N VAL K 138 30.47 23.40 -33.92
CA VAL K 138 31.29 22.23 -34.20
C VAL K 138 31.54 21.46 -32.90
N PHE K 139 31.79 22.20 -31.82
CA PHE K 139 32.02 21.62 -30.50
C PHE K 139 30.85 20.75 -30.07
N ALA K 140 29.64 21.23 -30.33
CA ALA K 140 28.43 20.49 -29.97
C ALA K 140 28.22 19.30 -30.90
N LYS K 141 28.55 19.48 -32.17
CA LYS K 141 28.39 18.43 -33.17
C LYS K 141 29.29 17.25 -32.83
N ASP K 142 30.47 17.55 -32.28
CA ASP K 142 31.43 16.52 -31.90
C ASP K 142 30.93 15.74 -30.69
N HIS K 143 30.29 16.45 -29.76
CA HIS K 143 29.82 15.85 -28.52
C HIS K 143 28.88 14.68 -28.78
N SER K 144 27.88 14.91 -29.63
CA SER K 144 26.92 13.86 -29.97
C SER K 144 27.56 12.79 -30.84
N GLY K 147 30.62 11.57 -23.23
CA GLY K 147 30.40 11.62 -24.66
C GLY K 147 31.17 10.54 -25.40
N THR K 148 32.12 9.91 -24.70
CA THR K 148 32.95 8.82 -25.22
C THR K 148 33.55 9.11 -26.59
N THR K 149 33.78 10.39 -26.89
CA THR K 149 34.52 10.78 -28.09
C THR K 149 35.58 11.85 -27.78
N PHE K 150 35.12 13.02 -27.35
CA PHE K 150 35.90 14.24 -27.44
C PHE K 150 36.88 14.48 -26.28
N ASN K 151 38.03 15.06 -26.64
CA ASN K 151 38.91 15.70 -25.69
C ASN K 151 38.67 17.20 -25.79
N GLU K 152 38.55 17.87 -24.65
CA GLU K 152 38.17 19.28 -24.64
C GLU K 152 39.38 20.21 -24.72
N ARG K 153 40.55 19.63 -25.01
CA ARG K 153 41.79 20.40 -25.02
C ARG K 153 41.93 21.28 -26.27
N PRO K 154 41.69 20.72 -27.46
CA PRO K 154 41.83 21.51 -28.69
C PRO K 154 40.96 22.77 -28.68
N TYR K 155 39.67 22.59 -28.40
CA TYR K 155 38.73 23.70 -28.34
C TYR K 155 39.16 24.71 -27.28
N PHE K 156 39.52 24.20 -26.10
CA PHE K 156 40.02 25.03 -25.02
C PHE K 156 41.29 25.77 -25.44
N ARG K 157 42.20 25.05 -26.08
CA ARG K 157 43.46 25.61 -26.53
C ARG K 157 43.22 26.68 -27.59
N LEU K 158 42.22 26.46 -28.42
CA LEU K 158 41.89 27.38 -29.50
C LEU K 158 41.32 28.70 -28.95
N PHE K 159 40.41 28.60 -28.00
CA PHE K 159 39.87 29.78 -27.34
C PHE K 159 40.96 30.53 -26.60
N SER K 160 41.90 29.79 -26.02
CA SER K 160 43.00 30.38 -25.28
C SER K 160 43.91 31.19 -26.20
N ASN K 161 44.18 30.65 -27.38
CA ASN K 161 45.03 31.33 -28.37
C ASN K 161 44.43 32.67 -28.77
N ILE K 162 43.14 32.68 -29.05
CA ILE K 162 42.43 33.89 -29.41
C ILE K 162 42.50 34.91 -28.27
N LEU K 163 42.51 34.41 -27.04
CA LEU K 163 42.64 35.26 -25.87
C LEU K 163 44.07 35.75 -25.67
N TYR K 164 45.03 34.87 -25.95
CA TYR K 164 46.44 35.21 -25.80
C TYR K 164 46.91 36.17 -26.89
N GLU K 165 46.55 35.87 -28.14
CA GLU K 165 46.99 36.67 -29.27
C GLU K 165 46.42 38.08 -29.22
N TRP K 166 45.09 38.18 -29.10
CA TRP K 166 44.42 39.48 -29.07
C TRP K 166 44.91 40.33 -27.89
N ALA K 167 45.33 39.67 -26.81
CA ALA K 167 45.84 40.38 -25.64
C ALA K 167 47.16 41.06 -25.95
N THR K 168 47.91 40.49 -26.88
CA THR K 168 49.20 41.05 -27.28
C THR K 168 49.01 42.21 -28.26
N ILE K 169 47.99 42.12 -29.09
CA ILE K 169 47.68 43.18 -30.05
C ILE K 169 47.25 44.45 -29.33
N ARG K 170 46.50 44.29 -28.24
CA ARG K 170 45.96 45.42 -27.50
C ARG K 170 46.97 45.99 -26.50
N THR K 171 48.24 45.63 -26.66
CA THR K 171 49.28 46.12 -25.77
C THR K 171 49.52 47.62 -25.99
N HIS K 172 49.33 48.39 -24.92
CA HIS K 172 49.55 49.84 -24.97
C HIS K 172 48.59 50.53 -25.94
N ASN K 173 47.30 50.30 -25.75
CA ASN K 173 46.27 50.91 -26.58
C ASN K 173 46.49 50.63 -28.07
N PHE K 174 46.79 49.38 -28.38
CA PHE K 174 46.94 48.94 -29.77
C PHE K 174 48.00 49.73 -30.51
N VAL K 175 49.22 49.74 -29.99
CA VAL K 175 50.32 50.47 -30.59
C VAL K 175 51.08 49.64 -31.62
N ARG K 176 50.79 48.34 -31.66
CA ARG K 176 51.50 47.41 -32.53
C ARG K 176 51.07 47.58 -34.00
N ILE K 177 49.79 47.85 -34.20
CA ILE K 177 49.24 48.03 -35.53
C ILE K 177 49.81 49.31 -36.15
N SER K 178 49.76 49.40 -37.48
CA SER K 178 50.44 50.46 -38.22
C SER K 178 49.99 51.88 -37.86
N ASP K 179 48.92 52.01 -37.09
CA ASP K 179 48.41 53.32 -36.67
C ASP K 179 47.93 54.13 -37.87
N SER K 180 47.19 53.46 -38.75
CA SER K 180 46.61 54.11 -39.92
C SER K 180 45.21 54.63 -39.61
N SER K 181 44.84 54.57 -38.34
CA SER K 181 43.50 54.90 -37.83
C SER K 181 42.59 53.67 -37.98
N THR K 182 43.11 52.62 -38.61
CA THR K 182 42.52 51.30 -38.50
C THR K 182 42.52 50.90 -37.02
N ARG K 183 43.51 51.41 -36.29
CA ARG K 183 43.67 51.08 -34.88
C ARG K 183 42.54 51.68 -34.05
N GLN K 184 42.05 52.84 -34.48
CA GLN K 184 40.95 53.49 -33.78
C GLN K 184 39.72 52.58 -33.75
N GLU K 185 39.55 51.80 -34.81
CA GLU K 185 38.45 50.85 -34.89
C GLU K 185 38.66 49.70 -33.91
N LEU K 186 39.90 49.24 -33.79
CA LEU K 186 40.23 48.12 -32.92
C LEU K 186 40.18 48.51 -31.45
N ILE K 187 40.49 49.77 -31.15
CA ILE K 187 40.40 50.26 -29.78
C ILE K 187 38.97 50.21 -29.30
N GLU K 188 38.04 50.64 -30.15
CA GLU K 188 36.62 50.62 -29.84
C GLU K 188 36.07 49.21 -29.92
N PHE K 189 36.71 48.39 -30.74
CA PHE K 189 36.30 47.00 -30.90
C PHE K 189 36.78 46.15 -29.72
N ASP K 190 37.73 46.69 -28.96
CA ASP K 190 38.28 45.99 -27.81
C ASP K 190 37.18 45.59 -26.84
N SER K 191 36.27 46.52 -26.57
CA SER K 191 35.13 46.25 -25.71
C SER K 191 34.19 45.26 -26.36
N VAL K 192 33.93 45.46 -27.65
CA VAL K 192 32.99 44.62 -28.39
C VAL K 192 33.53 43.20 -28.56
N PHE K 193 34.84 43.04 -28.40
CA PHE K 193 35.47 41.74 -28.58
C PHE K 193 35.21 40.83 -27.38
N TYR K 194 35.54 41.32 -26.18
CA TYR K 194 35.42 40.52 -24.97
C TYR K 194 33.97 40.34 -24.53
N ASN K 195 33.16 41.38 -24.74
CA ASN K 195 31.75 41.32 -24.37
C ASN K 195 30.99 40.33 -25.27
N THR K 196 31.43 40.22 -26.52
CA THR K 196 30.83 39.28 -27.45
C THR K 196 31.41 37.88 -27.26
N PHE K 197 32.70 37.82 -26.96
CA PHE K 197 33.36 36.54 -26.69
C PHE K 197 32.76 35.90 -25.45
N SER K 198 32.52 36.72 -24.43
CA SER K 198 31.89 36.25 -23.20
C SER K 198 30.48 35.75 -23.47
N GLY K 199 29.86 36.27 -24.53
CA GLY K 199 28.51 35.90 -24.90
C GLY K 199 28.43 34.47 -25.42
N TYR K 200 29.44 34.05 -26.17
CA TYR K 200 29.49 32.71 -26.73
C TYR K 200 30.02 31.71 -25.70
N LEU K 201 30.72 32.21 -24.69
CA LEU K 201 31.20 31.36 -23.60
C LEU K 201 30.03 30.93 -22.73
N HIS K 202 29.00 31.76 -22.68
CA HIS K 202 27.78 31.46 -21.94
C HIS K 202 27.06 30.25 -22.52
N ALA K 203 27.26 30.02 -23.82
CA ALA K 203 26.61 28.90 -24.51
C ALA K 203 27.10 27.56 -23.99
N LEU K 204 28.30 27.55 -23.41
CA LEU K 204 28.88 26.33 -22.87
C LEU K 204 28.98 26.41 -21.34
N GLN K 205 28.00 27.07 -20.72
CA GLN K 205 27.97 27.19 -19.27
C GLN K 205 27.88 25.80 -18.63
N PRO K 206 28.43 25.64 -17.41
CA PRO K 206 28.48 24.34 -16.74
C PRO K 206 27.15 23.59 -16.68
N PHE K 207 26.04 24.32 -16.79
CA PHE K 207 24.72 23.71 -16.72
C PHE K 207 24.45 22.86 -17.96
N ALA K 208 25.30 22.99 -18.96
CA ALA K 208 25.28 22.13 -20.14
C ALA K 208 26.72 21.71 -20.46
N PHE K 209 26.89 20.58 -21.14
CA PHE K 209 28.22 20.05 -21.41
C PHE K 209 29.00 19.92 -20.10
N PRO K 210 28.55 19.02 -19.21
CA PRO K 210 29.15 18.89 -17.88
C PRO K 210 30.62 18.51 -17.93
N GLY K 211 31.05 17.90 -19.04
CA GLY K 211 32.44 17.48 -19.20
C GLY K 211 33.38 18.65 -19.31
N PHE K 212 32.90 19.76 -19.86
CA PHE K 212 33.71 20.95 -20.05
C PHE K 212 33.72 21.82 -18.79
N SER K 213 33.04 21.36 -17.75
CA SER K 213 32.92 22.12 -16.51
C SER K 213 34.27 22.50 -15.92
N PHE K 214 35.20 21.55 -15.91
CA PHE K 214 36.53 21.78 -15.38
C PHE K 214 37.31 22.77 -16.24
N ALA K 215 37.09 22.70 -17.55
CA ALA K 215 37.81 23.54 -18.51
C ALA K 215 37.16 24.91 -18.67
N TRP K 216 35.90 25.03 -18.25
CA TRP K 216 35.16 26.28 -18.40
C TRP K 216 35.58 27.31 -17.36
N VAL K 217 35.75 26.85 -16.12
CA VAL K 217 36.14 27.74 -15.03
C VAL K 217 37.56 28.25 -15.24
N THR K 218 38.42 27.41 -15.79
CA THR K 218 39.79 27.79 -16.08
C THR K 218 39.84 28.89 -17.14
N LEU K 219 38.93 28.80 -18.11
CA LEU K 219 38.80 29.84 -19.12
C LEU K 219 38.31 31.14 -18.50
N LEU K 220 37.50 31.01 -17.45
CA LEU K 220 37.02 32.18 -16.72
C LEU K 220 38.18 32.79 -15.94
N SER K 221 38.90 31.94 -15.21
CA SER K 221 40.05 32.38 -14.43
C SER K 221 41.32 32.38 -15.28
N HIS K 222 41.19 32.77 -16.54
CA HIS K 222 42.32 32.80 -17.46
C HIS K 222 43.27 33.92 -17.06
N ARG K 223 44.56 33.73 -17.35
CA ARG K 223 45.58 34.70 -16.98
C ARG K 223 45.46 36.00 -17.79
N MET K 224 44.59 36.00 -18.78
CA MET K 224 44.39 37.16 -19.65
C MET K 224 42.97 37.69 -19.57
N LEU K 225 41.99 36.80 -19.59
CA LEU K 225 40.58 37.19 -19.67
C LEU K 225 40.11 38.04 -18.49
N LEU K 226 40.13 37.46 -17.30
CA LEU K 226 39.56 38.12 -16.12
C LEU K 226 40.31 39.38 -15.71
N PRO K 227 41.66 39.35 -15.67
CA PRO K 227 42.39 40.52 -15.17
C PRO K 227 42.17 41.80 -15.98
N ILE K 228 41.93 41.66 -17.29
CA ILE K 228 41.81 42.83 -18.17
C ILE K 228 40.38 43.33 -18.28
N MET K 229 39.41 42.41 -18.28
CA MET K 229 38.01 42.79 -18.40
C MET K 229 37.56 43.61 -17.20
N LEU K 230 38.08 43.27 -16.02
CA LEU K 230 37.80 44.02 -14.81
C LEU K 230 38.41 45.42 -14.92
N ARG K 231 39.55 45.52 -15.58
CA ARG K 231 40.28 46.77 -15.70
C ARG K 231 39.83 47.58 -16.92
N LEU K 232 38.78 47.10 -17.60
CA LEU K 232 38.26 47.82 -18.76
C LEU K 232 37.70 49.19 -18.32
N PRO K 233 37.71 50.17 -19.24
CA PRO K 233 37.33 51.55 -18.90
C PRO K 233 35.88 51.68 -18.43
N ASN K 234 35.71 52.27 -17.25
CA ASN K 234 34.39 52.57 -16.69
C ASN K 234 33.49 51.33 -16.56
N LYS K 235 34.10 50.20 -16.24
CA LYS K 235 33.36 49.01 -15.83
C LYS K 235 32.46 48.45 -16.93
N ILE K 236 32.88 48.62 -18.18
CA ILE K 236 32.10 48.15 -19.32
C ILE K 236 32.07 46.63 -19.40
N GLY K 237 33.13 45.98 -18.92
CA GLY K 237 33.24 44.54 -18.96
C GLY K 237 32.47 43.85 -17.86
N TRP K 238 32.10 44.61 -16.82
CA TRP K 238 31.42 44.05 -15.66
C TRP K 238 30.04 43.51 -16.01
N GLU K 239 29.47 44.01 -17.11
CA GLU K 239 28.14 43.59 -17.53
C GLU K 239 28.12 42.12 -17.91
N LYS K 240 29.15 41.68 -18.63
CA LYS K 240 29.23 40.30 -19.10
C LYS K 240 29.96 39.40 -18.11
N LEU K 241 30.83 39.98 -17.30
CA LEU K 241 31.55 39.21 -16.29
C LEU K 241 30.59 38.67 -15.24
N MET K 242 29.58 39.46 -14.91
CA MET K 242 28.56 39.04 -13.96
C MET K 242 27.79 37.83 -14.49
N LEU K 243 27.40 37.90 -15.76
CA LEU K 243 26.62 36.84 -16.40
C LEU K 243 27.29 35.48 -16.26
N LEU K 244 28.62 35.47 -16.30
CA LEU K 244 29.38 34.22 -16.19
C LEU K 244 29.33 33.69 -14.75
N ILE K 245 29.37 34.60 -13.79
CA ILE K 245 29.36 34.22 -12.37
C ILE K 245 27.98 33.73 -11.95
N ILE K 246 26.93 34.37 -12.46
CA ILE K 246 25.57 33.96 -12.14
C ILE K 246 25.32 32.55 -12.66
N ASP K 247 25.83 32.27 -13.85
CA ASP K 247 25.74 30.93 -14.42
C ASP K 247 26.50 29.94 -13.55
N LEU K 248 27.61 30.39 -12.99
CA LEU K 248 28.44 29.57 -12.13
C LEU K 248 27.69 29.26 -10.83
N PHE K 249 27.07 30.29 -10.26
CA PHE K 249 26.27 30.12 -9.04
C PHE K 249 25.01 29.29 -9.33
N LYS K 250 24.40 29.53 -10.48
CA LYS K 250 23.16 28.84 -10.85
C LYS K 250 23.38 27.34 -10.95
N PHE K 251 24.58 26.94 -11.33
CA PHE K 251 24.93 25.52 -11.44
C PHE K 251 25.05 24.88 -10.07
N LEU K 252 25.66 25.61 -9.14
CA LEU K 252 25.85 25.12 -7.78
C LEU K 252 24.50 24.91 -7.09
N ASP K 253 23.51 25.72 -7.46
CA ASP K 253 22.18 25.61 -6.88
C ASP K 253 21.49 24.35 -7.40
N ASP K 263 29.90 13.57 -8.94
CA ASP K 263 29.34 14.90 -9.14
C ASP K 263 30.43 15.89 -9.54
N ALA K 264 30.13 16.71 -10.54
CA ALA K 264 31.09 17.70 -11.04
C ALA K 264 30.88 19.06 -10.36
N VAL K 265 30.22 19.06 -9.21
CA VAL K 265 29.95 20.29 -8.47
C VAL K 265 31.18 20.70 -7.68
N SER K 266 32.01 19.73 -7.31
CA SER K 266 33.21 19.98 -6.51
C SER K 266 34.20 20.90 -7.24
N VAL K 267 34.49 20.58 -8.49
CA VAL K 267 35.48 21.31 -9.26
C VAL K 267 35.02 22.75 -9.51
N VAL K 268 33.70 22.94 -9.63
CA VAL K 268 33.15 24.27 -9.89
C VAL K 268 33.35 25.17 -8.68
N TYR K 269 32.84 24.76 -7.52
CA TYR K 269 32.96 25.55 -6.30
C TYR K 269 34.42 25.77 -5.93
N LYS K 270 35.26 24.79 -6.21
CA LYS K 270 36.68 24.89 -5.93
C LYS K 270 37.32 25.97 -6.81
N GLY K 271 36.86 26.05 -8.06
CA GLY K 271 37.34 27.05 -8.99
C GLY K 271 36.66 28.38 -8.77
N THR K 272 35.41 28.34 -8.29
CA THR K 272 34.64 29.53 -8.01
C THR K 272 35.32 30.38 -6.94
N LEU K 273 35.58 29.75 -5.80
CA LEU K 273 36.18 30.44 -4.65
C LEU K 273 37.54 31.04 -5.02
N ARG K 274 38.26 30.37 -5.91
CA ARG K 274 39.55 30.87 -6.38
C ARG K 274 39.37 32.20 -7.09
N ILE K 275 38.35 32.28 -7.94
CA ILE K 275 38.07 33.49 -8.70
C ILE K 275 37.70 34.63 -7.76
N ILE K 276 36.70 34.40 -6.91
CA ILE K 276 36.21 35.42 -5.99
C ILE K 276 37.35 35.93 -5.11
N LEU K 277 38.20 35.02 -4.64
CA LEU K 277 39.37 35.39 -3.87
C LEU K 277 40.36 36.15 -4.76
N GLY K 278 40.45 35.72 -6.01
CA GLY K 278 41.32 36.38 -6.97
C GLY K 278 40.85 37.80 -7.26
N ILE K 279 39.53 37.95 -7.42
CA ILE K 279 38.94 39.26 -7.66
C ILE K 279 39.05 40.12 -6.41
N SER K 280 38.82 39.52 -5.25
CA SER K 280 38.86 40.24 -3.98
C SER K 280 40.24 40.84 -3.72
N ASN K 281 41.27 40.19 -4.26
CA ASN K 281 42.64 40.66 -4.11
C ASN K 281 43.07 41.58 -5.24
N ASP K 282 42.43 41.43 -6.40
CA ASP K 282 42.77 42.22 -7.57
C ASP K 282 41.88 43.46 -7.67
N MET K 283 40.59 43.24 -7.90
CA MET K 283 39.61 44.32 -8.02
C MET K 283 38.47 44.10 -7.03
N PRO K 284 38.67 44.49 -5.76
CA PRO K 284 37.62 44.30 -4.75
C PRO K 284 36.39 45.16 -5.02
N SER K 285 36.55 46.17 -5.87
CA SER K 285 35.46 47.06 -6.24
C SER K 285 34.33 46.29 -6.94
N PHE K 286 34.70 45.24 -7.65
CA PHE K 286 33.75 44.42 -8.40
C PHE K 286 32.77 43.71 -7.47
N LEU K 287 33.25 43.32 -6.29
CA LEU K 287 32.45 42.54 -5.36
C LEU K 287 31.51 43.40 -4.51
N ILE K 288 31.99 44.59 -4.14
CA ILE K 288 31.23 45.47 -3.26
C ILE K 288 30.08 46.18 -4.00
N GLU K 289 30.24 46.38 -5.30
CA GLU K 289 29.23 47.08 -6.09
C GLU K 289 28.15 46.15 -6.61
N ASN K 290 28.58 45.03 -7.20
CA ASN K 290 27.64 44.06 -7.76
C ASN K 290 27.17 43.04 -6.72
N HIS K 291 27.31 43.38 -5.44
CA HIS K 291 26.93 42.47 -4.36
C HIS K 291 25.44 42.16 -4.40
N TYR K 292 24.67 43.03 -5.06
CA TYR K 292 23.23 42.84 -5.17
C TYR K 292 22.88 41.56 -5.93
N GLU K 293 23.23 41.51 -7.20
CA GLU K 293 22.90 40.36 -8.04
C GLU K 293 23.61 39.09 -7.60
N LEU K 294 24.77 39.24 -6.96
CA LEU K 294 25.54 38.09 -6.50
C LEU K 294 24.80 37.32 -5.41
N MET K 295 24.26 38.05 -4.44
CA MET K 295 23.55 37.42 -3.33
C MET K 295 22.18 36.89 -3.74
N ASN K 296 21.64 37.40 -4.84
CA ASN K 296 20.34 36.97 -5.33
C ASN K 296 20.39 35.58 -5.96
N ASN K 297 21.55 35.22 -6.51
CA ASN K 297 21.72 33.95 -7.21
C ASN K 297 22.64 32.99 -6.46
N LEU K 298 23.24 33.47 -5.36
CA LEU K 298 24.10 32.64 -4.52
C LEU K 298 23.26 31.94 -3.44
N PRO K 299 23.23 30.60 -3.46
CA PRO K 299 22.46 29.90 -2.41
C PRO K 299 22.94 30.25 -1.00
N PRO K 300 22.05 30.15 0.00
CA PRO K 300 22.39 30.52 1.38
C PRO K 300 23.24 29.47 2.08
N THR K 301 23.34 28.29 1.50
CA THR K 301 24.10 27.19 2.10
C THR K 301 25.57 27.55 2.25
N TYR K 302 26.09 28.31 1.29
CA TYR K 302 27.50 28.71 1.31
C TYR K 302 27.70 29.91 2.22
N PHE K 303 28.20 29.65 3.43
CA PHE K 303 28.44 30.70 4.41
C PHE K 303 29.80 31.35 4.21
N GLN K 304 30.77 30.56 3.78
CA GLN K 304 32.13 31.06 3.58
C GLN K 304 32.21 31.92 2.31
N LEU K 305 31.69 31.38 1.21
CA LEU K 305 31.70 32.08 -0.06
C LEU K 305 30.90 33.38 0.05
N LYS K 306 29.94 33.40 0.97
CA LYS K 306 29.16 34.61 1.25
C LYS K 306 30.05 35.69 1.86
N ASN K 307 30.72 35.34 2.96
CA ASN K 307 31.51 36.30 3.73
C ASN K 307 32.66 36.90 2.92
N VAL K 308 33.25 36.10 2.03
CA VAL K 308 34.37 36.55 1.22
C VAL K 308 33.96 37.75 0.35
N ILE K 309 32.79 37.66 -0.26
CA ILE K 309 32.31 38.71 -1.14
C ILE K 309 32.04 39.99 -0.35
N LEU K 310 31.43 39.85 0.82
CA LEU K 310 31.06 41.01 1.64
C LEU K 310 32.25 41.56 2.41
N SER K 311 33.22 40.70 2.69
CA SER K 311 34.42 41.12 3.41
C SER K 311 35.40 41.86 2.51
N ALA K 312 35.06 41.94 1.22
CA ALA K 312 35.91 42.61 0.25
C ALA K 312 36.00 44.11 0.56
N ILE K 313 37.22 44.61 0.64
CA ILE K 313 37.48 46.02 0.92
C ILE K 313 38.29 46.65 -0.21
N PRO K 314 38.08 47.94 -0.47
CA PRO K 314 38.83 48.63 -1.53
C PRO K 314 40.34 48.59 -1.30
N LYS K 315 41.10 48.62 -2.39
CA LYS K 315 42.55 48.45 -2.33
C LYS K 315 43.26 49.53 -1.52
N ASN K 316 42.89 50.79 -1.77
CA ASN K 316 43.57 51.91 -1.15
C ASN K 316 43.25 52.08 0.34
N MET K 317 42.08 51.62 0.75
CA MET K 317 41.62 51.84 2.12
C MET K 317 42.09 50.77 3.09
N THR K 318 42.40 51.20 4.31
CA THR K 318 42.69 50.29 5.41
C THR K 318 41.70 50.56 6.54
N VAL K 319 41.43 49.55 7.36
CA VAL K 319 40.40 49.64 8.40
C VAL K 319 40.97 49.51 9.80
N PRO K 320 40.35 50.21 10.78
CA PRO K 320 40.76 50.03 12.18
C PRO K 320 40.41 48.64 12.72
N ASN K 321 41.01 48.27 13.85
CA ASN K 321 40.73 46.98 14.47
C ASN K 321 39.27 46.89 14.90
N PRO K 322 38.50 45.95 14.33
CA PRO K 322 37.06 45.90 14.63
C PRO K 322 36.75 45.44 16.05
N TYR K 323 37.70 44.80 16.70
CA TYR K 323 37.50 44.27 18.05
C TYR K 323 37.78 45.31 19.13
N ASP K 324 38.16 46.51 18.70
CA ASP K 324 38.40 47.61 19.64
C ASP K 324 37.08 48.23 20.08
N VAL K 325 37.08 48.81 21.28
CA VAL K 325 35.88 49.43 21.84
C VAL K 325 35.60 50.78 21.18
N ASN K 328 33.08 53.22 19.36
CA ASN K 328 32.96 54.55 18.77
C ASN K 328 33.19 54.51 17.26
N MET K 329 32.09 54.49 16.51
CA MET K 329 32.15 54.44 15.05
C MET K 329 31.91 55.82 14.44
N GLU K 330 31.10 56.63 15.12
CA GLU K 330 30.67 57.92 14.60
C GLU K 330 31.84 58.86 14.30
N ASP K 331 32.94 58.69 15.04
CA ASP K 331 34.11 59.54 14.86
C ASP K 331 34.93 59.14 13.63
N ILE K 332 34.73 57.91 13.18
CA ILE K 332 35.45 57.39 12.01
C ILE K 332 34.97 58.11 10.74
N PRO K 333 35.90 58.42 9.82
CA PRO K 333 35.50 59.14 8.61
C PRO K 333 34.97 58.23 7.50
N ALA K 334 35.50 57.02 7.42
CA ALA K 334 35.18 56.10 6.32
C ALA K 334 33.69 55.74 6.29
N CYS K 335 33.08 55.60 7.46
CA CYS K 335 31.69 55.22 7.56
C CYS K 335 30.75 56.31 7.03
N LYS K 336 31.30 57.52 6.87
CA LYS K 336 30.53 58.64 6.34
C LYS K 336 30.41 58.55 4.82
N GLU K 337 31.43 58.01 4.18
CA GLU K 337 31.45 57.88 2.73
C GLU K 337 30.43 56.85 2.26
N LEU K 338 29.83 57.11 1.11
CA LEU K 338 28.78 56.25 0.58
C LEU K 338 29.35 55.12 -0.27
N PRO K 339 28.68 53.95 -0.29
CA PRO K 339 29.10 52.85 -1.15
C PRO K 339 28.44 52.90 -2.53
N GLU K 340 29.20 52.58 -3.58
CA GLU K 340 28.67 52.58 -4.93
C GLU K 340 27.89 51.30 -5.21
N VAL K 341 26.80 51.42 -5.96
CA VAL K 341 25.97 50.29 -6.33
C VAL K 341 25.77 50.25 -7.84
N PHE K 342 26.16 49.13 -8.45
CA PHE K 342 26.06 48.97 -9.90
C PHE K 342 24.62 48.73 -10.33
N PHE K 343 23.93 47.85 -9.60
CA PHE K 343 22.55 47.50 -9.90
C PHE K 343 21.59 48.18 -8.93
N ASP K 344 20.96 49.26 -9.38
CA ASP K 344 19.98 49.96 -8.56
C ASP K 344 18.77 49.06 -8.34
N PRO K 345 18.48 48.69 -7.07
CA PRO K 345 17.40 47.74 -6.83
C PRO K 345 16.00 48.29 -7.10
N VAL K 346 15.88 49.60 -7.31
CA VAL K 346 14.57 50.22 -7.50
C VAL K 346 13.88 49.70 -8.76
N ILE K 347 14.67 49.21 -9.71
CA ILE K 347 14.11 48.63 -10.93
C ILE K 347 13.37 47.33 -10.63
N ASP K 348 14.00 46.48 -9.82
CA ASP K 348 13.45 45.16 -9.52
C ASP K 348 12.22 45.25 -8.61
N LEU K 349 11.91 46.45 -8.13
CA LEU K 349 10.71 46.65 -7.33
C LEU K 349 9.48 46.76 -8.23
N HIS K 350 9.71 47.11 -9.50
CA HIS K 350 8.63 47.24 -10.48
C HIS K 350 7.60 48.29 -10.04
N SER K 351 6.37 47.86 -9.80
CA SER K 351 5.29 48.78 -9.42
C SER K 351 5.30 49.08 -7.93
N LEU K 352 6.32 48.61 -7.23
CA LEU K 352 6.42 48.75 -5.78
C LEU K 352 7.17 50.01 -5.38
N LYS K 353 7.97 50.54 -6.30
CA LYS K 353 8.84 51.67 -6.00
C LYS K 353 8.06 52.97 -5.76
N LYS K 354 6.84 53.04 -6.27
CA LYS K 354 6.04 54.26 -6.14
C LYS K 354 5.58 54.50 -4.70
N PRO K 355 4.78 53.57 -4.14
CA PRO K 355 4.26 53.78 -2.78
C PRO K 355 5.33 53.75 -1.70
N VAL K 356 6.40 52.99 -1.91
CA VAL K 356 7.48 52.90 -0.94
C VAL K 356 8.18 54.24 -0.79
N ASP K 357 8.60 54.83 -1.90
CA ASP K 357 9.24 56.14 -1.88
C ASP K 357 8.34 57.16 -1.19
N ASN K 358 7.04 57.06 -1.45
CA ASN K 358 6.07 57.94 -0.81
C ASN K 358 5.99 57.70 0.70
N TYR K 359 6.22 56.46 1.11
CA TYR K 359 6.22 56.12 2.53
C TYR K 359 7.50 56.62 3.19
N LEU K 360 8.61 56.52 2.45
CA LEU K 360 9.89 57.03 2.94
C LEU K 360 9.84 58.54 3.08
N ARG K 361 8.99 59.18 2.26
CA ARG K 361 8.78 60.62 2.37
C ARG K 361 7.98 60.94 3.63
N ILE K 362 6.93 60.17 3.87
CA ILE K 362 6.09 60.35 5.05
C ILE K 362 5.55 59.02 5.59
N PRO K 363 5.74 58.76 6.89
CA PRO K 363 5.10 57.56 7.47
C PRO K 363 3.59 57.71 7.56
N SER K 364 2.90 57.31 6.48
CA SER K 364 1.45 57.39 6.44
C SER K 364 0.81 56.17 7.09
N ASN K 365 -0.10 56.41 8.03
CA ASN K 365 -0.78 55.33 8.73
C ASN K 365 -1.63 54.50 7.77
N SER K 366 -1.52 53.19 7.89
CA SER K 366 -2.27 52.24 7.06
C SER K 366 -1.86 52.33 5.59
N LEU K 367 -0.84 53.13 5.28
CA LEU K 367 -0.27 53.14 3.94
C LEU K 367 0.47 51.82 3.76
N LEU K 368 1.16 51.40 4.81
CA LEU K 368 1.91 50.15 4.78
C LEU K 368 1.02 48.93 4.63
N ARG K 369 -0.30 49.14 4.60
CA ARG K 369 -1.24 48.04 4.39
C ARG K 369 -1.20 47.53 2.96
N THR K 370 -1.05 48.43 2.00
CA THR K 370 -1.06 48.06 0.59
C THR K 370 0.27 47.44 0.16
N ILE K 371 1.36 47.91 0.75
CA ILE K 371 2.68 47.37 0.43
C ILE K 371 2.82 45.96 1.00
N LEU K 372 2.25 45.74 2.19
CA LEU K 372 2.30 44.44 2.82
C LEU K 372 1.53 43.41 2.00
N SER K 373 0.33 43.80 1.56
CA SER K 373 -0.49 42.93 0.72
C SER K 373 0.28 42.54 -0.54
N ALA K 374 0.98 43.52 -1.12
CA ALA K 374 1.76 43.29 -2.34
C ALA K 374 2.78 42.17 -2.12
N ILE K 375 3.27 42.05 -0.90
CA ILE K 375 4.19 40.97 -0.54
C ILE K 375 3.42 39.65 -0.41
N TYR K 376 2.40 39.65 0.44
CA TYR K 376 1.59 38.45 0.68
C TYR K 376 1.07 37.85 -0.62
N LYS K 377 0.77 38.71 -1.59
CA LYS K 377 0.30 38.26 -2.89
C LYS K 377 1.39 37.49 -3.64
N ASP K 378 2.56 38.12 -3.77
CA ASP K 378 3.66 37.54 -4.53
C ASP K 378 4.19 36.25 -3.93
N THR K 379 4.06 36.12 -2.61
CA THR K 379 4.64 34.99 -1.88
C THR K 379 3.69 33.80 -1.79
N TYR K 380 2.39 34.04 -1.91
CA TYR K 380 1.39 32.98 -1.76
C TYR K 380 0.53 32.79 -3.01
N ASP K 381 -0.07 33.87 -3.49
CA ASP K 381 -1.00 33.76 -4.62
C ASP K 381 -0.28 33.40 -5.92
N ILE K 382 0.67 34.25 -6.33
CA ILE K 382 1.48 33.92 -7.50
C ILE K 382 2.27 32.67 -7.21
N LYS K 383 2.32 31.75 -8.16
CA LYS K 383 3.04 30.50 -7.98
C LYS K 383 4.49 30.81 -7.63
N LYS K 384 4.93 30.30 -6.49
CA LYS K 384 6.25 30.62 -5.98
C LYS K 384 7.32 29.80 -6.68
N GLY K 385 6.96 28.55 -6.98
CA GLY K 385 7.89 27.60 -7.54
C GLY K 385 7.42 26.21 -7.17
N VAL K 386 8.34 25.25 -7.13
CA VAL K 386 7.98 23.88 -6.86
C VAL K 386 8.96 23.20 -5.90
N GLY K 387 8.42 22.30 -5.08
CA GLY K 387 9.24 21.57 -4.12
C GLY K 387 9.82 22.50 -3.08
N TYR K 388 11.13 22.43 -2.92
CA TYR K 388 11.83 23.39 -2.07
C TYR K 388 11.58 24.78 -2.62
N ASP K 389 11.48 25.76 -1.71
CA ASP K 389 11.09 27.12 -2.07
C ASP K 389 9.67 27.17 -2.66
N PHE K 390 8.77 26.38 -2.09
CA PHE K 390 7.36 26.48 -2.43
C PHE K 390 6.69 27.47 -1.48
N LEU K 391 5.79 28.30 -2.01
CA LEU K 391 5.25 29.44 -1.27
C LEU K 391 6.41 30.27 -0.74
N SER K 392 7.43 30.39 -1.57
CA SER K 392 8.63 31.15 -1.25
C SER K 392 8.34 32.61 -0.93
N VAL K 393 9.00 33.13 0.09
CA VAL K 393 9.09 34.57 0.25
C VAL K 393 10.18 35.05 -0.69
N ASP K 394 9.82 35.93 -1.61
CA ASP K 394 10.73 36.33 -2.68
C ASP K 394 11.94 37.05 -2.09
N SER K 395 13.01 36.30 -1.87
CA SER K 395 14.24 36.85 -1.29
C SER K 395 14.80 37.98 -2.13
N LYS K 396 14.59 37.92 -3.43
CA LYS K 396 15.05 38.96 -4.34
C LYS K 396 14.29 40.26 -4.10
N LEU K 397 12.99 40.14 -3.82
CA LEU K 397 12.14 41.30 -3.62
C LEU K 397 12.42 41.98 -2.28
N ILE K 398 12.44 41.18 -1.21
CA ILE K 398 12.69 41.69 0.13
C ILE K 398 14.05 42.36 0.22
N ARG K 399 15.06 41.74 -0.40
CA ARG K 399 16.41 42.26 -0.38
C ARG K 399 16.50 43.62 -1.08
N ALA K 400 15.70 43.78 -2.12
CA ALA K 400 15.70 45.02 -2.90
C ALA K 400 15.14 46.18 -2.09
N ILE K 401 14.12 45.90 -1.28
CA ILE K 401 13.49 46.92 -0.45
C ILE K 401 14.47 47.43 0.61
N VAL K 402 15.05 46.50 1.35
CA VAL K 402 16.00 46.84 2.41
C VAL K 402 17.17 47.64 1.85
N LEU K 403 17.68 47.23 0.70
CA LEU K 403 18.78 47.94 0.06
C LEU K 403 18.36 49.33 -0.39
N HIS K 404 17.15 49.42 -0.95
CA HIS K 404 16.63 50.69 -1.44
C HIS K 404 16.50 51.71 -0.31
N VAL K 405 16.03 51.24 0.85
CA VAL K 405 15.89 52.10 2.02
C VAL K 405 17.27 52.58 2.47
N GLY K 406 18.23 51.66 2.48
CA GLY K 406 19.59 52.00 2.87
C GLY K 406 20.19 53.05 1.98
N ILE K 407 19.98 52.90 0.67
CA ILE K 407 20.47 53.87 -0.30
C ILE K 407 19.79 55.22 -0.11
N GLU K 408 18.45 55.20 -0.10
CA GLU K 408 17.68 56.43 0.07
C GLU K 408 17.98 57.10 1.40
N ALA K 409 18.34 56.30 2.40
CA ALA K 409 18.72 56.83 3.70
C ALA K 409 20.05 57.57 3.61
N GLY K 410 20.93 57.08 2.74
CA GLY K 410 22.23 57.69 2.53
C GLY K 410 22.12 59.00 1.76
N ILE K 411 21.23 59.03 0.77
CA ILE K 411 21.00 60.23 -0.02
C ILE K 411 20.45 61.34 0.87
N GLU K 412 19.53 60.96 1.77
CA GLU K 412 18.97 61.92 2.72
C GLU K 412 20.08 62.44 3.61
N TYR K 413 20.84 61.52 4.20
CA TYR K 413 21.96 61.88 5.07
C TYR K 413 23.07 62.61 4.32
N LYS K 414 22.99 62.63 3.00
CA LYS K 414 23.98 63.31 2.17
C LYS K 414 23.65 64.80 2.03
N ARG K 415 22.42 65.09 1.64
CA ARG K 415 22.00 66.46 1.35
C ARG K 415 21.74 67.29 2.59
N THR K 416 21.24 66.66 3.65
CA THR K 416 20.80 67.37 4.85
C THR K 416 21.90 67.52 5.90
N SER K 417 23.11 67.13 5.54
CA SER K 417 24.20 66.96 6.52
C SER K 417 23.84 65.82 7.49
N SER K 418 23.81 66.10 8.79
CA SER K 418 23.75 65.02 9.78
C SER K 418 22.55 65.08 10.72
N ASN K 419 22.30 63.94 11.38
CA ASN K 419 21.35 63.83 12.49
C ASN K 419 19.89 63.61 12.08
N ALA K 420 19.60 63.73 10.78
CA ALA K 420 18.23 63.54 10.30
C ALA K 420 17.86 62.07 10.17
N VAL K 421 18.83 61.26 9.73
CA VAL K 421 18.57 59.87 9.39
C VAL K 421 18.46 58.98 10.63
N PHE K 422 19.23 59.28 11.67
CA PHE K 422 19.25 58.45 12.87
C PHE K 422 18.12 58.84 13.81
N ASN K 423 17.19 57.90 14.00
CA ASN K 423 16.03 58.10 14.86
C ASN K 423 15.17 56.84 14.86
N THR K 424 14.27 56.74 15.83
CA THR K 424 13.30 55.65 15.88
C THR K 424 12.06 56.03 15.06
N LYS K 425 11.76 57.33 15.03
CA LYS K 425 10.58 57.82 14.33
C LYS K 425 10.85 58.12 12.86
N SER K 426 12.11 57.92 12.43
CA SER K 426 12.48 58.16 11.04
C SER K 426 11.75 57.19 10.12
N SER K 427 11.29 57.69 8.98
CA SER K 427 10.53 56.88 8.03
C SER K 427 11.35 55.72 7.49
N TYR K 428 12.68 55.89 7.46
CA TYR K 428 13.57 54.86 6.96
C TYR K 428 13.65 53.69 7.92
N TYR K 429 13.48 53.98 9.21
CA TYR K 429 13.47 52.95 10.24
C TYR K 429 12.05 52.46 10.50
N THR K 430 11.08 53.37 10.39
CA THR K 430 9.68 53.04 10.62
C THR K 430 9.19 51.99 9.63
N LEU K 431 9.62 52.12 8.37
CA LEU K 431 9.22 51.19 7.33
C LEU K 431 9.74 49.78 7.64
N LEU K 432 11.03 49.68 7.88
CA LEU K 432 11.67 48.40 8.16
C LEU K 432 11.15 47.78 9.44
N PHE K 433 10.70 48.62 10.37
CA PHE K 433 10.21 48.15 11.66
C PHE K 433 8.85 47.49 11.54
N ASN K 434 7.91 48.15 10.86
CA ASN K 434 6.56 47.64 10.72
C ASN K 434 6.48 46.41 9.82
N LEU K 435 7.38 46.32 8.85
CA LEU K 435 7.39 45.20 7.92
C LEU K 435 7.72 43.89 8.63
N ILE K 436 8.65 43.97 9.58
CA ILE K 436 9.03 42.79 10.36
C ILE K 436 7.90 42.38 11.29
N GLN K 437 7.20 43.37 11.84
CA GLN K 437 6.10 43.13 12.77
C GLN K 437 4.92 42.47 12.06
N ASN K 438 4.35 43.17 11.09
CA ASN K 438 3.18 42.68 10.36
C ASN K 438 3.52 41.52 9.44
N GLY K 439 4.81 41.31 9.18
CA GLY K 439 5.26 40.21 8.35
C GLY K 439 5.25 38.89 9.10
N SER K 440 5.28 37.79 8.35
CA SER K 440 5.28 36.47 8.96
C SER K 440 6.67 36.11 9.49
N ILE K 441 6.85 34.86 9.87
CA ILE K 441 8.12 34.39 10.41
C ILE K 441 9.19 34.38 9.33
N GLU K 442 8.91 33.70 8.22
CA GLU K 442 9.85 33.62 7.11
C GLU K 442 10.09 35.00 6.52
N MET K 443 9.05 35.82 6.50
CA MET K 443 9.14 37.17 5.97
C MET K 443 10.08 38.01 6.82
N LYS K 444 9.96 37.86 8.13
CA LYS K 444 10.82 38.56 9.07
C LYS K 444 12.27 38.06 8.96
N TYR K 445 12.40 36.77 8.66
CA TYR K 445 13.72 36.15 8.55
C TYR K 445 14.51 36.71 7.36
N GLN K 446 13.80 37.00 6.28
CA GLN K 446 14.43 37.50 5.07
C GLN K 446 14.88 38.96 5.23
N ILE K 447 14.09 39.75 5.95
CA ILE K 447 14.42 41.15 6.18
C ILE K 447 15.72 41.27 6.98
N ILE K 448 15.77 40.58 8.11
CA ILE K 448 16.94 40.61 8.98
C ILE K 448 18.17 40.10 8.24
N LEU K 449 17.99 39.04 7.46
CA LEU K 449 19.09 38.47 6.67
C LEU K 449 19.64 39.51 5.71
N SER K 450 18.74 40.26 5.07
CA SER K 450 19.14 41.29 4.12
C SER K 450 19.86 42.44 4.81
N ILE K 451 19.38 42.81 6.00
CA ILE K 451 19.97 43.90 6.77
C ILE K 451 21.40 43.57 7.18
N VAL K 452 21.61 42.37 7.71
CA VAL K 452 22.93 41.94 8.16
C VAL K 452 23.92 41.91 7.00
N GLU K 453 23.45 41.52 5.82
CA GLU K 453 24.31 41.46 4.65
C GLU K 453 24.89 42.82 4.27
N GLN K 454 24.20 43.89 4.65
CA GLN K 454 24.64 45.24 4.32
C GLN K 454 25.84 45.67 5.17
N LEU K 455 26.14 44.89 6.21
CA LEU K 455 27.26 45.20 7.08
C LEU K 455 28.58 44.73 6.46
N ARG K 456 29.07 45.48 5.49
CA ARG K 456 30.33 45.19 4.82
C ARG K 456 31.45 46.07 5.37
N TYR K 457 32.29 46.62 4.50
CA TYR K 457 33.34 47.54 4.92
C TYR K 457 32.71 48.78 5.55
N PRO K 458 33.53 49.59 6.27
CA PRO K 458 32.90 50.74 6.92
C PRO K 458 32.26 51.70 5.92
N ASN K 459 30.98 52.01 6.16
CA ASN K 459 30.21 52.85 5.27
C ASN K 459 28.91 53.25 5.97
N ILE K 460 28.14 54.13 5.32
CA ILE K 460 26.93 54.65 5.94
C ILE K 460 25.89 53.54 6.16
N HIS K 461 25.78 52.63 5.21
CA HIS K 461 24.85 51.51 5.31
C HIS K 461 25.25 50.62 6.48
N THR K 462 26.53 50.26 6.53
CA THR K 462 27.07 49.50 7.63
C THR K 462 26.90 50.27 8.94
N TYR K 463 26.94 51.59 8.84
CA TYR K 463 26.76 52.46 10.00
C TYR K 463 25.29 52.60 10.36
N TRP K 464 24.44 52.59 9.35
CA TRP K 464 23.00 52.79 9.55
C TRP K 464 22.28 51.49 9.93
N PHE K 465 22.50 50.44 9.13
CA PHE K 465 21.88 49.16 9.39
C PHE K 465 22.32 48.59 10.74
N SER K 466 23.52 48.99 11.17
CA SER K 466 24.01 48.61 12.49
C SER K 466 23.20 49.35 13.55
N PHE K 467 22.91 50.62 13.30
CA PHE K 467 22.08 51.42 14.19
C PHE K 467 20.65 50.88 14.20
N VAL K 468 20.25 50.26 13.10
CA VAL K 468 18.92 49.66 12.99
C VAL K 468 18.86 48.36 13.80
N LEU K 469 19.83 47.47 13.58
CA LEU K 469 19.86 46.19 14.26
C LEU K 469 19.96 46.33 15.77
N MET K 470 20.89 47.17 16.22
CA MET K 470 21.09 47.40 17.65
C MET K 470 19.82 47.95 18.31
N ASN K 471 19.14 48.85 17.60
CA ASN K 471 17.93 49.46 18.11
C ASN K 471 16.76 48.47 18.12
N MET K 472 16.59 47.76 17.02
CA MET K 472 15.50 46.80 16.88
C MET K 472 15.58 45.68 17.92
N PHE K 473 16.80 45.30 18.28
CA PHE K 473 17.00 44.23 19.25
C PHE K 473 16.55 44.67 20.64
N LYS K 474 16.93 45.89 21.02
CA LYS K 474 16.56 46.45 22.31
C LYS K 474 15.26 47.24 22.22
N SER K 475 14.55 47.10 21.11
CA SER K 475 13.31 47.83 20.90
C SER K 475 12.18 47.28 21.77
N ASP K 476 11.56 48.17 22.54
CA ASP K 476 10.44 47.80 23.40
C ASP K 476 9.11 48.07 22.69
N GLU K 477 9.18 48.53 21.45
CA GLU K 477 7.99 48.90 20.69
C GLU K 477 7.05 47.72 20.48
N TRP K 478 7.56 46.66 19.85
CA TRP K 478 6.75 45.47 19.58
C TRP K 478 6.70 44.55 20.79
N ASN K 479 5.57 43.87 20.96
CA ASN K 479 5.38 42.93 22.06
C ASN K 479 5.18 41.51 21.53
N ASP K 480 5.59 40.53 22.33
CA ASP K 480 5.52 39.11 22.00
C ASP K 480 6.52 38.71 20.90
N GLN K 481 7.12 39.70 20.24
CA GLN K 481 8.16 39.46 19.25
C GLN K 481 9.54 39.62 19.88
N LYS K 482 9.57 39.97 21.17
CA LYS K 482 10.82 40.18 21.88
C LYS K 482 11.69 38.93 21.83
N LEU K 483 11.12 37.80 22.25
CA LEU K 483 11.84 36.53 22.22
C LEU K 483 11.87 35.97 20.81
N GLU K 484 10.91 36.38 19.99
CA GLU K 484 10.82 35.91 18.61
C GLU K 484 11.91 36.53 17.74
N VAL K 485 11.92 37.85 17.67
CA VAL K 485 12.88 38.58 16.85
C VAL K 485 14.30 38.36 17.37
N GLN K 486 14.45 38.31 18.70
CA GLN K 486 15.76 38.10 19.32
C GLN K 486 16.44 36.85 18.77
N GLU K 487 15.64 35.86 18.41
CA GLU K 487 16.16 34.63 17.81
C GLU K 487 16.57 34.87 16.36
N ILE K 488 15.72 35.56 15.61
CA ILE K 488 16.00 35.86 14.21
C ILE K 488 17.27 36.69 14.08
N ILE K 489 17.43 37.66 14.98
CA ILE K 489 18.64 38.46 15.01
C ILE K 489 19.85 37.57 15.31
N LEU K 490 19.65 36.61 16.21
CA LEU K 490 20.72 35.72 16.64
C LEU K 490 21.08 34.69 15.56
N ARG K 491 20.08 33.98 15.05
CA ARG K 491 20.31 32.90 14.09
C ARG K 491 20.98 33.38 12.81
N ASN K 492 20.52 34.51 12.29
CA ASN K 492 21.06 35.05 11.04
C ASN K 492 22.48 35.57 11.19
N PHE K 493 22.68 36.44 12.19
CA PHE K 493 23.97 37.08 12.40
C PHE K 493 25.05 36.09 12.81
N LEU K 494 24.65 35.05 13.53
CA LEU K 494 25.60 34.05 14.01
C LEU K 494 26.15 33.21 12.86
N LYS K 495 25.32 32.96 11.85
CA LYS K 495 25.72 32.15 10.71
C LYS K 495 26.78 32.84 9.85
N ARG K 496 27.02 34.12 10.12
CA ARG K 496 27.96 34.92 9.34
C ARG K 496 29.39 34.81 9.88
N ILE K 497 29.51 34.57 11.17
CA ILE K 497 30.81 34.64 11.84
C ILE K 497 31.40 33.26 12.16
N ILE K 498 30.55 32.27 12.39
CA ILE K 498 31.00 30.95 12.80
C ILE K 498 31.67 30.18 11.65
N VAL K 499 31.30 30.50 10.42
CA VAL K 499 31.74 29.73 9.26
C VAL K 499 33.01 30.28 8.63
N ASN K 500 34.15 29.71 9.02
CA ASN K 500 35.43 29.98 8.37
C ASN K 500 35.84 31.45 8.37
N LYS K 501 36.81 31.78 7.53
CA LYS K 501 37.32 33.14 7.41
C LYS K 501 37.69 33.43 5.95
N PRO K 502 37.95 34.70 5.62
CA PRO K 502 37.96 35.88 6.50
C PRO K 502 36.56 36.33 6.90
N HIS K 503 36.47 37.03 8.03
CA HIS K 503 35.20 37.55 8.51
C HIS K 503 35.00 38.99 8.06
N THR K 504 33.74 39.35 7.82
CA THR K 504 33.41 40.70 7.39
C THR K 504 33.70 41.69 8.51
N TRP K 505 34.11 42.90 8.14
CA TRP K 505 34.44 43.93 9.11
C TRP K 505 33.18 44.40 9.84
N GLY K 506 32.05 44.33 9.16
CA GLY K 506 30.78 44.76 9.73
C GLY K 506 30.33 43.89 10.89
N VAL K 507 30.27 42.59 10.65
CA VAL K 507 29.83 41.64 11.67
C VAL K 507 30.85 41.52 12.79
N SER K 508 32.10 41.91 12.51
CA SER K 508 33.16 41.86 13.51
C SER K 508 32.93 42.93 14.58
N VAL K 509 32.65 44.16 14.14
CA VAL K 509 32.39 45.26 15.05
C VAL K 509 31.07 45.02 15.78
N PHE K 510 30.07 44.55 15.05
CA PHE K 510 28.74 44.32 15.62
C PHE K 510 28.78 43.24 16.69
N PHE K 511 29.61 42.23 16.48
CA PHE K 511 29.75 41.13 17.43
C PHE K 511 30.35 41.61 18.75
N THR K 512 31.38 42.46 18.64
CA THR K 512 32.08 42.96 19.81
C THR K 512 31.21 43.90 20.63
N GLN K 513 30.46 44.76 19.94
CA GLN K 513 29.69 45.82 20.59
C GLN K 513 28.65 45.28 21.56
N LEU K 514 28.04 44.14 21.24
CA LEU K 514 26.99 43.58 22.10
C LEU K 514 27.60 42.74 23.23
N ILE K 515 28.64 41.98 22.90
CA ILE K 515 29.25 41.08 23.87
C ILE K 515 29.96 41.88 24.95
N ASN K 516 30.40 43.09 24.59
CA ASN K 516 31.17 43.93 25.49
C ASN K 516 30.39 44.48 26.67
N ASN K 517 29.27 45.16 26.41
CA ASN K 517 28.64 46.01 27.43
C ASN K 517 27.13 45.82 27.63
N ASN K 518 26.36 46.05 26.57
CA ASN K 518 24.91 46.27 26.70
C ASN K 518 24.15 45.15 27.43
N ASP K 519 23.39 45.55 28.43
CA ASP K 519 22.54 44.62 29.19
C ASP K 519 23.35 43.50 29.82
N LEU K 522 23.84 39.19 26.78
CA LEU K 522 24.96 38.27 26.69
C LEU K 522 24.46 36.84 26.49
N LEU K 523 24.94 35.92 27.31
CA LEU K 523 24.52 34.53 27.25
C LEU K 523 23.22 34.32 28.03
N ASP K 524 22.70 35.41 28.59
CA ASP K 524 21.49 35.35 29.41
C ASP K 524 20.22 35.29 28.56
N LEU K 525 20.40 35.33 27.24
CA LEU K 525 19.26 35.22 26.33
C LEU K 525 18.62 33.83 26.45
N PRO K 526 17.28 33.79 26.60
CA PRO K 526 16.60 32.51 26.81
C PRO K 526 16.62 31.61 25.57
N PHE K 527 16.84 32.21 24.41
CA PHE K 527 16.88 31.46 23.15
C PHE K 527 18.03 30.47 23.13
N VAL K 528 19.13 30.83 23.79
CA VAL K 528 20.32 30.00 23.82
C VAL K 528 20.11 28.78 24.72
N GLU K 533 22.51 23.01 21.82
CA GLU K 533 23.74 23.45 22.45
C GLU K 533 24.23 24.76 21.83
N ILE K 534 23.41 25.80 21.92
CA ILE K 534 23.75 27.11 21.37
C ILE K 534 24.73 27.85 22.26
N LYS K 535 24.72 27.53 23.55
CA LYS K 535 25.58 28.19 24.53
C LYS K 535 27.03 27.75 24.37
N LEU K 536 27.26 26.69 23.60
CA LEU K 536 28.60 26.17 23.40
C LEU K 536 29.45 27.12 22.55
N ILE K 537 28.82 27.78 21.59
CA ILE K 537 29.52 28.69 20.69
C ILE K 537 29.89 29.98 21.40
N LEU K 538 29.01 30.44 22.29
CA LEU K 538 29.23 31.69 23.02
C LEU K 538 30.51 31.65 23.83
N GLN K 539 30.90 30.45 24.28
CA GLN K 539 32.11 30.28 25.07
C GLN K 539 33.35 30.37 24.18
N GLN K 540 33.18 30.13 22.90
CA GLN K 540 34.29 30.16 21.95
C GLN K 540 34.86 31.56 21.81
N LEU K 541 33.99 32.56 21.83
CA LEU K 541 34.42 33.95 21.71
C LEU K 541 33.28 34.90 22.09
N GLY L 12 17.74 11.41 -40.06
CA GLY L 12 17.61 12.29 -38.92
C GLY L 12 18.52 11.90 -37.77
N ASN L 13 19.42 12.79 -37.39
CA ASN L 13 20.34 12.55 -36.30
C ASN L 13 20.74 13.85 -35.62
N ALA L 14 21.11 13.76 -34.34
CA ALA L 14 21.55 14.93 -33.59
C ALA L 14 22.83 15.50 -34.17
N VAL L 15 23.63 14.63 -34.78
CA VAL L 15 24.89 15.05 -35.39
C VAL L 15 24.66 15.75 -36.73
N ASP L 16 23.64 15.30 -37.46
CA ASP L 16 23.34 15.87 -38.76
C ASP L 16 22.48 17.12 -38.63
N PHE L 17 21.54 17.08 -37.68
CA PHE L 17 20.65 18.21 -37.43
C PHE L 17 21.44 19.44 -36.99
N LEU L 18 22.57 19.18 -36.32
CA LEU L 18 23.43 20.26 -35.85
C LEU L 18 24.40 20.66 -36.97
N ASP L 19 24.79 19.69 -37.79
CA ASP L 19 25.66 19.96 -38.94
C ASP L 19 24.93 20.89 -39.90
N ALA L 20 23.63 20.68 -40.04
CA ALA L 20 22.81 21.52 -40.91
C ALA L 20 22.73 22.95 -40.37
N ARG L 21 22.89 23.09 -39.07
CA ARG L 21 22.82 24.40 -38.43
C ARG L 21 24.03 25.25 -38.81
N LEU L 22 25.17 24.60 -38.98
CA LEU L 22 26.39 25.29 -39.40
C LEU L 22 26.23 25.84 -40.81
N HIS L 23 25.51 25.11 -41.65
CA HIS L 23 25.26 25.53 -43.02
C HIS L 23 24.25 26.67 -43.03
N SER L 24 23.37 26.69 -42.04
CA SER L 24 22.36 27.75 -41.93
C SER L 24 23.00 29.08 -41.59
N LEU L 25 24.08 29.03 -40.80
CA LEU L 25 24.76 30.24 -40.36
C LEU L 25 25.77 30.73 -41.39
N SER L 26 26.19 29.83 -42.27
CA SER L 26 27.15 30.17 -43.32
C SER L 26 26.52 31.08 -44.36
N ASN L 27 25.34 30.71 -44.84
CA ASN L 27 24.64 31.48 -45.85
C ASN L 27 24.00 32.74 -45.28
N TYR L 28 24.01 32.86 -43.96
CA TYR L 28 23.44 34.02 -43.29
C TYR L 28 24.30 35.26 -43.55
N GLN L 29 23.69 36.27 -44.15
CA GLN L 29 24.38 37.52 -44.47
C GLN L 29 25.54 37.28 -45.44
N LYS L 30 25.22 37.13 -46.71
CA LYS L 30 26.22 36.94 -47.75
C LYS L 30 26.73 38.28 -48.28
N ARG L 31 27.98 38.59 -47.96
CA ARG L 31 28.64 39.77 -48.51
C ARG L 31 30.14 39.50 -48.64
N PRO L 32 30.68 39.64 -49.86
CA PRO L 32 32.07 39.24 -50.11
C PRO L 32 33.07 40.02 -49.25
N ILE L 33 33.97 39.29 -48.59
CA ILE L 33 35.00 39.91 -47.76
C ILE L 33 35.91 40.75 -48.64
N SER L 34 36.48 41.80 -48.05
CA SER L 34 37.38 42.70 -48.77
C SER L 34 38.68 42.89 -48.01
N ILE L 35 39.79 42.58 -48.68
CA ILE L 35 41.11 42.79 -48.10
C ILE L 35 41.52 44.24 -48.31
N LYS L 36 42.22 44.80 -47.33
CA LYS L 36 42.69 46.17 -47.42
C LYS L 36 43.66 46.31 -48.59
N SER L 37 43.44 47.33 -49.42
CA SER L 37 44.28 47.55 -50.59
C SER L 37 45.61 48.18 -50.19
N ASN L 38 45.55 49.09 -49.22
CA ASN L 38 46.73 49.79 -48.74
C ASN L 38 47.76 48.89 -48.10
N ILE L 39 47.32 47.75 -47.57
CA ILE L 39 48.03 47.09 -46.48
C ILE L 39 49.49 46.80 -46.82
N ILE L 40 49.77 46.07 -47.90
CA ILE L 40 51.16 45.89 -48.33
C ILE L 40 51.30 46.19 -49.82
N ASP L 41 51.82 47.38 -50.14
CA ASP L 41 52.53 47.65 -51.39
C ASP L 41 52.03 46.83 -52.57
N GLU L 42 50.79 47.04 -52.99
CA GLU L 42 50.19 46.21 -54.02
C GLU L 42 51.02 46.21 -55.29
N GLU L 43 51.05 45.07 -55.98
CA GLU L 43 51.87 44.81 -57.17
C GLU L 43 53.27 44.34 -56.78
N THR L 44 53.61 44.43 -55.50
CA THR L 44 54.72 43.67 -54.94
C THR L 44 54.20 42.25 -54.68
N TYR L 45 52.89 42.18 -54.54
CA TYR L 45 52.16 40.93 -54.35
C TYR L 45 52.34 39.97 -55.52
N LYS L 46 52.25 40.49 -56.74
CA LYS L 46 52.31 39.66 -57.95
C LYS L 46 53.63 38.89 -58.07
N LYS L 47 54.63 39.32 -57.32
CA LYS L 47 55.96 38.70 -57.39
C LYS L 47 55.97 37.30 -56.79
N TYR L 48 55.29 37.14 -55.65
CA TYR L 48 55.30 35.87 -54.93
C TYR L 48 54.55 34.78 -55.70
N PRO L 49 54.92 33.51 -55.48
CA PRO L 49 54.25 32.39 -56.15
C PRO L 49 53.04 31.89 -55.38
N SER L 50 52.17 31.14 -56.03
CA SER L 50 50.98 30.60 -55.36
C SER L 50 51.37 29.54 -54.34
N LEU L 51 50.99 29.76 -53.08
CA LEU L 51 51.28 28.81 -52.02
C LEU L 51 50.18 27.76 -51.92
N PHE L 52 48.95 28.16 -52.26
CA PHE L 52 47.80 27.27 -52.20
C PHE L 52 47.37 26.82 -53.59
N SER L 53 47.18 25.51 -53.76
CA SER L 53 46.72 24.96 -55.02
C SER L 53 45.22 25.20 -55.18
N TRP L 54 44.79 25.45 -56.42
CA TRP L 54 43.38 25.74 -56.67
C TRP L 54 43.03 25.64 -58.16
N ASP L 55 41.79 25.21 -58.42
CA ASP L 55 41.24 25.19 -59.77
C ASP L 55 39.85 25.84 -59.76
N LYS L 56 39.81 27.13 -60.03
CA LYS L 56 38.57 27.89 -59.96
C LYS L 56 37.67 27.65 -61.18
N ILE L 57 36.38 27.47 -60.93
CA ILE L 57 35.41 27.25 -61.99
C ILE L 57 34.52 28.47 -62.19
#